data_8QB8
#
_entry.id   8QB8
#
_cell.length_a   1.00
_cell.length_b   1.00
_cell.length_c   1.00
_cell.angle_alpha   90.00
_cell.angle_beta   90.00
_cell.angle_gamma   90.00
#
_symmetry.space_group_name_H-M   'P 1'
#
_entity_poly.entity_id   1
_entity_poly.type   'polypeptide(L)'
_entity_poly.pdbx_seq_one_letter_code
;MHRTYSLRNQRAPTAAELQAPPPPPSSTKSKFFGKASIASSFRKNAAGNFGPELARKLSQLVKTEKGVLRAMEVVASERR
EAAKQLSLWGADNDDDVSDVTDKLGVLIYELGELQDQFIDKYDQYRVTLKSIRNIEASVQPSRDRKEKITDEIAHLKYKD
PQSTKIPVLEQELVRAEAESLVAEAQLSNITREKLKAAYSYMFDSLRELSEKFALIAGYGKALLELLDDSPVTPGEARPA
YDGYEASRQIIMDAESALESWTLDMAAVKPTLSFHQTVDDVYEDEDGEEEEEPEIQNGDIPGQVVEEEEVEWTTEVPVDD
EAHEADHHVSQNGHTSGSENI
;
_entity_poly.pdbx_strand_id   A,B,C,I,D,J,E,K,F,L,G,M,H,N
#
# COMPACT_ATOMS: atom_id res chain seq x y z
N MET A 1 5.92 -0.59 35.25
CA MET A 1 6.70 -1.73 34.78
C MET A 1 7.74 -2.09 35.82
N HIS A 2 8.57 -3.09 35.49
CA HIS A 2 9.67 -3.51 36.35
C HIS A 2 10.97 -3.20 35.63
N ARG A 3 11.79 -2.35 36.24
CA ARG A 3 13.08 -1.97 35.68
C ARG A 3 14.15 -2.08 36.77
N THR A 4 15.39 -2.28 36.34
CA THR A 4 16.49 -2.40 37.29
C THR A 4 17.10 -1.03 37.58
N TYR A 5 17.89 -0.97 38.65
CA TYR A 5 18.57 0.26 39.04
C TYR A 5 19.88 0.38 38.26
N SER A 6 19.72 0.63 36.97
CA SER A 6 20.86 0.75 36.08
C SER A 6 20.47 1.62 34.90
N LEU A 7 21.48 2.28 34.31
CA LEU A 7 21.23 3.09 33.13
C LEU A 7 20.94 2.22 31.90
N ARG A 8 21.16 0.91 32.03
CA ARG A 8 20.87 -0.01 30.95
C ARG A 8 19.36 -0.14 30.75
N ASN A 9 18.95 -0.28 29.49
CA ASN A 9 17.52 -0.41 29.20
C ASN A 9 16.97 -1.75 29.67
N GLN A 10 17.80 -2.80 29.63
CA GLN A 10 17.33 -4.12 30.00
C GLN A 10 16.96 -4.17 31.48
N ARG A 11 15.85 -4.85 31.77
CA ARG A 11 15.33 -4.95 33.12
C ARG A 11 15.79 -6.25 33.79
N ALA A 12 15.51 -6.36 35.08
CA ALA A 12 15.84 -7.57 35.82
C ALA A 12 14.98 -8.73 35.32
N PRO A 13 15.54 -9.92 35.16
CA PRO A 13 14.74 -11.04 34.66
C PRO A 13 13.68 -11.48 35.66
N THR A 14 12.56 -11.94 35.14
CA THR A 14 11.47 -12.44 35.96
C THR A 14 11.77 -13.86 36.42
N ALA A 15 11.07 -14.28 37.48
CA ALA A 15 11.23 -15.64 37.98
C ALA A 15 10.92 -16.68 36.91
N ALA A 16 9.91 -16.40 36.07
CA ALA A 16 9.64 -17.28 34.94
C ALA A 16 10.82 -17.32 33.98
N GLU A 17 11.45 -16.16 33.73
CA GLU A 17 12.63 -16.12 32.88
C GLU A 17 13.82 -16.83 33.50
N LEU A 18 13.85 -16.96 34.83
CA LEU A 18 14.95 -17.68 35.47
C LEU A 18 14.95 -19.14 35.08
N GLN A 19 13.76 -19.78 35.06
CA GLN A 19 13.69 -21.18 34.68
C GLN A 19 13.98 -21.37 33.19
N ALA A 20 13.41 -20.52 32.35
CA ALA A 20 13.60 -20.60 30.90
C ALA A 20 14.17 -19.28 30.41
N PRO A 21 15.39 -19.26 29.86
CA PRO A 21 15.98 -18.00 29.41
C PRO A 21 15.17 -17.43 28.27
N PRO A 22 15.11 -16.09 28.16
CA PRO A 22 14.31 -15.49 27.10
C PRO A 22 14.86 -15.82 25.73
N PRO A 23 13.99 -15.98 24.74
CA PRO A 23 14.46 -16.29 23.38
C PRO A 23 15.06 -15.07 22.72
N PRO A 24 15.83 -15.25 21.66
CA PRO A 24 16.38 -14.10 20.92
C PRO A 24 15.27 -13.30 20.27
N PRO A 25 15.51 -12.02 19.96
CA PRO A 25 14.45 -11.20 19.36
C PRO A 25 13.97 -11.75 18.04
N SER A 26 12.70 -11.52 17.75
CA SER A 26 12.07 -12.07 16.56
C SER A 26 12.73 -11.55 15.29
N SER A 27 12.80 -12.40 14.27
CA SER A 27 13.39 -12.06 12.99
C SER A 27 12.42 -11.33 12.06
N THR A 28 11.33 -10.79 12.59
CA THR A 28 10.34 -10.06 11.81
C THR A 28 10.48 -8.55 11.96
N LYS A 29 11.65 -8.07 12.37
CA LYS A 29 11.91 -6.63 12.52
C LYS A 29 12.09 -6.04 11.12
N SER A 30 10.97 -5.73 10.48
CA SER A 30 10.99 -5.20 9.13
C SER A 30 11.61 -3.80 9.10
N LYS A 31 12.43 -3.55 8.09
CA LYS A 31 13.07 -2.25 7.91
C LYS A 31 12.14 -1.33 7.12
N PHE A 32 11.04 -0.96 7.76
CA PHE A 32 10.02 -0.13 7.15
C PHE A 32 9.38 0.72 8.24
N PHE A 33 8.22 1.32 7.94
CA PHE A 33 7.53 2.12 8.93
C PHE A 33 7.09 1.29 10.13
N GLY A 34 6.52 0.12 9.87
CA GLY A 34 6.17 -0.82 10.91
C GLY A 34 4.97 -0.45 11.77
N LYS A 35 4.21 0.57 11.38
CA LYS A 35 3.05 1.02 12.16
C LYS A 35 1.83 1.07 11.24
N ALA A 36 1.19 -0.09 11.07
CA ALA A 36 -0.07 -0.25 10.34
C ALA A 36 -0.09 0.55 9.04
N SER A 37 0.86 0.23 8.17
CA SER A 37 0.97 0.82 6.83
C SER A 37 1.17 2.33 6.96
N ILE A 38 0.64 3.10 6.01
CA ILE A 38 0.82 4.53 5.96
C ILE A 38 -0.48 5.28 6.24
N ALA A 39 -1.61 4.74 5.77
CA ALA A 39 -2.89 5.44 5.91
C ALA A 39 -3.21 5.68 7.38
N SER A 40 -2.98 4.69 8.24
CA SER A 40 -3.22 4.87 9.66
C SER A 40 -2.32 5.96 10.24
N SER A 41 -1.04 5.97 9.84
CA SER A 41 -0.12 6.98 10.35
C SER A 41 -0.52 8.38 9.90
N PHE A 42 -0.89 8.53 8.63
CA PHE A 42 -1.38 9.82 8.15
C PHE A 42 -2.70 10.19 8.80
N ARG A 43 -3.57 9.20 9.04
CA ARG A 43 -4.81 9.46 9.76
C ARG A 43 -4.53 9.94 11.18
N LYS A 44 -3.48 9.41 11.81
CA LYS A 44 -3.18 9.80 13.18
C LYS A 44 -2.90 11.29 13.29
N ASN A 45 -2.16 11.85 12.34
CA ASN A 45 -1.94 13.29 12.34
C ASN A 45 -3.20 14.06 12.00
N ALA A 46 -4.09 13.47 11.20
CA ALA A 46 -5.29 14.17 10.76
C ALA A 46 -6.26 14.44 11.92
N ALA A 47 -6.23 13.60 12.95
CA ALA A 47 -7.13 13.79 14.09
C ALA A 47 -6.83 15.10 14.81
N GLY A 48 -5.56 15.44 14.95
CA GLY A 48 -5.13 16.68 15.57
C GLY A 48 -4.96 17.84 14.62
N ASN A 49 -5.41 17.71 13.37
CA ASN A 49 -5.24 18.77 12.38
C ASN A 49 -6.42 19.75 12.38
N PHE A 50 -7.64 19.23 12.27
CA PHE A 50 -8.85 20.04 12.09
C PHE A 50 -9.91 19.65 13.12
N GLY A 51 -9.50 19.53 14.38
CA GLY A 51 -10.43 19.22 15.44
C GLY A 51 -10.38 20.24 16.56
N PRO A 52 -11.37 20.19 17.45
CA PRO A 52 -11.35 21.11 18.61
C PRO A 52 -10.12 20.88 19.47
N GLU A 53 -9.58 21.98 20.01
CA GLU A 53 -8.33 21.90 20.76
C GLU A 53 -8.47 21.03 21.99
N LEU A 54 -9.59 21.18 22.72
CA LEU A 54 -9.79 20.39 23.93
C LEU A 54 -9.86 18.90 23.63
N ALA A 55 -10.57 18.53 22.56
CA ALA A 55 -10.81 17.13 22.22
C ALA A 55 -9.81 16.57 21.23
N ARG A 56 -8.73 17.30 20.92
CA ARG A 56 -7.75 16.81 19.97
C ARG A 56 -7.11 15.52 20.46
N LYS A 57 -6.76 15.45 21.75
CA LYS A 57 -6.18 14.23 22.30
C LYS A 57 -7.19 13.08 22.30
N LEU A 58 -8.44 13.37 22.69
CA LEU A 58 -9.47 12.34 22.67
C LEU A 58 -9.85 11.94 21.24
N SER A 59 -9.87 12.89 20.32
CA SER A 59 -10.14 12.55 18.93
C SER A 59 -9.11 11.56 18.40
N GLN A 60 -7.84 11.75 18.78
CA GLN A 60 -6.83 10.73 18.50
C GLN A 60 -7.12 9.45 19.26
N LEU A 61 -7.49 9.57 20.54
CA LEU A 61 -7.57 8.41 21.42
C LEU A 61 -8.60 7.39 20.94
N VAL A 62 -9.84 7.82 20.67
CA VAL A 62 -10.87 6.88 20.27
C VAL A 62 -10.53 6.27 18.92
N LYS A 63 -10.05 7.09 17.99
CA LYS A 63 -9.69 6.59 16.67
C LYS A 63 -8.41 5.76 16.71
N THR A 64 -7.51 6.05 17.65
CA THR A 64 -6.32 5.21 17.80
C THR A 64 -6.70 3.79 18.15
N GLU A 65 -7.72 3.62 19.00
CA GLU A 65 -8.24 2.30 19.32
C GLU A 65 -8.85 1.61 18.10
N LYS A 66 -9.30 2.37 17.10
CA LYS A 66 -9.69 1.77 15.84
C LYS A 66 -8.50 1.11 15.16
N GLY A 67 -7.32 1.72 15.27
CA GLY A 67 -6.11 1.07 14.82
C GLY A 67 -5.83 -0.23 15.56
N VAL A 68 -6.13 -0.26 16.87
CA VAL A 68 -6.07 -1.51 17.62
C VAL A 68 -7.05 -2.51 17.04
N LEU A 69 -8.27 -2.07 16.75
CA LEU A 69 -9.30 -2.96 16.25
C LEU A 69 -8.96 -3.49 14.87
N ARG A 70 -8.52 -2.61 13.96
CA ARG A 70 -8.17 -3.04 12.61
C ARG A 70 -7.01 -4.02 12.62
N ALA A 71 -5.97 -3.73 13.41
CA ALA A 71 -4.83 -4.63 13.51
C ALA A 71 -5.22 -5.95 14.16
N MET A 72 -6.05 -5.89 15.21
CA MET A 72 -6.48 -7.12 15.87
C MET A 72 -7.45 -7.91 14.98
N GLU A 73 -8.21 -7.21 14.13
CA GLU A 73 -9.05 -7.90 13.16
C GLU A 73 -8.20 -8.75 12.23
N VAL A 74 -7.06 -8.22 11.77
CA VAL A 74 -6.15 -9.00 10.94
C VAL A 74 -5.59 -10.18 11.73
N VAL A 75 -5.20 -9.94 12.98
CA VAL A 75 -4.64 -11.02 13.80
C VAL A 75 -5.66 -12.13 14.00
N ALA A 76 -6.90 -11.77 14.34
CA ALA A 76 -7.93 -12.78 14.55
C ALA A 76 -8.25 -13.53 13.27
N SER A 77 -8.36 -12.80 12.16
CA SER A 77 -8.74 -13.42 10.89
C SER A 77 -7.59 -14.22 10.27
N GLU A 78 -6.37 -13.70 10.35
CA GLU A 78 -5.25 -14.35 9.68
C GLU A 78 -4.73 -15.53 10.49
N ARG A 79 -4.75 -15.42 11.82
CA ARG A 79 -4.48 -16.60 12.65
C ARG A 79 -5.56 -17.66 12.45
N ARG A 80 -6.79 -17.23 12.18
CA ARG A 80 -7.86 -18.18 11.86
C ARG A 80 -7.49 -19.02 10.66
N GLU A 81 -6.80 -18.43 9.67
CA GLU A 81 -6.34 -19.19 8.52
C GLU A 81 -5.26 -20.19 8.92
N ALA A 82 -4.47 -19.87 9.94
CA ALA A 82 -3.42 -20.78 10.40
C ALA A 82 -4.02 -22.06 10.94
N ALA A 83 -5.13 -21.96 11.68
CA ALA A 83 -5.85 -23.16 12.12
C ALA A 83 -6.38 -23.93 10.93
N LYS A 84 -6.88 -23.23 9.92
CA LYS A 84 -7.31 -23.88 8.69
C LYS A 84 -6.18 -24.67 8.04
N GLN A 85 -5.01 -24.04 7.87
CA GLN A 85 -3.92 -24.69 7.18
C GLN A 85 -3.26 -25.77 8.03
N LEU A 86 -3.18 -25.55 9.35
CA LEU A 86 -2.56 -26.54 10.22
C LEU A 86 -3.31 -27.86 10.17
N SER A 87 -4.62 -27.83 10.37
CA SER A 87 -5.41 -29.06 10.36
C SER A 87 -5.38 -29.71 8.97
N LEU A 88 -5.21 -28.90 7.92
CA LEU A 88 -5.13 -29.45 6.57
C LEU A 88 -3.88 -30.30 6.40
N TRP A 89 -2.76 -29.88 6.98
CA TRP A 89 -1.51 -30.62 6.83
C TRP A 89 -1.58 -31.98 7.53
N GLY A 90 -2.53 -32.16 8.44
CA GLY A 90 -2.62 -33.42 9.16
C GLY A 90 -2.90 -34.60 8.26
N ALA A 91 -3.40 -34.35 7.05
CA ALA A 91 -3.70 -35.44 6.12
C ALA A 91 -2.45 -36.23 5.74
N ASP A 92 -1.41 -35.53 5.28
CA ASP A 92 -0.19 -36.19 4.80
C ASP A 92 0.73 -36.49 5.98
N ASN A 93 0.17 -37.20 6.95
CA ASN A 93 0.90 -37.59 8.16
C ASN A 93 0.25 -38.86 8.71
N ASP A 94 0.92 -39.45 9.70
CA ASP A 94 0.39 -40.63 10.35
C ASP A 94 -0.87 -40.29 11.13
N ASP A 95 -1.67 -41.31 11.44
CA ASP A 95 -2.98 -41.12 12.06
C ASP A 95 -2.88 -40.43 13.43
N ASP A 96 -1.87 -40.80 14.21
CA ASP A 96 -1.71 -40.21 15.54
C ASP A 96 -1.50 -38.71 15.39
N VAL A 97 -0.58 -38.30 14.51
CA VAL A 97 -0.32 -36.89 14.28
C VAL A 97 -1.57 -36.20 13.72
N SER A 98 -2.28 -36.88 12.82
CA SER A 98 -3.47 -36.29 12.21
C SER A 98 -4.53 -35.97 13.26
N ASP A 99 -4.79 -36.92 14.16
CA ASP A 99 -5.79 -36.69 15.20
C ASP A 99 -5.37 -35.56 16.14
N VAL A 100 -4.10 -35.56 16.57
CA VAL A 100 -3.63 -34.51 17.46
C VAL A 100 -3.65 -33.16 16.76
N THR A 101 -3.23 -33.12 15.49
CA THR A 101 -3.10 -31.85 14.78
C THR A 101 -4.45 -31.20 14.53
N ASP A 102 -5.41 -31.96 14.01
CA ASP A 102 -6.71 -31.35 13.71
C ASP A 102 -7.44 -30.96 14.98
N LYS A 103 -7.28 -31.74 16.05
CA LYS A 103 -7.81 -31.33 17.35
C LYS A 103 -7.17 -30.03 17.82
N LEU A 104 -5.85 -29.89 17.63
CA LEU A 104 -5.18 -28.64 17.94
C LEU A 104 -5.74 -27.51 17.08
N GLY A 105 -6.08 -27.81 15.84
CA GLY A 105 -6.70 -26.80 14.99
C GLY A 105 -8.05 -26.34 15.51
N VAL A 106 -8.82 -27.28 16.07
CA VAL A 106 -10.09 -26.92 16.72
C VAL A 106 -9.83 -25.99 17.88
N LEU A 107 -8.83 -26.29 18.70
CA LEU A 107 -8.56 -25.47 19.88
C LEU A 107 -8.09 -24.07 19.46
N ILE A 108 -7.26 -23.99 18.43
CA ILE A 108 -6.81 -22.69 17.92
C ILE A 108 -7.98 -21.95 17.28
N TYR A 109 -8.89 -22.68 16.63
CA TYR A 109 -10.10 -22.05 16.09
C TYR A 109 -10.89 -21.38 17.21
N GLU A 110 -11.02 -22.06 18.35
CA GLU A 110 -11.68 -21.45 19.51
C GLU A 110 -10.90 -20.24 19.99
N LEU A 111 -9.57 -20.28 19.91
CA LEU A 111 -8.74 -19.16 20.29
C LEU A 111 -9.09 -17.93 19.45
N GLY A 112 -9.26 -18.13 18.15
CA GLY A 112 -9.63 -17.05 17.25
C GLY A 112 -11.03 -16.52 17.50
N GLU A 113 -11.98 -17.43 17.74
CA GLU A 113 -13.35 -17.01 18.00
C GLU A 113 -13.45 -16.16 19.26
N LEU A 114 -12.78 -16.58 20.33
CA LEU A 114 -12.79 -15.78 21.56
C LEU A 114 -12.12 -14.43 21.33
N GLN A 115 -11.07 -14.40 20.50
CA GLN A 115 -10.48 -13.13 20.12
C GLN A 115 -11.51 -12.21 19.47
N ASP A 116 -12.33 -12.76 18.56
CA ASP A 116 -13.32 -11.93 17.87
C ASP A 116 -14.32 -11.33 18.85
N GLN A 117 -14.76 -12.10 19.85
CA GLN A 117 -15.61 -11.52 20.89
C GLN A 117 -14.88 -10.44 21.66
N PHE A 118 -13.58 -10.61 21.88
CA PHE A 118 -12.80 -9.58 22.55
C PHE A 118 -12.77 -8.29 21.75
N ILE A 119 -12.62 -8.39 20.42
CA ILE A 119 -12.63 -7.20 19.58
C ILE A 119 -14.00 -6.52 19.61
N ASP A 120 -15.07 -7.31 19.68
CA ASP A 120 -16.41 -6.73 19.79
C ASP A 120 -16.56 -5.91 21.06
N LYS A 121 -16.16 -6.48 22.20
CA LYS A 121 -16.21 -5.72 23.46
C LYS A 121 -15.22 -4.56 23.44
N TYR A 122 -14.09 -4.72 22.77
CA TYR A 122 -13.15 -3.62 22.60
C TYR A 122 -13.79 -2.48 21.82
N ASP A 123 -14.60 -2.80 20.81
CA ASP A 123 -15.32 -1.77 20.07
C ASP A 123 -16.29 -1.03 20.96
N GLN A 124 -16.97 -1.75 21.87
CA GLN A 124 -17.89 -1.08 22.79
C GLN A 124 -17.15 -0.10 23.69
N TYR A 125 -15.98 -0.50 24.19
CA TYR A 125 -15.18 0.42 24.99
C TYR A 125 -14.72 1.62 24.15
N ARG A 126 -14.39 1.37 22.89
CA ARG A 126 -14.05 2.48 21.98
C ARG A 126 -15.25 3.39 21.76
N VAL A 127 -16.45 2.82 21.68
CA VAL A 127 -17.64 3.61 21.40
C VAL A 127 -17.93 4.57 22.56
N THR A 128 -17.88 4.06 23.80
CA THR A 128 -18.10 4.94 24.93
C THR A 128 -16.98 5.96 25.09
N LEU A 129 -15.76 5.60 24.67
CA LEU A 129 -14.69 6.60 24.58
C LEU A 129 -15.03 7.68 23.55
N LYS A 130 -15.67 7.30 22.45
CA LYS A 130 -16.15 8.28 21.50
C LYS A 130 -17.22 9.18 22.11
N SER A 131 -18.06 8.63 22.98
CA SER A 131 -19.12 9.42 23.61
C SER A 131 -18.54 10.48 24.53
N ILE A 132 -17.58 10.11 25.38
CA ILE A 132 -16.95 11.11 26.24
C ILE A 132 -16.17 12.12 25.39
N ARG A 133 -15.61 11.67 24.27
CA ARG A 133 -15.01 12.61 23.31
C ARG A 133 -16.04 13.61 22.83
N ASN A 134 -17.26 13.15 22.51
CA ASN A 134 -18.28 14.03 21.95
C ASN A 134 -18.68 15.12 22.93
N ILE A 135 -18.93 14.75 24.20
CA ILE A 135 -19.38 15.74 25.16
C ILE A 135 -18.26 16.72 25.50
N GLU A 136 -17.02 16.23 25.60
CA GLU A 136 -15.89 17.12 25.86
C GLU A 136 -15.70 18.08 24.69
N ALA A 137 -15.84 17.59 23.46
CA ALA A 137 -15.78 18.47 22.29
C ALA A 137 -16.93 19.47 22.30
N SER A 138 -18.07 19.11 22.87
CA SER A 138 -19.17 20.05 23.00
C SER A 138 -18.91 21.08 24.10
N VAL A 139 -18.11 20.72 25.10
CA VAL A 139 -17.76 21.67 26.16
C VAL A 139 -16.85 22.76 25.62
N GLN A 140 -15.95 22.41 24.69
CA GLN A 140 -14.93 23.33 24.19
C GLN A 140 -15.49 24.66 23.68
N PRO A 141 -16.57 24.72 22.89
CA PRO A 141 -17.04 26.03 22.41
C PRO A 141 -17.41 26.99 23.53
N SER A 142 -17.89 26.49 24.67
CA SER A 142 -18.16 27.38 25.80
C SER A 142 -16.88 28.01 26.33
N ARG A 143 -15.80 27.24 26.39
CA ARG A 143 -14.51 27.81 26.76
C ARG A 143 -14.07 28.86 25.75
N ASP A 144 -14.32 28.61 24.46
CA ASP A 144 -14.05 29.62 23.44
C ASP A 144 -14.87 30.88 23.70
N ARG A 145 -16.15 30.73 23.98
CA ARG A 145 -17.00 31.88 24.25
C ARG A 145 -16.52 32.65 25.48
N LYS A 146 -16.13 31.92 26.53
CA LYS A 146 -15.72 32.57 27.77
C LYS A 146 -14.45 33.40 27.59
N GLU A 147 -13.43 32.84 26.92
CA GLU A 147 -12.19 33.58 26.78
C GLU A 147 -12.36 34.75 25.83
N LYS A 148 -13.22 34.59 24.82
CA LYS A 148 -13.56 35.71 23.96
C LYS A 148 -14.23 36.82 24.75
N ILE A 149 -15.09 36.44 25.70
CA ILE A 149 -15.81 37.44 26.50
C ILE A 149 -14.83 38.24 27.37
N THR A 150 -13.94 37.55 28.10
CA THR A 150 -13.01 38.27 28.96
C THR A 150 -12.01 39.07 28.14
N ASP A 151 -11.65 38.57 26.95
CA ASP A 151 -10.76 39.33 26.08
C ASP A 151 -11.42 40.63 25.65
N GLU A 152 -12.69 40.58 25.24
CA GLU A 152 -13.38 41.79 24.80
C GLU A 152 -13.55 42.79 25.94
N ILE A 153 -13.93 42.32 27.12
CA ILE A 153 -14.16 43.25 28.22
C ILE A 153 -12.84 43.88 28.67
N ALA A 154 -11.75 43.09 28.66
CA ALA A 154 -10.45 43.65 29.01
C ALA A 154 -10.01 44.69 27.99
N HIS A 155 -10.18 44.40 26.70
CA HIS A 155 -9.79 45.35 25.66
C HIS A 155 -10.63 46.61 25.70
N LEU A 156 -11.94 46.46 25.88
CA LEU A 156 -12.83 47.63 25.95
C LEU A 156 -12.52 48.47 27.18
N LYS A 157 -12.28 47.82 28.32
CA LYS A 157 -11.93 48.56 29.54
C LYS A 157 -10.61 49.30 29.37
N TYR A 158 -9.64 48.67 28.68
CA TYR A 158 -8.37 49.34 28.41
C TYR A 158 -8.59 50.56 27.51
N LYS A 159 -9.46 50.45 26.50
CA LYS A 159 -9.70 51.57 25.61
C LYS A 159 -10.38 52.73 26.34
N ASP A 160 -11.48 52.42 27.05
CA ASP A 160 -12.21 53.44 27.79
C ASP A 160 -13.22 52.78 28.74
N PRO A 161 -13.33 53.26 29.99
CA PRO A 161 -14.33 52.70 30.90
C PRO A 161 -15.75 53.17 30.65
N GLN A 162 -15.94 54.17 29.79
CA GLN A 162 -17.26 54.73 29.53
C GLN A 162 -17.99 54.03 28.38
N SER A 163 -17.40 52.99 27.80
CA SER A 163 -18.05 52.28 26.72
C SER A 163 -19.34 51.63 27.19
N THR A 164 -20.40 51.77 26.39
CA THR A 164 -21.71 51.24 26.75
C THR A 164 -21.78 49.72 26.66
N LYS A 165 -20.83 49.08 25.96
CA LYS A 165 -20.84 47.63 25.83
C LYS A 165 -20.26 46.92 27.06
N ILE A 166 -19.55 47.62 27.93
CA ILE A 166 -18.95 47.02 29.12
C ILE A 166 -20.01 46.71 30.18
N PRO A 167 -21.03 47.57 30.39
CA PRO A 167 -22.10 47.17 31.32
C PRO A 167 -22.74 45.83 30.98
N VAL A 168 -22.94 45.54 29.70
CA VAL A 168 -23.52 44.26 29.32
C VAL A 168 -22.47 43.16 29.20
N LEU A 169 -21.20 43.53 28.96
CA LEU A 169 -20.15 42.52 28.90
C LEU A 169 -19.80 41.97 30.28
N GLU A 170 -19.90 42.81 31.32
CA GLU A 170 -19.70 42.33 32.67
C GLU A 170 -20.73 41.26 33.04
N GLN A 171 -22.00 41.54 32.74
CA GLN A 171 -23.02 40.53 32.96
C GLN A 171 -22.82 39.33 32.03
N GLU A 172 -22.30 39.57 30.84
CA GLU A 172 -22.01 38.46 29.93
C GLU A 172 -20.93 37.54 30.50
N LEU A 173 -19.97 38.11 31.23
CA LEU A 173 -18.97 37.29 31.90
C LEU A 173 -19.61 36.43 32.98
N VAL A 174 -20.50 37.02 33.79
CA VAL A 174 -21.23 36.24 34.79
C VAL A 174 -22.13 35.21 34.10
N ARG A 175 -22.82 35.64 33.04
CA ARG A 175 -23.59 34.77 32.16
C ARG A 175 -22.81 33.50 31.80
N ALA A 176 -21.65 33.68 31.17
CA ALA A 176 -20.81 32.54 30.79
C ALA A 176 -20.20 31.84 31.99
N GLU A 177 -20.03 32.54 33.12
CA GLU A 177 -19.45 31.91 34.30
C GLU A 177 -20.35 30.79 34.83
N ALA A 178 -21.62 31.11 35.08
CA ALA A 178 -22.57 30.07 35.48
C ALA A 178 -22.78 29.06 34.37
N GLU A 179 -22.87 29.55 33.12
CA GLU A 179 -22.96 28.69 31.95
C GLU A 179 -21.89 27.61 31.97
N SER A 180 -20.63 28.01 32.03
CA SER A 180 -19.54 27.04 31.98
C SER A 180 -19.46 26.20 33.24
N LEU A 181 -19.81 26.78 34.39
CA LEU A 181 -19.62 26.09 35.67
C LEU A 181 -20.47 24.83 35.76
N VAL A 182 -21.73 24.90 35.32
CA VAL A 182 -22.65 23.78 35.53
C VAL A 182 -22.17 22.53 34.78
N ALA A 183 -21.73 22.68 33.54
CA ALA A 183 -21.30 21.51 32.78
C ALA A 183 -19.84 21.19 32.95
N GLU A 184 -19.02 22.12 33.47
CA GLU A 184 -17.69 21.73 33.89
C GLU A 184 -17.77 20.72 35.02
N ALA A 185 -18.67 20.94 35.98
CA ALA A 185 -18.87 19.99 37.06
C ALA A 185 -19.37 18.66 36.54
N GLN A 186 -20.36 18.67 35.64
CA GLN A 186 -20.86 17.40 35.13
C GLN A 186 -19.86 16.77 34.17
N LEU A 187 -19.00 17.58 33.53
CA LEU A 187 -17.95 17.02 32.69
C LEU A 187 -17.01 16.14 33.51
N SER A 188 -16.61 16.63 34.68
CA SER A 188 -15.84 15.79 35.59
C SER A 188 -16.64 14.58 36.02
N ASN A 189 -17.93 14.76 36.31
CA ASN A 189 -18.77 13.65 36.74
C ASN A 189 -18.87 12.58 35.65
N ILE A 190 -19.22 13.00 34.43
CA ILE A 190 -19.44 12.02 33.36
C ILE A 190 -18.13 11.37 32.94
N THR A 191 -17.03 12.14 32.93
CA THR A 191 -15.73 11.56 32.60
C THR A 191 -15.35 10.48 33.60
N ARG A 192 -15.54 10.75 34.90
CA ARG A 192 -15.17 9.79 35.92
C ARG A 192 -16.03 8.53 35.83
N GLU A 193 -17.35 8.71 35.77
CA GLU A 193 -18.26 7.56 35.74
C GLU A 193 -18.07 6.75 34.45
N LYS A 194 -17.95 7.42 33.31
CA LYS A 194 -17.84 6.71 32.05
C LYS A 194 -16.48 6.02 31.90
N LEU A 195 -15.40 6.68 32.32
CA LEU A 195 -14.09 6.03 32.26
C LEU A 195 -14.02 4.83 33.18
N LYS A 196 -14.58 4.95 34.40
CA LYS A 196 -14.59 3.82 35.32
C LYS A 196 -15.40 2.67 34.76
N ALA A 197 -16.59 2.95 34.24
CA ALA A 197 -17.43 1.90 33.68
C ALA A 197 -16.80 1.29 32.44
N ALA A 198 -16.25 2.12 31.55
CA ALA A 198 -15.68 1.62 30.31
C ALA A 198 -14.46 0.74 30.57
N TYR A 199 -13.58 1.16 31.48
CA TYR A 199 -12.37 0.37 31.73
C TYR A 199 -12.64 -0.82 32.64
N SER A 200 -13.66 -0.74 33.50
CA SER A 200 -14.09 -1.93 34.22
C SER A 200 -14.64 -2.97 33.26
N TYR A 201 -15.45 -2.53 32.29
CA TYR A 201 -15.94 -3.43 31.26
C TYR A 201 -14.81 -3.93 30.38
N MET A 202 -13.86 -3.05 30.03
CA MET A 202 -12.73 -3.47 29.21
C MET A 202 -11.86 -4.48 29.93
N PHE A 203 -11.60 -4.26 31.22
CA PHE A 203 -10.83 -5.22 31.99
C PHE A 203 -11.62 -6.49 32.25
N ASP A 204 -12.95 -6.39 32.33
CA ASP A 204 -13.78 -7.59 32.40
C ASP A 204 -13.65 -8.41 31.12
N SER A 205 -13.65 -7.74 29.97
CA SER A 205 -13.41 -8.43 28.71
C SER A 205 -12.01 -9.02 28.67
N LEU A 206 -11.02 -8.28 29.17
CA LEU A 206 -9.66 -8.81 29.22
C LEU A 206 -9.57 -10.04 30.11
N ARG A 207 -10.23 -10.00 31.27
CA ARG A 207 -10.24 -11.17 32.15
C ARG A 207 -10.95 -12.34 31.51
N GLU A 208 -12.08 -12.08 30.83
CA GLU A 208 -12.80 -13.14 30.13
C GLU A 208 -11.92 -13.79 29.08
N LEU A 209 -11.31 -12.98 28.21
CA LEU A 209 -10.43 -13.51 27.19
C LEU A 209 -9.24 -14.22 27.79
N SER A 210 -8.68 -13.67 28.87
CA SER A 210 -7.47 -14.23 29.47
C SER A 210 -7.73 -15.62 30.04
N GLU A 211 -8.79 -15.76 30.84
CA GLU A 211 -9.05 -17.06 31.47
C GLU A 211 -9.48 -18.09 30.44
N LYS A 212 -10.26 -17.69 29.43
CA LYS A 212 -10.61 -18.63 28.37
C LYS A 212 -9.35 -19.07 27.61
N PHE A 213 -8.47 -18.12 27.30
CA PHE A 213 -7.19 -18.46 26.67
C PHE A 213 -6.43 -19.48 27.51
N ALA A 214 -6.35 -19.26 28.82
CA ALA A 214 -5.59 -20.15 29.69
C ALA A 214 -6.24 -21.54 29.76
N LEU A 215 -7.57 -21.59 29.82
CA LEU A 215 -8.26 -22.87 29.90
C LEU A 215 -8.00 -23.71 28.65
N ILE A 216 -8.10 -23.09 27.48
CA ILE A 216 -7.81 -23.83 26.25
C ILE A 216 -6.34 -24.20 26.15
N ALA A 217 -5.44 -23.33 26.63
CA ALA A 217 -4.01 -23.64 26.58
C ALA A 217 -3.67 -24.84 27.45
N GLY A 218 -4.20 -24.87 28.68
CA GLY A 218 -3.94 -26.00 29.56
C GLY A 218 -4.54 -27.29 29.04
N TYR A 219 -5.76 -27.24 28.52
CA TYR A 219 -6.39 -28.44 27.99
C TYR A 219 -5.71 -28.89 26.70
N GLY A 220 -5.12 -27.96 25.97
CA GLY A 220 -4.26 -28.34 24.86
C GLY A 220 -3.00 -29.06 25.33
N LYS A 221 -2.46 -28.65 26.48
CA LYS A 221 -1.35 -29.39 27.06
C LYS A 221 -1.75 -30.81 27.40
N ALA A 222 -2.94 -30.99 27.97
CA ALA A 222 -3.47 -32.34 28.18
C ALA A 222 -3.72 -33.05 26.86
N LEU A 223 -4.17 -32.32 25.84
CA LEU A 223 -4.34 -32.91 24.51
C LEU A 223 -3.01 -33.37 23.94
N LEU A 224 -1.95 -32.59 24.14
CA LEU A 224 -0.62 -32.95 23.65
C LEU A 224 -0.04 -34.17 24.35
N GLU A 225 -0.61 -34.60 25.47
CA GLU A 225 -0.10 -35.79 26.15
C GLU A 225 -0.31 -37.05 25.32
N LEU A 226 -1.32 -37.05 24.45
CA LEU A 226 -1.56 -38.18 23.55
C LEU A 226 -0.72 -38.07 22.28
N LEU A 227 0.59 -37.91 22.48
CA LEU A 227 1.53 -37.72 21.37
C LEU A 227 2.80 -38.48 21.73
N ASP A 228 2.95 -39.68 21.19
CA ASP A 228 4.11 -40.50 21.50
C ASP A 228 5.37 -39.90 20.91
N ASP A 229 6.41 -39.81 21.73
CA ASP A 229 7.72 -39.31 21.32
C ASP A 229 8.76 -40.42 21.25
N SER A 230 8.32 -41.66 21.17
CA SER A 230 9.26 -42.79 21.15
C SER A 230 10.05 -42.77 19.85
N PRO A 231 11.37 -42.97 19.90
CA PRO A 231 12.20 -43.01 18.68
C PRO A 231 12.20 -44.39 18.04
N VAL A 232 11.15 -44.67 17.26
CA VAL A 232 11.01 -45.98 16.62
C VAL A 232 12.10 -46.14 15.56
N THR A 233 12.78 -47.28 15.60
CA THR A 233 13.84 -47.56 14.65
C THR A 233 13.25 -47.92 13.29
N PRO A 234 13.96 -47.59 12.21
CA PRO A 234 13.46 -47.94 10.87
C PRO A 234 13.37 -49.44 10.68
N GLY A 235 12.35 -49.87 9.94
CA GLY A 235 12.13 -51.27 9.65
C GLY A 235 11.08 -51.93 10.51
N GLU A 236 10.62 -51.27 11.56
CA GLU A 236 9.61 -51.82 12.48
C GLU A 236 8.31 -51.04 12.35
N ALA A 237 7.20 -51.77 12.32
CA ALA A 237 5.90 -51.15 12.21
C ALA A 237 5.48 -50.50 13.52
N ARG A 238 4.53 -49.57 13.43
CA ARG A 238 3.97 -48.82 14.55
C ARG A 238 2.70 -49.48 15.06
N PRO A 239 2.51 -49.56 16.38
CA PRO A 239 1.19 -49.92 16.92
C PRO A 239 0.16 -48.87 16.53
N ALA A 240 -1.06 -49.33 16.29
CA ALA A 240 -2.12 -48.44 15.82
C ALA A 240 -2.53 -47.45 16.91
N TYR A 241 -2.92 -46.26 16.48
CA TYR A 241 -3.39 -45.24 17.40
C TYR A 241 -4.72 -45.68 18.02
N ASP A 242 -4.89 -45.37 19.32
CA ASP A 242 -6.08 -45.75 20.05
C ASP A 242 -6.70 -44.62 20.86
N GLY A 243 -6.02 -43.49 21.00
CA GLY A 243 -6.54 -42.40 21.81
C GLY A 243 -7.54 -41.51 21.09
N TYR A 244 -8.41 -42.13 20.29
CA TYR A 244 -9.44 -41.36 19.59
C TYR A 244 -10.50 -40.85 20.56
N GLU A 245 -10.99 -41.72 21.45
CA GLU A 245 -12.00 -41.30 22.42
C GLU A 245 -11.39 -40.50 23.56
N ALA A 246 -10.11 -40.74 23.90
CA ALA A 246 -9.47 -39.98 24.96
C ALA A 246 -9.35 -38.51 24.58
N SER A 247 -8.94 -38.23 23.34
CA SER A 247 -8.91 -36.85 22.86
C SER A 247 -10.31 -36.29 22.70
N ARG A 248 -11.26 -37.14 22.31
CA ARG A 248 -12.66 -36.70 22.23
C ARG A 248 -13.19 -36.30 23.61
N GLN A 249 -12.88 -37.09 24.64
CA GLN A 249 -13.30 -36.76 25.99
C GLN A 249 -12.62 -35.51 26.51
N ILE A 250 -11.38 -35.26 26.10
CA ILE A 250 -10.67 -34.06 26.53
C ILE A 250 -11.40 -32.81 26.05
N ILE A 251 -11.88 -32.83 24.80
CA ILE A 251 -12.65 -31.71 24.29
C ILE A 251 -13.95 -31.54 25.07
N MET A 252 -14.62 -32.65 25.38
CA MET A 252 -15.87 -32.57 26.15
C MET A 252 -15.64 -31.91 27.51
N ASP A 253 -14.57 -32.27 28.20
CA ASP A 253 -14.25 -31.60 29.46
C ASP A 253 -13.94 -30.13 29.20
N ALA A 254 -13.24 -29.83 28.11
CA ALA A 254 -12.97 -28.45 27.74
C ALA A 254 -14.27 -27.68 27.48
N GLU A 255 -15.18 -28.28 26.70
CA GLU A 255 -16.47 -27.64 26.47
C GLU A 255 -17.28 -27.55 27.75
N SER A 256 -17.22 -28.58 28.59
CA SER A 256 -17.94 -28.55 29.86
C SER A 256 -17.46 -27.40 30.74
N ALA A 257 -16.14 -27.23 30.83
CA ALA A 257 -15.60 -26.07 31.54
C ALA A 257 -15.85 -24.79 30.77
N LEU A 258 -16.01 -24.87 29.45
CA LEU A 258 -16.26 -23.69 28.64
C LEU A 258 -17.66 -23.14 28.89
N GLU A 259 -18.67 -24.01 28.89
CA GLU A 259 -20.06 -23.60 29.08
C GLU A 259 -20.41 -23.36 30.55
N SER A 260 -19.51 -23.65 31.47
CA SER A 260 -19.75 -23.47 32.90
C SER A 260 -18.85 -22.39 33.48
N TRP A 261 -18.63 -21.33 32.71
CA TRP A 261 -17.79 -20.20 33.13
C TRP A 261 -18.69 -19.05 33.56
N THR A 262 -18.63 -18.70 34.83
CA THR A 262 -19.36 -17.55 35.38
C THR A 262 -18.38 -16.64 36.10
N LEU A 263 -18.68 -15.34 36.09
CA LEU A 263 -17.81 -14.37 36.74
C LEU A 263 -17.74 -14.55 38.25
N ASP A 264 -18.70 -15.27 38.85
CA ASP A 264 -18.63 -15.54 40.28
C ASP A 264 -17.39 -16.35 40.63
N MET A 265 -17.06 -17.35 39.82
CA MET A 265 -15.85 -18.14 40.01
C MET A 265 -14.70 -17.54 39.22
N ALA A 266 -13.50 -17.67 39.77
CA ALA A 266 -12.29 -17.14 39.13
C ALA A 266 -11.09 -17.87 39.70
N ALA A 267 -10.43 -18.68 38.87
CA ALA A 267 -9.24 -19.38 39.32
C ALA A 267 -8.13 -18.39 39.67
N VAL A 268 -7.96 -17.34 38.87
CA VAL A 268 -6.98 -16.31 39.18
C VAL A 268 -7.44 -15.54 40.40
N LYS A 269 -6.64 -15.58 41.47
CA LYS A 269 -6.95 -14.93 42.74
C LYS A 269 -5.82 -13.97 43.09
N PRO A 270 -5.93 -12.71 42.69
CA PRO A 270 -4.88 -11.73 43.06
C PRO A 270 -4.80 -11.54 44.56
N THR A 271 -3.59 -11.31 45.04
CA THR A 271 -3.36 -11.13 46.48
C THR A 271 -3.63 -9.69 46.90
N MET B 1 -14.99 -26.58 18.60
CA MET B 1 -15.77 -25.43 19.04
C MET B 1 -17.08 -25.90 19.63
N HIS B 2 -17.92 -24.94 20.02
CA HIS B 2 -19.26 -25.22 20.54
C HIS B 2 -20.28 -24.67 19.56
N ARG B 3 -21.10 -25.56 19.00
CA ARG B 3 -22.14 -25.19 18.06
C ARG B 3 -23.45 -25.84 18.48
N THR B 4 -24.56 -25.23 18.08
CA THR B 4 -25.88 -25.76 18.41
C THR B 4 -26.35 -26.73 17.33
N TYR B 5 -27.37 -27.52 17.68
CA TYR B 5 -27.96 -28.48 16.75
C TYR B 5 -29.00 -27.77 15.88
N SER B 6 -28.47 -26.92 14.99
CA SER B 6 -29.33 -26.14 14.11
C SER B 6 -28.53 -25.78 12.87
N LEU B 7 -29.25 -25.58 11.76
CA LEU B 7 -28.60 -25.17 10.53
C LEU B 7 -28.13 -23.72 10.61
N ARG B 8 -28.55 -23.01 11.65
CA ARG B 8 -28.13 -21.63 11.86
C ARG B 8 -26.65 -21.59 12.23
N ASN B 9 -25.94 -20.55 11.76
CA ASN B 9 -24.52 -20.44 12.06
C ASN B 9 -24.30 -20.07 13.52
N GLN B 10 -25.21 -19.31 14.11
CA GLN B 10 -25.05 -18.87 15.49
C GLN B 10 -25.06 -20.05 16.45
N ARG B 11 -24.18 -20.02 17.43
CA ARG B 11 -24.05 -21.09 18.40
C ARG B 11 -24.83 -20.77 19.68
N ALA B 12 -24.91 -21.77 20.56
CA ALA B 12 -25.58 -21.57 21.83
C ALA B 12 -24.78 -20.60 22.70
N PRO B 13 -25.44 -19.68 23.39
CA PRO B 13 -24.71 -18.72 24.22
C PRO B 13 -24.00 -19.39 25.38
N THR B 14 -22.84 -18.84 25.76
CA THR B 14 -22.08 -19.32 26.89
C THR B 14 -22.68 -18.81 28.19
N ALA B 15 -22.34 -19.47 29.30
CA ALA B 15 -22.81 -19.03 30.60
C ALA B 15 -22.37 -17.61 30.91
N ALA B 16 -21.16 -17.23 30.49
CA ALA B 16 -20.73 -15.85 30.63
C ALA B 16 -21.61 -14.91 29.81
N GLU B 17 -21.99 -15.33 28.60
CA GLU B 17 -22.89 -14.53 27.77
C GLU B 17 -24.29 -14.46 28.37
N LEU B 18 -24.68 -15.42 29.21
CA LEU B 18 -25.99 -15.36 29.84
C LEU B 18 -26.09 -14.18 30.79
N GLN B 19 -25.05 -13.92 31.58
CA GLN B 19 -25.07 -12.78 32.49
C GLN B 19 -24.98 -11.47 31.74
N ALA B 20 -24.11 -11.38 30.75
CA ALA B 20 -23.93 -10.17 29.95
C ALA B 20 -24.18 -10.49 28.49
N PRO B 21 -25.20 -9.92 27.86
CA PRO B 21 -25.48 -10.24 26.46
C PRO B 21 -24.32 -9.79 25.58
N PRO B 22 -24.07 -10.51 24.48
CA PRO B 22 -22.94 -10.14 23.63
C PRO B 22 -23.16 -8.78 22.98
N PRO B 23 -22.09 -8.02 22.77
CA PRO B 23 -22.24 -6.70 22.14
C PRO B 23 -22.48 -6.84 20.65
N PRO B 24 -22.98 -5.79 20.00
CA PRO B 24 -23.16 -5.83 18.54
C PRO B 24 -21.81 -5.94 17.84
N PRO B 25 -21.79 -6.43 16.60
CA PRO B 25 -20.52 -6.59 15.90
C PRO B 25 -19.79 -5.27 15.71
N SER B 26 -18.46 -5.34 15.70
CA SER B 26 -17.64 -4.15 15.64
C SER B 26 -17.87 -3.38 14.34
N SER B 27 -17.79 -2.05 14.43
CA SER B 27 -17.98 -1.17 13.30
C SER B 27 -16.72 -0.99 12.46
N THR B 28 -15.73 -1.88 12.61
CA THR B 28 -14.50 -1.82 11.85
C THR B 28 -14.46 -2.83 10.71
N LYS B 29 -15.62 -3.29 10.25
CA LYS B 29 -15.70 -4.24 9.14
C LYS B 29 -15.45 -3.48 7.85
N SER B 30 -14.17 -3.29 7.53
CA SER B 30 -13.78 -2.55 6.36
C SER B 30 -14.17 -3.28 5.08
N LYS B 31 -14.67 -2.52 4.10
CA LYS B 31 -15.05 -3.09 2.81
C LYS B 31 -13.84 -3.13 1.88
N PHE B 32 -12.90 -4.00 2.25
CA PHE B 32 -11.65 -4.15 1.51
C PHE B 32 -11.20 -5.60 1.62
N PHE B 33 -9.94 -5.87 1.27
CA PHE B 33 -9.41 -7.22 1.37
C PHE B 33 -9.42 -7.72 2.82
N GLY B 34 -8.95 -6.88 3.74
CA GLY B 34 -9.02 -7.20 5.15
C GLY B 34 -8.05 -8.23 5.65
N LYS B 35 -7.07 -8.64 4.82
CA LYS B 35 -6.10 -9.68 5.21
C LYS B 35 -4.69 -9.14 4.99
N ALA B 36 -4.20 -8.39 5.96
CA ALA B 36 -2.82 -7.88 6.01
C ALA B 36 -2.37 -7.33 4.66
N SER B 37 -3.10 -6.33 4.18
CA SER B 37 -2.78 -5.61 2.95
C SER B 37 -2.80 -6.60 1.77
N ILE B 38 -1.95 -6.37 0.78
CA ILE B 38 -1.92 -7.18 -0.43
C ILE B 38 -0.63 -8.00 -0.53
N ALA B 39 0.49 -7.45 -0.07
CA ALA B 39 1.77 -8.15 -0.20
C ALA B 39 1.74 -9.49 0.51
N SER B 40 1.16 -9.54 1.71
CA SER B 40 1.06 -10.82 2.42
C SER B 40 0.20 -11.80 1.65
N SER B 41 -0.93 -11.34 1.08
CA SER B 41 -1.80 -12.23 0.34
C SER B 41 -1.12 -12.76 -0.92
N PHE B 42 -0.43 -11.89 -1.65
CA PHE B 42 0.35 -12.35 -2.81
C PHE B 42 1.49 -13.26 -2.39
N ARG B 43 2.12 -12.96 -1.26
CA ARG B 43 3.16 -13.84 -0.74
C ARG B 43 2.61 -15.21 -0.39
N LYS B 44 1.36 -15.27 0.10
CA LYS B 44 0.77 -16.55 0.48
C LYS B 44 0.69 -17.50 -0.70
N ASN B 45 0.29 -16.98 -1.87
CA ASN B 45 0.27 -17.81 -3.08
C ASN B 45 1.68 -18.17 -3.54
N ALA B 46 2.66 -17.29 -3.28
CA ALA B 46 4.02 -17.53 -3.76
C ALA B 46 4.67 -18.71 -3.08
N ALA B 47 4.27 -19.03 -1.84
CA ALA B 47 4.86 -20.15 -1.13
C ALA B 47 4.57 -21.47 -1.84
N GLY B 48 3.36 -21.63 -2.36
CA GLY B 48 2.97 -22.81 -3.10
C GLY B 48 3.20 -22.73 -4.59
N ASN B 49 3.94 -21.73 -5.07
CA ASN B 49 4.17 -21.55 -6.50
C ASN B 49 5.43 -22.28 -6.96
N PHE B 50 6.56 -22.04 -6.30
CA PHE B 50 7.85 -22.55 -6.72
C PHE B 50 8.56 -23.26 -5.58
N GLY B 51 7.83 -24.13 -4.88
CA GLY B 51 8.40 -24.90 -3.79
C GLY B 51 8.22 -26.39 -4.00
N PRO B 52 8.92 -27.20 -3.20
CA PRO B 52 8.73 -28.65 -3.28
C PRO B 52 7.30 -29.04 -2.94
N GLU B 53 6.79 -30.05 -3.65
CA GLU B 53 5.40 -30.45 -3.50
C GLU B 53 5.10 -30.91 -2.09
N LEU B 54 6.00 -31.71 -1.50
CA LEU B 54 5.78 -32.23 -0.15
C LEU B 54 5.73 -31.10 0.86
N ALA B 55 6.63 -30.12 0.75
CA ALA B 55 6.76 -29.05 1.73
C ALA B 55 5.97 -27.80 1.36
N ARG B 56 5.12 -27.87 0.33
CA ARG B 56 4.35 -26.69 -0.07
C ARG B 56 3.44 -26.22 1.06
N LYS B 57 2.78 -27.15 1.73
CA LYS B 57 1.92 -26.78 2.85
C LYS B 57 2.72 -26.22 4.02
N LEU B 58 3.86 -26.86 4.34
CA LEU B 58 4.71 -26.35 5.41
C LEU B 58 5.38 -25.05 5.03
N SER B 59 5.77 -24.88 3.76
CA SER B 59 6.34 -23.61 3.33
C SER B 59 5.35 -22.47 3.55
N GLN B 60 4.07 -22.72 3.28
CA GLN B 60 3.04 -21.76 3.66
C GLN B 60 2.94 -21.63 5.17
N LEU B 61 2.99 -22.76 5.89
CA LEU B 61 2.69 -22.77 7.32
C LEU B 61 3.65 -21.90 8.11
N VAL B 62 4.96 -22.13 7.95
CA VAL B 62 5.93 -21.36 8.74
C VAL B 62 5.86 -19.89 8.38
N LYS B 63 5.75 -19.58 7.09
CA LYS B 63 5.68 -18.20 6.66
C LYS B 63 4.33 -17.56 7.00
N THR B 64 3.27 -18.36 7.05
CA THR B 64 1.98 -17.83 7.48
C THR B 64 2.06 -17.30 8.91
N GLU B 65 2.79 -18.01 9.77
CA GLU B 65 3.02 -17.53 11.13
C GLU B 65 3.83 -16.23 11.16
N LYS B 66 4.62 -15.96 10.11
CA LYS B 66 5.24 -14.65 9.99
C LYS B 66 4.19 -13.56 9.83
N GLY B 67 3.12 -13.87 9.10
CA GLY B 67 1.99 -12.96 9.05
C GLY B 67 1.35 -12.74 10.40
N VAL B 68 1.31 -13.79 11.23
CA VAL B 68 0.88 -13.62 12.62
C VAL B 68 1.84 -12.68 13.35
N LEU B 69 3.14 -12.88 13.15
CA LEU B 69 4.13 -12.08 13.85
C LEU B 69 4.09 -10.63 13.41
N ARG B 70 4.00 -10.39 12.10
CA ARG B 70 3.97 -9.02 11.58
C ARG B 70 2.71 -8.29 12.07
N ALA B 71 1.57 -8.96 12.01
CA ALA B 71 0.33 -8.35 12.47
C ALA B 71 0.36 -8.11 13.98
N MET B 72 0.88 -9.09 14.74
CA MET B 72 0.97 -8.93 16.18
C MET B 72 2.01 -7.88 16.55
N GLU B 73 3.05 -7.73 15.73
CA GLU B 73 4.01 -6.64 15.95
C GLU B 73 3.32 -5.29 15.89
N VAL B 74 2.42 -5.11 14.92
CA VAL B 74 1.66 -3.87 14.84
C VAL B 74 0.76 -3.72 16.05
N VAL B 75 0.09 -4.80 16.47
CA VAL B 75 -0.79 -4.73 17.62
C VAL B 75 -0.01 -4.34 18.87
N ALA B 76 1.13 -4.98 19.10
CA ALA B 76 1.92 -4.68 20.29
C ALA B 76 2.46 -3.25 20.25
N SER B 77 2.95 -2.82 19.09
CA SER B 77 3.55 -1.50 18.97
C SER B 77 2.50 -0.39 18.94
N GLU B 78 1.38 -0.61 18.26
CA GLU B 78 0.40 0.46 18.11
C GLU B 78 -0.46 0.59 19.36
N ARG B 79 -0.79 -0.53 20.02
CA ARG B 79 -1.40 -0.45 21.34
C ARG B 79 -0.47 0.20 22.35
N ARG B 80 0.84 0.01 22.18
CA ARG B 80 1.82 0.70 23.02
C ARG B 80 1.66 2.21 22.93
N GLU B 81 1.33 2.71 21.73
CA GLU B 81 1.08 4.14 21.57
C GLU B 81 -0.18 4.56 22.29
N ALA B 82 -1.17 3.65 22.40
CA ALA B 82 -2.40 3.98 23.11
C ALA B 82 -2.14 4.24 24.58
N ALA B 83 -1.25 3.45 25.19
CA ALA B 83 -0.85 3.73 26.57
C ALA B 83 -0.14 5.08 26.66
N LYS B 84 0.70 5.39 25.66
CA LYS B 84 1.34 6.70 25.61
C LYS B 84 0.32 7.83 25.57
N GLN B 85 -0.68 7.73 24.68
CA GLN B 85 -1.64 8.81 24.52
C GLN B 85 -2.63 8.87 25.68
N LEU B 86 -3.01 7.70 26.21
CA LEU B 86 -3.96 7.68 27.32
C LEU B 86 -3.41 8.42 28.54
N SER B 87 -2.20 8.08 28.97
CA SER B 87 -1.61 8.73 30.13
C SER B 87 -1.37 10.22 29.86
N LEU B 88 -1.15 10.58 28.59
CA LEU B 88 -0.96 11.98 28.25
C LEU B 88 -2.23 12.79 28.50
N TRP B 89 -3.40 12.22 28.21
CA TRP B 89 -4.65 12.94 28.38
C TRP B 89 -4.95 13.20 29.85
N GLY B 90 -4.30 12.46 30.75
CA GLY B 90 -4.56 12.64 32.17
C GLY B 90 -4.23 14.03 32.68
N ALA B 91 -3.41 14.78 31.93
CA ALA B 91 -3.02 16.12 32.36
C ALA B 91 -4.22 17.04 32.44
N ASP B 92 -5.01 17.13 31.36
CA ASP B 92 -6.14 18.05 31.30
C ASP B 92 -7.37 17.42 31.95
N ASN B 93 -7.18 17.00 33.19
CA ASN B 93 -8.24 16.39 33.99
C ASN B 93 -7.93 16.62 35.46
N ASP B 94 -8.90 16.29 36.31
CA ASP B 94 -8.72 16.42 37.74
C ASP B 94 -7.67 15.43 38.23
N ASP B 95 -7.12 15.70 39.41
CA ASP B 95 -6.01 14.93 39.96
C ASP B 95 -6.36 13.46 40.15
N ASP B 96 -7.57 13.18 40.62
CA ASP B 96 -7.98 11.80 40.84
C ASP B 96 -7.96 11.03 39.52
N VAL B 97 -8.55 11.61 38.48
CA VAL B 97 -8.54 10.97 37.16
C VAL B 97 -7.12 10.85 36.64
N SER B 98 -6.29 11.87 36.85
CA SER B 98 -4.92 11.85 36.36
C SER B 98 -4.13 10.70 36.96
N ASP B 99 -4.24 10.51 38.28
CA ASP B 99 -3.52 9.43 38.94
C ASP B 99 -4.01 8.07 38.47
N VAL B 100 -5.33 7.90 38.37
CA VAL B 100 -5.86 6.61 37.92
C VAL B 100 -5.49 6.36 36.46
N THR B 101 -5.56 7.39 35.62
CA THR B 101 -5.33 7.20 34.19
C THR B 101 -3.89 6.84 33.89
N ASP B 102 -2.93 7.59 34.45
CA ASP B 102 -1.53 7.29 34.13
C ASP B 102 -1.11 5.95 34.73
N LYS B 103 -1.64 5.60 35.90
CA LYS B 103 -1.41 4.26 36.44
C LYS B 103 -1.97 3.19 35.51
N LEU B 104 -3.16 3.43 34.96
CA LEU B 104 -3.71 2.51 33.96
C LEU B 104 -2.82 2.44 32.73
N GLY B 105 -2.20 3.56 32.37
CA GLY B 105 -1.25 3.55 31.26
C GLY B 105 -0.04 2.70 31.55
N VAL B 106 0.43 2.71 32.80
CA VAL B 106 1.52 1.83 33.21
C VAL B 106 1.10 0.37 33.04
N LEU B 107 -0.10 0.04 33.49
CA LEU B 107 -0.55 -1.34 33.42
C LEU B 107 -0.70 -1.80 31.97
N ILE B 108 -1.23 -0.92 31.11
CA ILE B 108 -1.35 -1.24 29.68
C ILE B 108 0.04 -1.33 29.04
N TYR B 109 0.98 -0.50 29.50
CA TYR B 109 2.35 -0.61 29.02
C TYR B 109 2.92 -2.00 29.32
N GLU B 110 2.66 -2.50 30.53
CA GLU B 110 3.06 -3.87 30.86
C GLU B 110 2.37 -4.87 29.97
N LEU B 111 1.11 -4.62 29.62
CA LEU B 111 0.36 -5.49 28.72
C LEU B 111 1.08 -5.60 27.38
N GLY B 112 1.55 -4.47 26.85
CA GLY B 112 2.28 -4.46 25.60
C GLY B 112 3.64 -5.15 25.69
N GLU B 113 4.36 -4.92 26.79
CA GLU B 113 5.66 -5.55 26.95
C GLU B 113 5.54 -7.07 27.01
N LEU B 114 4.57 -7.58 27.77
CA LEU B 114 4.37 -9.02 27.82
C LEU B 114 3.97 -9.57 26.46
N GLN B 115 3.20 -8.79 25.70
CA GLN B 115 2.89 -9.18 24.33
C GLN B 115 4.16 -9.35 23.51
N ASP B 116 5.10 -8.42 23.65
CA ASP B 116 6.34 -8.49 22.87
C ASP B 116 7.13 -9.76 23.19
N GLN B 117 7.19 -10.14 24.47
CA GLN B 117 7.83 -11.41 24.83
C GLN B 117 7.08 -12.58 24.21
N PHE B 118 5.74 -12.49 24.14
CA PHE B 118 4.97 -13.54 23.49
C PHE B 118 5.32 -13.66 22.01
N ILE B 119 5.50 -12.53 21.32
CA ILE B 119 5.89 -12.59 19.91
C ILE B 119 7.28 -13.19 19.75
N ASP B 120 8.18 -12.92 20.69
CA ASP B 120 9.52 -13.52 20.64
C ASP B 120 9.44 -15.04 20.74
N LYS B 121 8.69 -15.54 21.72
CA LYS B 121 8.51 -17.00 21.84
C LYS B 121 7.74 -17.55 20.66
N TYR B 122 6.80 -16.78 20.12
CA TYR B 122 6.09 -17.19 18.91
C TYR B 122 7.06 -17.35 17.73
N ASP B 123 8.05 -16.45 17.64
CA ASP B 123 9.07 -16.57 16.61
C ASP B 123 9.88 -17.85 16.78
N GLN B 124 10.20 -18.22 18.02
CA GLN B 124 10.93 -19.46 18.24
C GLN B 124 10.12 -20.66 17.78
N TYR B 125 8.81 -20.68 18.07
CA TYR B 125 7.96 -21.76 17.58
C TYR B 125 7.90 -21.76 16.06
N ARG B 126 7.88 -20.57 15.45
CA ARG B 126 7.93 -20.49 14.00
C ARG B 126 9.26 -21.00 13.45
N VAL B 127 10.36 -20.74 14.18
CA VAL B 127 11.68 -21.16 13.71
C VAL B 127 11.79 -22.68 13.68
N THR B 128 11.35 -23.34 14.75
CA THR B 128 11.39 -24.80 14.75
C THR B 128 10.41 -25.39 13.74
N LEU B 129 9.30 -24.69 13.46
CA LEU B 129 8.44 -25.09 12.36
C LEU B 129 9.17 -24.96 11.03
N LYS B 130 10.02 -23.94 10.88
CA LYS B 130 10.85 -23.85 9.69
C LYS B 130 11.84 -25.00 9.60
N SER B 131 12.35 -25.46 10.75
CA SER B 131 13.30 -26.57 10.75
C SER B 131 12.66 -27.86 10.27
N ILE B 132 11.47 -28.19 10.78
CA ILE B 132 10.79 -29.39 10.31
C ILE B 132 10.40 -29.22 8.84
N ARG B 133 10.09 -27.99 8.42
CA ARG B 133 9.89 -27.73 6.99
C ARG B 133 11.14 -28.08 6.20
N ASN B 134 12.30 -27.71 6.71
CA ASN B 134 13.55 -27.92 5.97
C ASN B 134 13.84 -29.40 5.76
N ILE B 135 13.70 -30.20 6.81
CA ILE B 135 14.01 -31.62 6.69
C ILE B 135 12.98 -32.33 5.82
N GLU B 136 11.71 -31.97 5.95
CA GLU B 136 10.69 -32.56 5.09
C GLU B 136 10.92 -32.20 3.62
N ALA B 137 11.31 -30.94 3.36
CA ALA B 137 11.67 -30.54 2.00
C ALA B 137 12.90 -31.30 1.51
N SER B 138 13.81 -31.67 2.42
CA SER B 138 14.96 -32.48 2.03
C SER B 138 14.57 -33.93 1.77
N VAL B 139 13.49 -34.41 2.40
CA VAL B 139 13.02 -35.76 2.15
C VAL B 139 12.43 -35.88 0.75
N GLN B 140 11.75 -34.82 0.29
CA GLN B 140 11.03 -34.84 -0.98
C GLN B 140 11.87 -35.31 -2.17
N PRO B 141 13.11 -34.86 -2.39
CA PRO B 141 13.87 -35.34 -3.56
C PRO B 141 14.07 -36.83 -3.60
N SER B 142 14.16 -37.50 -2.45
CA SER B 142 14.26 -38.96 -2.45
C SER B 142 12.98 -39.59 -2.98
N ARG B 143 11.82 -39.03 -2.62
CA ARG B 143 10.57 -39.51 -3.20
C ARG B 143 10.56 -39.29 -4.70
N ASP B 144 11.09 -38.15 -5.16
CA ASP B 144 11.22 -37.91 -6.59
C ASP B 144 12.11 -38.97 -7.24
N ARG B 145 13.25 -39.27 -6.62
CA ARG B 145 14.15 -40.29 -7.16
C ARG B 145 13.47 -41.65 -7.21
N LYS B 146 12.73 -42.01 -6.15
CA LYS B 146 12.12 -43.32 -6.08
C LYS B 146 11.06 -43.51 -7.16
N GLU B 147 10.18 -42.52 -7.35
CA GLU B 147 9.12 -42.69 -8.33
C GLU B 147 9.68 -42.66 -9.75
N LYS B 148 10.74 -41.88 -9.96
CA LYS B 148 11.45 -41.92 -11.24
C LYS B 148 12.04 -43.30 -11.50
N ILE B 149 12.57 -43.93 -10.45
CA ILE B 149 13.17 -45.25 -10.59
C ILE B 149 12.13 -46.28 -11.00
N THR B 150 11.00 -46.33 -10.28
CA THR B 150 9.99 -47.34 -10.61
C THR B 150 9.34 -47.05 -11.96
N ASP B 151 9.23 -45.76 -12.32
CA ASP B 151 8.71 -45.41 -13.64
C ASP B 151 9.63 -45.94 -14.74
N GLU B 152 10.94 -45.74 -14.59
CA GLU B 152 11.87 -46.21 -15.61
C GLU B 152 11.88 -47.73 -15.72
N ILE B 153 11.89 -48.43 -14.58
CA ILE B 153 11.94 -49.89 -14.65
C ILE B 153 10.65 -50.46 -15.24
N ALA B 154 9.51 -49.85 -14.91
CA ALA B 154 8.25 -50.28 -15.50
C ALA B 154 8.23 -50.04 -17.00
N HIS B 155 8.68 -48.86 -17.44
CA HIS B 155 8.70 -48.56 -18.87
C HIS B 155 9.67 -49.47 -19.62
N LEU B 156 10.87 -49.69 -19.06
CA LEU B 156 11.84 -50.55 -19.72
C LEU B 156 11.35 -51.99 -19.77
N LYS B 157 10.74 -52.47 -18.69
CA LYS B 157 10.19 -53.83 -18.68
C LYS B 157 9.07 -53.96 -19.71
N TYR B 158 8.24 -52.93 -19.84
CA TYR B 158 7.19 -52.96 -20.86
C TYR B 158 7.78 -53.01 -22.26
N LYS B 159 8.85 -52.25 -22.51
CA LYS B 159 9.47 -52.25 -23.83
C LYS B 159 10.10 -53.60 -24.15
N ASP B 160 10.92 -54.13 -23.23
CA ASP B 160 11.57 -55.42 -23.42
C ASP B 160 12.20 -55.90 -22.12
N PRO B 161 12.05 -57.18 -21.77
CA PRO B 161 12.70 -57.70 -20.56
C PRO B 161 14.19 -57.96 -20.71
N GLN B 162 14.73 -57.91 -21.93
CA GLN B 162 16.13 -58.20 -22.17
C GLN B 162 17.03 -56.98 -22.07
N SER B 163 16.47 -55.82 -21.72
CA SER B 163 17.27 -54.60 -21.59
C SER B 163 18.31 -54.76 -20.48
N THR B 164 19.54 -54.35 -20.76
CA THR B 164 20.63 -54.47 -19.80
C THR B 164 20.50 -53.50 -18.64
N LYS B 165 19.69 -52.45 -18.77
CA LYS B 165 19.54 -51.48 -17.69
C LYS B 165 18.59 -51.94 -16.60
N ILE B 166 17.78 -52.97 -16.86
CA ILE B 166 16.82 -53.46 -15.87
C ILE B 166 17.51 -54.25 -14.77
N PRO B 167 18.55 -55.06 -15.05
CA PRO B 167 19.28 -55.69 -13.94
C PRO B 167 19.81 -54.71 -12.91
N VAL B 168 20.28 -53.54 -13.34
CA VAL B 168 20.76 -52.55 -12.39
C VAL B 168 19.63 -51.66 -11.86
N LEU B 169 18.55 -51.53 -12.63
CA LEU B 169 17.41 -50.74 -12.14
C LEU B 169 16.66 -51.46 -11.03
N GLU B 170 16.59 -52.80 -11.08
CA GLU B 170 15.97 -53.55 -10.00
C GLU B 170 16.73 -53.33 -8.69
N GLN B 171 18.05 -53.42 -8.74
CA GLN B 171 18.85 -53.12 -7.55
C GLN B 171 18.74 -51.66 -7.17
N GLU B 172 18.58 -50.77 -8.17
CA GLU B 172 18.38 -49.36 -7.88
C GLU B 172 17.07 -49.12 -7.12
N LEU B 173 16.04 -49.92 -7.41
CA LEU B 173 14.80 -49.82 -6.64
C LEU B 173 15.02 -50.24 -5.20
N VAL B 174 15.75 -51.34 -4.98
CA VAL B 174 16.08 -51.75 -3.62
C VAL B 174 16.99 -50.72 -2.96
N ARG B 175 17.97 -50.22 -3.71
CA ARG B 175 18.82 -49.09 -3.32
C ARG B 175 17.99 -47.96 -2.71
N ALA B 176 17.06 -47.43 -3.51
CA ALA B 176 16.22 -46.34 -3.04
C ALA B 176 15.21 -46.78 -1.99
N GLU B 177 14.87 -48.07 -1.95
CA GLU B 177 13.92 -48.55 -0.94
C GLU B 177 14.50 -48.42 0.46
N ALA B 178 15.69 -48.96 0.69
CA ALA B 178 16.35 -48.78 1.98
C ALA B 178 16.71 -47.32 2.20
N GLU B 179 17.18 -46.64 1.15
CA GLU B 179 17.46 -45.21 1.20
C GLU B 179 16.28 -44.44 1.79
N SER B 180 15.10 -44.57 1.17
CA SER B 180 13.94 -43.82 1.62
C SER B 180 13.43 -44.29 2.97
N LEU B 181 13.55 -45.60 3.25
CA LEU B 181 12.95 -46.16 4.45
C LEU B 181 13.57 -45.58 5.72
N VAL B 182 14.89 -45.44 5.74
CA VAL B 182 15.57 -45.05 6.98
C VAL B 182 15.13 -43.66 7.43
N ALA B 183 15.05 -42.71 6.50
CA ALA B 183 14.69 -41.36 6.89
C ALA B 183 13.19 -41.10 6.86
N GLU B 184 12.41 -41.96 6.20
CA GLU B 184 10.96 -41.90 6.40
C GLU B 184 10.61 -42.19 7.85
N ALA B 185 11.27 -43.20 8.43
CA ALA B 185 11.05 -43.52 9.84
C ALA B 185 11.48 -42.36 10.74
N GLN B 186 12.65 -41.79 10.48
CA GLN B 186 13.09 -40.68 11.33
C GLN B 186 12.30 -39.41 11.02
N LEU B 187 11.75 -39.29 9.81
CA LEU B 187 10.89 -38.16 9.51
C LEU B 187 9.66 -38.16 10.41
N SER B 188 9.04 -39.33 10.58
CA SER B 188 7.96 -39.44 11.54
C SER B 188 8.45 -39.16 12.96
N ASN B 189 9.64 -39.66 13.30
CA ASN B 189 10.18 -39.44 14.64
C ASN B 189 10.42 -37.95 14.90
N ILE B 190 11.11 -37.28 13.98
CA ILE B 190 11.47 -35.88 14.21
C ILE B 190 10.23 -34.99 14.14
N THR B 191 9.29 -35.30 13.25
CA THR B 191 8.06 -34.53 13.19
C THR B 191 7.29 -34.62 14.49
N ARG B 192 7.17 -35.83 15.05
CA ARG B 192 6.43 -36.02 16.29
C ARG B 192 7.11 -35.31 17.45
N GLU B 193 8.41 -35.53 17.62
CA GLU B 193 9.12 -34.93 18.74
C GLU B 193 9.17 -33.40 18.62
N LYS B 194 9.43 -32.88 17.42
CA LYS B 194 9.55 -31.44 17.25
C LYS B 194 8.20 -30.75 17.35
N LEU B 195 7.14 -31.34 16.79
CA LEU B 195 5.82 -30.73 16.92
C LEU B 195 5.36 -30.74 18.37
N LYS B 196 5.60 -31.84 19.10
CA LYS B 196 5.22 -31.89 20.50
C LYS B 196 5.98 -30.85 21.31
N ALA B 197 7.29 -30.77 21.11
CA ALA B 197 8.09 -29.80 21.85
C ALA B 197 7.72 -28.37 21.47
N ALA B 198 7.54 -28.10 20.18
CA ALA B 198 7.24 -26.75 19.73
C ALA B 198 5.90 -26.27 20.26
N TYR B 199 4.88 -27.13 20.21
CA TYR B 199 3.55 -26.70 20.64
C TYR B 199 3.41 -26.74 22.16
N SER B 200 4.17 -27.60 22.84
CA SER B 200 4.24 -27.51 24.29
C SER B 200 4.89 -26.19 24.73
N TYR B 201 5.96 -25.80 24.04
CA TYR B 201 6.58 -24.50 24.31
C TYR B 201 5.64 -23.35 23.92
N MET B 202 4.95 -23.49 22.79
CA MET B 202 4.03 -22.45 22.36
C MET B 202 2.86 -22.30 23.34
N PHE B 203 2.32 -23.42 23.81
CA PHE B 203 1.25 -23.35 24.80
C PHE B 203 1.76 -22.90 26.16
N ASP B 204 3.03 -23.19 26.46
CA ASP B 204 3.65 -22.63 27.65
C ASP B 204 3.74 -21.12 27.56
N SER B 205 4.13 -20.60 26.39
CA SER B 205 4.13 -19.16 26.17
C SER B 205 2.72 -18.59 26.25
N LEU B 206 1.74 -19.31 25.70
CA LEU B 206 0.35 -18.86 25.78
C LEU B 206 -0.12 -18.81 27.22
N ARG B 207 0.20 -19.84 28.01
CA ARG B 207 -0.16 -19.84 29.43
C ARG B 207 0.53 -18.71 30.17
N GLU B 208 1.81 -18.48 29.88
CA GLU B 208 2.55 -17.39 30.52
C GLU B 208 1.89 -16.05 30.22
N LEU B 209 1.63 -15.77 28.94
CA LEU B 209 0.98 -14.53 28.55
C LEU B 209 -0.42 -14.44 29.14
N SER B 210 -1.15 -15.55 29.16
CA SER B 210 -2.53 -15.53 29.63
C SER B 210 -2.62 -15.18 31.10
N GLU B 211 -1.83 -15.85 31.94
CA GLU B 211 -1.92 -15.61 33.37
C GLU B 211 -1.39 -14.23 33.73
N LYS B 212 -0.32 -13.78 33.06
CA LYS B 212 0.15 -12.42 33.29
C LYS B 212 -0.90 -11.40 32.89
N PHE B 213 -1.55 -11.60 31.74
CA PHE B 213 -2.66 -10.75 31.33
C PHE B 213 -3.74 -10.69 32.40
N ALA B 214 -4.13 -11.86 32.93
CA ALA B 214 -5.19 -11.91 33.93
C ALA B 214 -4.77 -11.21 35.22
N LEU B 215 -3.53 -11.40 35.65
CA LEU B 215 -3.06 -10.78 36.88
C LEU B 215 -3.10 -9.26 36.78
N ILE B 216 -2.61 -8.72 35.66
CA ILE B 216 -2.67 -7.26 35.48
C ILE B 216 -4.11 -6.79 35.34
N ALA B 217 -4.98 -7.57 34.70
CA ALA B 217 -6.37 -7.16 34.53
C ALA B 217 -7.09 -7.09 35.87
N GLY B 218 -6.90 -8.11 36.72
CA GLY B 218 -7.52 -8.09 38.03
C GLY B 218 -7.00 -6.98 38.92
N TYR B 219 -5.68 -6.76 38.91
CA TYR B 219 -5.11 -5.70 39.72
C TYR B 219 -5.49 -4.32 39.19
N GLY B 220 -5.75 -4.23 37.88
CA GLY B 220 -6.34 -3.01 37.35
C GLY B 220 -7.75 -2.80 37.84
N LYS B 221 -8.51 -3.87 38.01
CA LYS B 221 -9.83 -3.76 38.63
C LYS B 221 -9.71 -3.21 40.05
N ALA B 222 -8.75 -3.71 40.82
CA ALA B 222 -8.48 -3.13 42.13
C ALA B 222 -8.00 -1.69 42.03
N LEU B 223 -7.20 -1.39 41.00
CA LEU B 223 -6.79 0.00 40.77
C LEU B 223 -7.98 0.90 40.47
N LEU B 224 -8.94 0.39 39.69
CA LEU B 224 -10.13 1.17 39.36
C LEU B 224 -11.03 1.43 40.55
N GLU B 225 -10.82 0.72 41.67
CA GLU B 225 -11.64 0.96 42.85
C GLU B 225 -11.40 2.35 43.43
N LEU B 226 -10.21 2.91 43.22
CA LEU B 226 -9.91 4.27 43.67
C LEU B 226 -10.38 5.31 42.66
N LEU B 227 -11.65 5.23 42.29
CA LEU B 227 -12.25 6.11 41.28
C LEU B 227 -13.66 6.43 41.75
N ASP B 228 -13.82 7.61 42.36
CA ASP B 228 -15.12 8.00 42.88
C ASP B 228 -16.10 8.26 41.75
N ASP B 229 -17.29 7.68 41.87
CA ASP B 229 -18.36 7.89 40.89
C ASP B 229 -19.50 8.74 41.46
N SER B 230 -19.23 9.49 42.52
CA SER B 230 -20.27 10.30 43.14
C SER B 230 -20.70 11.42 42.20
N PRO B 231 -22.00 11.66 42.05
CA PRO B 231 -22.48 12.76 41.18
C PRO B 231 -22.50 14.10 41.91
N VAL B 232 -21.34 14.74 41.96
CA VAL B 232 -21.22 16.01 42.68
C VAL B 232 -22.00 17.08 41.94
N THR B 233 -22.82 17.82 42.69
CA THR B 233 -23.63 18.88 42.09
C THR B 233 -22.77 20.09 41.77
N PRO B 234 -23.12 20.84 40.73
CA PRO B 234 -22.35 22.04 40.39
C PRO B 234 -22.42 23.09 41.48
N GLY B 235 -21.31 23.81 41.67
CA GLY B 235 -21.20 24.84 42.68
C GLY B 235 -20.52 24.43 43.95
N GLU B 236 -20.26 23.13 44.14
CA GLU B 236 -19.61 22.62 45.34
C GLU B 236 -18.22 22.09 45.00
N ALA B 237 -17.25 22.40 45.84
CA ALA B 237 -15.88 21.96 45.63
C ALA B 237 -15.75 20.46 45.96
N ARG B 238 -14.68 19.87 45.42
CA ARG B 238 -14.34 18.47 45.61
C ARG B 238 -13.32 18.29 46.74
N PRO B 239 -13.51 17.28 47.58
CA PRO B 239 -12.42 16.90 48.51
C PRO B 239 -11.20 16.44 47.74
N ALA B 240 -10.03 16.76 48.29
CA ALA B 240 -8.78 16.46 47.60
C ALA B 240 -8.53 14.95 47.54
N TYR B 241 -7.89 14.53 46.45
CA TYR B 241 -7.52 13.13 46.29
C TYR B 241 -6.48 12.73 47.33
N ASP B 242 -6.61 11.51 47.84
CA ASP B 242 -5.70 11.01 48.87
C ASP B 242 -5.17 9.61 48.59
N GLY B 243 -5.70 8.89 47.60
CA GLY B 243 -5.27 7.54 47.32
C GLY B 243 -4.00 7.45 46.49
N TYR B 244 -3.04 8.35 46.75
CA TYR B 244 -1.78 8.30 46.02
C TYR B 244 -0.96 7.09 46.43
N GLU B 245 -0.82 6.85 47.74
CA GLU B 245 -0.05 5.71 48.21
C GLU B 245 -0.83 4.40 48.07
N ALA B 246 -2.15 4.45 48.11
CA ALA B 246 -2.94 3.23 47.92
C ALA B 246 -2.77 2.67 46.52
N SER B 247 -2.80 3.53 45.50
CA SER B 247 -2.53 3.09 44.15
C SER B 247 -1.07 2.69 43.98
N ARG B 248 -0.16 3.38 44.69
CA ARG B 248 1.25 3.01 44.66
C ARG B 248 1.45 1.62 45.25
N GLN B 249 0.79 1.32 46.35
CA GLN B 249 0.90 0.01 46.97
C GLN B 249 0.28 -1.08 46.10
N ILE B 250 -0.78 -0.74 45.35
CA ILE B 250 -1.40 -1.71 44.45
C ILE B 250 -0.41 -2.17 43.40
N ILE B 251 0.37 -1.24 42.83
CA ILE B 251 1.39 -1.61 41.86
C ILE B 251 2.46 -2.48 42.50
N MET B 252 2.87 -2.16 43.74
CA MET B 252 3.87 -2.97 44.42
C MET B 252 3.40 -4.40 44.60
N ASP B 253 2.14 -4.60 44.98
CA ASP B 253 1.61 -5.96 45.07
C ASP B 253 1.58 -6.59 43.69
N ALA B 254 1.22 -5.82 42.66
CA ALA B 254 1.25 -6.33 41.30
C ALA B 254 2.66 -6.74 40.89
N GLU B 255 3.65 -5.90 41.16
CA GLU B 255 5.04 -6.25 40.87
C GLU B 255 5.50 -7.43 41.72
N SER B 256 5.08 -7.46 43.00
CA SER B 256 5.45 -8.57 43.86
C SER B 256 4.91 -9.90 43.32
N ALA B 257 3.66 -9.91 42.89
CA ALA B 257 3.12 -11.09 42.23
C ALA B 257 3.72 -11.28 40.84
N LEU B 258 4.21 -10.21 40.22
CA LEU B 258 4.82 -10.31 38.91
C LEU B 258 6.16 -11.02 38.98
N GLU B 259 7.01 -10.63 39.93
CA GLU B 259 8.34 -11.20 40.08
C GLU B 259 8.34 -12.54 40.79
N SER B 260 7.20 -12.99 41.30
CA SER B 260 7.09 -14.25 42.01
C SER B 260 6.22 -15.25 41.25
N TRP B 261 6.36 -15.25 39.93
CA TRP B 261 5.60 -16.15 39.06
C TRP B 261 6.51 -17.29 38.62
N THR B 262 6.17 -18.51 39.04
CA THR B 262 6.88 -19.71 38.63
C THR B 262 5.88 -20.70 38.05
N LEU B 263 6.35 -21.51 37.11
CA LEU B 263 5.48 -22.50 36.47
C LEU B 263 5.00 -23.58 37.44
N ASP B 264 5.66 -23.74 38.60
CA ASP B 264 5.20 -24.70 39.59
C ASP B 264 3.81 -24.33 40.09
N MET B 265 3.57 -23.05 40.35
CA MET B 265 2.26 -22.57 40.76
C MET B 265 1.44 -22.17 39.55
N ALA B 266 0.12 -22.37 39.65
CA ALA B 266 -0.79 -22.03 38.56
C ALA B 266 -2.19 -21.89 39.14
N ALA B 267 -2.71 -20.66 39.13
CA ALA B 267 -4.06 -20.44 39.62
C ALA B 267 -5.09 -21.17 38.76
N VAL B 268 -4.90 -21.15 37.45
CA VAL B 268 -5.78 -21.89 36.55
C VAL B 268 -5.55 -23.38 36.74
N LYS B 269 -6.60 -24.09 37.16
CA LYS B 269 -6.53 -25.52 37.44
C LYS B 269 -7.57 -26.23 36.58
N PRO B 270 -7.20 -26.69 35.39
CA PRO B 270 -8.16 -27.43 34.56
C PRO B 270 -8.59 -28.73 35.22
N THR B 271 -9.84 -29.09 34.99
CA THR B 271 -10.42 -30.30 35.58
C THR B 271 -10.07 -31.53 34.76
N MET C 1 -26.99 -32.90 12.27
CA MET C 1 -26.17 -33.85 11.55
C MET C 1 -25.07 -34.39 12.45
N HIS C 2 -24.21 -35.24 11.89
CA HIS C 2 -23.06 -35.79 12.61
C HIS C 2 -21.80 -35.25 11.96
N ARG C 3 -21.01 -34.52 12.73
CA ARG C 3 -19.75 -33.96 12.26
C ARG C 3 -18.65 -34.25 13.26
N THR C 4 -17.41 -34.29 12.78
CA THR C 4 -16.28 -34.56 13.65
C THR C 4 -15.73 -33.27 14.23
N TYR C 5 -14.92 -33.41 15.28
CA TYR C 5 -14.27 -32.27 15.93
C TYR C 5 -13.00 -31.90 15.18
N SER C 6 -13.20 -31.37 13.98
CA SER C 6 -12.10 -30.98 13.12
C SER C 6 -12.56 -29.89 12.18
N LEU C 7 -11.62 -29.07 11.74
CA LEU C 7 -11.94 -28.02 10.77
C LEU C 7 -12.22 -28.60 9.40
N ARG C 8 -11.94 -29.89 9.22
CA ARG C 8 -12.21 -30.56 7.96
C ARG C 8 -13.72 -30.71 7.76
N ASN C 9 -14.16 -30.59 6.50
CA ASN C 9 -15.59 -30.72 6.22
C ASN C 9 -16.05 -32.16 6.37
N GLN C 10 -15.19 -33.12 6.08
CA GLN C 10 -15.58 -34.52 6.15
C GLN C 10 -15.91 -34.93 7.58
N ARG C 11 -16.98 -35.71 7.73
CA ARG C 11 -17.44 -36.15 9.04
C ARG C 11 -16.91 -37.54 9.37
N ALA C 12 -17.13 -37.95 10.62
CA ALA C 12 -16.73 -39.28 11.05
C ALA C 12 -17.55 -40.34 10.31
N PRO C 13 -16.94 -41.43 9.87
CA PRO C 13 -17.69 -42.46 9.14
C PRO C 13 -18.70 -43.15 10.04
N THR C 14 -19.81 -43.55 9.44
CA THR C 14 -20.86 -44.28 10.14
C THR C 14 -20.48 -45.75 10.27
N ALA C 15 -21.12 -46.44 11.21
CA ALA C 15 -20.87 -47.87 11.38
C ALA C 15 -21.18 -48.65 10.11
N ALA C 16 -22.22 -48.24 9.37
CA ALA C 16 -22.48 -48.86 8.07
C ALA C 16 -21.33 -48.62 7.11
N GLU C 17 -20.76 -47.40 7.12
CA GLU C 17 -19.62 -47.09 6.28
C GLU C 17 -18.37 -47.86 6.71
N LEU C 18 -18.30 -48.29 7.97
CA LEU C 18 -17.15 -49.07 8.41
C LEU C 18 -17.10 -50.41 7.69
N GLN C 19 -18.24 -51.09 7.54
CA GLN C 19 -18.25 -52.37 6.86
C GLN C 19 -18.00 -52.21 5.36
N ALA C 20 -18.64 -51.20 4.74
CA ALA C 20 -18.49 -50.95 3.32
C ALA C 20 -17.99 -49.52 3.12
N PRO C 21 -16.79 -49.31 2.59
CA PRO C 21 -16.29 -47.96 2.42
C PRO C 21 -17.16 -47.18 1.45
N PRO C 22 -17.27 -45.86 1.64
CA PRO C 22 -18.14 -45.07 0.78
C PRO C 22 -17.61 -45.06 -0.65
N PRO C 23 -18.50 -45.03 -1.63
CA PRO C 23 -18.06 -45.00 -3.03
C PRO C 23 -17.54 -43.62 -3.41
N PRO C 24 -16.79 -43.52 -4.50
CA PRO C 24 -16.32 -42.21 -4.96
C PRO C 24 -17.49 -41.33 -5.39
N PRO C 25 -17.32 -40.01 -5.40
CA PRO C 25 -18.43 -39.13 -5.77
C PRO C 25 -18.92 -39.39 -7.18
N SER C 26 -20.21 -39.16 -7.39
CA SER C 26 -20.84 -39.47 -8.66
C SER C 26 -20.24 -38.62 -9.79
N SER C 27 -20.18 -39.22 -10.97
CA SER C 27 -19.63 -38.57 -12.16
C SER C 27 -20.67 -37.70 -12.87
N THR C 28 -21.77 -37.34 -12.21
CA THR C 28 -22.80 -36.51 -12.79
C THR C 28 -22.73 -35.07 -12.30
N LYS C 29 -21.58 -34.64 -11.81
CA LYS C 29 -21.39 -33.27 -11.34
C LYS C 29 -21.28 -32.35 -12.56
N SER C 30 -22.43 -31.97 -13.10
CA SER C 30 -22.47 -31.14 -14.29
C SER C 30 -21.92 -29.75 -14.01
N LYS C 31 -21.14 -29.23 -14.95
CA LYS C 31 -20.57 -27.89 -14.83
C LYS C 31 -21.56 -26.86 -15.38
N PHE C 32 -22.67 -26.71 -14.65
CA PHE C 32 -23.74 -25.81 -15.03
C PHE C 32 -24.39 -25.27 -13.76
N PHE C 33 -25.58 -24.69 -13.91
CA PHE C 33 -26.28 -24.16 -12.74
C PHE C 33 -26.65 -25.28 -11.77
N GLY C 34 -27.17 -26.38 -12.28
CA GLY C 34 -27.44 -27.54 -11.46
C GLY C 34 -28.63 -27.45 -10.54
N LYS C 35 -29.46 -26.40 -10.66
CA LYS C 35 -30.61 -26.21 -9.77
C LYS C 35 -31.86 -26.02 -10.64
N ALA C 36 -32.45 -27.14 -11.05
CA ALA C 36 -33.72 -27.19 -11.77
C ALA C 36 -33.82 -26.12 -12.85
N SER C 37 -32.87 -26.19 -13.80
CA SER C 37 -32.83 -25.31 -14.97
C SER C 37 -32.70 -23.85 -14.50
N ILE C 38 -33.29 -22.92 -15.24
CA ILE C 38 -33.18 -21.50 -14.96
C ILE C 38 -34.51 -20.91 -14.50
N ALA C 39 -35.62 -21.39 -15.05
CA ALA C 39 -36.93 -20.81 -14.73
C ALA C 39 -37.23 -20.93 -13.25
N SER C 40 -36.93 -22.07 -12.64
CA SER C 40 -37.13 -22.23 -11.20
C SER C 40 -36.27 -21.26 -10.41
N SER C 41 -35.01 -21.09 -10.82
CA SER C 41 -34.11 -20.17 -10.10
C SER C 41 -34.59 -18.73 -10.22
N PHE C 42 -35.00 -18.31 -11.42
CA PHE C 42 -35.57 -16.97 -11.58
C PHE C 42 -36.89 -16.83 -10.84
N ARG C 43 -37.69 -17.90 -10.82
CA ARG C 43 -38.92 -17.88 -10.03
C ARG C 43 -38.64 -17.73 -8.55
N LYS C 44 -37.53 -18.32 -8.07
CA LYS C 44 -37.21 -18.24 -6.65
C LYS C 44 -37.01 -16.80 -6.20
N ASN C 45 -36.31 -16.00 -7.02
CA ASN C 45 -36.16 -14.58 -6.70
C ASN C 45 -37.48 -13.83 -6.82
N ALA C 46 -38.36 -14.26 -7.73
CA ALA C 46 -39.61 -13.54 -7.96
C ALA C 46 -40.54 -13.61 -6.76
N ALA C 47 -40.45 -14.67 -5.95
CA ALA C 47 -41.32 -14.78 -4.78
C ALA C 47 -41.07 -13.66 -3.79
N GLY C 48 -39.81 -13.29 -3.59
CA GLY C 48 -39.43 -12.20 -2.72
C GLY C 48 -39.33 -10.84 -3.37
N ASN C 49 -39.82 -10.71 -4.61
CA ASN C 49 -39.73 -9.45 -5.33
C ASN C 49 -40.95 -8.56 -5.09
N PHE C 50 -42.15 -9.11 -5.30
CA PHE C 50 -43.39 -8.34 -5.26
C PHE C 50 -44.40 -9.01 -4.34
N GLY C 51 -43.96 -9.38 -3.14
CA GLY C 51 -44.84 -9.99 -2.16
C GLY C 51 -44.80 -9.24 -0.84
N PRO C 52 -45.76 -9.55 0.04
CA PRO C 52 -45.76 -8.94 1.37
C PRO C 52 -44.48 -9.28 2.14
N GLU C 53 -43.98 -8.30 2.90
CA GLU C 53 -42.72 -8.47 3.60
C GLU C 53 -42.78 -9.61 4.59
N LEU C 54 -43.88 -9.70 5.35
CA LEU C 54 -44.01 -10.75 6.36
C LEU C 54 -44.02 -12.14 5.72
N ALA C 55 -44.73 -12.29 4.61
CA ALA C 55 -44.92 -13.58 3.97
C ALA C 55 -43.92 -13.85 2.85
N ARG C 56 -42.88 -13.01 2.71
CA ARG C 56 -41.91 -13.22 1.65
C ARG C 56 -41.20 -14.55 1.81
N LYS C 57 -40.82 -14.89 3.04
CA LYS C 57 -40.15 -16.18 3.29
C LYS C 57 -41.11 -17.34 3.05
N LEU C 58 -42.36 -17.22 3.52
CA LEU C 58 -43.34 -18.28 3.27
C LEU C 58 -43.74 -18.36 1.80
N SER C 59 -43.83 -17.22 1.12
CA SER C 59 -44.13 -17.25 -0.31
C SER C 59 -43.06 -18.04 -1.06
N GLN C 60 -41.80 -17.88 -0.67
CA GLN C 60 -40.76 -18.75 -1.19
C GLN C 60 -40.95 -20.18 -0.74
N LEU C 61 -41.30 -20.38 0.53
CA LEU C 61 -41.29 -21.71 1.12
C LEU C 61 -42.28 -22.64 0.44
N VAL C 62 -43.54 -22.23 0.31
CA VAL C 62 -44.55 -23.11 -0.28
C VAL C 62 -44.22 -23.38 -1.74
N LYS C 63 -43.80 -22.34 -2.47
CA LYS C 63 -43.46 -22.51 -3.88
C LYS C 63 -42.14 -23.26 -4.05
N THR C 64 -41.23 -23.13 -3.10
CA THR C 64 -39.99 -23.92 -3.16
C THR C 64 -40.30 -25.41 -3.14
N GLU C 65 -41.29 -25.82 -2.33
CA GLU C 65 -41.72 -27.20 -2.31
C GLU C 65 -42.34 -27.63 -3.64
N LYS C 66 -42.85 -26.68 -4.43
CA LYS C 66 -43.26 -27.01 -5.79
C LYS C 66 -42.06 -27.43 -6.62
N GLY C 67 -40.91 -26.80 -6.40
CA GLY C 67 -39.68 -27.26 -7.01
C GLY C 67 -39.31 -28.67 -6.59
N VAL C 68 -39.58 -29.02 -5.33
CA VAL C 68 -39.43 -30.40 -4.88
C VAL C 68 -40.38 -31.30 -5.66
N LEU C 69 -41.63 -30.86 -5.81
CA LEU C 69 -42.63 -31.67 -6.49
C LEU C 69 -42.31 -31.85 -7.97
N ARG C 70 -41.93 -30.77 -8.65
CA ARG C 70 -41.60 -30.86 -10.07
C ARG C 70 -40.39 -31.75 -10.30
N ALA C 71 -39.36 -31.59 -9.48
CA ALA C 71 -38.17 -32.43 -9.62
C ALA C 71 -38.48 -33.88 -9.28
N MET C 72 -39.27 -34.11 -8.23
CA MET C 72 -39.64 -35.48 -7.86
C MET C 72 -40.58 -36.09 -8.89
N GLU C 73 -41.40 -35.26 -9.55
CA GLU C 73 -42.23 -35.76 -10.64
C GLU C 73 -41.37 -36.32 -11.76
N VAL C 74 -40.27 -35.65 -12.09
CA VAL C 74 -39.35 -36.17 -13.09
C VAL C 74 -38.71 -37.46 -12.61
N VAL C 75 -38.29 -37.50 -11.34
CA VAL C 75 -37.66 -38.69 -10.80
C VAL C 75 -38.62 -39.88 -10.85
N ALA C 76 -39.87 -39.67 -10.40
CA ALA C 76 -40.83 -40.76 -10.42
C ALA C 76 -41.16 -41.21 -11.83
N SER C 77 -41.34 -40.26 -12.74
CA SER C 77 -41.73 -40.60 -14.11
C SER C 77 -40.56 -41.16 -14.92
N GLU C 78 -39.37 -40.60 -14.75
CA GLU C 78 -38.24 -41.03 -15.57
C GLU C 78 -37.64 -42.33 -15.06
N ARG C 79 -37.62 -42.54 -13.74
CA ARG C 79 -37.28 -43.85 -13.21
C ARG C 79 -38.30 -44.90 -13.62
N ARG C 80 -39.56 -44.48 -13.77
CA ARG C 80 -40.59 -45.38 -14.28
C ARG C 80 -40.22 -45.91 -15.66
N GLU C 81 -39.59 -45.08 -16.48
CA GLU C 81 -39.13 -45.53 -17.79
C GLU C 81 -37.99 -46.53 -17.64
N ALA C 82 -37.18 -46.40 -16.59
CA ALA C 82 -36.09 -47.35 -16.38
C ALA C 82 -36.61 -48.76 -16.13
N ALA C 83 -37.70 -48.88 -15.37
CA ALA C 83 -38.33 -50.18 -15.20
C ALA C 83 -38.86 -50.69 -16.54
N LYS C 84 -39.43 -49.80 -17.35
CA LYS C 84 -39.87 -50.18 -18.69
C LYS C 84 -38.72 -50.73 -19.52
N GLN C 85 -37.59 -50.02 -19.55
CA GLN C 85 -36.49 -50.44 -20.41
C GLN C 85 -35.75 -51.65 -19.83
N LEU C 86 -35.64 -51.73 -18.50
CA LEU C 86 -34.95 -52.86 -17.89
C LEU C 86 -35.64 -54.18 -18.22
N SER C 87 -36.95 -54.26 -18.00
CA SER C 87 -37.67 -55.50 -18.29
C SER C 87 -37.65 -55.80 -19.78
N LEU C 88 -37.55 -54.77 -20.61
CA LEU C 88 -37.49 -54.99 -22.06
C LEU C 88 -36.20 -55.72 -22.45
N TRP C 89 -35.09 -55.37 -21.80
CA TRP C 89 -33.81 -56.00 -22.14
C TRP C 89 -33.79 -57.48 -21.77
N GLY C 90 -34.70 -57.91 -20.90
CA GLY C 90 -34.72 -59.31 -20.50
C GLY C 90 -34.97 -60.27 -21.64
N ALA C 91 -35.51 -59.77 -22.75
CA ALA C 91 -35.79 -60.64 -23.90
C ALA C 91 -34.52 -61.25 -24.47
N ASP C 92 -33.52 -60.41 -24.79
CA ASP C 92 -32.29 -60.88 -25.42
C ASP C 92 -31.32 -61.39 -24.36
N ASN C 93 -31.81 -62.33 -23.56
CA ASN C 93 -31.03 -62.95 -22.50
C ASN C 93 -31.61 -64.33 -22.23
N ASP C 94 -30.88 -65.11 -21.43
CA ASP C 94 -31.33 -66.44 -21.04
C ASP C 94 -32.58 -66.35 -20.19
N ASP C 95 -33.32 -67.45 -20.10
CA ASP C 95 -34.62 -67.49 -19.43
C ASP C 95 -34.51 -67.12 -17.96
N ASP C 96 -33.46 -67.60 -17.29
CA ASP C 96 -33.30 -67.31 -15.87
C ASP C 96 -33.16 -65.80 -15.66
N VAL C 97 -32.29 -65.17 -16.45
CA VAL C 97 -32.10 -63.72 -16.35
C VAL C 97 -33.40 -63.01 -16.72
N SER C 98 -34.10 -63.49 -17.75
CA SER C 98 -35.33 -62.85 -18.17
C SER C 98 -36.37 -62.82 -17.06
N ASP C 99 -36.57 -63.96 -16.39
CA ASP C 99 -37.56 -64.03 -15.31
C ASP C 99 -37.15 -63.13 -14.15
N VAL C 100 -35.88 -63.15 -13.76
CA VAL C 100 -35.43 -62.31 -12.65
C VAL C 100 -35.53 -60.84 -13.03
N THR C 101 -35.15 -60.49 -14.27
CA THR C 101 -35.10 -59.09 -14.66
C THR C 101 -36.48 -58.47 -14.73
N ASP C 102 -37.43 -59.14 -15.39
CA ASP C 102 -38.76 -58.55 -15.53
C ASP C 102 -39.48 -58.51 -14.18
N LYS C 103 -39.24 -59.50 -13.31
CA LYS C 103 -39.76 -59.42 -11.96
C LYS C 103 -39.16 -58.23 -11.21
N LEU C 104 -37.86 -58.00 -11.38
CA LEU C 104 -37.24 -56.80 -10.81
C LEU C 104 -37.87 -55.54 -11.37
N GLY C 105 -38.25 -55.57 -12.66
CA GLY C 105 -38.94 -54.42 -13.24
C GLY C 105 -40.29 -54.17 -12.60
N VAL C 106 -41.00 -55.26 -12.25
CA VAL C 106 -42.25 -55.12 -11.52
C VAL C 106 -42.01 -54.46 -10.17
N LEU C 107 -40.97 -54.89 -9.47
CA LEU C 107 -40.71 -54.34 -8.14
C LEU C 107 -40.32 -52.86 -8.23
N ILE C 108 -39.52 -52.50 -9.24
CA ILE C 108 -39.16 -51.10 -9.43
C ILE C 108 -40.37 -50.29 -9.87
N TYR C 109 -41.27 -50.90 -10.65
CA TYR C 109 -42.52 -50.24 -11.01
C TYR C 109 -43.31 -49.88 -9.75
N GLU C 110 -43.38 -50.81 -8.79
CA GLU C 110 -44.02 -50.52 -7.52
C GLU C 110 -43.29 -49.41 -6.77
N LEU C 111 -41.97 -49.36 -6.89
CA LEU C 111 -41.17 -48.31 -6.28
C LEU C 111 -41.61 -46.95 -6.81
N GLY C 112 -41.79 -46.85 -8.13
CA GLY C 112 -42.25 -45.62 -8.74
C GLY C 112 -43.67 -45.24 -8.36
N GLU C 113 -44.57 -46.23 -8.31
CA GLU C 113 -45.95 -45.95 -7.93
C GLU C 113 -46.05 -45.41 -6.51
N LEU C 114 -45.33 -46.03 -5.57
CA LEU C 114 -45.34 -45.54 -4.20
C LEU C 114 -44.75 -44.14 -4.13
N GLN C 115 -43.73 -43.86 -4.95
CA GLN C 115 -43.21 -42.51 -5.04
C GLN C 115 -44.29 -41.52 -5.44
N ASP C 116 -45.11 -41.89 -6.43
CA ASP C 116 -46.16 -40.98 -6.89
C ASP C 116 -47.15 -40.66 -5.79
N GLN C 117 -47.53 -41.66 -4.98
CA GLN C 117 -48.38 -41.40 -3.83
C GLN C 117 -47.69 -40.47 -2.83
N PHE C 118 -46.37 -40.63 -2.69
CA PHE C 118 -45.62 -39.73 -1.80
C PHE C 118 -45.68 -38.29 -2.30
N ILE C 119 -45.56 -38.09 -3.61
CA ILE C 119 -45.65 -36.73 -4.17
C ILE C 119 -47.05 -36.15 -3.95
N ASP C 120 -48.09 -37.00 -4.04
CA ASP C 120 -49.44 -36.52 -3.79
C ASP C 120 -49.59 -36.02 -2.35
N LYS C 121 -49.13 -36.81 -1.38
CA LYS C 121 -49.18 -36.38 0.01
C LYS C 121 -48.25 -35.18 0.24
N TYR C 122 -47.13 -35.13 -0.46
CA TYR C 122 -46.25 -33.97 -0.39
C TYR C 122 -46.96 -32.71 -0.87
N ASP C 123 -47.79 -32.85 -1.92
CA ASP C 123 -48.58 -31.72 -2.39
C ASP C 123 -49.56 -31.25 -1.32
N GLN C 124 -50.18 -32.18 -0.61
CA GLN C 124 -51.10 -31.80 0.46
C GLN C 124 -50.38 -31.01 1.55
N TYR C 125 -49.18 -31.45 1.93
CA TYR C 125 -48.39 -30.69 2.90
C TYR C 125 -48.03 -29.32 2.35
N ARG C 126 -47.72 -29.24 1.06
CA ARG C 126 -47.46 -27.95 0.43
C ARG C 126 -48.71 -27.07 0.43
N VAL C 127 -49.88 -27.68 0.25
CA VAL C 127 -51.12 -26.90 0.19
C VAL C 127 -51.42 -26.26 1.54
N THR C 128 -51.30 -27.03 2.62
CA THR C 128 -51.54 -26.43 3.94
C THR C 128 -50.45 -25.43 4.30
N LEU C 129 -49.24 -25.62 3.79
CA LEU C 129 -48.23 -24.57 3.92
C LEU C 129 -48.63 -23.30 3.16
N LYS C 130 -49.30 -23.46 2.01
CA LYS C 130 -49.85 -22.31 1.32
C LYS C 130 -50.94 -21.63 2.15
N SER C 131 -51.73 -22.42 2.88
CA SER C 131 -52.81 -21.85 3.69
C SER C 131 -52.25 -20.99 4.82
N ILE C 132 -51.25 -21.49 5.54
CA ILE C 132 -50.65 -20.68 6.60
C ILE C 132 -49.93 -19.47 5.99
N ARG C 133 -49.40 -19.61 4.79
CA ARG C 133 -48.87 -18.46 4.07
C ARG C 133 -49.96 -17.42 3.84
N ASN C 134 -51.15 -17.87 3.46
CA ASN C 134 -52.23 -16.94 3.12
C ASN C 134 -52.67 -16.12 4.33
N ILE C 135 -52.85 -16.78 5.48
CA ILE C 135 -53.32 -16.06 6.65
C ILE C 135 -52.24 -15.13 7.18
N GLU C 136 -50.98 -15.57 7.16
CA GLU C 136 -49.88 -14.70 7.58
C GLU C 136 -49.77 -13.48 6.68
N ALA C 137 -49.93 -13.69 5.37
CA ALA C 137 -49.94 -12.57 4.44
C ALA C 137 -51.13 -11.64 4.69
N SER C 138 -52.24 -12.19 5.19
CA SER C 138 -53.39 -11.37 5.55
C SER C 138 -53.15 -10.60 6.85
N VAL C 139 -52.30 -11.13 7.72
CA VAL C 139 -51.97 -10.44 8.96
C VAL C 139 -51.11 -9.21 8.67
N GLN C 140 -50.24 -9.29 7.67
CA GLN C 140 -49.28 -8.23 7.38
C GLN C 140 -49.91 -6.85 7.20
N PRO C 141 -51.01 -6.67 6.45
CA PRO C 141 -51.56 -5.31 6.30
C PRO C 141 -51.94 -4.65 7.62
N SER C 142 -52.36 -5.42 8.62
CA SER C 142 -52.64 -4.83 9.93
C SER C 142 -51.38 -4.27 10.56
N ARG C 143 -50.25 -4.99 10.42
CA ARG C 143 -48.98 -4.44 10.89
C ARG C 143 -48.64 -3.16 10.15
N ASP C 144 -48.90 -3.13 8.84
CA ASP C 144 -48.72 -1.90 8.07
C ASP C 144 -49.57 -0.77 8.63
N ARG C 145 -50.85 -1.06 8.90
CA ARG C 145 -51.74 -0.03 9.43
C ARG C 145 -51.25 0.44 10.80
N LYS C 146 -50.80 -0.47 11.65
CA LYS C 146 -50.40 -0.09 13.00
C LYS C 146 -49.17 0.80 12.99
N GLU C 147 -48.14 0.47 12.20
CA GLU C 147 -46.93 1.29 12.21
C GLU C 147 -47.19 2.63 11.54
N LYS C 148 -48.08 2.67 10.55
CA LYS C 148 -48.49 3.93 9.96
C LYS C 148 -49.20 4.79 11.01
N ILE C 149 -50.02 4.17 11.86
CA ILE C 149 -50.75 4.91 12.88
C ILE C 149 -49.78 5.55 13.89
N THR C 150 -48.85 4.75 14.42
CA THR C 150 -47.93 5.31 15.42
C THR C 150 -46.99 6.32 14.79
N ASP C 151 -46.63 6.14 13.51
CA ASP C 151 -45.81 7.11 12.82
C ASP C 151 -46.54 8.45 12.71
N GLU C 152 -47.82 8.42 12.32
CA GLU C 152 -48.58 9.66 12.18
C GLU C 152 -48.76 10.37 13.52
N ILE C 153 -49.10 9.61 14.58
CA ILE C 153 -49.33 10.26 15.86
C ILE C 153 -48.03 10.83 16.41
N ALA C 154 -46.90 10.13 16.21
CA ALA C 154 -45.62 10.67 16.65
C ALA C 154 -45.26 11.93 15.89
N HIS C 155 -45.46 11.93 14.57
CA HIS C 155 -45.14 13.11 13.77
C HIS C 155 -46.05 14.29 14.12
N LEU C 156 -47.35 14.04 14.27
CA LEU C 156 -48.28 15.10 14.63
C LEU C 156 -47.98 15.66 16.02
N LYS C 157 -47.67 14.78 16.97
CA LYS C 157 -47.32 15.24 18.32
C LYS C 157 -46.05 16.06 18.30
N TYR C 158 -45.06 15.67 17.47
CA TYR C 158 -43.84 16.45 17.34
C TYR C 158 -44.13 17.83 16.75
N LYS C 159 -45.03 17.89 15.76
CA LYS C 159 -45.36 19.18 15.15
C LYS C 159 -46.07 20.09 16.13
N ASP C 160 -47.12 19.58 16.78
CA ASP C 160 -47.89 20.36 17.75
C ASP C 160 -48.84 19.45 18.54
N PRO C 161 -48.93 19.63 19.86
CA PRO C 161 -49.87 18.82 20.65
C PRO C 161 -51.31 19.26 20.53
N GLN C 162 -51.59 20.42 19.92
CA GLN C 162 -52.94 20.96 19.83
C GLN C 162 -53.67 20.50 18.56
N SER C 163 -53.04 19.65 17.74
CA SER C 163 -53.69 19.16 16.54
C SER C 163 -54.93 18.36 16.87
N THR C 164 -56.02 18.63 16.14
CA THR C 164 -57.29 17.95 16.39
C THR C 164 -57.29 16.49 15.96
N LYS C 165 -56.34 16.09 15.12
CA LYS C 165 -56.28 14.70 14.66
C LYS C 165 -55.64 13.77 15.68
N ILE C 166 -54.94 14.29 16.67
CA ILE C 166 -54.27 13.46 17.68
C ILE C 166 -55.28 12.87 18.66
N PRO C 167 -56.33 13.59 19.09
CA PRO C 167 -57.36 12.93 19.93
C PRO C 167 -57.94 11.68 19.30
N VAL C 168 -58.16 11.68 17.98
CA VAL C 168 -58.70 10.49 17.33
C VAL C 168 -57.59 9.51 16.95
N LEU C 169 -56.35 9.99 16.76
CA LEU C 169 -55.26 9.07 16.45
C LEU C 169 -54.84 8.25 17.67
N GLU C 170 -54.95 8.82 18.87
CA GLU C 170 -54.68 8.05 20.08
C GLU C 170 -55.64 6.87 20.20
N GLN C 171 -56.94 7.13 20.00
CA GLN C 171 -57.92 6.06 20.01
C GLN C 171 -57.68 5.11 18.83
N GLU C 172 -57.21 5.65 17.70
CA GLU C 172 -56.89 4.79 16.56
C GLU C 172 -55.75 3.83 16.89
N LEU C 173 -54.80 4.26 17.71
CA LEU C 173 -53.74 3.37 18.16
C LEU C 173 -54.30 2.25 19.02
N VAL C 174 -55.21 2.59 19.96
CA VAL C 174 -55.86 1.56 20.76
C VAL C 174 -56.74 0.68 19.88
N ARG C 175 -57.47 1.29 18.96
CA ARG C 175 -58.22 0.61 17.90
C ARG C 175 -57.40 -0.50 17.26
N ALA C 176 -56.26 -0.12 16.67
CA ALA C 176 -55.40 -1.09 16.02
C ALA C 176 -54.70 -2.02 17.02
N GLU C 177 -54.53 -1.58 18.27
CA GLU C 177 -53.89 -2.44 19.27
C GLU C 177 -54.72 -3.69 19.55
N ALA C 178 -56.01 -3.50 19.87
CA ALA C 178 -56.89 -4.66 20.05
C ALA C 178 -57.08 -5.39 18.74
N GLU C 179 -57.23 -4.64 17.64
CA GLU C 179 -57.32 -5.22 16.30
C GLU C 179 -56.21 -6.22 16.05
N SER C 180 -54.95 -5.78 16.19
CA SER C 180 -53.81 -6.64 15.89
C SER C 180 -53.66 -7.74 16.93
N LEU C 181 -54.00 -7.47 18.19
CA LEU C 181 -53.74 -8.41 19.26
C LEU C 181 -54.53 -9.71 19.07
N VAL C 182 -55.80 -9.61 18.68
CA VAL C 182 -56.66 -10.79 18.66
C VAL C 182 -56.15 -11.81 17.64
N ALA C 183 -55.75 -11.36 16.45
CA ALA C 183 -55.30 -12.29 15.43
C ALA C 183 -53.81 -12.57 15.50
N GLU C 184 -53.03 -11.74 16.19
CA GLU C 184 -51.66 -12.15 16.50
C GLU C 184 -51.65 -13.39 17.37
N ALA C 185 -52.55 -13.43 18.37
CA ALA C 185 -52.67 -14.62 19.21
C ALA C 185 -53.11 -15.83 18.41
N GLN C 186 -54.13 -15.66 17.55
CA GLN C 186 -54.58 -16.81 16.77
C GLN C 186 -53.58 -17.14 15.67
N LEU C 187 -52.78 -16.18 15.22
CA LEU C 187 -51.73 -16.46 14.26
C LEU C 187 -50.73 -17.44 14.84
N SER C 188 -50.32 -17.22 16.08
CA SER C 188 -49.48 -18.22 16.76
C SER C 188 -50.20 -19.54 16.91
N ASN C 189 -51.50 -19.48 17.27
CA ASN C 189 -52.27 -20.71 17.43
C ASN C 189 -52.35 -21.50 16.14
N ILE C 190 -52.75 -20.85 15.05
CA ILE C 190 -52.96 -21.55 13.79
C ILE C 190 -51.63 -22.02 13.21
N THR C 191 -50.58 -21.21 13.36
CA THR C 191 -49.26 -21.63 12.88
C THR C 191 -48.80 -22.90 13.60
N ARG C 192 -48.96 -22.93 14.93
CA ARG C 192 -48.51 -24.08 15.70
C ARG C 192 -49.32 -25.33 15.33
N GLU C 193 -50.65 -25.21 15.33
CA GLU C 193 -51.49 -26.37 15.05
C GLU C 193 -51.31 -26.86 13.62
N LYS C 194 -51.26 -25.93 12.66
CA LYS C 194 -51.14 -26.33 11.25
C LYS C 194 -49.76 -26.90 10.94
N LEU C 195 -48.70 -26.30 11.48
CA LEU C 195 -47.36 -26.84 11.24
C LEU C 195 -47.21 -28.22 11.87
N LYS C 196 -47.73 -28.40 13.08
CA LYS C 196 -47.67 -29.71 13.72
C LYS C 196 -48.44 -30.75 12.92
N ALA C 197 -49.67 -30.43 12.51
CA ALA C 197 -50.46 -31.37 11.73
C ALA C 197 -49.83 -31.64 10.37
N ALA C 198 -49.36 -30.59 9.70
CA ALA C 198 -48.80 -30.77 8.36
C ALA C 198 -47.53 -31.63 8.39
N TYR C 199 -46.64 -31.38 9.36
CA TYR C 199 -45.40 -32.13 9.39
C TYR C 199 -45.58 -33.51 10.02
N SER C 200 -46.57 -33.68 10.89
CA SER C 200 -46.93 -35.03 11.33
C SER C 200 -47.47 -35.85 10.16
N TYR C 201 -48.32 -35.24 9.33
CA TYR C 201 -48.80 -35.91 8.13
C TYR C 201 -47.66 -36.14 7.13
N MET C 202 -46.77 -35.15 6.99
CA MET C 202 -45.65 -35.30 6.07
C MET C 202 -44.71 -36.41 6.52
N PHE C 203 -44.42 -36.48 7.83
CA PHE C 203 -43.58 -37.55 8.34
C PHE C 203 -44.30 -38.89 8.32
N ASP C 204 -45.63 -38.87 8.44
CA ASP C 204 -46.40 -40.09 8.24
C ASP C 204 -46.27 -40.59 6.81
N SER C 205 -46.34 -39.68 5.84
CA SER C 205 -46.10 -40.05 4.45
C SER C 205 -44.68 -40.54 4.25
N LEU C 206 -43.71 -39.89 4.90
CA LEU C 206 -42.33 -40.34 4.80
C LEU C 206 -42.15 -41.74 5.37
N ARG C 207 -42.76 -42.00 6.53
CA ARG C 207 -42.70 -43.34 7.13
C ARG C 207 -43.38 -44.37 6.23
N GLU C 208 -44.54 -44.01 5.66
CA GLU C 208 -45.23 -44.92 4.75
C GLU C 208 -44.35 -45.27 3.56
N LEU C 209 -43.80 -44.25 2.90
CA LEU C 209 -42.93 -44.48 1.75
C LEU C 209 -41.68 -45.25 2.16
N SER C 210 -41.12 -44.93 3.33
CA SER C 210 -39.87 -45.55 3.76
C SER C 210 -40.05 -47.05 4.00
N GLU C 211 -41.08 -47.42 4.76
CA GLU C 211 -41.26 -48.83 5.08
C GLU C 211 -41.67 -49.64 3.85
N LYS C 212 -42.49 -49.05 2.98
CA LYS C 212 -42.82 -49.74 1.73
C LYS C 212 -41.58 -49.92 0.87
N PHE C 213 -40.74 -48.89 0.77
CA PHE C 213 -39.47 -49.01 0.06
C PHE C 213 -38.64 -50.16 0.63
N ALA C 214 -38.52 -50.23 1.95
CA ALA C 214 -37.71 -51.27 2.57
C ALA C 214 -38.29 -52.65 2.34
N LEU C 215 -39.61 -52.79 2.41
CA LEU C 215 -40.24 -54.09 2.21
C LEU C 215 -39.97 -54.61 0.79
N ILE C 216 -40.14 -53.75 -0.21
CA ILE C 216 -39.85 -54.16 -1.58
C ILE C 216 -38.36 -54.42 -1.78
N ALA C 217 -37.50 -53.64 -1.13
CA ALA C 217 -36.06 -53.85 -1.27
C ALA C 217 -35.63 -55.20 -0.70
N GLY C 218 -36.12 -55.54 0.49
CA GLY C 218 -35.78 -56.82 1.08
C GLY C 218 -36.33 -58.00 0.29
N TYR C 219 -37.58 -57.88 -0.18
CA TYR C 219 -38.16 -58.96 -0.96
C TYR C 219 -37.50 -59.08 -2.34
N GLY C 220 -36.97 -57.96 -2.85
CA GLY C 220 -36.12 -58.04 -4.03
C GLY C 220 -34.82 -58.77 -3.76
N LYS C 221 -34.27 -58.62 -2.55
CA LYS C 221 -33.10 -59.41 -2.18
C LYS C 221 -33.43 -60.89 -2.17
N ALA C 222 -34.60 -61.26 -1.63
CA ALA C 222 -35.05 -62.64 -1.73
C ALA C 222 -35.31 -63.05 -3.17
N LEU C 223 -35.82 -62.13 -3.99
CA LEU C 223 -36.00 -62.41 -5.41
C LEU C 223 -34.66 -62.66 -6.10
N LEU C 224 -33.64 -61.89 -5.74
CA LEU C 224 -32.32 -62.05 -6.32
C LEU C 224 -31.65 -63.37 -5.94
N GLU C 225 -32.17 -64.08 -4.93
CA GLU C 225 -31.59 -65.36 -4.55
C GLU C 225 -31.76 -66.40 -5.65
N LEU C 226 -32.79 -66.26 -6.47
CA LEU C 226 -33.01 -67.17 -7.61
C LEU C 226 -32.21 -66.72 -8.82
N LEU C 227 -30.90 -66.53 -8.63
CA LEU C 227 -30.00 -66.06 -9.68
C LEU C 227 -28.68 -66.80 -9.52
N ASP C 228 -28.50 -67.85 -10.33
CA ASP C 228 -27.29 -68.66 -10.24
C ASP C 228 -26.07 -67.86 -10.69
N ASP C 229 -25.02 -67.91 -9.88
CA ASP C 229 -23.76 -67.26 -10.20
C ASP C 229 -22.66 -68.26 -10.54
N SER C 230 -23.05 -69.49 -10.89
CA SER C 230 -22.06 -70.51 -11.20
C SER C 230 -21.30 -70.17 -12.47
N PRO C 231 -19.97 -70.30 -12.49
CA PRO C 231 -19.18 -70.02 -13.70
C PRO C 231 -19.14 -71.21 -14.64
N VAL C 232 -20.19 -71.36 -15.44
CA VAL C 232 -20.28 -72.49 -16.36
C VAL C 232 -19.22 -72.36 -17.45
N THR C 233 -18.49 -73.43 -17.69
CA THR C 233 -17.45 -73.44 -18.69
C THR C 233 -18.06 -73.50 -20.09
N PRO C 234 -17.39 -72.90 -21.08
CA PRO C 234 -17.92 -72.96 -22.45
C PRO C 234 -17.94 -74.38 -22.99
N GLY C 235 -18.96 -74.68 -23.79
CA GLY C 235 -19.13 -75.98 -24.38
C GLY C 235 -20.12 -76.88 -23.68
N GLU C 236 -20.58 -76.50 -22.49
CA GLU C 236 -21.52 -77.30 -21.72
C GLU C 236 -22.87 -76.59 -21.63
N ALA C 237 -23.94 -77.35 -21.81
CA ALA C 237 -25.28 -76.79 -21.75
C ALA C 237 -25.68 -76.47 -20.32
N ARG C 238 -26.68 -75.60 -20.18
CA ARG C 238 -27.24 -75.17 -18.90
C ARG C 238 -28.47 -75.98 -18.54
N PRO C 239 -28.60 -76.38 -17.27
CA PRO C 239 -29.89 -76.92 -16.80
C PRO C 239 -30.99 -75.86 -16.92
N ALA C 240 -32.19 -76.32 -17.24
CA ALA C 240 -33.30 -75.40 -17.48
C ALA C 240 -33.72 -74.71 -16.18
N TYR C 241 -34.18 -73.47 -16.32
CA TYR C 241 -34.69 -72.72 -15.18
C TYR C 241 -35.96 -73.36 -14.64
N ASP C 242 -36.10 -73.36 -13.32
CA ASP C 242 -37.27 -73.97 -12.68
C ASP C 242 -37.90 -73.09 -11.61
N GLY C 243 -37.28 -71.98 -11.22
CA GLY C 243 -37.82 -71.14 -10.17
C GLY C 243 -38.89 -70.17 -10.66
N TYR C 244 -39.76 -70.63 -11.57
CA TYR C 244 -40.84 -69.77 -12.05
C TYR C 244 -41.88 -69.55 -10.97
N GLU C 245 -42.31 -70.63 -10.29
CA GLU C 245 -43.30 -70.49 -9.23
C GLU C 245 -42.70 -69.95 -7.94
N ALA C 246 -41.41 -70.18 -7.70
CA ALA C 246 -40.77 -69.65 -6.51
C ALA C 246 -40.74 -68.13 -6.54
N SER C 247 -40.38 -67.55 -7.70
CA SER C 247 -40.42 -66.10 -7.84
C SER C 247 -41.86 -65.60 -7.85
N ARG C 248 -42.78 -66.39 -8.40
CA ARG C 248 -44.19 -66.01 -8.35
C ARG C 248 -44.70 -65.97 -6.92
N GLN C 249 -44.32 -66.95 -6.09
CA GLN C 249 -44.73 -66.98 -4.70
C GLN C 249 -44.10 -65.83 -3.91
N ILE C 250 -42.87 -65.44 -4.27
CA ILE C 250 -42.21 -64.33 -3.60
C ILE C 250 -43.01 -63.05 -3.76
N ILE C 251 -43.52 -62.81 -4.97
CA ILE C 251 -44.36 -61.63 -5.20
C ILE C 251 -45.65 -61.71 -4.38
N MET C 252 -46.26 -62.91 -4.32
CA MET C 252 -47.47 -63.07 -3.53
C MET C 252 -47.25 -62.72 -2.07
N ASP C 253 -46.14 -63.17 -1.50
CA ASP C 253 -45.81 -62.79 -0.13
C ASP C 253 -45.58 -61.29 -0.04
N ALA C 254 -44.92 -60.70 -1.05
CA ALA C 254 -44.73 -59.27 -1.09
C ALA C 254 -46.07 -58.53 -1.15
N GLU C 255 -46.98 -58.99 -2.02
CA GLU C 255 -48.30 -58.38 -2.08
C GLU C 255 -49.08 -58.62 -0.80
N SER C 256 -48.95 -59.83 -0.21
CA SER C 256 -49.64 -60.12 1.04
C SER C 256 -49.18 -59.18 2.15
N ALA C 257 -47.86 -58.96 2.26
CA ALA C 257 -47.36 -57.97 3.20
C ALA C 257 -47.69 -56.55 2.75
N LEU C 258 -47.89 -56.35 1.44
CA LEU C 258 -48.23 -55.03 0.94
C LEU C 258 -49.64 -54.62 1.33
N GLU C 259 -50.60 -55.53 1.15
CA GLU C 259 -52.00 -55.25 1.46
C GLU C 259 -52.32 -55.36 2.94
N SER C 260 -51.38 -55.81 3.76
CA SER C 260 -51.60 -55.97 5.19
C SER C 260 -50.72 -55.00 5.99
N TRP C 261 -50.58 -53.78 5.49
CA TRP C 261 -49.79 -52.74 6.13
C TRP C 261 -50.73 -51.77 6.83
N THR C 262 -50.65 -51.71 8.15
CA THR C 262 -51.41 -50.76 8.96
C THR C 262 -50.45 -49.99 9.85
N LEU C 263 -50.82 -48.74 10.15
CA LEU C 263 -49.98 -47.90 10.99
C LEU C 263 -49.85 -48.41 12.42
N ASP C 264 -50.75 -49.31 12.85
CA ASP C 264 -50.62 -49.88 14.18
C ASP C 264 -49.34 -50.69 14.31
N MET C 265 -48.99 -51.45 13.28
CA MET C 265 -47.74 -52.20 13.27
C MET C 265 -46.64 -51.37 12.62
N ALA C 266 -45.42 -51.57 13.11
CA ALA C 266 -44.26 -50.85 12.58
C ALA C 266 -43.01 -51.61 12.94
N ALA C 267 -42.34 -52.17 11.94
CA ALA C 267 -41.10 -52.90 12.19
C ALA C 267 -40.03 -51.96 12.74
N VAL C 268 -39.93 -50.75 12.20
CA VAL C 268 -38.99 -49.76 12.73
C VAL C 268 -39.45 -49.32 14.11
N LYS C 269 -38.62 -49.56 15.11
CA LYS C 269 -38.93 -49.24 16.50
C LYS C 269 -37.84 -48.32 17.05
N PRO C 270 -38.01 -47.00 16.95
CA PRO C 270 -37.00 -46.09 17.50
C PRO C 270 -36.90 -46.24 19.02
N THR C 271 -35.67 -46.06 19.52
CA THR C 271 -35.41 -46.20 20.95
C THR C 271 -35.74 -44.91 21.69
N MET D 1 -47.08 -55.45 -9.51
CA MET D 1 -47.90 -54.48 -8.80
C MET D 1 -49.17 -55.14 -8.31
N HIS D 2 -50.05 -54.34 -7.70
CA HIS D 2 -51.35 -54.80 -7.23
C HIS D 2 -52.42 -54.10 -8.05
N ARG D 3 -53.21 -54.88 -8.78
CA ARG D 3 -54.31 -54.36 -9.59
C ARG D 3 -55.58 -55.16 -9.32
N THR D 4 -56.72 -54.53 -9.55
CA THR D 4 -57.99 -55.20 -9.32
C THR D 4 -58.45 -55.92 -10.59
N TYR D 5 -59.42 -56.82 -10.41
CA TYR D 5 -59.98 -57.57 -11.53
C TYR D 5 -61.08 -56.74 -12.19
N SER D 6 -60.64 -55.68 -12.86
CA SER D 6 -61.54 -54.77 -13.54
C SER D 6 -60.80 -54.09 -14.67
N LEU D 7 -61.56 -53.68 -15.69
CA LEU D 7 -60.96 -52.97 -16.82
C LEU D 7 -60.56 -51.55 -16.41
N ARG D 8 -60.99 -51.11 -15.23
CA ARG D 8 -60.62 -49.81 -14.72
C ARG D 8 -59.14 -49.77 -14.37
N ASN D 9 -58.50 -48.62 -14.60
CA ASN D 9 -57.08 -48.51 -14.30
C ASN D 9 -56.83 -48.47 -12.80
N GLN D 10 -57.77 -47.90 -12.04
CA GLN D 10 -57.58 -47.78 -10.60
C GLN D 10 -57.51 -49.16 -9.93
N ARG D 11 -56.60 -49.30 -8.99
CA ARG D 11 -56.39 -50.56 -8.29
C ARG D 11 -57.15 -50.58 -6.96
N ALA D 12 -57.17 -51.76 -6.34
CA ALA D 12 -57.80 -51.90 -5.04
C ALA D 12 -57.02 -51.11 -3.99
N PRO D 13 -57.71 -50.40 -3.08
CA PRO D 13 -57.00 -49.61 -2.07
C PRO D 13 -56.23 -50.50 -1.10
N THR D 14 -55.09 -49.98 -0.64
CA THR D 14 -54.27 -50.68 0.34
C THR D 14 -54.87 -50.49 1.74
N ALA D 15 -54.46 -51.38 2.66
CA ALA D 15 -54.92 -51.28 4.04
C ALA D 15 -54.54 -49.94 4.66
N ALA D 16 -53.36 -49.41 4.31
CA ALA D 16 -52.99 -48.07 4.76
C ALA D 16 -53.94 -47.03 4.19
N GLU D 17 -54.34 -47.17 2.92
CA GLU D 17 -55.29 -46.27 2.32
C GLU D 17 -56.69 -46.40 2.93
N LEU D 18 -57.00 -47.55 3.54
CA LEU D 18 -58.29 -47.70 4.19
C LEU D 18 -58.42 -46.77 5.39
N GLN D 19 -57.36 -46.65 6.19
CA GLN D 19 -57.42 -45.76 7.35
C GLN D 19 -57.41 -44.30 6.92
N ALA D 20 -56.58 -43.94 5.95
CA ALA D 20 -56.48 -42.58 5.45
C ALA D 20 -56.75 -42.56 3.95
N PRO D 21 -57.83 -41.92 3.50
CA PRO D 21 -58.11 -41.93 2.06
C PRO D 21 -57.02 -41.22 1.29
N PRO D 22 -56.76 -41.65 0.05
CA PRO D 22 -55.67 -41.05 -0.72
C PRO D 22 -55.98 -39.59 -1.03
N PRO D 23 -54.95 -38.74 -1.07
CA PRO D 23 -55.18 -37.33 -1.38
C PRO D 23 -55.46 -37.13 -2.86
N PRO D 24 -56.02 -35.99 -3.24
CA PRO D 24 -56.23 -35.70 -4.66
C PRO D 24 -54.91 -35.58 -5.39
N PRO D 25 -54.91 -35.77 -6.71
CA PRO D 25 -53.64 -35.70 -7.46
C PRO D 25 -52.98 -34.33 -7.34
N SER D 26 -51.65 -34.33 -7.39
CA SER D 26 -50.89 -33.11 -7.19
C SER D 26 -51.20 -32.08 -8.28
N SER D 27 -51.17 -30.81 -7.88
CA SER D 27 -51.44 -29.70 -8.79
C SER D 27 -50.21 -29.27 -9.58
N THR D 28 -49.19 -30.12 -9.65
CA THR D 28 -47.97 -29.82 -10.39
C THR D 28 -47.92 -30.54 -11.75
N LYS D 29 -49.07 -30.95 -12.27
CA LYS D 29 -49.14 -31.62 -13.57
C LYS D 29 -48.96 -30.56 -14.66
N SER D 30 -47.69 -30.25 -14.94
CA SER D 30 -47.37 -29.23 -15.93
C SER D 30 -47.77 -29.68 -17.33
N LYS D 31 -48.33 -28.75 -18.11
CA LYS D 31 -48.73 -29.03 -19.48
C LYS D 31 -47.53 -28.78 -20.41
N PHE D 32 -46.55 -29.66 -20.27
CA PHE D 32 -45.31 -29.56 -21.04
C PHE D 32 -44.80 -30.98 -21.27
N PHE D 33 -43.53 -31.09 -21.69
CA PHE D 33 -42.94 -32.40 -21.92
C PHE D 33 -42.87 -33.21 -20.63
N GLY D 34 -42.43 -32.59 -19.54
CA GLY D 34 -42.44 -33.22 -18.25
C GLY D 34 -41.40 -34.29 -18.02
N LYS D 35 -40.43 -34.45 -18.92
CA LYS D 35 -39.40 -35.49 -18.81
C LYS D 35 -38.03 -34.84 -18.92
N ALA D 36 -37.54 -34.30 -17.80
CA ALA D 36 -36.19 -33.75 -17.67
C ALA D 36 -35.79 -32.89 -18.86
N SER D 37 -36.59 -31.84 -19.08
CA SER D 37 -36.34 -30.84 -20.12
C SER D 37 -36.35 -31.54 -21.49
N ILE D 38 -35.54 -31.04 -22.42
CA ILE D 38 -35.50 -31.55 -23.79
C ILE D 38 -34.19 -32.26 -24.09
N ALA D 39 -33.08 -31.77 -23.54
CA ALA D 39 -31.76 -32.34 -23.85
C ALA D 39 -31.70 -33.82 -23.47
N SER D 40 -32.25 -34.18 -22.30
CA SER D 40 -32.27 -35.58 -21.90
C SER D 40 -33.11 -36.41 -22.86
N SER D 41 -34.27 -35.88 -23.28
CA SER D 41 -35.13 -36.63 -24.20
C SER D 41 -34.45 -36.83 -25.56
N PHE D 42 -33.81 -35.77 -26.08
CA PHE D 42 -33.06 -35.91 -27.33
C PHE D 42 -31.85 -36.83 -27.15
N ARG D 43 -31.21 -36.76 -25.98
CA ARG D 43 -30.11 -37.69 -25.69
C ARG D 43 -30.60 -39.13 -25.67
N LYS D 44 -31.82 -39.35 -25.18
CA LYS D 44 -32.34 -40.72 -25.09
C LYS D 44 -32.41 -41.37 -26.47
N ASN D 45 -32.86 -40.63 -27.47
CA ASN D 45 -32.88 -41.17 -28.83
C ASN D 45 -31.47 -41.33 -29.39
N ALA D 46 -30.53 -40.49 -28.95
CA ALA D 46 -29.17 -40.53 -29.50
C ALA D 46 -28.44 -41.81 -29.12
N ALA D 47 -28.79 -42.42 -27.98
CA ALA D 47 -28.13 -43.64 -27.55
C ALA D 47 -28.37 -44.77 -28.54
N GLY D 48 -29.58 -44.87 -29.07
CA GLY D 48 -29.94 -45.86 -30.05
C GLY D 48 -29.76 -45.45 -31.48
N ASN D 49 -29.08 -44.32 -31.73
CA ASN D 49 -28.90 -43.82 -33.09
C ASN D 49 -27.62 -44.35 -33.73
N PHE D 50 -26.49 -44.20 -33.04
CA PHE D 50 -25.17 -44.53 -33.60
C PHE D 50 -24.40 -45.44 -32.65
N GLY D 51 -25.07 -46.49 -32.17
CA GLY D 51 -24.43 -47.46 -31.30
C GLY D 51 -24.55 -48.87 -31.82
N PRO D 52 -23.79 -49.79 -31.25
CA PRO D 52 -23.91 -51.20 -31.65
C PRO D 52 -25.31 -51.74 -31.39
N GLU D 53 -25.79 -52.58 -32.31
CA GLU D 53 -27.16 -53.08 -32.24
C GLU D 53 -27.39 -53.87 -30.96
N LEU D 54 -26.44 -54.73 -30.59
CA LEU D 54 -26.59 -55.55 -29.39
C LEU D 54 -26.67 -54.69 -28.14
N ALA D 55 -25.83 -53.66 -28.05
CA ALA D 55 -25.72 -52.84 -26.84
C ALA D 55 -26.58 -51.58 -26.91
N ARG D 56 -27.46 -51.46 -27.91
CA ARG D 56 -28.29 -50.27 -28.02
C ARG D 56 -29.19 -50.11 -26.80
N LYS D 57 -29.79 -51.21 -26.34
CA LYS D 57 -30.64 -51.15 -25.15
C LYS D 57 -29.82 -50.83 -23.90
N LEU D 58 -28.65 -51.47 -23.75
CA LEU D 58 -27.79 -51.17 -22.62
C LEU D 58 -27.20 -49.77 -22.70
N SER D 59 -26.85 -49.31 -23.90
CA SER D 59 -26.36 -47.94 -24.03
C SER D 59 -27.39 -46.93 -23.54
N GLN D 60 -28.67 -47.19 -23.84
CA GLN D 60 -29.73 -46.40 -23.23
C GLN D 60 -29.79 -46.62 -21.73
N LEU D 61 -29.67 -47.88 -21.29
CA LEU D 61 -29.93 -48.23 -19.90
C LEU D 61 -28.99 -47.52 -18.94
N VAL D 62 -27.68 -47.62 -19.17
CA VAL D 62 -26.73 -47.01 -18.24
C VAL D 62 -26.88 -45.50 -18.25
N LYS D 63 -27.03 -44.91 -19.44
CA LYS D 63 -27.19 -43.47 -19.54
C LYS D 63 -28.54 -43.01 -19.04
N THR D 64 -29.57 -43.86 -19.16
CA THR D 64 -30.87 -43.51 -18.59
C THR D 64 -30.77 -43.31 -17.08
N GLU D 65 -29.98 -44.15 -16.41
CA GLU D 65 -29.74 -43.99 -14.99
C GLU D 65 -29.00 -42.69 -14.69
N LYS D 66 -28.24 -42.15 -15.64
CA LYS D 66 -27.69 -40.80 -15.47
C LYS D 66 -28.81 -39.77 -15.37
N GLY D 67 -29.89 -39.96 -16.13
CA GLY D 67 -31.06 -39.12 -15.95
C GLY D 67 -31.67 -39.26 -14.57
N VAL D 68 -31.64 -40.47 -14.00
CA VAL D 68 -32.03 -40.65 -12.61
C VAL D 68 -31.10 -39.84 -11.70
N LEU D 69 -29.79 -39.93 -11.96
CA LEU D 69 -28.82 -39.25 -11.12
C LEU D 69 -28.94 -37.74 -11.21
N ARG D 70 -29.08 -37.21 -12.43
CA ARG D 70 -29.20 -35.76 -12.60
C ARG D 70 -30.47 -35.24 -11.96
N ALA D 71 -31.59 -35.94 -12.16
CA ALA D 71 -32.83 -35.51 -11.53
C ALA D 71 -32.77 -35.63 -10.02
N MET D 72 -32.19 -36.72 -9.51
CA MET D 72 -32.06 -36.89 -8.07
C MET D 72 -31.07 -35.90 -7.48
N GLU D 73 -30.06 -35.50 -8.27
CA GLU D 73 -29.15 -34.45 -7.82
C GLU D 73 -29.90 -33.16 -7.56
N VAL D 74 -30.84 -32.81 -8.45
CA VAL D 74 -31.66 -31.62 -8.23
C VAL D 74 -32.53 -31.80 -7.00
N VAL D 75 -33.13 -32.99 -6.84
CA VAL D 75 -33.99 -33.23 -5.68
C VAL D 75 -33.19 -33.09 -4.38
N ALA D 76 -32.02 -33.71 -4.33
CA ALA D 76 -31.21 -33.65 -3.12
C ALA D 76 -30.74 -32.22 -2.84
N SER D 77 -30.30 -31.51 -3.88
CA SER D 77 -29.76 -30.17 -3.70
C SER D 77 -30.87 -29.14 -3.45
N GLU D 78 -32.00 -29.26 -4.15
CA GLU D 78 -33.03 -28.23 -4.03
C GLU D 78 -33.86 -28.43 -2.77
N ARG D 79 -34.11 -29.69 -2.38
CA ARG D 79 -34.70 -29.94 -1.07
C ARG D 79 -33.77 -29.50 0.05
N ARG D 80 -32.46 -29.58 -0.18
CA ARG D 80 -31.49 -29.05 0.78
C ARG D 80 -31.73 -27.56 1.04
N GLU D 81 -32.10 -26.82 -0.01
CA GLU D 81 -32.44 -25.41 0.17
C GLU D 81 -33.70 -25.24 0.99
N ALA D 82 -34.63 -26.19 0.90
CA ALA D 82 -35.86 -26.11 1.69
C ALA D 82 -35.57 -26.17 3.18
N ALA D 83 -34.63 -27.02 3.58
CA ALA D 83 -34.21 -27.04 4.97
C ALA D 83 -33.56 -25.72 5.35
N LYS D 84 -32.77 -25.15 4.45
CA LYS D 84 -32.18 -23.83 4.68
C LYS D 84 -33.26 -22.78 4.93
N GLN D 85 -34.27 -22.73 4.06
CA GLN D 85 -35.29 -21.69 4.16
C GLN D 85 -36.24 -21.96 5.31
N LEU D 86 -36.56 -23.23 5.58
CA LEU D 86 -37.49 -23.55 6.67
C LEU D 86 -36.94 -23.08 8.00
N SER D 87 -35.69 -23.45 8.33
CA SER D 87 -35.10 -23.04 9.59
C SER D 87 -34.94 -21.53 9.67
N LEU D 88 -34.78 -20.87 8.53
CA LEU D 88 -34.66 -19.42 8.51
C LEU D 88 -35.96 -18.76 8.96
N TRP D 89 -37.10 -19.31 8.56
CA TRP D 89 -38.38 -18.71 8.91
C TRP D 89 -38.67 -18.82 10.41
N GLY D 90 -37.95 -19.71 11.10
CA GLY D 90 -38.18 -19.86 12.54
C GLY D 90 -37.89 -18.62 13.34
N ALA D 91 -37.13 -17.68 12.77
CA ALA D 91 -36.81 -16.45 13.49
C ALA D 91 -38.05 -15.63 13.79
N ASP D 92 -38.87 -15.34 12.78
CA ASP D 92 -40.04 -14.49 12.94
C ASP D 92 -41.22 -15.31 13.46
N ASN D 93 -40.98 -15.99 14.57
CA ASN D 93 -41.98 -16.83 15.22
C ASN D 93 -41.64 -16.93 16.70
N ASP D 94 -42.57 -17.50 17.46
CA ASP D 94 -42.36 -17.70 18.88
C ASP D 94 -41.24 -18.71 19.12
N ASP D 95 -40.68 -18.68 20.32
CA ASP D 95 -39.52 -19.51 20.66
C ASP D 95 -39.79 -21.00 20.51
N ASP D 96 -40.97 -21.44 20.92
CA ASP D 96 -41.31 -22.85 20.83
C ASP D 96 -41.28 -23.29 19.37
N VAL D 97 -41.93 -22.52 18.49
CA VAL D 97 -41.93 -22.85 17.07
C VAL D 97 -40.52 -22.77 16.51
N SER D 98 -39.74 -21.78 16.94
CA SER D 98 -38.38 -21.61 16.43
C SER D 98 -37.52 -22.83 16.74
N ASP D 99 -37.59 -23.32 17.99
CA ASP D 99 -36.79 -24.48 18.36
C ASP D 99 -37.23 -25.72 17.60
N VAL D 100 -38.54 -25.93 17.49
CA VAL D 100 -39.03 -27.10 16.76
C VAL D 100 -38.68 -27.00 15.28
N THR D 101 -38.83 -25.81 14.70
CA THR D 101 -38.63 -25.66 13.26
C THR D 101 -37.18 -25.86 12.86
N ASP D 102 -36.24 -25.22 13.56
CA ASP D 102 -34.84 -25.36 13.17
C ASP D 102 -34.34 -26.76 13.43
N LYS D 103 -34.82 -27.41 14.50
CA LYS D 103 -34.51 -28.82 14.71
C LYS D 103 -35.04 -29.68 13.57
N LEU D 104 -36.26 -29.39 13.10
CA LEU D 104 -36.80 -30.08 11.94
C LEU D 104 -35.92 -29.82 10.71
N GLY D 105 -35.37 -28.61 10.60
CA GLY D 105 -34.47 -28.32 9.51
C GLY D 105 -33.20 -29.15 9.57
N VAL D 106 -32.70 -29.39 10.78
CA VAL D 106 -31.56 -30.29 10.95
C VAL D 106 -31.90 -31.69 10.47
N LEU D 107 -33.09 -32.18 10.85
CA LEU D 107 -33.46 -33.53 10.47
C LEU D 107 -33.63 -33.65 8.96
N ILE D 108 -34.23 -32.63 8.33
CA ILE D 108 -34.37 -32.62 6.87
C ILE D 108 -33.00 -32.49 6.21
N TYR D 109 -32.09 -31.73 6.83
CA TYR D 109 -30.72 -31.66 6.31
C TYR D 109 -30.08 -33.04 6.28
N GLU D 110 -30.28 -33.83 7.34
CA GLU D 110 -29.81 -35.20 7.35
C GLU D 110 -30.48 -36.02 6.26
N LEU D 111 -31.75 -35.75 5.99
CA LEU D 111 -32.48 -36.44 4.94
C LEU D 111 -31.80 -36.20 3.60
N GLY D 112 -31.40 -34.96 3.33
CA GLY D 112 -30.71 -34.63 2.11
C GLY D 112 -29.32 -35.24 2.01
N GLU D 113 -28.58 -35.23 3.12
CA GLU D 113 -27.24 -35.81 3.12
C GLU D 113 -27.28 -37.30 2.82
N LEU D 114 -28.22 -38.03 3.46
CA LEU D 114 -28.34 -39.45 3.19
C LEU D 114 -28.75 -39.69 1.74
N GLN D 115 -29.59 -38.81 1.18
CA GLN D 115 -29.91 -38.90 -0.24
C GLN D 115 -28.65 -38.80 -1.08
N ASP D 116 -27.75 -37.88 -0.76
CA ASP D 116 -26.53 -37.70 -1.54
C ASP D 116 -25.68 -38.97 -1.53
N GLN D 117 -25.56 -39.63 -0.37
CA GLN D 117 -24.86 -40.90 -0.33
C GLN D 117 -25.56 -41.94 -1.19
N PHE D 118 -26.90 -41.91 -1.22
CA PHE D 118 -27.65 -42.82 -2.08
C PHE D 118 -27.32 -42.59 -3.55
N ILE D 119 -27.22 -41.33 -3.98
CA ILE D 119 -26.87 -41.04 -5.37
C ILE D 119 -25.46 -41.51 -5.67
N ASP D 120 -24.54 -41.41 -4.71
CA ASP D 120 -23.19 -41.91 -4.92
C ASP D 120 -23.18 -43.42 -5.17
N LYS D 121 -23.88 -44.18 -4.31
CA LYS D 121 -23.98 -45.61 -4.54
C LYS D 121 -24.76 -45.93 -5.80
N TYR D 122 -25.77 -45.11 -6.14
CA TYR D 122 -26.48 -45.27 -7.40
C TYR D 122 -25.53 -45.10 -8.58
N ASP D 123 -24.59 -44.15 -8.48
CA ASP D 123 -23.60 -43.98 -9.54
C ASP D 123 -22.72 -45.23 -9.68
N GLN D 124 -22.35 -45.84 -8.56
CA GLN D 124 -21.55 -47.06 -8.64
C GLN D 124 -22.32 -48.17 -9.35
N TYR D 125 -23.62 -48.32 -9.06
CA TYR D 125 -24.42 -49.31 -9.77
C TYR D 125 -24.52 -48.96 -11.25
N ARG D 126 -24.62 -47.67 -11.57
CA ARG D 126 -24.62 -47.25 -12.96
C ARG D 126 -23.28 -47.56 -13.63
N VAL D 127 -22.18 -47.42 -12.88
CA VAL D 127 -20.86 -47.64 -13.45
C VAL D 127 -20.68 -49.10 -13.83
N THR D 128 -21.05 -50.02 -12.94
CA THR D 128 -20.93 -51.43 -13.27
C THR D 128 -21.92 -51.83 -14.38
N LEU D 129 -23.06 -51.14 -14.46
CA LEU D 129 -23.93 -51.33 -15.62
C LEU D 129 -23.25 -50.86 -16.90
N LYS D 130 -22.45 -49.79 -16.82
CA LYS D 130 -21.65 -49.37 -17.97
C LYS D 130 -20.62 -50.43 -18.33
N SER D 131 -20.06 -51.12 -17.34
CA SER D 131 -19.05 -52.13 -17.60
C SER D 131 -19.63 -53.32 -18.36
N ILE D 132 -20.79 -53.82 -17.91
CA ILE D 132 -21.44 -54.91 -18.64
C ILE D 132 -21.89 -54.44 -20.02
N ARG D 133 -22.25 -53.16 -20.15
CA ARG D 133 -22.51 -52.60 -21.47
C ARG D 133 -21.27 -52.68 -22.35
N ASN D 134 -20.10 -52.39 -21.78
CA ASN D 134 -18.88 -52.34 -22.57
C ASN D 134 -18.52 -53.72 -23.12
N ILE D 135 -18.59 -54.75 -22.27
CA ILE D 135 -18.22 -56.08 -22.72
C ILE D 135 -19.23 -56.63 -23.72
N GLU D 136 -20.52 -56.37 -23.49
CA GLU D 136 -21.53 -56.81 -24.44
C GLU D 136 -21.36 -56.11 -25.79
N ALA D 137 -21.04 -54.80 -25.76
CA ALA D 137 -20.74 -54.09 -27.00
C ALA D 137 -19.49 -54.65 -27.67
N SER D 138 -18.55 -55.17 -26.89
CA SER D 138 -17.37 -55.81 -27.47
C SER D 138 -17.68 -57.18 -28.05
N VAL D 139 -18.72 -57.84 -27.53
CA VAL D 139 -19.14 -59.13 -28.08
C VAL D 139 -19.76 -58.95 -29.46
N GLN D 140 -20.49 -57.86 -29.66
CA GLN D 140 -21.25 -57.63 -30.89
C GLN D 140 -20.42 -57.76 -32.17
N PRO D 141 -19.21 -57.21 -32.28
CA PRO D 141 -18.46 -57.36 -33.55
C PRO D 141 -18.19 -58.80 -33.94
N SER D 142 -18.04 -59.71 -32.97
CA SER D 142 -17.87 -61.11 -33.30
C SER D 142 -19.13 -61.68 -33.95
N ARG D 143 -20.30 -61.27 -33.45
CA ARG D 143 -21.55 -61.68 -34.10
C ARG D 143 -21.61 -61.13 -35.52
N ASP D 144 -21.15 -59.88 -35.71
CA ASP D 144 -21.07 -59.31 -37.05
C ASP D 144 -20.16 -60.16 -37.93
N ARG D 145 -18.98 -60.53 -37.42
CA ARG D 145 -18.04 -61.34 -38.20
C ARG D 145 -18.65 -62.69 -38.54
N LYS D 146 -19.35 -63.31 -37.58
CA LYS D 146 -19.90 -64.65 -37.80
C LYS D 146 -20.98 -64.64 -38.88
N GLU D 147 -21.92 -63.68 -38.82
CA GLU D 147 -22.99 -63.68 -39.81
C GLU D 147 -22.46 -63.30 -41.18
N LYS D 148 -21.45 -62.44 -41.23
CA LYS D 148 -20.78 -62.13 -42.50
C LYS D 148 -20.13 -63.39 -43.06
N ILE D 149 -19.54 -64.21 -42.20
CA ILE D 149 -18.88 -65.43 -42.66
C ILE D 149 -19.88 -66.40 -43.27
N THR D 150 -20.99 -66.68 -42.57
CA THR D 150 -21.96 -67.62 -43.10
C THR D 150 -22.66 -67.06 -44.33
N ASP D 151 -22.84 -65.75 -44.40
CA ASP D 151 -23.41 -65.13 -45.59
C ASP D 151 -22.50 -65.35 -46.79
N GLU D 152 -21.19 -65.12 -46.62
CA GLU D 152 -20.27 -65.29 -47.74
C GLU D 152 -20.18 -66.74 -48.19
N ILE D 153 -20.13 -67.69 -47.25
CA ILE D 153 -20.00 -69.08 -47.65
C ILE D 153 -21.27 -69.56 -48.33
N ALA D 154 -22.44 -69.11 -47.85
CA ALA D 154 -23.69 -69.47 -48.51
C ALA D 154 -23.77 -68.90 -49.91
N HIS D 155 -23.38 -67.63 -50.08
CA HIS D 155 -23.42 -67.00 -51.40
C HIS D 155 -22.43 -67.66 -52.36
N LEU D 156 -21.21 -67.94 -51.88
CA LEU D 156 -20.21 -68.58 -52.74
C LEU D 156 -20.63 -70.00 -53.11
N LYS D 157 -21.19 -70.74 -52.15
CA LYS D 157 -21.67 -72.08 -52.46
C LYS D 157 -22.81 -72.04 -53.47
N TYR D 158 -23.70 -71.05 -53.34
CA TYR D 158 -24.77 -70.90 -54.32
C TYR D 158 -24.21 -70.60 -55.71
N LYS D 159 -23.19 -69.75 -55.78
CA LYS D 159 -22.61 -69.42 -57.08
C LYS D 159 -21.93 -70.63 -57.71
N ASP D 160 -21.05 -71.29 -56.96
CA ASP D 160 -20.34 -72.48 -57.45
C ASP D 160 -19.66 -73.20 -56.31
N PRO D 161 -19.73 -74.54 -56.26
CA PRO D 161 -19.04 -75.29 -55.20
C PRO D 161 -17.53 -75.43 -55.44
N GLN D 162 -17.04 -75.07 -56.61
CA GLN D 162 -15.63 -75.22 -56.94
C GLN D 162 -14.79 -74.00 -56.57
N SER D 163 -15.39 -72.98 -55.96
CA SER D 163 -14.64 -71.80 -55.57
C SER D 163 -13.58 -72.15 -54.55
N THR D 164 -12.37 -71.62 -54.75
CA THR D 164 -11.25 -71.90 -53.86
C THR D 164 -11.38 -71.22 -52.50
N LYS D 165 -12.24 -70.22 -52.37
CA LYS D 165 -12.42 -69.53 -51.10
C LYS D 165 -13.33 -70.28 -50.13
N ILE D 166 -14.08 -71.26 -50.60
CA ILE D 166 -14.99 -72.02 -49.74
C ILE D 166 -14.23 -72.99 -48.85
N PRO D 167 -13.17 -73.67 -49.33
CA PRO D 167 -12.37 -74.50 -48.42
C PRO D 167 -11.86 -73.74 -47.19
N VAL D 168 -11.46 -72.49 -47.36
CA VAL D 168 -10.99 -71.71 -46.21
C VAL D 168 -12.15 -71.03 -45.47
N LEU D 169 -13.27 -70.78 -46.16
CA LEU D 169 -14.43 -70.20 -45.49
C LEU D 169 -15.11 -71.19 -44.57
N GLU D 170 -15.12 -72.48 -44.93
CA GLU D 170 -15.66 -73.49 -44.03
C GLU D 170 -14.89 -73.53 -42.72
N GLN D 171 -13.56 -73.54 -42.81
CA GLN D 171 -12.74 -73.47 -41.60
C GLN D 171 -12.92 -72.14 -40.89
N GLU D 172 -13.15 -71.07 -41.66
CA GLU D 172 -13.41 -69.77 -41.04
C GLU D 172 -14.69 -69.79 -40.23
N LEU D 173 -15.70 -70.54 -40.68
CA LEU D 173 -16.92 -70.69 -39.90
C LEU D 173 -16.64 -71.42 -38.59
N VAL D 174 -15.85 -72.51 -38.64
CA VAL D 174 -15.46 -73.19 -37.41
C VAL D 174 -14.59 -72.28 -36.55
N ARG D 175 -13.66 -71.58 -37.17
CA ARG D 175 -12.86 -70.54 -36.55
C ARG D 175 -13.71 -69.61 -35.69
N ALA D 176 -14.69 -68.95 -36.33
CA ALA D 176 -15.58 -68.05 -35.61
C ALA D 176 -16.52 -68.79 -34.66
N GLU D 177 -16.81 -70.06 -34.92
CA GLU D 177 -17.70 -70.80 -34.03
C GLU D 177 -17.09 -70.97 -32.65
N ALA D 178 -15.86 -71.47 -32.58
CA ALA D 178 -15.17 -71.56 -31.29
C ALA D 178 -14.89 -70.17 -30.74
N GLU D 179 -14.49 -69.25 -31.62
CA GLU D 179 -14.27 -67.86 -31.24
C GLU D 179 -15.46 -67.30 -30.47
N SER D 180 -16.65 -67.36 -31.08
CA SER D 180 -17.84 -66.78 -30.45
C SER D 180 -18.29 -67.58 -29.24
N LEU D 181 -18.09 -68.91 -29.28
CA LEU D 181 -18.63 -69.77 -28.23
C LEU D 181 -18.01 -69.46 -26.87
N VAL D 182 -16.69 -69.26 -26.83
CA VAL D 182 -16.00 -69.12 -25.54
C VAL D 182 -16.49 -67.89 -24.79
N ALA D 183 -16.64 -66.76 -25.47
CA ALA D 183 -17.07 -65.55 -24.78
C ALA D 183 -18.57 -65.38 -24.72
N GLU D 184 -19.33 -66.12 -25.55
CA GLU D 184 -20.77 -66.17 -25.32
C GLU D 184 -21.07 -66.81 -23.97
N ALA D 185 -20.35 -67.89 -23.64
CA ALA D 185 -20.51 -68.52 -22.33
C ALA D 185 -20.11 -67.58 -21.20
N GLN D 186 -18.97 -66.91 -21.35
CA GLN D 186 -18.57 -66.00 -20.27
C GLN D 186 -19.42 -64.74 -20.26
N LEU D 187 -20.01 -64.37 -21.41
CA LEU D 187 -20.94 -63.25 -21.43
C LEU D 187 -22.14 -63.53 -20.54
N SER D 188 -22.69 -64.73 -20.63
CA SER D 188 -23.75 -65.12 -19.70
C SER D 188 -23.23 -65.14 -18.26
N ASN D 189 -22.01 -65.64 -18.06
CA ASN D 189 -21.44 -65.69 -16.72
C ASN D 189 -21.27 -64.30 -16.13
N ILE D 190 -20.63 -63.40 -16.88
CA ILE D 190 -20.33 -62.07 -16.34
C ILE D 190 -21.62 -61.26 -16.18
N THR D 191 -22.57 -61.41 -17.11
CA THR D 191 -23.84 -60.71 -16.97
C THR D 191 -24.57 -61.15 -15.71
N ARG D 192 -24.61 -62.46 -15.44
CA ARG D 192 -25.31 -62.96 -14.27
C ARG D 192 -24.64 -62.50 -12.99
N GLU D 193 -23.32 -62.67 -12.90
CA GLU D 193 -22.60 -62.30 -11.67
C GLU D 193 -22.63 -60.80 -11.45
N LYS D 194 -22.42 -60.01 -12.50
CA LYS D 194 -22.38 -58.56 -12.34
C LYS D 194 -23.76 -57.98 -12.05
N LEU D 195 -24.80 -58.48 -12.72
CA LEU D 195 -26.15 -58.00 -12.43
C LEU D 195 -26.57 -58.35 -11.01
N LYS D 196 -26.26 -59.57 -10.57
CA LYS D 196 -26.59 -59.97 -9.21
C LYS D 196 -25.85 -59.10 -8.19
N ALA D 197 -24.55 -58.91 -8.38
CA ALA D 197 -23.78 -58.09 -7.45
C ALA D 197 -24.23 -56.64 -7.50
N ALA D 198 -24.47 -56.09 -8.69
CA ALA D 198 -24.84 -54.69 -8.80
C ALA D 198 -26.19 -54.41 -8.16
N TYR D 199 -27.17 -55.29 -8.39
CA TYR D 199 -28.50 -55.04 -7.84
C TYR D 199 -28.60 -55.44 -6.37
N SER D 200 -27.77 -56.39 -5.92
CA SER D 200 -27.67 -56.63 -4.49
C SER D 200 -27.08 -55.41 -3.78
N TYR D 201 -26.04 -54.82 -4.37
CA TYR D 201 -25.49 -53.58 -3.82
C TYR D 201 -26.48 -52.44 -3.92
N MET D 202 -27.20 -52.34 -5.04
CA MET D 202 -28.19 -51.28 -5.21
C MET D 202 -29.33 -51.42 -4.20
N PHE D 203 -29.81 -52.65 -3.99
CA PHE D 203 -30.85 -52.86 -3.00
C PHE D 203 -30.31 -52.70 -1.58
N ASP D 204 -29.03 -52.99 -1.37
CA ASP D 204 -28.40 -52.68 -0.09
C ASP D 204 -28.38 -51.18 0.16
N SER D 205 -28.06 -50.40 -0.87
CA SER D 205 -28.13 -48.95 -0.75
C SER D 205 -29.57 -48.48 -0.52
N LEU D 206 -30.53 -49.11 -1.20
CA LEU D 206 -31.93 -48.77 -1.00
C LEU D 206 -32.37 -49.08 0.43
N ARG D 207 -31.97 -50.23 0.95
CA ARG D 207 -32.30 -50.57 2.33
C ARG D 207 -31.64 -49.62 3.31
N GLU D 208 -30.37 -49.26 3.06
CA GLU D 208 -29.68 -48.30 3.91
C GLU D 208 -30.41 -46.97 3.94
N LEU D 209 -30.71 -46.42 2.76
CA LEU D 209 -31.43 -45.16 2.68
C LEU D 209 -32.82 -45.27 3.30
N SER D 210 -33.50 -46.40 3.07
CA SER D 210 -34.86 -46.56 3.56
C SER D 210 -34.92 -46.56 5.08
N GLU D 211 -34.08 -47.37 5.72
CA GLU D 211 -34.13 -47.47 7.17
C GLU D 211 -33.66 -46.18 7.84
N LYS D 212 -32.65 -45.53 7.26
CA LYS D 212 -32.23 -44.23 7.79
C LYS D 212 -33.34 -43.20 7.65
N PHE D 213 -34.02 -43.17 6.50
CA PHE D 213 -35.18 -42.31 6.32
C PHE D 213 -36.23 -42.56 7.39
N ALA D 214 -36.54 -43.83 7.64
CA ALA D 214 -37.57 -44.16 8.62
C ALA D 214 -37.15 -43.76 10.03
N LEU D 215 -35.88 -43.98 10.37
CA LEU D 215 -35.42 -43.63 11.72
C LEU D 215 -35.53 -42.14 11.96
N ILE D 216 -35.11 -41.32 11.00
CA ILE D 216 -35.24 -39.87 11.15
C ILE D 216 -36.70 -39.45 11.15
N ALA D 217 -37.55 -40.11 10.35
CA ALA D 217 -38.96 -39.75 10.31
C ALA D 217 -39.65 -40.03 11.65
N GLY D 218 -39.39 -41.20 12.24
CA GLY D 218 -39.98 -41.52 13.53
C GLY D 218 -39.47 -40.61 14.64
N TYR D 219 -38.17 -40.32 14.65
CA TYR D 219 -37.63 -39.45 15.68
C TYR D 219 -38.09 -38.01 15.48
N GLY D 220 -38.38 -37.63 14.23
CA GLY D 220 -39.05 -36.36 14.00
C GLY D 220 -40.46 -36.34 14.56
N LYS D 221 -41.16 -37.47 14.49
CA LYS D 221 -42.46 -37.56 15.15
C LYS D 221 -42.33 -37.35 16.65
N ALA D 222 -41.32 -37.95 17.27
CA ALA D 222 -41.05 -37.69 18.67
C ALA D 222 -40.64 -36.23 18.90
N LEU D 223 -39.90 -35.65 17.94
CA LEU D 223 -39.54 -34.25 18.03
C LEU D 223 -40.79 -33.36 17.97
N LEU D 224 -41.75 -33.72 17.11
CA LEU D 224 -42.98 -32.96 16.98
C LEU D 224 -43.86 -33.03 18.22
N GLU D 225 -43.59 -33.95 19.14
CA GLU D 225 -44.39 -34.03 20.36
C GLU D 225 -44.19 -32.80 21.24
N LEU D 226 -43.04 -32.15 21.14
CA LEU D 226 -42.79 -30.92 21.89
C LEU D 226 -43.34 -29.70 21.15
N LEU D 227 -44.62 -29.76 20.79
CA LEU D 227 -45.28 -28.71 20.03
C LEU D 227 -46.70 -28.58 20.58
N ASP D 228 -46.90 -27.58 21.45
CA ASP D 228 -48.20 -27.39 22.06
C ASP D 228 -49.22 -26.92 21.03
N ASP D 229 -50.38 -27.58 21.04
CA ASP D 229 -51.49 -27.22 20.16
C ASP D 229 -52.64 -26.59 20.92
N SER D 230 -52.38 -26.08 22.11
CA SER D 230 -53.43 -25.48 22.93
C SER D 230 -53.95 -24.20 22.27
N PRO D 231 -55.26 -24.01 22.20
CA PRO D 231 -55.82 -22.76 21.62
C PRO D 231 -55.89 -21.63 22.63
N VAL D 232 -54.76 -20.96 22.82
CA VAL D 232 -54.68 -19.89 23.80
C VAL D 232 -55.54 -18.71 23.34
N THR D 233 -56.37 -18.21 24.25
CA THR D 233 -57.24 -17.09 23.94
C THR D 233 -56.45 -15.78 23.88
N PRO D 234 -56.87 -14.84 23.04
CA PRO D 234 -56.16 -13.55 22.98
C PRO D 234 -56.25 -12.79 24.28
N GLY D 235 -55.18 -12.08 24.61
CA GLY D 235 -55.09 -11.30 25.81
C GLY D 235 -54.35 -11.95 26.96
N GLU D 236 -54.02 -13.24 26.84
CA GLU D 236 -53.31 -13.97 27.88
C GLU D 236 -51.91 -14.34 27.40
N ALA D 237 -50.93 -14.18 28.28
CA ALA D 237 -49.56 -14.49 27.95
C ALA D 237 -49.33 -16.00 27.93
N ARG D 238 -48.26 -16.41 27.25
CA ARG D 238 -47.85 -17.80 27.10
C ARG D 238 -46.79 -18.17 28.15
N PRO D 239 -46.90 -19.36 28.74
CA PRO D 239 -45.78 -19.88 29.53
C PRO D 239 -44.55 -20.08 28.66
N ALA D 240 -43.38 -19.84 29.24
CA ALA D 240 -42.14 -19.90 28.49
C ALA D 240 -41.82 -21.34 28.08
N TYR D 241 -41.19 -21.47 26.91
CA TYR D 241 -40.77 -22.78 26.43
C TYR D 241 -39.68 -23.35 27.33
N ASP D 242 -39.73 -24.65 27.55
CA ASP D 242 -38.77 -25.32 28.42
C ASP D 242 -38.18 -26.59 27.82
N GLY D 243 -38.70 -27.09 26.70
CA GLY D 243 -38.20 -28.32 26.12
C GLY D 243 -36.97 -28.14 25.26
N TYR D 244 -36.05 -27.28 25.71
CA TYR D 244 -34.80 -27.09 24.97
C TYR D 244 -33.91 -28.32 25.08
N GLU D 245 -33.73 -28.85 26.29
CA GLU D 245 -32.89 -30.03 26.47
C GLU D 245 -33.60 -31.31 26.05
N ALA D 246 -34.94 -31.34 26.12
CA ALA D 246 -35.67 -32.52 25.67
C ALA D 246 -35.50 -32.74 24.18
N SER D 247 -35.60 -31.67 23.40
CA SER D 247 -35.34 -31.78 21.96
C SER D 247 -33.87 -32.05 21.68
N ARG D 248 -32.98 -31.49 22.52
CA ARG D 248 -31.56 -31.77 22.38
C ARG D 248 -31.27 -33.24 22.63
N GLN D 249 -31.90 -33.82 23.65
CA GLN D 249 -31.70 -35.24 23.94
C GLN D 249 -32.29 -36.13 22.85
N ILE D 250 -33.38 -35.68 22.22
CA ILE D 250 -33.98 -36.46 21.14
C ILE D 250 -33.00 -36.62 19.99
N ILE D 251 -32.29 -35.54 19.65
CA ILE D 251 -31.28 -35.61 18.60
C ILE D 251 -30.16 -36.56 19.00
N MET D 252 -29.72 -36.49 20.27
CA MET D 252 -28.66 -37.38 20.73
C MET D 252 -29.06 -38.85 20.58
N ASP D 253 -30.29 -39.19 20.94
CA ASP D 253 -30.75 -40.56 20.72
C ASP D 253 -30.80 -40.87 19.23
N ALA D 254 -31.21 -39.90 18.41
CA ALA D 254 -31.20 -40.08 16.97
C ALA D 254 -29.79 -40.32 16.44
N GLU D 255 -28.83 -39.49 16.90
CA GLU D 255 -27.44 -39.70 16.51
C GLU D 255 -26.90 -41.02 17.05
N SER D 256 -27.28 -41.36 18.29
CA SER D 256 -26.83 -42.62 18.87
C SER D 256 -27.32 -43.81 18.05
N ALA D 257 -28.58 -43.79 17.66
CA ALA D 257 -29.08 -44.83 16.75
C ALA D 257 -28.50 -44.66 15.35
N LEU D 258 -28.09 -43.45 14.99
CA LEU D 258 -27.52 -43.22 13.66
C LEU D 258 -26.14 -43.85 13.55
N GLU D 259 -25.29 -43.64 14.55
CA GLU D 259 -23.92 -44.16 14.55
C GLU D 259 -23.84 -45.62 14.93
N SER D 260 -24.95 -46.23 15.34
CA SER D 260 -24.96 -47.63 15.75
C SER D 260 -25.81 -48.47 14.79
N TRP D 261 -25.71 -48.17 13.50
CA TRP D 261 -26.45 -48.88 12.47
C TRP D 261 -25.50 -49.84 11.76
N THR D 262 -25.77 -51.14 11.89
CA THR D 262 -25.02 -52.18 11.21
C THR D 262 -25.97 -53.06 10.43
N LEU D 263 -25.50 -53.62 9.33
CA LEU D 263 -26.33 -54.48 8.49
C LEU D 263 -26.73 -55.76 9.20
N ASP D 264 -26.03 -56.15 10.27
CA ASP D 264 -26.43 -57.34 11.02
C ASP D 264 -27.82 -57.17 11.62
N MET D 265 -28.11 -55.98 12.16
CA MET D 265 -29.42 -55.69 12.70
C MET D 265 -30.30 -55.07 11.62
N ALA D 266 -31.59 -55.36 11.70
CA ALA D 266 -32.56 -54.83 10.73
C ALA D 266 -33.94 -54.89 11.35
N ALA D 267 -34.53 -53.73 11.64
CA ALA D 267 -35.88 -53.69 12.18
C ALA D 267 -36.88 -54.27 11.20
N VAL D 268 -36.74 -53.94 9.92
CA VAL D 268 -37.61 -54.49 8.89
C VAL D 268 -37.29 -55.98 8.73
N LYS D 269 -38.30 -56.82 8.99
CA LYS D 269 -38.15 -58.27 8.93
C LYS D 269 -39.18 -58.82 7.96
N PRO D 270 -38.82 -58.98 6.68
CA PRO D 270 -39.77 -59.56 5.72
C PRO D 270 -40.11 -60.99 6.08
N THR D 271 -41.36 -61.36 5.78
CA THR D 271 -41.85 -62.70 6.10
C THR D 271 -41.47 -63.69 5.01
N MET E 1 -33.04 86.22 30.15
CA MET E 1 -32.45 84.95 30.55
C MET E 1 -31.50 85.17 31.73
N HIS E 2 -30.84 84.10 32.15
CA HIS E 2 -29.85 84.15 33.22
C HIS E 2 -28.50 83.83 32.62
N ARG E 3 -27.57 84.78 32.69
CA ARG E 3 -26.21 84.61 32.18
C ARG E 3 -25.21 85.06 33.25
N THR E 4 -24.00 84.50 33.17
CA THR E 4 -22.97 84.85 34.13
C THR E 4 -22.15 86.04 33.62
N TYR E 5 -21.41 86.65 34.54
CA TYR E 5 -20.55 87.79 34.21
C TYR E 5 -19.21 87.26 33.68
N SER E 6 -19.29 86.71 32.48
CA SER E 6 -18.11 86.14 31.84
C SER E 6 -18.32 86.16 30.33
N LEU E 7 -17.21 86.22 29.60
CA LEU E 7 -17.28 86.16 28.14
C LEU E 7 -17.67 84.78 27.65
N ARG E 8 -17.67 83.80 28.54
CA ARG E 8 -18.07 82.44 28.20
C ARG E 8 -19.57 82.39 27.93
N ASN E 9 -19.96 81.55 26.96
CA ASN E 9 -21.37 81.44 26.64
C ASN E 9 -22.15 80.72 27.73
N GLN E 10 -21.51 79.78 28.41
CA GLN E 10 -22.19 79.01 29.45
C GLN E 10 -22.62 79.91 30.60
N ARG E 11 -23.82 79.66 31.10
CA ARG E 11 -24.39 80.45 32.18
C ARG E 11 -24.17 79.78 33.53
N ALA E 12 -24.50 80.50 34.59
CA ALA E 12 -24.39 79.95 35.93
C ALA E 12 -25.42 78.84 36.12
N PRO E 13 -25.05 77.73 36.76
CA PRO E 13 -25.99 76.63 36.94
C PRO E 13 -27.14 77.01 37.85
N THR E 14 -28.31 76.45 37.58
CA THR E 14 -29.49 76.67 38.39
C THR E 14 -29.43 75.79 39.65
N ALA E 15 -30.23 76.17 40.66
CA ALA E 15 -30.30 75.38 41.88
C ALA E 15 -30.75 73.95 41.60
N ALA E 16 -31.66 73.77 40.64
CA ALA E 16 -32.04 72.42 40.23
C ALA E 16 -30.85 71.68 39.63
N GLU E 17 -30.04 72.38 38.82
CA GLU E 17 -28.84 71.77 38.25
C GLU E 17 -27.80 71.47 39.31
N LEU E 18 -27.83 72.16 40.45
CA LEU E 18 -26.89 71.86 41.53
C LEU E 18 -27.11 70.45 42.08
N GLN E 19 -28.37 70.08 42.30
CA GLN E 19 -28.66 68.74 42.82
C GLN E 19 -28.36 67.66 41.78
N ALA E 20 -28.76 67.90 40.53
CA ALA E 20 -28.54 66.94 39.44
C ALA E 20 -27.74 67.62 38.34
N PRO E 21 -26.51 67.17 38.05
CA PRO E 21 -25.73 67.83 37.01
C PRO E 21 -26.40 67.69 35.66
N PRO E 22 -26.23 68.68 34.78
CA PRO E 22 -26.90 68.61 33.48
C PRO E 22 -26.37 67.45 32.66
N PRO E 23 -27.22 66.83 31.85
CA PRO E 23 -26.77 65.71 31.01
C PRO E 23 -25.95 66.22 29.83
N PRO E 24 -25.19 65.35 29.18
CA PRO E 24 -24.45 65.75 27.98
C PRO E 24 -25.39 66.12 26.85
N PRO E 25 -24.94 66.91 25.88
CA PRO E 25 -25.83 67.33 24.80
C PRO E 25 -26.35 66.14 24.00
N SER E 26 -27.56 66.29 23.48
CA SER E 26 -28.24 65.20 22.78
C SER E 26 -27.46 64.79 21.55
N SER E 27 -27.50 63.48 21.25
CA SER E 27 -26.82 62.92 20.09
C SER E 27 -27.63 63.03 18.81
N THR E 28 -28.64 63.91 18.77
CA THR E 28 -29.46 64.12 17.60
C THR E 28 -29.09 65.39 16.84
N LYS E 29 -27.87 65.88 17.02
CA LYS E 29 -27.40 67.08 16.33
C LYS E 29 -27.08 66.70 14.88
N SER E 30 -28.11 66.68 14.05
CA SER E 30 -27.96 66.28 12.66
C SER E 30 -27.13 67.30 11.89
N LYS E 31 -26.24 66.80 11.03
CA LYS E 31 -25.40 67.65 10.20
C LYS E 31 -26.14 68.00 8.91
N PHE E 32 -27.19 68.80 9.08
CA PHE E 32 -28.05 69.20 7.97
C PHE E 32 -28.57 70.60 8.27
N PHE E 33 -29.61 71.01 7.54
CA PHE E 33 -30.20 72.33 7.76
C PHE E 33 -30.81 72.42 9.16
N GLY E 34 -31.56 71.40 9.57
CA GLY E 34 -32.06 71.34 10.91
C GLY E 34 -33.22 72.27 11.23
N LYS E 35 -33.80 72.94 10.22
CA LYS E 35 -34.90 73.88 10.44
C LYS E 35 -36.07 73.51 9.54
N ALA E 36 -36.88 72.55 10.00
CA ALA E 36 -38.12 72.13 9.37
C ALA E 36 -37.97 71.99 7.86
N SER E 37 -37.06 71.10 7.47
CA SER E 37 -36.82 70.74 6.06
C SER E 37 -36.37 72.00 5.30
N ILE E 38 -36.75 72.08 4.02
CA ILE E 38 -36.34 73.18 3.16
C ILE E 38 -37.51 74.07 2.78
N ALA E 39 -38.69 73.49 2.59
CA ALA E 39 -39.85 74.26 2.13
C ALA E 39 -40.18 75.37 3.12
N SER E 40 -40.14 75.08 4.42
CA SER E 40 -40.39 76.12 5.42
C SER E 40 -39.35 77.23 5.34
N SER E 41 -38.07 76.86 5.18
CA SER E 41 -37.01 77.86 5.09
C SER E 41 -37.17 78.73 3.85
N PHE E 42 -37.46 78.13 2.70
CA PHE E 42 -37.73 78.91 1.50
C PHE E 42 -38.99 79.74 1.65
N ARG E 43 -40.01 79.19 2.31
CA ARG E 43 -41.22 79.97 2.59
C ARG E 43 -40.92 81.17 3.47
N LYS E 44 -39.97 81.02 4.41
CA LYS E 44 -39.66 82.12 5.31
C LYS E 44 -39.16 83.34 4.55
N ASN E 45 -38.30 83.13 3.56
CA ASN E 45 -37.85 84.24 2.72
C ASN E 45 -38.97 84.78 1.84
N ALA E 46 -39.92 83.93 1.45
CA ALA E 46 -40.98 84.36 0.54
C ALA E 46 -41.92 85.37 1.20
N ALA E 47 -42.06 85.31 2.52
CA ALA E 47 -42.95 86.26 3.21
C ALA E 47 -42.48 87.69 3.04
N GLY E 48 -41.16 87.90 3.11
CA GLY E 48 -40.57 89.21 2.92
C GLY E 48 -40.18 89.54 1.49
N ASN E 49 -40.60 88.74 0.52
CA ASN E 49 -40.24 88.95 -0.87
C ASN E 49 -41.25 89.85 -1.60
N PHE E 50 -42.53 89.51 -1.53
CA PHE E 50 -43.58 90.19 -2.29
C PHE E 50 -44.73 90.61 -1.38
N GLY E 51 -44.38 91.24 -0.25
CA GLY E 51 -45.38 91.72 0.67
C GLY E 51 -45.21 93.20 0.96
N PRO E 52 -46.21 93.81 1.58
CA PRO E 52 -46.09 95.22 1.97
C PRO E 52 -44.94 95.43 2.94
N GLU E 53 -44.24 96.56 2.78
CA GLU E 53 -43.05 96.82 3.57
C GLU E 53 -43.37 96.90 5.06
N LEU E 54 -44.47 97.57 5.41
CA LEU E 54 -44.83 97.69 6.82
C LEU E 54 -45.14 96.35 7.45
N ALA E 55 -45.86 95.48 6.73
CA ALA E 55 -46.30 94.20 7.26
C ALA E 55 -45.37 93.05 6.93
N ARG E 56 -44.19 93.33 6.39
CA ARG E 56 -43.26 92.26 6.03
C ARG E 56 -42.85 91.46 7.26
N LYS E 57 -42.56 92.14 8.37
CA LYS E 57 -42.21 91.44 9.60
C LYS E 57 -43.39 90.66 10.16
N LEU E 58 -44.58 91.25 10.15
CA LEU E 58 -45.76 90.54 10.62
C LEU E 58 -46.16 89.41 9.67
N SER E 59 -45.99 89.60 8.36
CA SER E 59 -46.28 88.52 7.42
C SER E 59 -45.40 87.31 7.72
N GLN E 60 -44.13 87.55 8.05
CA GLN E 60 -43.30 86.47 8.56
C GLN E 60 -43.80 85.94 9.90
N LEU E 61 -44.20 86.85 10.79
CA LEU E 61 -44.49 86.47 12.17
C LEU E 61 -45.64 85.48 12.26
N VAL E 62 -46.79 85.81 11.66
CA VAL E 62 -47.94 84.93 11.76
C VAL E 62 -47.66 83.59 11.09
N LYS E 63 -47.03 83.63 9.92
CA LYS E 63 -46.71 82.40 9.21
C LYS E 63 -45.59 81.62 9.88
N THR E 64 -44.68 82.32 10.57
CA THR E 64 -43.64 81.62 11.32
C THR E 64 -44.27 80.75 12.40
N GLU E 65 -45.32 81.24 13.05
CA GLU E 65 -46.05 80.44 14.03
C GLU E 65 -46.72 79.23 13.39
N LYS E 66 -47.02 79.29 12.09
CA LYS E 66 -47.46 78.09 11.39
C LYS E 66 -46.38 77.03 11.39
N GLY E 67 -45.12 77.45 11.25
CA GLY E 67 -44.01 76.51 11.43
C GLY E 67 -43.96 75.93 12.82
N VAL E 68 -44.31 76.71 13.84
CA VAL E 68 -44.46 76.17 15.18
C VAL E 68 -45.58 75.13 15.19
N LEU E 69 -46.70 75.45 14.55
CA LEU E 69 -47.85 74.56 14.56
C LEU E 69 -47.56 73.26 13.81
N ARG E 70 -46.94 73.36 12.63
CA ARG E 70 -46.63 72.17 11.84
C ARG E 70 -45.63 71.27 12.57
N ALA E 71 -44.60 71.87 13.15
CA ALA E 71 -43.63 71.09 13.90
C ALA E 71 -44.24 70.48 15.15
N MET E 72 -45.07 71.25 15.87
CA MET E 72 -45.73 70.73 17.05
C MET E 72 -46.77 69.68 16.70
N GLU E 73 -47.38 69.80 15.51
CA GLU E 73 -48.29 68.75 15.04
C GLU E 73 -47.56 67.43 14.91
N VAL E 74 -46.34 67.45 14.36
CA VAL E 74 -45.54 66.24 14.28
C VAL E 74 -45.20 65.73 15.68
N VAL E 75 -44.82 66.62 16.58
CA VAL E 75 -44.46 66.20 17.94
C VAL E 75 -45.66 65.55 18.62
N ALA E 76 -46.83 66.18 18.53
CA ALA E 76 -48.01 65.62 19.19
C ALA E 76 -48.41 64.29 18.56
N SER E 77 -48.38 64.20 17.23
CA SER E 77 -48.81 62.99 16.54
C SER E 77 -47.78 61.86 16.65
N GLU E 78 -46.49 62.20 16.56
CA GLU E 78 -45.47 61.15 16.54
C GLU E 78 -45.18 60.64 17.95
N ARG E 79 -45.22 61.53 18.95
CA ARG E 79 -45.17 61.08 20.34
C ARG E 79 -46.39 60.25 20.68
N ARG E 80 -47.54 60.54 20.05
CA ARG E 80 -48.73 59.72 20.23
C ARG E 80 -48.46 58.28 19.81
N GLU E 81 -47.66 58.09 18.76
CA GLU E 81 -47.28 56.74 18.36
C GLU E 81 -46.39 56.07 19.39
N ALA E 82 -45.58 56.86 20.10
CA ALA E 82 -44.72 56.30 21.14
C ALA E 82 -45.54 55.68 22.26
N ALA E 83 -46.64 56.33 22.65
CA ALA E 83 -47.55 55.72 23.62
C ALA E 83 -48.15 54.44 23.07
N LYS E 84 -48.51 54.45 21.78
CA LYS E 84 -49.01 53.24 21.13
C LYS E 84 -47.99 52.10 21.22
N GLN E 85 -46.73 52.38 20.87
CA GLN E 85 -45.73 51.32 20.82
C GLN E 85 -45.29 50.91 22.22
N LEU E 86 -45.22 51.87 23.15
CA LEU E 86 -44.79 51.54 24.50
C LEU E 86 -45.73 50.55 25.17
N SER E 87 -47.04 50.84 25.14
CA SER E 87 -48.01 49.94 25.75
C SER E 87 -48.04 48.60 25.05
N LEU E 88 -47.71 48.58 23.75
CA LEU E 88 -47.67 47.32 23.01
C LEU E 88 -46.57 46.41 23.52
N TRP E 89 -45.41 46.97 23.88
CA TRP E 89 -44.30 46.16 24.35
C TRP E 89 -44.60 45.52 25.70
N GLY E 90 -45.60 46.03 26.42
CA GLY E 90 -45.91 45.47 27.73
C GLY E 90 -46.35 44.02 27.67
N ALA E 91 -46.77 43.54 26.50
CA ALA E 91 -47.21 42.16 26.37
C ALA E 91 -46.09 41.18 26.67
N ASP E 92 -44.94 41.33 26.03
CA ASP E 92 -43.84 40.39 26.18
C ASP E 92 -43.00 40.76 27.41
N ASN E 93 -43.70 40.85 28.54
CA ASN E 93 -43.07 41.18 29.81
C ASN E 93 -43.93 40.60 30.93
N ASP E 94 -43.41 40.64 32.14
CA ASP E 94 -44.15 40.16 33.30
C ASP E 94 -45.36 41.04 33.57
N ASP E 95 -46.31 40.51 34.32
CA ASP E 95 -47.59 41.17 34.55
C ASP E 95 -47.42 42.52 35.24
N ASP E 96 -46.52 42.61 36.21
CA ASP E 96 -46.30 43.85 36.93
C ASP E 96 -45.85 44.93 35.95
N VAL E 97 -44.85 44.61 35.12
CA VAL E 97 -44.38 45.57 34.13
C VAL E 97 -45.47 45.91 33.13
N SER E 98 -46.24 44.90 32.72
CA SER E 98 -47.31 45.13 31.75
C SER E 98 -48.33 46.14 32.27
N ASP E 99 -48.77 45.97 33.51
CA ASP E 99 -49.76 46.87 34.08
C ASP E 99 -49.19 48.28 34.21
N VAL E 100 -47.96 48.40 34.71
CA VAL E 100 -47.35 49.72 34.86
C VAL E 100 -47.12 50.37 33.50
N THR E 101 -46.67 49.59 32.51
CA THR E 101 -46.30 50.15 31.22
C THR E 101 -47.53 50.66 30.46
N ASP E 102 -48.59 49.85 30.38
CA ASP E 102 -49.76 50.29 29.62
C ASP E 102 -50.47 51.45 30.32
N LYS E 103 -50.46 51.47 31.66
CA LYS E 103 -50.96 52.63 32.38
C LYS E 103 -50.13 53.87 32.07
N LEU E 104 -48.81 53.72 32.01
CA LEU E 104 -47.95 54.83 31.59
C LEU E 104 -48.29 55.26 30.16
N GLY E 105 -48.65 54.30 29.30
CA GLY E 105 -49.07 54.66 27.96
C GLY E 105 -50.34 55.48 27.94
N VAL E 106 -51.26 55.17 28.85
CA VAL E 106 -52.47 55.98 29.00
C VAL E 106 -52.11 57.39 29.40
N LEU E 107 -51.19 57.54 30.37
CA LEU E 107 -50.83 58.87 30.84
C LEU E 107 -50.14 59.67 29.74
N ILE E 108 -49.26 59.02 28.98
CA ILE E 108 -48.61 59.68 27.86
C ILE E 108 -49.62 60.02 26.76
N TYR E 109 -50.62 59.14 26.56
CA TYR E 109 -51.69 59.46 25.63
C TYR E 109 -52.39 60.75 26.02
N GLU E 110 -52.67 60.92 27.31
CA GLU E 110 -53.25 62.16 27.80
C GLU E 110 -52.31 63.33 27.56
N LEU E 111 -51.01 63.09 27.69
CA LEU E 111 -50.02 64.13 27.43
C LEU E 111 -50.13 64.62 25.99
N GLY E 112 -50.28 63.70 25.05
CA GLY E 112 -50.46 64.05 23.65
C GLY E 112 -51.76 64.77 23.36
N GLU E 113 -52.86 64.30 23.97
CA GLU E 113 -54.16 64.94 23.77
C GLU E 113 -54.15 66.38 24.26
N LEU E 114 -53.59 66.63 25.44
CA LEU E 114 -53.50 68.00 25.95
C LEU E 114 -52.63 68.85 25.05
N GLN E 115 -51.57 68.26 24.49
CA GLN E 115 -50.75 68.98 23.51
C GLN E 115 -51.61 69.42 22.33
N ASP E 116 -52.48 68.54 21.83
CA ASP E 116 -53.30 68.88 20.68
C ASP E 116 -54.22 70.06 20.98
N GLN E 117 -54.80 70.10 22.16
CA GLN E 117 -55.59 71.27 22.55
C GLN E 117 -54.72 72.51 22.62
N PHE E 118 -53.47 72.37 23.06
CA PHE E 118 -52.55 73.50 23.08
C PHE E 118 -52.29 74.03 21.67
N ILE E 119 -52.12 73.14 20.70
CA ILE E 119 -51.92 73.57 19.31
C ILE E 119 -53.16 74.28 18.78
N ASP E 120 -54.35 73.82 19.18
CA ASP E 120 -55.57 74.48 18.74
C ASP E 120 -55.63 75.92 19.27
N LYS E 121 -55.36 76.12 20.55
CA LYS E 121 -55.32 77.46 21.11
C LYS E 121 -54.18 78.27 20.52
N TYR E 122 -53.05 77.61 20.22
CA TYR E 122 -51.94 78.28 19.54
C TYR E 122 -52.37 78.78 18.17
N ASP E 123 -53.19 78.00 17.47
CA ASP E 123 -53.71 78.45 16.18
C ASP E 123 -54.58 79.68 16.34
N GLN E 124 -55.41 79.73 17.39
CA GLN E 124 -56.22 80.92 17.62
C GLN E 124 -55.36 82.15 17.85
N TYR E 125 -54.29 82.01 18.63
CA TYR E 125 -53.37 83.14 18.82
C TYR E 125 -52.71 83.53 17.50
N ARG E 126 -52.38 82.54 16.67
CA ARG E 126 -51.84 82.83 15.35
C ARG E 126 -52.87 83.54 14.48
N VAL E 127 -54.14 83.18 14.61
CA VAL E 127 -55.19 83.76 13.77
C VAL E 127 -55.36 85.25 14.10
N THR E 128 -55.42 85.59 15.38
CA THR E 128 -55.54 87.00 15.75
C THR E 128 -54.27 87.77 15.41
N LEU E 129 -53.11 87.10 15.43
CA LEU E 129 -51.90 87.73 14.90
C LEU E 129 -52.03 87.99 13.41
N LYS E 130 -52.69 87.09 12.67
CA LYS E 130 -52.97 87.36 11.26
C LYS E 130 -53.89 88.55 11.10
N SER E 131 -54.84 88.72 12.02
CA SER E 131 -55.78 89.84 11.92
C SER E 131 -55.07 91.18 12.09
N ILE E 132 -54.20 91.29 13.11
CA ILE E 132 -53.46 92.54 13.28
C ILE E 132 -52.49 92.73 12.11
N ARG E 133 -51.98 91.64 11.53
CA ARG E 133 -51.22 91.75 10.30
C ARG E 133 -52.05 92.36 9.19
N ASN E 134 -53.31 91.94 9.07
CA ASN E 134 -54.15 92.39 7.98
C ASN E 134 -54.42 93.89 8.06
N ILE E 135 -54.76 94.39 9.25
CA ILE E 135 -55.08 95.81 9.39
C ILE E 135 -53.82 96.66 9.21
N GLU E 136 -52.68 96.20 9.74
CA GLU E 136 -51.44 96.93 9.55
C GLU E 136 -51.05 96.98 8.08
N ALA E 137 -51.24 95.86 7.37
CA ALA E 137 -50.99 95.85 5.93
C ALA E 137 -51.96 96.77 5.20
N SER E 138 -53.17 96.95 5.73
CA SER E 138 -54.11 97.90 5.14
C SER E 138 -53.74 99.34 5.44
N VAL E 139 -53.02 99.58 6.55
CA VAL E 139 -52.57 100.92 6.88
C VAL E 139 -51.47 101.36 5.90
N GLN E 140 -50.61 100.42 5.49
CA GLN E 140 -49.44 100.73 4.67
C GLN E 140 -49.76 101.55 3.41
N PRO E 141 -50.79 101.23 2.61
CA PRO E 141 -51.03 102.03 1.40
C PRO E 141 -51.28 103.50 1.68
N SER E 142 -51.86 103.85 2.82
CA SER E 142 -52.02 105.26 3.17
C SER E 142 -50.68 105.93 3.37
N ARG E 143 -49.73 105.24 4.01
CA ARG E 143 -48.39 105.77 4.12
C ARG E 143 -47.76 105.96 2.75
N ASP E 144 -48.00 105.00 1.84
CA ASP E 144 -47.54 105.15 0.46
C ASP E 144 -48.15 106.40 -0.18
N ARG E 145 -49.45 106.59 -0.02
CA ARG E 145 -50.11 107.76 -0.58
C ARG E 145 -49.55 109.05 0.00
N LYS E 146 -49.32 109.07 1.31
CA LYS E 146 -48.85 110.28 1.96
C LYS E 146 -47.45 110.69 1.49
N GLU E 147 -46.52 109.73 1.42
CA GLU E 147 -45.16 110.09 1.02
C GLU E 147 -45.12 110.46 -0.46
N LYS E 148 -45.96 109.83 -1.27
CA LYS E 148 -46.09 110.23 -2.67
C LYS E 148 -46.61 111.65 -2.77
N ILE E 149 -47.55 112.04 -1.90
CA ILE E 149 -48.11 113.38 -1.93
C ILE E 149 -47.05 114.43 -1.60
N THR E 150 -46.30 114.22 -0.50
CA THR E 150 -45.30 115.21 -0.13
C THR E 150 -44.15 115.25 -1.12
N ASP E 151 -43.84 114.10 -1.73
CA ASP E 151 -42.82 114.07 -2.78
C ASP E 151 -43.24 114.92 -3.97
N GLU E 152 -44.49 114.76 -4.42
CA GLU E 152 -44.97 115.52 -5.57
C GLU E 152 -45.01 117.02 -5.27
N ILE E 153 -45.51 117.41 -4.09
CA ILE E 153 -45.61 118.84 -3.80
C ILE E 153 -44.22 119.45 -3.65
N ALA E 154 -43.27 118.71 -3.06
CA ALA E 154 -41.91 119.22 -2.95
C ALA E 154 -41.28 119.37 -4.33
N HIS E 155 -41.46 118.38 -5.21
CA HIS E 155 -40.88 118.47 -6.55
C HIS E 155 -41.51 119.59 -7.36
N LEU E 156 -42.84 119.72 -7.29
CA LEU E 156 -43.52 120.77 -8.04
C LEU E 156 -43.13 122.16 -7.51
N LYS E 157 -43.02 122.30 -6.19
CA LYS E 157 -42.60 123.57 -5.62
C LYS E 157 -41.17 123.91 -6.03
N TYR E 158 -40.30 122.90 -6.09
CA TYR E 158 -38.93 123.12 -6.55
C TYR E 158 -38.92 123.58 -8.01
N LYS E 159 -39.76 122.97 -8.85
CA LYS E 159 -39.80 123.34 -10.26
C LYS E 159 -40.31 124.77 -10.44
N ASP E 160 -41.46 125.09 -9.83
CA ASP E 160 -42.04 126.42 -9.92
C ASP E 160 -43.17 126.58 -8.90
N PRO E 161 -43.24 127.72 -8.21
CA PRO E 161 -44.35 127.94 -7.25
C PRO E 161 -45.67 128.31 -7.91
N GLN E 162 -45.67 128.61 -9.22
CA GLN E 162 -46.87 129.03 -9.92
C GLN E 162 -47.66 127.87 -10.51
N SER E 163 -47.24 126.62 -10.28
CA SER E 163 -47.96 125.48 -10.81
C SER E 163 -49.35 125.40 -10.19
N THR E 164 -50.34 125.14 -11.05
CA THR E 164 -51.74 125.08 -10.61
C THR E 164 -52.04 123.83 -9.79
N LYS E 165 -51.19 122.81 -9.85
CA LYS E 165 -51.42 121.58 -9.10
C LYS E 165 -51.01 121.69 -7.63
N ILE E 166 -50.22 122.70 -7.27
CA ILE E 166 -49.77 122.87 -5.90
C ILE E 166 -50.89 123.38 -4.99
N PRO E 167 -51.76 124.30 -5.45
CA PRO E 167 -52.92 124.66 -4.60
C PRO E 167 -53.75 123.47 -4.16
N VAL E 168 -53.96 122.49 -5.03
CA VAL E 168 -54.72 121.32 -4.66
C VAL E 168 -53.85 120.26 -3.96
N LEU E 169 -52.54 120.26 -4.23
CA LEU E 169 -51.66 119.31 -3.55
C LEU E 169 -51.45 119.68 -2.08
N GLU E 170 -51.44 120.97 -1.77
CA GLU E 170 -51.36 121.38 -0.37
C GLU E 170 -52.55 120.88 0.42
N GLN E 171 -53.76 121.05 -0.13
CA GLN E 171 -54.94 120.50 0.51
C GLN E 171 -54.90 118.98 0.51
N GLU E 172 -54.32 118.37 -0.52
CA GLU E 172 -54.18 116.93 -0.55
C GLU E 172 -53.28 116.44 0.58
N LEU E 173 -52.26 117.22 0.93
CA LEU E 173 -51.42 116.86 2.08
C LEU E 173 -52.23 116.90 3.37
N VAL E 174 -53.04 117.95 3.56
CA VAL E 174 -53.91 118.01 4.72
C VAL E 174 -54.95 116.89 4.67
N ARG E 175 -55.52 116.66 3.50
CA ARG E 175 -56.39 115.52 3.21
C ARG E 175 -55.82 114.23 3.77
N ALA E 176 -54.62 113.86 3.31
CA ALA E 176 -53.98 112.64 3.77
C ALA E 176 -53.51 112.74 5.22
N GLU E 177 -53.27 113.96 5.73
CA GLU E 177 -52.84 114.10 7.11
C GLU E 177 -53.92 113.64 8.08
N ALA E 178 -55.14 114.17 7.94
CA ALA E 178 -56.25 113.71 8.76
C ALA E 178 -56.58 112.25 8.44
N GLU E 179 -56.55 111.91 7.15
CA GLU E 179 -56.75 110.53 6.71
C GLU E 179 -55.88 109.56 7.50
N SER E 180 -54.56 109.78 7.47
CA SER E 180 -53.63 108.86 8.13
C SER E 180 -53.72 108.96 9.64
N LEU E 181 -54.01 110.15 10.17
CA LEU E 181 -53.98 110.36 11.62
C LEU E 181 -55.02 109.50 12.34
N VAL E 182 -56.24 109.43 11.79
CA VAL E 182 -57.33 108.77 12.51
C VAL E 182 -57.04 107.29 12.71
N ALA E 183 -56.54 106.61 11.68
CA ALA E 183 -56.29 105.18 11.82
C ALA E 183 -54.89 104.86 12.33
N GLU E 184 -53.96 105.81 12.28
CA GLU E 184 -52.72 105.62 13.02
C GLU E 184 -53.00 105.51 14.52
N ALA E 185 -53.88 106.37 15.03
CA ALA E 185 -54.27 106.29 16.43
C ALA E 185 -54.96 104.97 16.74
N GLN E 186 -55.90 104.55 15.90
CA GLN E 186 -56.58 103.29 16.19
C GLN E 186 -55.66 102.10 15.91
N LEU E 187 -54.67 102.26 15.03
CA LEU E 187 -53.69 101.21 14.81
C LEU E 187 -52.93 100.90 16.10
N SER E 188 -52.50 101.95 16.79
CA SER E 188 -51.89 101.75 18.11
C SER E 188 -52.90 101.13 19.07
N ASN E 189 -54.15 101.60 19.04
CA ASN E 189 -55.18 101.06 19.94
C ASN E 189 -55.41 99.57 19.69
N ILE E 190 -55.64 99.20 18.43
CA ILE E 190 -55.99 97.82 18.12
C ILE E 190 -54.78 96.91 18.32
N THR E 191 -53.57 97.39 18.00
CA THR E 191 -52.38 96.59 18.24
C THR E 191 -52.21 96.30 19.72
N ARG E 192 -52.39 97.32 20.57
CA ARG E 192 -52.21 97.13 22.01
C ARG E 192 -53.26 96.18 22.57
N GLU E 193 -54.53 96.42 22.25
CA GLU E 193 -55.60 95.59 22.80
C GLU E 193 -55.52 94.16 22.27
N LYS E 194 -55.25 93.99 20.97
CA LYS E 194 -55.21 92.65 20.40
C LYS E 194 -53.98 91.88 20.87
N LEU E 195 -52.82 92.53 20.94
CA LEU E 195 -51.62 91.84 21.43
C LEU E 195 -51.79 91.43 22.89
N LYS E 196 -52.35 92.33 23.72
CA LYS E 196 -52.57 91.99 25.12
C LYS E 196 -53.53 90.82 25.25
N ALA E 197 -54.67 90.87 24.52
CA ALA E 197 -55.64 89.78 24.60
C ALA E 197 -55.07 88.48 24.05
N ALA E 198 -54.37 88.56 22.92
CA ALA E 198 -53.84 87.34 22.29
C ALA E 198 -52.80 86.67 23.18
N TYR E 199 -51.89 87.45 23.76
CA TYR E 199 -50.83 86.85 24.56
C TYR E 199 -51.31 86.49 25.96
N SER E 200 -52.33 87.18 26.48
CA SER E 200 -52.97 86.72 27.70
C SER E 200 -53.66 85.38 27.47
N TYR E 201 -54.35 85.24 26.34
CA TYR E 201 -54.95 83.96 26.00
C TYR E 201 -53.88 82.90 25.73
N MET E 202 -52.80 83.28 25.05
CA MET E 202 -51.72 82.34 24.77
C MET E 202 -51.04 81.87 26.07
N PHE E 203 -50.79 82.80 26.99
CA PHE E 203 -50.20 82.41 28.26
C PHE E 203 -51.20 81.66 29.13
N ASP E 204 -52.50 81.93 28.97
CA ASP E 204 -53.52 81.12 29.63
C ASP E 204 -53.48 79.69 29.11
N SER E 205 -53.33 79.52 27.80
CA SER E 205 -53.17 78.19 27.22
C SER E 205 -51.88 77.54 27.71
N LEU E 206 -50.80 78.32 27.80
CA LEU E 206 -49.55 77.78 28.31
C LEU E 206 -49.68 77.34 29.76
N ARG E 207 -50.35 78.14 30.60
CA ARG E 207 -50.59 77.75 31.98
C ARG E 207 -51.46 76.51 32.07
N GLU E 208 -52.51 76.43 31.24
CA GLU E 208 -53.37 75.26 31.23
C GLU E 208 -52.57 74.01 30.87
N LEU E 209 -51.81 74.06 29.78
CA LEU E 209 -51.00 72.93 29.38
C LEU E 209 -49.95 72.60 30.43
N SER E 210 -49.34 73.63 31.03
CA SER E 210 -48.26 73.41 31.98
C SER E 210 -48.76 72.68 33.23
N GLU E 211 -49.85 73.16 33.82
CA GLU E 211 -50.34 72.56 35.06
C GLU E 211 -50.89 71.16 34.80
N LYS E 212 -51.57 70.96 33.66
CA LYS E 212 -52.02 69.62 33.33
C LYS E 212 -50.84 68.67 33.13
N PHE E 213 -49.80 69.13 32.43
CA PHE E 213 -48.57 68.35 32.29
C PHE E 213 -48.01 67.96 33.66
N ALA E 214 -47.93 68.92 34.58
CA ALA E 214 -47.36 68.65 35.90
C ALA E 214 -48.23 67.67 36.68
N LEU E 215 -49.55 67.82 36.60
CA LEU E 215 -50.43 66.92 37.35
C LEU E 215 -50.27 65.48 36.87
N ILE E 216 -50.24 65.27 35.56
CA ILE E 216 -50.04 63.92 35.05
C ILE E 216 -48.63 63.41 35.37
N ALA E 217 -47.63 64.29 35.35
CA ALA E 217 -46.27 63.86 35.66
C ALA E 217 -46.15 63.40 37.11
N GLY E 218 -46.71 64.17 38.04
CA GLY E 218 -46.67 63.78 39.45
C GLY E 218 -47.45 62.50 39.72
N TYR E 219 -48.63 62.37 39.12
CA TYR E 219 -49.43 61.17 39.34
C TYR E 219 -48.79 59.96 38.65
N GLY E 220 -48.03 60.19 37.58
CA GLY E 220 -47.20 59.13 37.04
C GLY E 220 -46.10 58.70 37.98
N LYS E 221 -45.52 59.66 38.73
CA LYS E 221 -44.57 59.31 39.77
C LYS E 221 -45.21 58.43 40.83
N ALA E 222 -46.44 58.76 41.24
CA ALA E 222 -47.17 57.88 42.15
C ALA E 222 -47.50 56.55 41.49
N LEU E 223 -47.79 56.56 40.18
CA LEU E 223 -48.01 55.31 39.45
C LEU E 223 -46.75 54.45 39.43
N LEU E 224 -45.59 55.09 39.26
CA LEU E 224 -44.32 54.36 39.24
C LEU E 224 -43.96 53.75 40.59
N GLU E 225 -44.64 54.15 41.67
CA GLU E 225 -44.34 53.56 42.97
C GLU E 225 -44.72 52.09 43.03
N LEU E 226 -45.70 51.67 42.22
CA LEU E 226 -46.09 50.27 42.13
C LEU E 226 -45.20 49.50 41.16
N LEU E 227 -43.89 49.60 41.38
CA LEU E 227 -42.89 48.98 40.51
C LEU E 227 -41.77 48.45 41.39
N ASP E 228 -41.80 47.16 41.69
CA ASP E 228 -40.80 46.57 42.57
C ASP E 228 -39.44 46.55 41.90
N ASP E 229 -38.42 47.02 42.62
CA ASP E 229 -37.04 47.01 42.15
C ASP E 229 -36.19 45.99 42.87
N SER E 230 -36.82 45.00 43.50
CA SER E 230 -36.08 44.00 44.26
C SER E 230 -35.24 43.14 43.31
N PRO E 231 -33.98 42.86 43.63
CA PRO E 231 -33.13 42.01 42.78
C PRO E 231 -33.33 40.53 43.08
N VAL E 232 -34.39 39.96 42.49
CA VAL E 232 -34.71 38.56 42.75
C VAL E 232 -33.64 37.67 42.13
N THR E 233 -33.15 36.72 42.92
CA THR E 233 -32.12 35.81 42.47
C THR E 233 -32.71 34.77 41.51
N PRO E 234 -31.92 34.30 40.54
CA PRO E 234 -32.43 33.28 39.62
C PRO E 234 -32.75 31.98 40.34
N GLY E 235 -33.81 31.30 39.88
CA GLY E 235 -34.24 30.05 40.44
C GLY E 235 -35.41 30.16 41.40
N GLU E 236 -35.79 31.36 41.80
CA GLU E 236 -36.90 31.58 42.73
C GLU E 236 -38.06 32.27 42.01
N ALA E 237 -39.26 31.79 42.29
CA ALA E 237 -40.45 32.36 41.67
C ALA E 237 -40.79 33.72 42.28
N ARG E 238 -41.59 34.50 41.54
CA ARG E 238 -42.05 35.82 41.93
C ARG E 238 -43.43 35.74 42.57
N PRO E 239 -43.66 36.50 43.65
CA PRO E 239 -45.04 36.69 44.12
C PRO E 239 -45.88 37.40 43.08
N ALA E 240 -47.15 37.02 43.00
CA ALA E 240 -48.04 37.55 41.97
C ALA E 240 -48.32 39.04 42.21
N TYR E 241 -48.49 39.77 41.11
CA TYR E 241 -48.84 41.18 41.19
C TYR E 241 -50.23 41.35 41.78
N ASP E 242 -50.39 42.39 42.60
CA ASP E 242 -51.65 42.66 43.27
C ASP E 242 -52.10 44.11 43.18
N GLY E 243 -51.26 45.02 42.71
CA GLY E 243 -51.62 46.43 42.64
C GLY E 243 -52.44 46.80 41.42
N TYR E 244 -53.38 45.92 41.04
CA TYR E 244 -54.25 46.22 39.91
C TYR E 244 -55.23 47.33 40.25
N GLU E 245 -55.88 47.24 41.41
CA GLU E 245 -56.83 48.26 41.81
C GLU E 245 -56.15 49.52 42.34
N ALA E 246 -54.94 49.38 42.89
CA ALA E 246 -54.22 50.56 43.36
C ALA E 246 -53.84 51.48 42.20
N SER E 247 -53.36 50.90 41.10
CA SER E 247 -53.09 51.70 39.91
C SER E 247 -54.38 52.21 39.28
N ARG E 248 -55.45 51.40 39.36
CA ARG E 248 -56.75 51.85 38.87
C ARG E 248 -57.25 53.05 39.66
N GLN E 249 -57.10 53.02 40.99
CA GLN E 249 -57.52 54.14 41.82
C GLN E 249 -56.67 55.37 41.58
N ILE E 250 -55.38 55.18 41.26
CA ILE E 250 -54.50 56.31 40.98
C ILE E 250 -55.01 57.09 39.77
N ILE E 251 -55.45 56.38 38.73
CA ILE E 251 -56.00 57.05 37.55
C ILE E 251 -57.29 57.79 37.92
N MET E 252 -58.14 57.17 38.75
CA MET E 252 -59.37 57.83 39.17
C MET E 252 -59.10 59.14 39.88
N ASP E 253 -58.11 59.16 40.78
CA ASP E 253 -57.73 60.41 41.42
C ASP E 253 -57.18 61.39 40.39
N ALA E 254 -56.41 60.88 39.42
CA ALA E 254 -55.91 61.74 38.34
C ALA E 254 -57.05 62.32 37.53
N GLU E 255 -58.03 61.48 37.15
CA GLU E 255 -59.20 61.98 36.42
C GLU E 255 -60.02 62.92 37.30
N SER E 256 -60.15 62.60 38.59
CA SER E 256 -60.91 63.47 39.49
C SER E 256 -60.26 64.85 39.57
N ALA E 257 -58.94 64.90 39.70
CA ALA E 257 -58.25 66.19 39.65
C ALA E 257 -58.26 66.77 38.24
N LEU E 258 -58.39 65.91 37.22
CA LEU E 258 -58.42 66.39 35.85
C LEU E 258 -59.72 67.14 35.56
N GLU E 259 -60.85 66.56 35.95
CA GLU E 259 -62.17 67.14 35.69
C GLU E 259 -62.52 68.25 36.67
N SER E 260 -61.71 68.49 37.69
CA SER E 260 -61.96 69.51 38.70
C SER E 260 -60.92 70.62 38.63
N TRP E 261 -60.51 70.98 37.41
CA TRP E 261 -59.52 72.03 37.18
C TRP E 261 -60.23 73.29 36.73
N THR E 262 -60.16 74.34 37.55
CA THR E 262 -60.71 75.64 37.22
C THR E 262 -59.61 76.69 37.37
N LEU E 263 -59.71 77.75 36.57
CA LEU E 263 -58.72 78.82 36.61
C LEU E 263 -58.72 79.57 37.94
N ASP E 264 -59.79 79.46 38.72
CA ASP E 264 -59.81 80.11 40.03
C ASP E 264 -58.74 79.55 40.94
N MET E 265 -58.55 78.23 40.91
CA MET E 265 -57.49 77.59 41.69
C MET E 265 -56.23 77.47 40.84
N ALA E 266 -55.07 77.57 41.51
CA ALA E 266 -53.79 77.46 40.84
C ALA E 266 -52.73 77.09 41.86
N ALA E 267 -52.19 75.88 41.75
CA ALA E 267 -51.14 75.47 42.67
C ALA E 267 -49.89 76.34 42.50
N VAL E 268 -49.53 76.67 41.27
CA VAL E 268 -48.41 77.57 41.02
C VAL E 268 -48.78 78.96 41.49
N LYS E 269 -48.03 79.48 42.46
CA LYS E 269 -48.28 80.80 43.05
C LYS E 269 -47.02 81.64 42.89
N PRO E 270 -46.91 82.42 41.82
CA PRO E 270 -45.73 83.29 41.65
C PRO E 270 -45.68 84.34 42.75
N THR E 271 -44.45 84.68 43.16
CA THR E 271 -44.23 85.66 44.21
C THR E 271 -44.29 87.08 43.67
N MET F 1 -57.29 57.94 29.71
CA MET F 1 -57.88 59.19 29.28
C MET F 1 -59.27 59.33 29.87
N HIS F 2 -59.97 60.41 29.51
CA HIS F 2 -61.34 60.64 29.93
C HIS F 2 -62.23 60.59 28.70
N ARG F 3 -63.16 59.65 28.68
CA ARG F 3 -64.11 59.48 27.58
C ARG F 3 -65.52 59.37 28.14
N THR F 4 -66.49 59.72 27.32
CA THR F 4 -67.88 59.65 27.74
C THR F 4 -68.47 58.28 27.40
N TYR F 5 -69.61 57.98 28.02
CA TYR F 5 -70.32 56.72 27.78
C TYR F 5 -71.20 56.87 26.53
N SER F 6 -70.53 56.96 25.39
CA SER F 6 -71.21 57.13 24.12
C SER F 6 -70.33 56.58 23.01
N LEU F 7 -70.97 56.15 21.93
CA LEU F 7 -70.22 55.66 20.77
C LEU F 7 -69.53 56.81 20.04
N ARG F 8 -69.86 58.04 20.39
CA ARG F 8 -69.23 59.21 19.80
C ARG F 8 -67.78 59.30 20.26
N ASN F 9 -66.91 59.75 19.36
CA ASN F 9 -65.50 59.88 19.70
C ASN F 9 -65.26 61.03 20.68
N GLN F 10 -66.06 62.08 20.58
CA GLN F 10 -65.87 63.25 21.44
C GLN F 10 -66.12 62.89 22.90
N ARG F 11 -65.26 63.41 23.78
CA ARG F 11 -65.34 63.13 25.20
C ARG F 11 -66.10 64.24 25.93
N ALA F 12 -66.36 63.99 27.21
CA ALA F 12 -67.04 64.99 28.03
C ALA F 12 -66.11 66.19 28.24
N PRO F 13 -66.65 67.41 28.18
CA PRO F 13 -65.79 68.59 28.35
C PRO F 13 -65.24 68.68 29.76
N THR F 14 -64.03 69.23 29.87
CA THR F 14 -63.39 69.43 31.16
C THR F 14 -63.95 70.70 31.82
N ALA F 15 -63.75 70.80 33.14
CA ALA F 15 -64.19 71.99 33.86
C ALA F 15 -63.53 73.26 33.32
N ALA F 16 -62.26 73.16 32.90
CA ALA F 16 -61.62 74.29 32.25
C ALA F 16 -62.33 74.63 30.93
N GLU F 17 -62.72 73.61 30.18
CA GLU F 17 -63.46 73.84 28.93
C GLU F 17 -64.85 74.41 29.19
N LEU F 18 -65.41 74.20 30.38
CA LEU F 18 -66.72 74.77 30.70
C LEU F 18 -66.66 76.30 30.73
N GLN F 19 -65.60 76.86 31.34
CA GLN F 19 -65.47 78.30 31.40
C GLN F 19 -65.15 78.89 30.03
N ALA F 20 -64.25 78.26 29.28
CA ALA F 20 -63.85 78.72 27.97
C ALA F 20 -64.10 77.61 26.95
N PRO F 21 -65.00 77.80 25.99
CA PRO F 21 -65.27 76.72 25.04
C PRO F 21 -64.04 76.43 24.20
N PRO F 22 -63.87 75.17 23.78
CA PRO F 22 -62.67 74.81 23.02
C PRO F 22 -62.64 75.53 21.68
N PRO F 23 -61.47 75.89 21.19
CA PRO F 23 -61.38 76.57 19.89
C PRO F 23 -61.59 75.59 18.76
N PRO F 24 -61.89 76.08 17.55
CA PRO F 24 -62.02 75.19 16.40
C PRO F 24 -60.69 74.53 16.06
N PRO F 25 -60.71 73.40 15.36
CA PRO F 25 -59.45 72.71 15.06
C PRO F 25 -58.52 73.57 14.22
N SER F 26 -57.23 73.35 14.41
CA SER F 26 -56.21 74.17 13.76
C SER F 26 -56.28 74.02 12.25
N SER F 27 -55.99 75.12 11.55
CA SER F 27 -56.00 75.16 10.09
C SER F 27 -54.70 74.65 9.48
N THR F 28 -53.88 73.93 10.24
CA THR F 28 -52.63 73.39 9.75
C THR F 28 -52.71 71.90 9.44
N LYS F 29 -53.92 71.38 9.21
CA LYS F 29 -54.12 69.97 8.87
C LYS F 29 -53.70 69.77 7.42
N SER F 30 -52.39 69.58 7.22
CA SER F 30 -51.85 69.42 5.88
C SER F 30 -52.32 68.12 5.26
N LYS F 31 -52.65 68.18 3.97
CA LYS F 31 -53.08 67.00 3.22
C LYS F 31 -51.85 66.27 2.66
N PHE F 32 -51.08 65.71 3.58
CA PHE F 32 -49.85 65.01 3.22
C PHE F 32 -49.64 63.88 4.22
N PHE F 33 -48.44 63.33 4.27
CA PHE F 33 -48.13 62.25 5.21
C PHE F 33 -48.26 62.74 6.65
N GLY F 34 -47.70 63.90 6.95
CA GLY F 34 -47.87 64.51 8.26
C GLY F 34 -47.08 63.89 9.38
N LYS F 35 -46.16 62.96 9.09
CA LYS F 35 -45.38 62.27 10.12
C LYS F 35 -43.90 62.41 9.79
N ALA F 36 -43.32 63.54 10.19
CA ALA F 36 -41.88 63.82 10.10
C ALA F 36 -41.30 63.38 8.76
N SER F 37 -41.84 63.98 7.69
CA SER F 37 -41.38 63.76 6.32
C SER F 37 -41.52 62.28 5.96
N ILE F 38 -40.61 61.76 5.14
CA ILE F 38 -40.67 60.39 4.66
C ILE F 38 -39.54 59.55 5.23
N ALA F 39 -38.35 60.14 5.41
CA ALA F 39 -37.20 59.37 5.86
C ALA F 39 -37.45 58.73 7.22
N SER F 40 -38.07 59.47 8.13
CA SER F 40 -38.41 58.92 9.44
C SER F 40 -39.39 57.76 9.31
N SER F 41 -40.40 57.91 8.45
CA SER F 41 -41.38 56.85 8.27
C SER F 41 -40.75 55.60 7.67
N PHE F 42 -39.91 55.77 6.65
CA PHE F 42 -39.18 54.63 6.10
C PHE F 42 -38.21 54.04 7.11
N ARG F 43 -37.57 54.89 7.92
CA ARG F 43 -36.70 54.40 8.98
C ARG F 43 -37.49 53.57 10.00
N LYS F 44 -38.75 53.97 10.27
CA LYS F 44 -39.54 53.25 11.26
C LYS F 44 -39.74 51.79 10.86
N ASN F 45 -40.01 51.54 9.57
CA ASN F 45 -40.12 50.16 9.11
C ASN F 45 -38.77 49.45 9.12
N ALA F 46 -37.67 50.18 8.92
CA ALA F 46 -36.36 49.56 8.84
C ALA F 46 -35.92 48.97 10.18
N ALA F 47 -36.41 49.51 11.30
CA ALA F 47 -36.03 48.98 12.60
C ALA F 47 -36.50 47.55 12.79
N GLY F 48 -37.70 47.24 12.32
CA GLY F 48 -38.26 45.91 12.36
C GLY F 48 -37.97 45.04 11.16
N ASN F 49 -37.06 45.46 10.28
CA ASN F 49 -36.75 44.71 9.07
C ASN F 49 -35.61 43.72 9.28
N PHE F 50 -34.48 44.19 9.80
CA PHE F 50 -33.27 43.39 9.93
C PHE F 50 -32.72 43.45 11.35
N GLY F 51 -33.60 43.25 12.32
CA GLY F 51 -33.20 43.24 13.71
C GLY F 51 -33.62 41.97 14.41
N PRO F 52 -33.07 41.73 15.61
CA PRO F 52 -33.50 40.56 16.38
C PRO F 52 -34.98 40.61 16.71
N GLU F 53 -35.62 39.43 16.68
CA GLU F 53 -37.06 39.36 16.86
C GLU F 53 -37.47 39.87 18.24
N LEU F 54 -36.73 39.49 19.27
CA LEU F 54 -37.07 39.92 20.64
C LEU F 54 -36.98 41.44 20.77
N ALA F 55 -35.94 42.04 20.21
CA ALA F 55 -35.67 43.47 20.37
C ALA F 55 -36.23 44.31 19.25
N ARG F 56 -37.05 43.74 18.36
CA ARG F 56 -37.61 44.50 17.25
C ARG F 56 -38.47 45.66 17.75
N LYS F 57 -39.30 45.40 18.76
CA LYS F 57 -40.12 46.46 19.33
C LYS F 57 -39.27 47.51 20.04
N LEU F 58 -38.27 47.08 20.81
CA LEU F 58 -37.38 48.03 21.46
C LEU F 58 -36.50 48.77 20.47
N SER F 59 -36.04 48.09 19.41
CA SER F 59 -35.26 48.78 18.38
C SER F 59 -36.07 49.92 17.77
N GLN F 60 -37.37 49.69 17.54
CA GLN F 60 -38.24 50.79 17.16
C GLN F 60 -38.36 51.82 18.27
N LEU F 61 -38.52 51.35 19.51
CA LEU F 61 -38.87 52.24 20.62
C LEU F 61 -37.80 53.31 20.86
N VAL F 62 -36.54 52.89 21.02
CA VAL F 62 -35.49 53.86 21.31
C VAL F 62 -35.30 54.82 20.15
N LYS F 63 -35.32 54.29 18.92
CA LYS F 63 -35.16 55.14 17.75
C LYS F 63 -36.39 55.99 17.49
N THR F 64 -37.58 55.50 17.87
CA THR F 64 -38.78 56.33 17.74
C THR F 64 -38.66 57.59 18.58
N GLU F 65 -38.07 57.48 19.77
CA GLU F 65 -37.82 58.65 20.60
C GLU F 65 -36.81 59.60 19.96
N LYS F 66 -35.96 59.10 19.06
CA LYS F 66 -35.13 60.00 18.26
C LYS F 66 -35.99 60.87 17.36
N GLY F 67 -37.08 60.30 16.82
CA GLY F 67 -38.05 61.12 16.11
C GLY F 67 -38.69 62.17 16.99
N VAL F 68 -38.92 61.85 18.27
CA VAL F 68 -39.36 62.86 19.21
C VAL F 68 -38.30 63.94 19.35
N LEU F 69 -37.04 63.52 19.48
CA LEU F 69 -35.95 64.47 19.68
C LEU F 69 -35.75 65.36 18.46
N ARG F 70 -35.74 64.77 17.27
CA ARG F 70 -35.55 65.55 16.05
C ARG F 70 -36.67 66.55 15.84
N ALA F 71 -37.92 66.11 16.05
CA ALA F 71 -39.06 67.01 15.91
C ALA F 71 -39.04 68.08 16.98
N MET F 72 -38.71 67.72 18.22
CA MET F 72 -38.64 68.72 19.29
C MET F 72 -37.46 69.65 19.09
N GLU F 73 -36.38 69.17 18.48
CA GLU F 73 -35.27 70.05 18.13
C GLU F 73 -35.73 71.15 17.19
N VAL F 74 -36.55 70.82 16.20
CA VAL F 74 -37.11 71.82 15.31
C VAL F 74 -38.01 72.78 16.08
N VAL F 75 -38.85 72.24 16.97
CA VAL F 75 -39.76 73.09 17.74
C VAL F 75 -38.97 74.07 18.60
N ALA F 76 -37.95 73.57 19.31
CA ALA F 76 -37.16 74.44 20.17
C ALA F 76 -36.39 75.48 19.35
N SER F 77 -35.81 75.07 18.24
CA SER F 77 -34.99 75.99 17.43
C SER F 77 -35.85 76.96 16.63
N GLU F 78 -36.97 76.49 16.08
CA GLU F 78 -37.76 77.36 15.21
C GLU F 78 -38.64 78.31 16.02
N ARG F 79 -39.15 77.85 17.17
CA ARG F 79 -39.80 78.78 18.10
C ARG F 79 -38.80 79.80 18.63
N ARG F 80 -37.53 79.41 18.76
CA ARG F 80 -36.49 80.35 19.16
C ARG F 80 -36.40 81.51 18.16
N GLU F 81 -36.60 81.22 16.88
CA GLU F 81 -36.62 82.28 15.87
C GLU F 81 -37.83 83.19 16.04
N ALA F 82 -38.94 82.64 16.54
CA ALA F 82 -40.13 83.45 16.76
C ALA F 82 -39.88 84.52 17.82
N ALA F 83 -39.15 84.18 18.88
CA ALA F 83 -38.75 85.18 19.86
C ALA F 83 -37.84 86.22 19.22
N LYS F 84 -36.93 85.78 18.34
CA LYS F 84 -36.09 86.71 17.61
C LYS F 84 -36.91 87.69 16.79
N GLN F 85 -37.89 87.17 16.02
CA GLN F 85 -38.65 88.05 15.13
C GLN F 85 -39.65 88.89 15.91
N LEU F 86 -40.23 88.34 16.97
CA LEU F 86 -41.22 89.09 17.75
C LEU F 86 -40.60 90.35 18.34
N SER F 87 -39.47 90.20 19.04
CA SER F 87 -38.82 91.36 19.65
C SER F 87 -38.34 92.35 18.59
N LEU F 88 -38.03 91.85 17.39
CA LEU F 88 -37.60 92.72 16.31
C LEU F 88 -38.73 93.66 15.88
N TRP F 89 -39.96 93.15 15.83
CA TRP F 89 -41.09 93.97 15.40
C TRP F 89 -41.40 95.09 16.38
N GLY F 90 -40.90 94.97 17.61
CA GLY F 90 -41.17 96.00 18.61
C GLY F 90 -40.64 97.37 18.23
N ALA F 91 -39.68 97.42 17.30
CA ALA F 91 -39.11 98.70 16.89
C ALA F 91 -40.15 99.60 16.25
N ASP F 92 -40.88 99.11 15.25
CA ASP F 92 -41.84 99.93 14.52
C ASP F 92 -43.18 99.95 15.26
N ASN F 93 -43.10 100.35 16.52
CA ASN F 93 -44.27 100.45 17.39
C ASN F 93 -43.97 101.48 18.47
N ASP F 94 -45.01 101.84 19.22
CA ASP F 94 -44.86 102.79 20.31
C ASP F 94 -43.99 102.19 21.42
N ASP F 95 -43.45 103.06 22.26
CA ASP F 95 -42.49 102.66 23.29
C ASP F 95 -43.08 101.64 24.26
N ASP F 96 -44.34 101.83 24.66
CA ASP F 96 -44.97 100.92 25.60
C ASP F 96 -45.02 99.53 25.01
N VAL F 97 -45.48 99.41 23.76
CA VAL F 97 -45.53 98.11 23.09
C VAL F 97 -44.13 97.55 22.92
N SER F 98 -43.16 98.41 22.58
CA SER F 98 -41.79 97.94 22.37
C SER F 98 -41.22 97.30 23.63
N ASP F 99 -41.40 97.96 24.77
CA ASP F 99 -40.87 97.43 26.03
C ASP F 99 -41.57 96.12 26.40
N VAL F 100 -42.89 96.07 26.26
CA VAL F 100 -43.62 94.84 26.59
C VAL F 100 -43.23 93.72 25.63
N THR F 101 -43.11 94.04 24.34
CA THR F 101 -42.88 93.00 23.34
C THR F 101 -41.50 92.37 23.48
N ASP F 102 -40.45 93.20 23.62
CA ASP F 102 -39.11 92.63 23.70
C ASP F 102 -38.92 91.88 25.02
N LYS F 103 -39.54 92.37 26.10
CA LYS F 103 -39.54 91.60 27.35
C LYS F 103 -40.24 90.26 27.18
N LEU F 104 -41.36 90.24 26.46
CA LEU F 104 -42.01 88.99 26.13
C LEU F 104 -41.10 88.08 25.31
N GLY F 105 -40.30 88.69 24.42
CA GLY F 105 -39.34 87.91 23.66
C GLY F 105 -38.28 87.28 24.54
N VAL F 106 -37.85 88.00 25.59
CA VAL F 106 -36.93 87.42 26.56
C VAL F 106 -37.57 86.21 27.25
N LEU F 107 -38.84 86.36 27.65
CA LEU F 107 -39.49 85.26 28.36
C LEU F 107 -39.67 84.05 27.45
N ILE F 108 -40.01 84.28 26.18
CA ILE F 108 -40.14 83.17 25.23
C ILE F 108 -38.76 82.58 24.94
N TYR F 109 -37.72 83.40 24.92
CA TYR F 109 -36.36 82.89 24.78
C TYR F 109 -36.04 81.90 25.90
N GLU F 110 -36.42 82.26 27.13
CA GLU F 110 -36.24 81.34 28.25
C GLU F 110 -37.07 80.07 28.06
N LEU F 111 -38.25 80.21 27.47
CA LEU F 111 -39.10 79.06 27.17
C LEU F 111 -38.37 78.08 26.26
N GLY F 112 -37.71 78.61 25.23
CA GLY F 112 -36.94 77.78 24.32
C GLY F 112 -35.72 77.14 24.95
N GLU F 113 -35.00 77.91 25.79
CA GLU F 113 -33.83 77.37 26.45
C GLU F 113 -34.19 76.22 27.38
N LEU F 114 -35.25 76.38 28.17
CA LEU F 114 -35.68 75.29 29.04
C LEU F 114 -36.11 74.08 28.22
N GLN F 115 -36.74 74.31 27.07
CA GLN F 115 -37.05 73.21 26.17
C GLN F 115 -35.79 72.45 25.77
N ASP F 116 -34.72 73.17 25.45
CA ASP F 116 -33.48 72.51 25.02
C ASP F 116 -32.92 71.62 26.13
N GLN F 117 -32.97 72.09 27.37
CA GLN F 117 -32.55 71.23 28.48
C GLN F 117 -33.46 70.00 28.60
N PHE F 118 -34.75 70.18 28.32
CA PHE F 118 -35.67 69.05 28.33
C PHE F 118 -35.29 68.01 27.26
N ILE F 119 -34.91 68.47 26.07
CA ILE F 119 -34.49 67.54 25.03
C ILE F 119 -33.21 66.81 25.43
N ASP F 120 -32.30 67.50 26.13
CA ASP F 120 -31.08 66.86 26.60
C ASP F 120 -31.40 65.72 27.57
N LYS F 121 -32.26 65.99 28.56
CA LYS F 121 -32.67 64.94 29.49
C LYS F 121 -33.48 63.86 28.78
N TYR F 122 -34.27 64.25 27.78
CA TYR F 122 -34.99 63.27 26.97
C TYR F 122 -34.03 62.34 26.25
N ASP F 123 -32.91 62.89 25.77
CA ASP F 123 -31.88 62.05 25.14
C ASP F 123 -31.30 61.05 26.13
N GLN F 124 -31.08 61.48 27.38
CA GLN F 124 -30.56 60.56 28.38
C GLN F 124 -31.54 59.41 28.62
N TYR F 125 -32.83 59.71 28.70
CA TYR F 125 -33.84 58.65 28.85
C TYR F 125 -33.84 57.75 27.63
N ARG F 126 -33.65 58.32 26.43
CA ARG F 126 -33.54 57.51 25.23
C ARG F 126 -32.29 56.63 25.26
N VAL F 127 -31.20 57.15 25.82
CA VAL F 127 -29.95 56.41 25.85
C VAL F 127 -30.08 55.17 26.75
N THR F 128 -30.65 55.33 27.94
CA THR F 128 -30.84 54.17 28.80
C THR F 128 -31.87 53.21 28.23
N LEU F 129 -32.84 53.72 27.46
CA LEU F 129 -33.72 52.83 26.71
C LEU F 129 -32.93 52.04 25.66
N LYS F 130 -31.94 52.67 25.05
CA LYS F 130 -31.05 51.94 24.14
C LYS F 130 -30.26 50.87 24.87
N SER F 131 -29.88 51.13 26.12
CA SER F 131 -29.10 50.16 26.90
C SER F 131 -29.93 48.91 27.19
N ILE F 132 -31.17 49.10 27.66
CA ILE F 132 -32.03 47.93 27.91
C ILE F 132 -32.34 47.23 26.59
N ARG F 133 -32.43 47.97 25.49
CA ARG F 133 -32.54 47.35 24.18
C ARG F 133 -31.34 46.45 23.90
N ASN F 134 -30.14 46.93 24.23
CA ASN F 134 -28.93 46.19 23.91
C ASN F 134 -28.87 44.86 24.66
N ILE F 135 -29.17 44.88 25.96
CA ILE F 135 -29.08 43.64 26.74
C ILE F 135 -30.17 42.66 26.33
N GLU F 136 -31.38 43.17 26.06
CA GLU F 136 -32.46 42.30 25.61
C GLU F 136 -32.12 41.67 24.25
N ALA F 137 -31.53 42.47 23.35
CA ALA F 137 -31.07 41.93 22.08
C ALA F 137 -29.96 40.90 22.28
N SER F 138 -29.16 41.05 23.33
CA SER F 138 -28.14 40.05 23.64
C SER F 138 -28.74 38.79 24.24
N VAL F 139 -29.91 38.91 24.90
CA VAL F 139 -30.58 37.73 25.45
C VAL F 139 -31.14 36.87 24.33
N GLN F 140 -31.61 37.50 23.25
CA GLN F 140 -32.28 36.79 22.15
C GLN F 140 -31.49 35.61 21.59
N PRO F 141 -30.19 35.71 21.31
CA PRO F 141 -29.49 34.55 20.73
C PRO F 141 -29.53 33.31 21.62
N SER F 142 -29.57 33.47 22.94
CA SER F 142 -29.72 32.31 23.82
C SER F 142 -31.06 31.63 23.62
N ARG F 143 -32.12 32.41 23.42
CA ARG F 143 -33.41 31.82 23.09
C ARG F 143 -33.34 31.08 21.76
N ASP F 144 -32.63 31.65 20.79
CA ASP F 144 -32.40 30.97 19.52
C ASP F 144 -31.68 29.64 19.75
N ARG F 145 -30.62 29.66 20.56
CA ARG F 145 -29.88 28.42 20.84
C ARG F 145 -30.76 27.40 21.53
N LYS F 146 -31.58 27.84 22.48
CA LYS F 146 -32.40 26.90 23.24
C LYS F 146 -33.45 26.21 22.37
N GLU F 147 -34.15 26.98 21.53
CA GLU F 147 -35.19 26.36 20.71
C GLU F 147 -34.58 25.47 19.63
N LYS F 148 -33.40 25.84 19.13
CA LYS F 148 -32.67 24.98 18.21
C LYS F 148 -32.30 23.66 18.91
N ILE F 149 -31.91 23.74 20.18
CA ILE F 149 -31.52 22.54 20.92
C ILE F 149 -32.70 21.59 21.08
N THR F 150 -33.84 22.10 21.54
CA THR F 150 -34.99 21.23 21.74
C THR F 150 -35.55 20.71 20.41
N ASP F 151 -35.43 21.52 19.35
CA ASP F 151 -35.85 21.06 18.03
C ASP F 151 -34.99 19.89 17.58
N GLU F 152 -33.67 19.98 17.74
CA GLU F 152 -32.79 18.90 17.32
C GLU F 152 -33.02 17.63 18.14
N ILE F 153 -33.17 17.76 19.46
CA ILE F 153 -33.35 16.56 20.27
C ILE F 153 -34.69 15.90 19.98
N ALA F 154 -35.73 16.71 19.74
CA ALA F 154 -37.02 16.14 19.38
C ALA F 154 -36.96 15.42 18.04
N HIS F 155 -36.30 16.04 17.05
CA HIS F 155 -36.20 15.42 15.73
C HIS F 155 -35.36 14.14 15.78
N LEU F 156 -34.23 14.17 16.50
CA LEU F 156 -33.39 13.00 16.62
C LEU F 156 -34.09 11.88 17.36
N LYS F 157 -34.82 12.21 18.44
CA LYS F 157 -35.57 11.20 19.17
C LYS F 157 -36.66 10.60 18.30
N TYR F 158 -37.32 11.42 17.48
CA TYR F 158 -38.32 10.91 16.55
C TYR F 158 -37.70 9.95 15.53
N LYS F 159 -36.51 10.29 15.02
CA LYS F 159 -35.86 9.42 14.05
C LYS F 159 -35.45 8.10 14.68
N ASP F 160 -34.75 8.15 15.81
CA ASP F 160 -34.31 6.93 16.50
C ASP F 160 -33.81 7.28 17.91
N PRO F 161 -34.17 6.49 18.92
CA PRO F 161 -33.65 6.73 20.27
C PRO F 161 -32.22 6.28 20.49
N GLN F 162 -31.64 5.54 19.56
CA GLN F 162 -30.30 5.01 19.70
C GLN F 162 -29.22 5.94 19.17
N SER F 163 -29.60 7.13 18.69
CA SER F 163 -28.61 8.07 18.18
C SER F 163 -27.66 8.51 19.29
N THR F 164 -26.36 8.53 18.96
CA THR F 164 -25.34 8.90 19.94
C THR F 164 -25.34 10.37 20.27
N LYS F 165 -25.97 11.22 19.45
CA LYS F 165 -26.01 12.65 19.71
C LYS F 165 -27.05 13.05 20.74
N ILE F 166 -28.01 12.17 21.05
CA ILE F 166 -29.07 12.47 22.00
C ILE F 166 -28.54 12.45 23.44
N PRO F 167 -27.64 11.52 23.81
CA PRO F 167 -27.05 11.60 25.17
C PRO F 167 -26.41 12.95 25.47
N VAL F 168 -25.74 13.56 24.49
CA VAL F 168 -25.14 14.87 24.72
C VAL F 168 -26.13 16.00 24.48
N LEU F 169 -27.17 15.78 23.66
CA LEU F 169 -28.17 16.81 23.44
C LEU F 169 -29.07 16.99 24.66
N GLU F 170 -29.34 15.90 25.40
CA GLU F 170 -30.10 16.03 26.64
C GLU F 170 -29.37 16.92 27.64
N GLN F 171 -28.07 16.67 27.82
CA GLN F 171 -27.28 17.54 28.68
C GLN F 171 -27.17 18.94 28.10
N GLU F 172 -27.15 19.06 26.77
CA GLU F 172 -27.13 20.37 26.14
C GLU F 172 -28.40 21.15 26.46
N LEU F 173 -29.54 20.46 26.56
CA LEU F 173 -30.78 21.13 26.96
C LEU F 173 -30.67 21.64 28.39
N VAL F 174 -30.13 20.82 29.31
CA VAL F 174 -29.92 21.28 30.67
C VAL F 174 -28.88 22.42 30.70
N ARG F 175 -27.81 22.25 29.92
CA ARG F 175 -26.81 23.28 29.68
C ARG F 175 -27.45 24.63 29.38
N ALA F 176 -28.26 24.68 28.32
CA ALA F 176 -28.94 25.91 27.94
C ALA F 176 -30.03 26.30 28.93
N GLU F 177 -30.59 25.34 29.68
CA GLU F 177 -31.62 25.67 30.65
C GLU F 177 -31.08 26.56 31.76
N ALA F 178 -29.99 26.13 32.41
CA ALA F 178 -29.36 26.98 33.41
C ALA F 178 -28.78 28.24 32.77
N GLU F 179 -28.18 28.09 31.59
CA GLU F 179 -27.68 29.22 30.82
C GLU F 179 -28.73 30.32 30.68
N SER F 180 -29.89 29.97 30.12
CA SER F 180 -30.93 30.96 29.88
C SER F 180 -31.55 31.45 31.19
N LEU F 181 -31.65 30.57 32.19
CA LEU F 181 -32.38 30.91 33.42
C LEU F 181 -31.71 32.06 34.16
N VAL F 182 -30.39 32.06 34.26
CA VAL F 182 -29.70 33.04 35.10
C VAL F 182 -29.92 34.45 34.57
N ALA F 183 -29.82 34.66 33.27
CA ALA F 183 -29.98 36.00 32.73
C ALA F 183 -31.41 36.34 32.37
N GLU F 184 -32.31 35.35 32.27
CA GLU F 184 -33.73 35.67 32.21
C GLU F 184 -34.17 36.35 33.50
N ALA F 185 -33.70 35.84 34.64
CA ALA F 185 -34.00 36.46 35.92
C ALA F 185 -33.43 37.87 36.00
N GLN F 186 -32.16 38.04 35.60
CA GLN F 186 -31.59 39.38 35.67
C GLN F 186 -32.16 40.28 34.59
N LEU F 187 -32.64 39.70 33.48
CA LEU F 187 -33.30 40.52 32.46
C LEU F 187 -34.54 41.18 33.03
N SER F 188 -35.34 40.43 33.78
CA SER F 188 -36.47 41.05 34.48
C SER F 188 -35.98 42.07 35.50
N ASN F 189 -34.90 41.75 36.22
CA ASN F 189 -34.37 42.67 37.23
C ASN F 189 -33.92 43.98 36.58
N ILE F 190 -33.08 43.88 35.54
CA ILE F 190 -32.52 45.09 34.93
C ILE F 190 -33.60 45.88 34.21
N THR F 191 -34.54 45.19 33.56
CA THR F 191 -35.63 45.91 32.91
C THR F 191 -36.45 46.70 33.91
N ARG F 192 -36.79 46.09 35.05
CA ARG F 192 -37.59 46.77 36.06
C ARG F 192 -36.84 47.97 36.65
N GLU F 193 -35.59 47.75 37.07
CA GLU F 193 -34.83 48.82 37.69
C GLU F 193 -34.54 49.95 36.70
N LYS F 194 -34.15 49.60 35.47
CA LYS F 194 -33.80 50.62 34.49
C LYS F 194 -35.03 51.40 34.01
N LEU F 195 -36.15 50.69 33.78
CA LEU F 195 -37.36 51.40 33.36
C LEU F 195 -37.87 52.33 34.46
N LYS F 196 -37.83 51.86 35.72
CA LYS F 196 -38.25 52.71 36.83
C LYS F 196 -37.36 53.94 36.95
N ALA F 197 -36.05 53.73 36.91
CA ALA F 197 -35.12 54.87 37.02
C ALA F 197 -35.25 55.81 35.83
N ALA F 198 -35.35 55.25 34.61
CA ALA F 198 -35.41 56.09 33.43
C ALA F 198 -36.69 56.93 33.40
N TYR F 199 -37.82 56.33 33.74
CA TYR F 199 -39.07 57.08 33.67
C TYR F 199 -39.27 57.97 34.89
N SER F 200 -38.68 57.63 36.03
CA SER F 200 -38.64 58.57 37.15
C SER F 200 -37.81 59.79 36.78
N TYR F 201 -36.66 59.58 36.14
CA TYR F 201 -35.85 60.70 35.66
C TYR F 201 -36.58 61.47 34.57
N MET F 202 -37.26 60.76 33.66
CA MET F 202 -37.99 61.42 32.59
C MET F 202 -39.14 62.26 33.13
N PHE F 203 -39.88 61.72 34.11
CA PHE F 203 -40.95 62.48 34.72
C PHE F 203 -40.41 63.60 35.60
N ASP F 204 -39.22 63.42 36.18
CA ASP F 204 -38.55 64.51 36.86
C ASP F 204 -38.22 65.64 35.91
N SER F 205 -37.72 65.30 34.72
CA SER F 205 -37.47 66.30 33.69
C SER F 205 -38.78 66.95 33.24
N LEU F 206 -39.84 66.16 33.11
CA LEU F 206 -41.14 66.72 32.73
C LEU F 206 -41.66 67.67 33.80
N ARG F 207 -41.52 67.30 35.07
CA ARG F 207 -41.93 68.20 36.16
C ARG F 207 -41.09 69.47 36.17
N GLU F 208 -39.78 69.33 35.97
CA GLU F 208 -38.90 70.50 35.91
C GLU F 208 -39.33 71.45 34.80
N LEU F 209 -39.49 70.92 33.59
CA LEU F 209 -39.92 71.74 32.47
C LEU F 209 -41.31 72.33 32.71
N SER F 210 -42.21 71.53 33.29
CA SER F 210 -43.59 71.97 33.48
C SER F 210 -43.66 73.16 34.44
N GLU F 211 -43.02 73.03 35.61
CA GLU F 211 -43.12 74.10 36.60
C GLU F 211 -42.38 75.36 36.13
N LYS F 212 -41.24 75.19 35.45
CA LYS F 212 -40.56 76.36 34.89
C LYS F 212 -41.43 77.04 33.83
N PHE F 213 -42.06 76.25 32.96
CA PHE F 213 -43.00 76.80 32.00
C PHE F 213 -44.10 77.60 32.69
N ALA F 214 -44.69 77.04 33.75
CA ALA F 214 -45.78 77.72 34.45
C ALA F 214 -45.29 79.00 35.12
N LEU F 215 -44.10 78.97 35.72
CA LEU F 215 -43.58 80.16 36.40
C LEU F 215 -43.38 81.30 35.41
N ILE F 216 -42.78 81.02 34.26
CA ILE F 216 -42.60 82.05 33.25
C ILE F 216 -43.94 82.51 32.67
N ALA F 217 -44.89 81.58 32.52
CA ALA F 217 -46.19 81.96 31.98
C ALA F 217 -46.94 82.90 32.92
N GLY F 218 -46.94 82.59 34.22
CA GLY F 218 -47.60 83.46 35.17
C GLY F 218 -46.93 84.82 35.29
N TYR F 219 -45.60 84.84 35.31
CA TYR F 219 -44.89 86.12 35.41
C TYR F 219 -45.02 86.92 34.11
N GLY F 220 -45.22 86.24 32.99
CA GLY F 220 -45.59 86.93 31.77
C GLY F 220 -46.97 87.56 31.87
N LYS F 221 -47.90 86.89 32.55
CA LYS F 221 -49.20 87.50 32.82
C LYS F 221 -49.05 88.78 33.63
N ALA F 222 -48.19 88.74 34.66
CA ALA F 222 -47.89 89.96 35.40
C ALA F 222 -47.18 90.98 34.52
N LEU F 223 -46.32 90.52 33.62
CA LEU F 223 -45.67 91.43 32.67
C LEU F 223 -46.69 92.09 31.75
N LEU F 224 -47.69 91.32 31.31
CA LEU F 224 -48.73 91.86 30.44
C LEU F 224 -49.61 92.89 31.13
N GLU F 225 -49.57 92.98 32.46
CA GLU F 225 -50.38 93.97 33.16
C GLU F 225 -49.93 95.39 32.84
N LEU F 226 -48.66 95.58 32.48
CA LEU F 226 -48.15 96.89 32.07
C LEU F 226 -48.43 97.15 30.59
N LEU F 227 -49.69 97.00 30.19
CA LEU F 227 -50.10 97.16 28.80
C LEU F 227 -51.46 97.85 28.80
N ASP F 228 -51.45 99.16 28.58
CA ASP F 228 -52.68 99.93 28.60
C ASP F 228 -53.57 99.56 27.41
N ASP F 229 -54.84 99.30 27.71
CA ASP F 229 -55.84 98.99 26.69
C ASP F 229 -56.84 100.13 26.50
N SER F 230 -56.49 101.33 26.93
CA SER F 230 -57.40 102.46 26.82
C SER F 230 -57.61 102.82 25.35
N PRO F 231 -58.86 103.06 24.93
CA PRO F 231 -59.13 103.46 23.53
C PRO F 231 -58.96 104.96 23.32
N VAL F 232 -57.71 105.38 23.12
CA VAL F 232 -57.42 106.79 22.96
C VAL F 232 -57.99 107.29 21.64
N THR F 233 -58.71 108.40 21.70
CA THR F 233 -59.32 108.98 20.51
C THR F 233 -58.26 109.64 19.63
N PRO F 234 -58.46 109.64 18.31
CA PRO F 234 -57.49 110.30 17.42
C PRO F 234 -57.43 111.80 17.68
N GLY F 235 -56.23 112.36 17.54
CA GLY F 235 -55.99 113.77 17.73
C GLY F 235 -55.41 114.14 19.09
N GLU F 236 -55.38 113.21 20.03
CA GLU F 236 -54.86 113.45 21.36
C GLU F 236 -53.56 112.67 21.58
N ALA F 237 -52.58 113.33 22.19
CA ALA F 237 -51.30 112.70 22.45
C ALA F 237 -51.41 111.71 23.61
N ARG F 238 -50.44 110.79 23.66
CA ARG F 238 -50.33 109.76 24.69
C ARG F 238 -49.39 110.20 25.80
N PRO F 239 -49.76 109.93 27.07
CA PRO F 239 -48.79 110.06 28.15
C PRO F 239 -47.63 109.11 27.97
N ALA F 240 -46.44 109.56 28.35
CA ALA F 240 -45.23 108.77 28.13
C ALA F 240 -45.22 107.52 29.00
N TYR F 241 -44.62 106.46 28.46
CA TYR F 241 -44.48 105.21 29.21
C TYR F 241 -43.55 105.41 30.40
N ASP F 242 -43.89 104.77 31.52
CA ASP F 242 -43.11 104.89 32.75
C ASP F 242 -42.80 103.56 33.41
N GLY F 243 -43.40 102.46 32.97
CA GLY F 243 -43.18 101.18 33.61
C GLY F 243 -41.92 100.48 33.15
N TYR F 244 -40.84 101.23 32.95
CA TYR F 244 -39.57 100.63 32.56
C TYR F 244 -38.97 99.82 33.69
N GLU F 245 -38.92 100.41 34.89
CA GLU F 245 -38.36 99.70 36.05
C GLU F 245 -39.32 98.66 36.61
N ALA F 246 -40.63 98.88 36.45
CA ALA F 246 -41.59 97.89 36.93
C ALA F 246 -41.47 96.58 36.16
N SER F 247 -41.32 96.64 34.84
CA SER F 247 -41.08 95.45 34.05
C SER F 247 -39.70 94.88 34.34
N ARG F 248 -38.72 95.76 34.60
CA ARG F 248 -37.39 95.29 34.96
C ARG F 248 -37.42 94.53 36.28
N GLN F 249 -38.17 95.03 37.27
CA GLN F 249 -38.28 94.34 38.54
C GLN F 249 -39.04 93.02 38.41
N ILE F 250 -40.00 92.95 37.48
CA ILE F 250 -40.75 91.72 37.28
C ILE F 250 -39.81 90.60 36.83
N ILE F 251 -38.88 90.92 35.92
CA ILE F 251 -37.90 89.93 35.48
C ILE F 251 -37.01 89.51 36.65
N MET F 252 -36.59 90.47 37.48
CA MET F 252 -35.75 90.14 38.63
C MET F 252 -36.45 89.15 39.57
N ASP F 253 -37.73 89.38 39.84
CA ASP F 253 -38.47 88.41 40.64
C ASP F 253 -38.57 87.08 39.91
N ALA F 254 -38.75 87.11 38.60
CA ALA F 254 -38.77 85.88 37.81
C ALA F 254 -37.43 85.15 37.90
N GLU F 255 -36.32 85.89 37.74
CA GLU F 255 -35.00 85.27 37.88
C GLU F 255 -34.77 84.81 39.31
N SER F 256 -35.22 85.59 40.30
CA SER F 256 -35.06 85.19 41.69
C SER F 256 -35.78 83.88 41.98
N ALA F 257 -37.02 83.75 41.48
CA ALA F 257 -37.72 82.48 41.60
C ALA F 257 -37.10 81.42 40.68
N LEU F 258 -36.44 81.85 39.60
CA LEU F 258 -35.81 80.91 38.69
C LEU F 258 -34.60 80.24 39.34
N GLU F 259 -33.73 81.04 39.96
CA GLU F 259 -32.51 80.52 40.58
C GLU F 259 -32.75 79.89 41.94
N SER F 260 -33.96 79.97 42.48
CA SER F 260 -34.30 79.41 43.78
C SER F 260 -35.28 78.27 43.65
N TRP F 261 -35.11 77.45 42.62
CA TRP F 261 -35.96 76.30 42.36
C TRP F 261 -35.24 75.03 42.80
N THR F 262 -35.78 74.36 43.81
CA THR F 262 -35.27 73.09 44.28
C THR F 262 -36.39 72.07 44.29
N LEU F 263 -36.03 70.80 44.07
CA LEU F 263 -37.01 69.73 44.05
C LEU F 263 -37.69 69.52 45.39
N ASP F 264 -37.10 70.02 46.49
CA ASP F 264 -37.75 69.89 47.79
C ASP F 264 -39.08 70.65 47.81
N MET F 265 -39.12 71.84 47.21
CA MET F 265 -40.35 72.61 47.11
C MET F 265 -41.05 72.28 45.80
N ALA F 266 -42.38 72.32 45.84
CA ALA F 266 -43.20 72.03 44.66
C ALA F 266 -44.57 72.65 44.86
N ALA F 267 -44.90 73.68 44.07
CA ALA F 267 -46.21 74.29 44.17
C ALA F 267 -47.31 73.31 43.79
N VAL F 268 -47.07 72.50 42.75
CA VAL F 268 -48.03 71.48 42.37
C VAL F 268 -48.05 70.39 43.42
N LYS F 269 -49.20 70.19 44.06
CA LYS F 269 -49.38 69.22 45.13
C LYS F 269 -50.49 68.26 44.74
N PRO F 270 -50.17 67.13 44.10
CA PRO F 270 -51.19 66.15 43.77
C PRO F 270 -51.85 65.58 45.01
N THR F 271 -53.15 65.28 44.88
CA THR F 271 -53.91 64.74 46.00
C THR F 271 -53.75 63.23 46.11
N MET G 1 5.92 120.03 24.36
CA MET G 1 6.44 118.86 25.05
C MET G 1 7.40 119.30 26.15
N HIS G 2 8.00 118.32 26.82
CA HIS G 2 9.00 118.56 27.85
C HIS G 2 10.33 118.03 27.35
N ARG G 3 11.31 118.92 27.22
CA ARG G 3 12.66 118.56 26.78
C ARG G 3 13.68 119.18 27.72
N THR G 4 14.85 118.57 27.79
CA THR G 4 15.91 119.07 28.65
C THR G 4 16.79 120.06 27.89
N TYR G 5 17.57 120.83 28.65
CA TYR G 5 18.50 121.80 28.07
C TYR G 5 19.80 121.10 27.69
N SER G 6 19.68 120.28 26.65
CA SER G 6 20.83 119.51 26.17
C SER G 6 20.62 119.20 24.70
N LEU G 7 21.72 119.02 23.98
CA LEU G 7 21.64 118.64 22.57
C LEU G 7 21.18 117.20 22.41
N ARG G 8 21.13 116.46 23.52
CA ARG G 8 20.65 115.08 23.49
C ARG G 8 19.15 115.05 23.22
N ASN G 9 18.71 114.04 22.48
CA ASN G 9 17.28 113.93 22.15
C ASN G 9 16.47 113.53 23.39
N GLN G 10 17.06 112.74 24.28
CA GLN G 10 16.35 112.27 25.45
C GLN G 10 15.97 113.43 26.37
N ARG G 11 14.75 113.38 26.90
CA ARG G 11 14.24 114.43 27.76
C ARG G 11 14.42 114.07 29.23
N ALA G 12 14.14 115.04 30.09
CA ALA G 12 14.22 114.81 31.53
C ALA G 12 13.13 113.82 31.95
N PRO G 13 13.44 112.87 32.83
CA PRO G 13 12.43 111.89 33.25
C PRO G 13 11.31 112.55 34.04
N THR G 14 10.11 112.01 33.89
CA THR G 14 8.95 112.47 34.62
C THR G 14 8.96 111.91 36.04
N ALA G 15 8.19 112.56 36.93
CA ALA G 15 8.08 112.07 38.30
C ALA G 15 7.55 110.65 38.36
N ALA G 16 6.62 110.30 37.46
CA ALA G 16 6.16 108.92 37.37
C ALA G 16 7.31 107.99 36.96
N GLU G 17 8.15 108.44 36.03
CA GLU G 17 9.32 107.65 35.63
C GLU G 17 10.35 107.54 36.74
N LEU G 18 10.35 108.48 37.69
CA LEU G 18 11.28 108.39 38.81
C LEU G 18 10.98 107.16 39.68
N GLN G 19 9.71 106.91 39.96
CA GLN G 19 9.34 105.76 40.77
C GLN G 19 9.57 104.46 40.02
N ALA G 20 9.19 104.41 38.75
CA ALA G 20 9.35 103.22 37.91
C ALA G 20 10.18 103.57 36.68
N PRO G 21 11.37 103.01 36.53
CA PRO G 21 12.19 103.35 35.37
C PRO G 21 11.51 102.94 34.08
N PRO G 22 11.74 103.69 32.99
CA PRO G 22 11.06 103.36 31.74
C PRO G 22 11.52 102.02 31.20
N PRO G 23 10.64 101.28 30.55
CA PRO G 23 11.02 99.97 30.00
C PRO G 23 11.86 100.14 28.75
N PRO G 24 12.58 99.11 28.33
CA PRO G 24 13.34 99.18 27.07
C PRO G 24 12.40 99.32 25.89
N PRO G 25 12.90 99.84 24.76
CA PRO G 25 12.03 100.04 23.59
C PRO G 25 11.44 98.73 23.11
N SER G 26 10.24 98.83 22.54
CA SER G 26 9.50 97.64 22.11
C SER G 26 10.26 96.91 21.01
N SER G 27 10.13 95.58 21.02
CA SER G 27 10.78 94.73 20.03
C SER G 27 9.97 94.59 18.74
N THR G 28 9.02 95.49 18.50
CA THR G 28 8.21 95.46 17.30
C THR G 28 8.64 96.50 16.28
N LYS G 29 9.89 96.96 16.35
CA LYS G 29 10.43 97.93 15.40
C LYS G 29 10.72 97.20 14.10
N SER G 30 9.69 97.05 13.28
CA SER G 30 9.81 96.33 12.01
C SER G 30 10.70 97.10 11.05
N LYS G 31 11.55 96.37 10.33
CA LYS G 31 12.45 96.96 9.33
C LYS G 31 11.71 97.03 7.99
N PHE G 32 10.70 97.91 7.96
CA PHE G 32 9.88 98.09 6.77
C PHE G 32 9.43 99.54 6.73
N PHE G 33 8.42 99.83 5.91
CA PHE G 33 7.90 101.19 5.82
C PHE G 33 7.31 101.65 7.15
N GLY G 34 6.50 100.79 7.77
CA GLY G 34 5.99 101.08 9.10
C GLY G 34 4.90 102.12 9.18
N LYS G 35 4.35 102.56 8.04
CA LYS G 35 3.31 103.59 8.02
C LYS G 35 2.12 103.08 7.22
N ALA G 36 1.25 102.31 7.88
CA ALA G 36 -0.02 101.83 7.35
C ALA G 36 0.12 101.32 5.91
N SER G 37 0.99 100.32 5.76
CA SER G 37 1.21 99.63 4.47
C SER G 37 1.71 100.64 3.44
N ILE G 38 1.34 100.46 2.18
CA ILE G 38 1.81 101.29 1.08
C ILE G 38 0.69 102.14 0.50
N ALA G 39 -0.53 101.60 0.43
CA ALA G 39 -1.64 102.31 -0.20
C ALA G 39 -1.91 103.63 0.49
N SER G 40 -1.87 103.65 1.83
CA SER G 40 -2.06 104.90 2.56
C SER G 40 -0.96 105.91 2.24
N SER G 41 0.29 105.43 2.18
CA SER G 41 1.40 106.33 1.88
C SER G 41 1.30 106.90 0.47
N PHE G 42 0.96 106.06 -0.51
CA PHE G 42 0.75 106.56 -1.86
C PHE G 42 -0.47 107.47 -1.92
N ARG G 43 -1.52 107.15 -1.16
CA ARG G 43 -2.68 108.04 -1.09
C ARG G 43 -2.31 109.39 -0.51
N LYS G 44 -1.38 109.42 0.46
CA LYS G 44 -1.00 110.68 1.08
C LYS G 44 -0.42 111.66 0.06
N ASN G 45 0.41 111.17 -0.85
CA ASN G 45 0.93 112.02 -1.92
C ASN G 45 -0.17 112.41 -2.90
N ALA G 46 -1.17 111.54 -3.10
CA ALA G 46 -2.20 111.81 -4.09
C ALA G 46 -3.08 112.99 -3.70
N ALA G 47 -3.22 113.26 -2.41
CA ALA G 47 -4.06 114.38 -1.97
C ALA G 47 -3.49 115.71 -2.46
N GLY G 48 -2.18 115.86 -2.43
CA GLY G 48 -1.51 117.05 -2.90
C GLY G 48 -1.10 117.02 -4.36
N ASN G 49 -1.58 116.04 -5.13
CA ASN G 49 -1.21 115.91 -6.53
C ASN G 49 -2.16 116.67 -7.46
N PHE G 50 -3.46 116.42 -7.32
CA PHE G 50 -4.48 116.96 -8.22
C PHE G 50 -5.59 117.64 -7.45
N GLY G 51 -5.21 118.49 -6.50
CA GLY G 51 -6.18 119.23 -5.72
C GLY G 51 -5.91 120.73 -5.78
N PRO G 52 -6.88 121.53 -5.33
CA PRO G 52 -6.68 122.98 -5.27
C PRO G 52 -5.51 123.33 -4.36
N GLU G 53 -4.76 124.36 -4.78
CA GLU G 53 -3.54 124.74 -4.06
C GLU G 53 -3.86 125.17 -2.63
N LEU G 54 -4.92 125.96 -2.45
CA LEU G 54 -5.27 126.43 -1.11
C LEU G 54 -5.64 125.29 -0.19
N ALA G 55 -6.41 124.32 -0.70
CA ALA G 55 -6.94 123.23 0.11
C ALA G 55 -6.07 121.97 0.05
N ARG G 56 -4.87 122.06 -0.53
CA ARG G 56 -4.01 120.89 -0.61
C ARG G 56 -3.64 120.37 0.78
N LYS G 57 -3.31 121.27 1.70
CA LYS G 57 -2.99 120.86 3.07
C LYS G 57 -4.21 120.29 3.77
N LEU G 58 -5.37 120.94 3.62
CA LEU G 58 -6.60 120.41 4.22
C LEU G 58 -7.06 119.11 3.57
N SER G 59 -6.89 119.00 2.24
CA SER G 59 -7.23 117.73 1.58
C SER G 59 -6.42 116.58 2.16
N GLN G 60 -5.15 116.82 2.45
CA GLN G 60 -4.36 115.84 3.19
C GLN G 60 -4.90 115.67 4.60
N LEU G 61 -5.24 116.78 5.27
CA LEU G 61 -5.54 116.75 6.70
C LEU G 61 -6.76 115.88 7.00
N VAL G 62 -7.88 116.12 6.32
CA VAL G 62 -9.09 115.35 6.61
C VAL G 62 -8.88 113.88 6.28
N LYS G 63 -8.25 113.61 5.12
CA LYS G 63 -8.01 112.23 4.73
C LYS G 63 -6.93 111.57 5.58
N THR G 64 -5.97 112.36 6.09
CA THR G 64 -4.98 111.80 7.00
C THR G 64 -5.65 111.24 8.24
N GLU G 65 -6.67 111.93 8.75
CA GLU G 65 -7.44 111.42 9.88
C GLU G 65 -8.19 110.13 9.53
N LYS G 66 -8.48 109.90 8.26
CA LYS G 66 -9.00 108.60 7.84
C LYS G 66 -7.97 107.51 8.10
N GLY G 67 -6.68 107.81 7.88
CA GLY G 67 -5.63 106.89 8.28
C GLY G 67 -5.62 106.63 9.77
N VAL G 68 -5.91 107.65 10.57
CA VAL G 68 -6.11 107.44 12.01
C VAL G 68 -7.27 106.50 12.25
N LEU G 69 -8.37 106.72 11.54
CA LEU G 69 -9.58 105.92 11.74
C LEU G 69 -9.36 104.48 11.31
N ARG G 70 -8.74 104.27 10.15
CA ARG G 70 -8.50 102.91 9.66
C ARG G 70 -7.56 102.16 10.58
N ALA G 71 -6.49 102.81 11.03
CA ALA G 71 -5.55 102.17 11.94
C ALA G 71 -6.20 101.91 13.29
N MET G 72 -6.98 102.86 13.80
CA MET G 72 -7.67 102.66 15.07
C MET G 72 -8.77 101.62 14.96
N GLU G 73 -9.38 101.50 13.77
CA GLU G 73 -10.34 100.42 13.54
C GLU G 73 -9.69 99.06 13.74
N VAL G 74 -8.47 98.90 13.21
CA VAL G 74 -7.73 97.65 13.42
C VAL G 74 -7.43 97.46 14.89
N VAL G 75 -6.99 98.51 15.57
CA VAL G 75 -6.65 98.41 16.99
C VAL G 75 -7.88 97.99 17.80
N ALA G 76 -9.02 98.65 17.56
CA ALA G 76 -10.23 98.33 18.31
C ALA G 76 -10.70 96.91 18.01
N SER G 77 -10.68 96.52 16.72
CA SER G 77 -11.18 95.20 16.34
C SER G 77 -10.22 94.08 16.71
N GLU G 78 -8.91 94.30 16.56
CA GLU G 78 -7.95 93.23 16.79
C GLU G 78 -7.68 93.05 18.29
N ARG G 79 -7.66 94.15 19.05
CA ARG G 79 -7.64 94.01 20.51
C ARG G 79 -8.92 93.36 21.02
N ARG G 80 -10.04 93.57 20.33
CA ARG G 80 -11.27 92.88 20.68
C ARG G 80 -11.09 91.36 20.61
N GLU G 81 -10.30 90.89 19.64
CA GLU G 81 -10.00 89.46 19.56
C GLU G 81 -9.15 89.01 20.74
N ALA G 82 -8.30 89.90 21.25
CA ALA G 82 -7.46 89.54 22.40
C ALA G 82 -8.32 89.25 23.63
N ALA G 83 -9.38 90.02 23.84
CA ALA G 83 -10.31 89.72 24.92
C ALA G 83 -11.00 88.38 24.67
N LYS G 84 -11.34 88.11 23.41
CA LYS G 84 -11.91 86.81 23.06
C LYS G 84 -10.97 85.67 23.42
N GLN G 85 -9.70 85.78 23.02
CA GLN G 85 -8.76 84.68 23.24
C GLN G 85 -8.33 84.59 24.69
N LEU G 86 -8.21 85.74 25.37
CA LEU G 86 -7.79 85.71 26.78
C LEU G 86 -8.80 84.95 27.64
N SER G 87 -10.08 85.30 27.53
CA SER G 87 -11.09 84.62 28.33
C SER G 87 -11.20 83.14 27.95
N LEU G 88 -10.88 82.82 26.70
CA LEU G 88 -10.91 81.43 26.26
C LEU G 88 -9.86 80.59 26.99
N TRP G 89 -8.68 81.16 27.22
CA TRP G 89 -7.61 80.41 27.87
C TRP G 89 -7.95 80.12 29.33
N GLY G 90 -8.91 80.84 29.91
CA GLY G 90 -9.25 80.62 31.30
C GLY G 90 -9.77 79.23 31.59
N ALA G 91 -10.21 78.51 30.54
CA ALA G 91 -10.74 77.16 30.73
C ALA G 91 -9.67 76.21 31.27
N ASP G 92 -8.52 76.15 30.62
CA ASP G 92 -7.46 75.21 30.99
C ASP G 92 -6.61 75.81 32.12
N ASN G 93 -7.30 76.20 33.18
CA ASN G 93 -6.66 76.78 34.36
C ASN G 93 -7.55 76.51 35.57
N ASP G 94 -7.00 76.82 36.74
CA ASP G 94 -7.77 76.65 37.98
C ASP G 94 -8.92 77.64 38.02
N ASP G 95 -9.91 77.35 38.86
CA ASP G 95 -11.15 78.12 38.92
C ASP G 95 -10.91 79.57 39.28
N ASP G 96 -10.00 79.83 40.22
CA ASP G 96 -9.70 81.20 40.63
C ASP G 96 -9.19 82.00 39.43
N VAL G 97 -8.21 81.44 38.70
CA VAL G 97 -7.69 82.12 37.53
C VAL G 97 -8.77 82.27 36.47
N SER G 98 -9.60 81.24 36.29
CA SER G 98 -10.65 81.29 35.28
C SER G 98 -11.61 82.45 35.54
N ASP G 99 -12.05 82.60 36.79
CA ASP G 99 -12.99 83.67 37.13
C ASP G 99 -12.34 85.04 36.93
N VAL G 100 -11.10 85.20 37.39
CA VAL G 100 -10.42 86.48 37.24
C VAL G 100 -10.16 86.78 35.77
N THR G 101 -9.76 85.77 35.00
CA THR G 101 -9.36 85.99 33.61
C THR G 101 -10.56 86.39 32.75
N ASP G 102 -11.67 85.64 32.85
CA ASP G 102 -12.81 85.96 31.99
C ASP G 102 -13.44 87.29 32.40
N LYS G 103 -13.44 87.61 33.69
CA LYS G 103 -13.87 88.94 34.12
C LYS G 103 -12.97 90.02 33.54
N LEU G 104 -11.66 89.78 33.53
CA LEU G 104 -10.75 90.71 32.87
C LEU G 104 -11.06 90.83 31.38
N GLY G 105 -11.47 89.72 30.76
CA GLY G 105 -11.88 89.78 29.36
C GLY G 105 -13.10 90.64 29.15
N VAL G 106 -14.04 90.59 30.10
CA VAL G 106 -15.20 91.49 30.04
C VAL G 106 -14.75 92.94 30.11
N LEU G 107 -13.83 93.24 31.02
CA LEU G 107 -13.39 94.63 31.18
C LEU G 107 -12.66 95.11 29.93
N ILE G 108 -11.83 94.25 29.34
CA ILE G 108 -11.14 94.61 28.11
C ILE G 108 -12.13 94.73 26.95
N TYR G 109 -13.17 93.89 26.95
CA TYR G 109 -14.23 94.04 25.96
C TYR G 109 -14.86 95.42 26.04
N GLU G 110 -15.12 95.90 27.26
CA GLU G 110 -15.63 97.25 27.44
C GLU G 110 -14.63 98.29 26.94
N LEU G 111 -13.33 98.01 27.14
CA LEU G 111 -12.28 98.89 26.65
C LEU G 111 -12.38 99.05 25.14
N GLY G 112 -12.59 97.94 24.43
CA GLY G 112 -12.75 97.97 22.99
C GLY G 112 -14.01 98.68 22.53
N GLU G 113 -15.12 98.43 23.23
CA GLU G 113 -16.38 99.07 22.86
C GLU G 113 -16.29 100.58 23.00
N LEU G 114 -15.72 101.07 24.11
CA LEU G 114 -15.56 102.51 24.28
C LEU G 114 -14.63 103.08 23.21
N GLN G 115 -13.61 102.32 22.82
CA GLN G 115 -12.77 102.74 21.71
C GLN G 115 -13.60 102.94 20.45
N ASP G 116 -14.52 102.02 20.16
CA ASP G 116 -15.32 102.13 18.95
C ASP G 116 -16.16 103.40 18.95
N GLN G 117 -16.75 103.75 20.11
CA GLN G 117 -17.46 105.01 20.20
C GLN G 117 -16.52 106.19 19.97
N PHE G 118 -15.29 106.08 20.46
CA PHE G 118 -14.30 107.14 20.22
C PHE G 118 -14.02 107.31 18.73
N ILE G 119 -13.90 106.21 17.99
CA ILE G 119 -13.67 106.29 16.55
C ILE G 119 -14.88 106.92 15.85
N ASP G 120 -16.09 106.64 16.33
CA ASP G 120 -17.28 107.25 15.75
C ASP G 120 -17.25 108.77 15.92
N LYS G 121 -16.97 109.24 17.13
CA LYS G 121 -16.85 110.68 17.36
C LYS G 121 -15.66 111.27 16.61
N TYR G 122 -14.58 110.49 16.48
CA TYR G 122 -13.44 110.92 15.68
C TYR G 122 -13.83 111.12 14.23
N ASP G 123 -14.70 110.25 13.71
CA ASP G 123 -15.20 110.40 12.36
C ASP G 123 -16.01 111.69 12.21
N GLN G 124 -16.81 112.02 13.22
CA GLN G 124 -17.57 113.27 13.15
C GLN G 124 -16.63 114.48 13.10
N TYR G 125 -15.56 114.47 13.90
CA TYR G 125 -14.59 115.55 13.84
C TYR G 125 -13.90 115.59 12.47
N ARG G 126 -13.64 114.42 11.89
CA ARG G 126 -13.09 114.37 10.55
C ARG G 126 -14.07 114.92 9.52
N VAL G 127 -15.37 114.65 9.73
CA VAL G 127 -16.38 115.09 8.77
C VAL G 127 -16.47 116.61 8.74
N THR G 128 -16.50 117.25 9.92
CA THR G 128 -16.54 118.71 9.93
C THR G 128 -15.23 119.31 9.44
N LEU G 129 -14.11 118.60 9.62
CA LEU G 129 -12.87 119.02 8.98
C LEU G 129 -12.97 118.93 7.47
N LYS G 130 -13.70 117.92 6.95
CA LYS G 130 -13.97 117.87 5.52
C LYS G 130 -14.83 119.05 5.07
N SER G 131 -15.76 119.49 5.91
CA SER G 131 -16.63 120.60 5.56
C SER G 131 -15.85 121.90 5.42
N ILE G 132 -14.97 122.20 6.39
CA ILE G 132 -14.15 123.40 6.27
C ILE G 132 -13.19 123.26 5.10
N ARG G 133 -12.73 122.05 4.80
CA ARG G 133 -11.96 121.82 3.58
C ARG G 133 -12.78 122.21 2.34
N ASN G 134 -14.06 121.84 2.33
CA ASN G 134 -14.87 122.08 1.14
C ASN G 134 -15.06 123.57 0.88
N ILE G 135 -15.35 124.34 1.92
CA ILE G 135 -15.59 125.77 1.72
C ILE G 135 -14.30 126.49 1.36
N GLU G 136 -13.18 126.10 2.00
CA GLU G 136 -11.90 126.69 1.65
C GLU G 136 -11.51 126.38 0.21
N ALA G 137 -11.76 125.13 -0.22
CA ALA G 137 -11.53 124.77 -1.62
C ALA G 137 -12.44 125.55 -2.56
N SER G 138 -13.64 125.92 -2.09
CA SER G 138 -14.53 126.76 -2.89
C SER G 138 -14.06 128.21 -2.93
N VAL G 139 -13.35 128.66 -1.90
CA VAL G 139 -12.81 130.01 -1.89
C VAL G 139 -11.69 130.16 -2.92
N GLN G 140 -10.89 129.10 -3.10
CA GLN G 140 -9.71 129.14 -3.96
C GLN G 140 -9.98 129.65 -5.37
N PRO G 141 -11.02 129.22 -6.09
CA PRO G 141 -11.23 129.73 -7.46
C PRO G 141 -11.39 131.25 -7.53
N SER G 142 -11.95 131.87 -6.50
CA SER G 142 -12.03 133.34 -6.50
C SER G 142 -10.65 133.96 -6.44
N ARG G 143 -9.74 133.38 -5.65
CA ARG G 143 -8.36 133.85 -5.65
C ARG G 143 -7.74 133.67 -7.03
N ASP G 144 -8.03 132.56 -7.69
CA ASP G 144 -7.56 132.36 -9.06
C ASP G 144 -8.11 133.45 -9.97
N ARG G 145 -9.40 133.74 -9.87
CA ARG G 145 -9.99 134.78 -10.70
C ARG G 145 -9.36 136.14 -10.43
N LYS G 146 -9.11 136.45 -9.16
CA LYS G 146 -8.58 137.76 -8.80
C LYS G 146 -7.16 137.96 -9.33
N GLU G 147 -6.29 136.97 -9.18
CA GLU G 147 -4.91 137.15 -9.63
C GLU G 147 -4.86 137.16 -11.16
N LYS G 148 -5.73 136.41 -11.81
CA LYS G 148 -5.85 136.48 -13.27
C LYS G 148 -6.28 137.87 -13.69
N ILE G 149 -7.19 138.49 -12.94
CA ILE G 149 -7.68 139.82 -13.29
C ILE G 149 -6.56 140.84 -13.20
N THR G 150 -5.82 140.86 -12.08
CA THR G 150 -4.77 141.86 -11.93
C THR G 150 -3.62 141.59 -12.90
N ASP G 151 -3.37 140.33 -13.23
CA ASP G 151 -2.36 140.00 -14.22
C ASP G 151 -2.74 140.57 -15.58
N GLU G 152 -4.00 140.38 -15.99
CA GLU G 152 -4.43 140.89 -17.29
C GLU G 152 -4.39 142.41 -17.36
N ILE G 153 -4.85 143.09 -16.30
CA ILE G 153 -4.88 144.55 -16.35
C ILE G 153 -3.46 145.10 -16.33
N ALA G 154 -2.55 144.47 -15.57
CA ALA G 154 -1.16 144.91 -15.58
C ALA G 154 -0.53 144.71 -16.95
N HIS G 155 -0.76 143.55 -17.57
CA HIS G 155 -0.19 143.29 -18.88
C HIS G 155 -0.76 144.22 -19.95
N LEU G 156 -2.07 144.44 -19.93
CA LEU G 156 -2.70 145.33 -20.90
C LEU G 156 -2.23 146.77 -20.70
N LYS G 157 -2.11 147.21 -19.45
CA LYS G 157 -1.61 148.55 -19.18
C LYS G 157 -0.17 148.71 -19.66
N TYR G 158 0.65 147.67 -19.46
CA TYR G 158 2.02 147.70 -19.95
C TYR G 158 2.06 147.80 -21.47
N LYS G 159 1.18 147.06 -22.16
CA LYS G 159 1.16 147.11 -23.62
C LYS G 159 0.73 148.47 -24.12
N ASP G 160 -0.40 148.99 -23.62
CA ASP G 160 -0.92 150.29 -24.03
C ASP G 160 -2.02 150.74 -23.08
N PRO G 161 -2.03 152.02 -22.67
CA PRO G 161 -3.11 152.52 -21.81
C PRO G 161 -4.41 152.80 -22.55
N GLN G 162 -4.41 152.78 -23.88
CA GLN G 162 -5.58 153.10 -24.68
C GLN G 162 -6.44 151.88 -24.99
N SER G 163 -6.08 150.71 -24.48
CA SER G 163 -6.86 149.51 -24.73
C SER G 163 -8.26 149.65 -24.13
N THR G 164 -9.27 149.25 -24.91
CA THR G 164 -10.65 149.37 -24.48
C THR G 164 -11.03 148.37 -23.41
N LYS G 165 -10.24 147.32 -23.21
CA LYS G 165 -10.54 146.31 -22.20
C LYS G 165 -10.12 146.74 -20.80
N ILE G 166 -9.28 147.75 -20.66
CA ILE G 166 -8.80 148.21 -19.37
C ILE G 166 -9.89 148.98 -18.62
N PRO G 167 -10.72 149.81 -19.28
CA PRO G 167 -11.84 150.43 -18.55
C PRO G 167 -12.75 149.42 -17.86
N VAL G 168 -13.01 148.28 -18.48
CA VAL G 168 -13.85 147.26 -17.85
C VAL G 168 -13.02 146.36 -16.93
N LEU G 169 -11.73 146.22 -17.16
CA LEU G 169 -10.89 145.41 -16.29
C LEU G 169 -10.66 146.09 -14.94
N GLU G 170 -10.58 147.42 -14.93
CA GLU G 170 -10.46 148.14 -13.66
C GLU G 170 -11.68 147.89 -12.79
N GLN G 171 -12.88 148.00 -13.37
CA GLN G 171 -14.09 147.68 -12.63
C GLN G 171 -14.14 146.21 -12.29
N GLU G 172 -13.59 145.34 -13.15
CA GLU G 172 -13.54 143.93 -12.84
C GLU G 172 -12.66 143.66 -11.62
N LEU G 173 -11.60 144.44 -11.43
CA LEU G 173 -10.78 144.31 -10.24
C LEU G 173 -11.58 144.70 -9.00
N VAL G 174 -12.32 145.80 -9.07
CA VAL G 174 -13.20 146.18 -7.95
C VAL G 174 -14.29 145.14 -7.75
N ARG G 175 -14.88 144.68 -8.86
CA ARG G 175 -15.81 143.56 -8.87
C ARG G 175 -15.31 142.40 -8.02
N ALA G 176 -14.14 141.87 -8.37
CA ALA G 176 -13.56 140.75 -7.63
C ALA G 176 -13.09 141.16 -6.25
N GLU G 177 -12.78 142.44 -6.03
CA GLU G 177 -12.33 142.88 -4.71
C GLU G 177 -13.44 142.72 -3.68
N ALA G 178 -14.62 143.27 -3.96
CA ALA G 178 -15.75 143.07 -3.05
C ALA G 178 -16.17 141.60 -3.04
N GLU G 179 -16.16 140.97 -4.21
CA GLU G 179 -16.44 139.54 -4.31
C GLU G 179 -15.61 138.73 -3.32
N SER G 180 -14.29 138.87 -3.39
CA SER G 180 -13.41 138.08 -2.53
C SER G 180 -13.50 138.52 -1.07
N LEU G 181 -13.72 139.82 -0.83
CA LEU G 181 -13.67 140.35 0.53
C LEU G 181 -14.76 139.74 1.41
N VAL G 182 -15.98 139.62 0.89
CA VAL G 182 -17.10 139.21 1.72
C VAL G 182 -16.89 137.79 2.27
N ALA G 183 -16.45 136.86 1.43
CA ALA G 183 -16.27 135.49 1.89
C ALA G 183 -14.89 135.23 2.48
N GLU G 184 -13.91 136.10 2.24
CA GLU G 184 -12.68 136.00 3.00
C GLU G 184 -12.95 136.26 4.47
N ALA G 185 -13.79 137.27 4.76
CA ALA G 185 -14.17 137.53 6.15
C ALA G 185 -14.94 136.36 6.75
N GLN G 186 -15.90 135.81 6.01
CA GLN G 186 -16.65 134.68 6.58
C GLN G 186 -15.80 133.42 6.59
N LEU G 187 -14.80 133.32 5.71
CA LEU G 187 -13.90 132.18 5.76
C LEU G 187 -13.15 132.15 7.08
N SER G 188 -12.65 133.31 7.52
CA SER G 188 -12.05 133.37 8.86
C SER G 188 -13.09 133.06 9.93
N ASN G 189 -14.32 133.57 9.77
CA ASN G 189 -15.36 133.32 10.76
C ASN G 189 -15.68 131.84 10.85
N ILE G 190 -15.94 131.20 9.71
CA ILE G 190 -16.36 129.79 9.73
C ILE G 190 -15.22 128.89 10.16
N THR G 191 -13.98 129.22 9.74
CA THR G 191 -12.84 128.43 10.17
C THR G 191 -12.67 128.48 11.69
N ARG G 192 -12.79 129.67 12.27
CA ARG G 192 -12.63 129.81 13.70
C ARG G 192 -13.72 129.08 14.47
N GLU G 193 -14.98 129.32 14.09
CA GLU G 193 -16.09 128.69 14.80
C GLU G 193 -16.09 127.17 14.63
N LYS G 194 -15.84 126.69 13.41
CA LYS G 194 -15.88 125.25 13.16
C LYS G 194 -14.70 124.54 13.80
N LEU G 195 -13.50 125.13 13.74
CA LEU G 195 -12.34 124.51 14.38
C LEU G 195 -12.53 124.46 15.89
N LYS G 196 -13.03 125.55 16.48
CA LYS G 196 -13.27 125.56 17.92
C LYS G 196 -14.30 124.51 18.31
N ALA G 197 -15.41 124.45 17.59
CA ALA G 197 -16.46 123.48 17.91
C ALA G 197 -15.96 122.05 17.67
N ALA G 198 -15.26 121.82 16.56
CA ALA G 198 -14.80 120.47 16.24
C ALA G 198 -13.81 119.96 17.26
N TYR G 199 -12.84 120.81 17.66
CA TYR G 199 -11.82 120.35 18.59
C TYR G 199 -12.31 120.35 20.03
N SER G 200 -13.29 121.20 20.37
CA SER G 200 -13.96 121.07 21.66
C SER G 200 -14.72 119.75 21.74
N TYR G 201 -15.42 119.39 20.67
CA TYR G 201 -16.10 118.10 20.61
C TYR G 201 -15.09 116.95 20.61
N MET G 202 -13.99 117.11 19.88
CA MET G 202 -12.96 116.06 19.83
C MET G 202 -12.32 115.88 21.20
N PHE G 203 -12.01 116.98 21.89
CA PHE G 203 -11.44 116.86 23.23
C PHE G 203 -12.47 116.38 24.24
N ASP G 204 -13.76 116.69 24.00
CA ASP G 204 -14.81 116.10 24.82
C ASP G 204 -14.85 114.59 24.65
N SER G 205 -14.73 114.11 23.41
CA SER G 205 -14.64 112.68 23.16
C SER G 205 -13.40 112.09 23.80
N LEU G 206 -12.26 112.81 23.72
CA LEU G 206 -11.04 112.35 24.36
C LEU G 206 -11.20 112.24 25.86
N ARG G 207 -11.83 113.25 26.48
CA ARG G 207 -12.07 113.22 27.92
C ARG G 207 -13.02 112.08 28.28
N GLU G 208 -14.06 111.87 27.49
CA GLU G 208 -14.99 110.78 27.73
C GLU G 208 -14.27 109.44 27.69
N LEU G 209 -13.51 109.19 26.61
CA LEU G 209 -12.76 107.95 26.50
C LEU G 209 -11.73 107.82 27.62
N SER G 210 -11.07 108.93 27.96
CA SER G 210 -10.00 108.87 28.95
C SER G 210 -10.53 108.48 30.33
N GLU G 211 -11.59 109.15 30.78
CA GLU G 211 -12.11 108.87 32.12
C GLU G 211 -12.75 107.49 32.18
N LYS G 212 -13.43 107.06 31.12
CA LYS G 212 -13.96 105.70 31.10
C LYS G 212 -12.84 104.68 31.14
N PHE G 213 -11.77 104.90 30.36
CA PHE G 213 -10.60 104.05 30.42
C PHE G 213 -10.05 103.95 31.84
N ALA G 214 -9.92 105.10 32.51
CA ALA G 214 -9.36 105.11 33.87
C ALA G 214 -10.27 104.38 34.85
N LEU G 215 -11.59 104.57 34.73
CA LEU G 215 -12.52 103.93 35.64
C LEU G 215 -12.44 102.42 35.52
N ILE G 216 -12.42 101.90 34.29
CA ILE G 216 -12.30 100.46 34.11
C ILE G 216 -10.93 99.96 34.56
N ALA G 217 -9.88 100.76 34.34
CA ALA G 217 -8.54 100.33 34.75
C ALA G 217 -8.44 100.22 36.28
N GLY G 218 -8.96 101.21 37.00
CA GLY G 218 -8.93 101.16 38.45
C GLY G 218 -9.78 100.03 39.01
N TYR G 219 -10.98 99.83 38.45
CA TYR G 219 -11.83 98.75 38.93
C TYR G 219 -11.27 97.39 38.55
N GLY G 220 -10.50 97.32 37.47
CA GLY G 220 -9.73 96.11 37.19
C GLY G 220 -8.65 95.86 38.21
N LYS G 221 -8.03 96.93 38.72
CA LYS G 221 -7.09 96.78 39.82
C LYS G 221 -7.78 96.20 41.06
N ALA G 222 -8.98 96.68 41.37
CA ALA G 222 -9.76 96.08 42.44
C ALA G 222 -10.16 94.65 42.10
N LEU G 223 -10.45 94.38 40.83
CA LEU G 223 -10.75 93.02 40.42
C LEU G 223 -9.54 92.11 40.60
N LEU G 224 -8.34 92.61 40.31
CA LEU G 224 -7.12 91.83 40.46
C LEU G 224 -6.80 91.53 41.92
N GLU G 225 -7.44 92.21 42.87
CA GLU G 225 -7.17 91.92 44.28
C GLU G 225 -7.64 90.53 44.67
N LEU G 226 -8.64 89.98 43.97
CA LEU G 226 -9.11 88.62 44.21
C LEU G 226 -8.26 87.61 43.46
N LEU G 227 -6.95 87.68 43.65
CA LEU G 227 -5.99 86.81 42.95
C LEU G 227 -4.90 86.46 43.95
N ASP G 228 -5.01 85.27 44.54
CA ASP G 228 -4.04 84.84 45.54
C ASP G 228 -2.68 84.59 44.90
N ASP G 229 -1.64 85.15 45.51
CA ASP G 229 -0.26 84.96 45.06
C ASP G 229 0.53 84.08 46.02
N SER G 230 -0.15 83.31 46.85
CA SER G 230 0.54 82.47 47.82
C SER G 230 1.31 81.37 47.11
N PRO G 231 2.56 81.11 47.49
CA PRO G 231 3.36 80.03 46.88
C PRO G 231 3.08 78.67 47.52
N VAL G 232 2.00 78.05 47.06
CA VAL G 232 1.59 76.76 47.63
C VAL G 232 2.60 75.70 47.25
N THR G 233 3.04 74.93 48.25
CA THR G 233 4.02 73.88 48.02
C THR G 233 3.36 72.68 47.32
N PRO G 234 4.12 71.95 46.50
CA PRO G 234 3.55 70.78 45.83
C PRO G 234 3.16 69.70 46.84
N GLY G 235 2.07 68.99 46.52
CA GLY G 235 1.57 67.93 47.36
C GLY G 235 0.40 68.32 48.26
N GLU G 236 0.10 69.62 48.36
CA GLU G 236 -0.99 70.11 49.21
C GLU G 236 -2.11 70.67 48.34
N ALA G 237 -3.35 70.34 48.70
CA ALA G 237 -4.51 70.82 47.95
C ALA G 237 -4.76 72.30 48.23
N ARG G 238 -5.51 72.92 47.32
CA ARG G 238 -5.90 74.32 47.40
C ARG G 238 -7.28 74.48 48.01
N PRO G 239 -7.46 75.47 48.88
CA PRO G 239 -8.82 75.84 49.29
C PRO G 239 -9.63 76.33 48.10
N ALA G 240 -10.92 76.02 48.11
CA ALA G 240 -11.77 76.36 46.98
C ALA G 240 -11.97 77.87 46.86
N TYR G 241 -12.11 78.33 45.61
CA TYR G 241 -12.36 79.73 45.36
C TYR G 241 -13.74 80.12 45.88
N ASP G 242 -13.85 81.33 46.45
CA ASP G 242 -15.09 81.81 47.02
C ASP G 242 -15.46 83.23 46.58
N GLY G 243 -14.56 83.95 45.92
CA GLY G 243 -14.85 85.32 45.53
C GLY G 243 -15.65 85.45 44.25
N TYR G 244 -16.63 84.56 44.08
CA TYR G 244 -17.49 84.64 42.89
C TYR G 244 -18.41 85.86 42.96
N GLU G 245 -19.06 86.06 44.10
CA GLU G 245 -19.96 87.20 44.24
C GLU G 245 -19.19 88.50 44.47
N ALA G 246 -18.00 88.44 45.06
CA ALA G 246 -17.20 89.65 45.25
C ALA G 246 -16.78 90.25 43.91
N SER G 247 -16.34 89.41 42.98
CA SER G 247 -16.03 89.89 41.64
C SER G 247 -17.30 90.31 40.90
N ARG G 248 -18.40 89.61 41.15
CA ARG G 248 -19.68 90.00 40.55
C ARG G 248 -20.10 91.38 41.04
N GLN G 249 -19.95 91.65 42.35
CA GLN G 249 -20.30 92.95 42.89
C GLN G 249 -19.38 94.05 42.37
N ILE G 250 -18.11 93.71 42.12
CA ILE G 250 -17.17 94.70 41.59
C ILE G 250 -17.64 95.20 40.24
N ILE G 251 -18.11 94.30 39.38
CA ILE G 251 -18.64 94.70 38.08
C ILE G 251 -19.88 95.58 38.26
N MET G 252 -20.75 95.22 39.19
CA MET G 252 -21.96 96.02 39.43
C MET G 252 -21.60 97.46 39.82
N ASP G 253 -20.61 97.62 40.71
CA ASP G 253 -20.16 98.96 41.04
C ASP G 253 -19.55 99.65 39.81
N ALA G 254 -18.82 98.89 39.00
CA ALA G 254 -18.27 99.44 37.76
C ALA G 254 -19.39 99.88 36.82
N GLU G 255 -20.41 99.03 36.64
CA GLU G 255 -21.55 99.42 35.81
C GLU G 255 -22.31 100.57 36.43
N SER G 256 -22.47 100.57 37.76
CA SER G 256 -23.16 101.67 38.42
C SER G 256 -22.44 102.99 38.19
N ALA G 257 -21.12 103.00 38.32
CA ALA G 257 -20.35 104.19 37.97
C ALA G 257 -20.34 104.43 36.48
N LEU G 258 -20.52 103.37 35.68
CA LEU G 258 -20.53 103.52 34.23
C LEU G 258 -21.79 104.25 33.76
N GLU G 259 -22.95 103.84 34.27
CA GLU G 259 -24.22 104.42 33.86
C GLU G 259 -24.51 105.74 34.55
N SER G 260 -23.68 106.17 35.51
CA SER G 260 -23.88 107.41 36.24
C SER G 260 -22.77 108.41 35.92
N TRP G 261 -22.35 108.45 34.67
CA TRP G 261 -21.30 109.36 34.22
C TRP G 261 -21.95 110.53 33.47
N THR G 262 -21.80 111.72 34.03
CA THR G 262 -22.28 112.95 33.41
C THR G 262 -21.12 113.94 33.32
N LEU G 263 -21.17 114.78 32.29
CA LEU G 263 -20.12 115.78 32.10
C LEU G 263 -20.08 116.82 33.21
N ASP G 264 -21.15 116.96 33.98
CA ASP G 264 -21.13 117.89 35.11
C ASP G 264 -20.08 117.49 36.13
N MET G 265 -19.96 116.19 36.42
CA MET G 265 -18.94 115.69 37.32
C MET G 265 -17.69 115.30 36.54
N ALA G 266 -16.54 115.50 37.18
CA ALA G 266 -15.26 115.17 36.56
C ALA G 266 -14.22 114.99 37.66
N ALA G 267 -13.74 113.76 37.83
CA ALA G 267 -12.71 113.50 38.83
C ALA G 267 -11.43 114.24 38.49
N VAL G 268 -11.06 114.26 37.21
CA VAL G 268 -9.88 115.01 36.78
C VAL G 268 -10.17 116.50 36.90
N LYS G 269 -9.38 117.18 37.74
CA LYS G 269 -9.56 118.61 38.00
C LYS G 269 -8.26 119.32 37.67
N PRO G 270 -8.10 119.82 36.45
CA PRO G 270 -6.89 120.56 36.10
C PRO G 270 -6.76 121.83 36.92
N THR G 271 -5.52 122.19 37.24
CA THR G 271 -5.24 123.38 38.05
C THR G 271 -5.21 124.64 37.19
N MET H 1 -19.89 93.82 30.22
CA MET H 1 -20.42 94.97 29.51
C MET H 1 -21.79 95.32 30.04
N HIS H 2 -22.43 96.33 29.43
CA HIS H 2 -23.78 96.73 29.77
C HIS H 2 -24.67 96.44 28.58
N ARG H 3 -25.66 95.57 28.78
CA ARG H 3 -26.62 95.21 27.73
C ARG H 3 -28.03 95.31 28.28
N THR H 4 -28.99 95.52 27.40
CA THR H 4 -30.38 95.62 27.81
C THR H 4 -31.04 94.24 27.79
N TYR H 5 -32.20 94.16 28.45
CA TYR H 5 -32.98 92.92 28.49
C TYR H 5 -33.86 92.83 27.24
N SER H 6 -33.18 92.61 26.11
CA SER H 6 -33.86 92.52 24.83
C SER H 6 -33.01 91.68 23.89
N LEU H 7 -33.68 91.04 22.93
CA LEU H 7 -32.96 90.26 21.93
C LEU H 7 -32.21 91.16 20.96
N ARG H 8 -32.47 92.46 21.02
CA ARG H 8 -31.77 93.42 20.18
C ARG H 8 -30.32 93.54 20.61
N ASN H 9 -29.42 93.73 19.64
CA ASN H 9 -28.00 93.85 19.96
C ASN H 9 -27.71 95.18 20.65
N GLN H 10 -28.45 96.22 20.29
CA GLN H 10 -28.18 97.54 20.87
C GLN H 10 -28.44 97.55 22.37
N ARG H 11 -27.56 98.22 23.10
CA ARG H 11 -27.65 98.27 24.55
C ARG H 11 -28.34 99.56 25.01
N ALA H 12 -28.62 99.62 26.30
CA ALA H 12 -29.23 100.82 26.87
C ALA H 12 -28.25 101.98 26.80
N PRO H 13 -28.70 103.18 26.45
CA PRO H 13 -27.78 104.32 26.36
C PRO H 13 -27.22 104.72 27.72
N THR H 14 -25.98 105.19 27.70
CA THR H 14 -25.33 105.67 28.91
C THR H 14 -25.81 107.07 29.25
N ALA H 15 -25.60 107.47 30.51
CA ALA H 15 -25.97 108.81 30.94
C ALA H 15 -25.25 109.88 30.13
N ALA H 16 -24.00 109.63 29.76
CA ALA H 16 -23.29 110.54 28.87
C ALA H 16 -23.97 110.60 27.50
N GLU H 17 -24.42 109.46 26.99
CA GLU H 17 -25.16 109.44 25.72
C GLU H 17 -26.51 110.12 25.83
N LEU H 18 -27.08 110.23 27.03
CA LEU H 18 -28.34 110.92 27.19
C LEU H 18 -28.20 112.41 26.87
N GLN H 19 -27.12 113.04 27.35
CA GLN H 19 -26.90 114.45 27.07
C GLN H 19 -26.56 114.68 25.61
N ALA H 20 -25.70 113.85 25.04
CA ALA H 20 -25.27 113.97 23.65
C ALA H 20 -25.59 112.66 22.92
N PRO H 21 -26.48 112.68 21.94
CA PRO H 21 -26.81 111.43 21.25
C PRO H 21 -25.60 110.88 20.52
N PRO H 22 -25.50 109.55 20.41
CA PRO H 22 -24.33 108.97 19.76
C PRO H 22 -24.27 109.35 18.28
N PRO H 23 -23.07 109.52 17.73
CA PRO H 23 -22.95 109.87 16.32
C PRO H 23 -23.22 108.67 15.44
N PRO H 24 -23.49 108.88 14.16
CA PRO H 24 -23.68 107.76 13.23
C PRO H 24 -22.39 106.97 13.07
N PRO H 25 -22.48 105.71 12.66
CA PRO H 25 -21.26 104.89 12.53
C PRO H 25 -20.29 105.48 11.53
N SER H 26 -19.00 105.25 11.78
CA SER H 26 -17.95 105.83 10.96
C SER H 26 -18.03 105.34 9.52
N SER H 27 -17.68 106.23 8.59
CA SER H 27 -17.69 105.92 7.16
C SER H 27 -16.42 105.22 6.69
N THR H 28 -15.64 104.65 7.62
CA THR H 28 -14.42 103.94 7.28
C THR H 28 -14.60 102.42 7.33
N LYS H 29 -15.82 101.94 7.20
CA LYS H 29 -16.10 100.51 7.20
C LYS H 29 -15.70 99.94 5.84
N SER H 30 -14.41 99.65 5.71
CA SER H 30 -13.88 99.15 4.45
C SER H 30 -14.42 97.76 4.14
N LYS H 31 -14.76 97.54 2.87
CA LYS H 31 -15.26 96.24 2.41
C LYS H 31 -14.08 95.35 2.04
N PHE H 32 -13.34 94.97 3.07
CA PHE H 32 -12.14 94.13 2.91
C PHE H 32 -12.01 93.26 4.14
N PHE H 33 -10.82 92.66 4.31
CA PHE H 33 -10.57 91.83 5.49
C PHE H 33 -10.68 92.63 6.77
N GLY H 34 -10.05 93.80 6.80
CA GLY H 34 -10.18 94.71 7.93
C GLY H 34 -9.42 94.32 9.18
N LYS H 35 -8.56 93.30 9.12
CA LYS H 35 -7.82 92.82 10.29
C LYS H 35 -6.33 92.81 9.95
N ALA H 36 -5.68 93.96 10.09
CA ALA H 36 -4.23 94.13 9.95
C ALA H 36 -3.68 93.36 8.75
N SER H 37 -4.20 93.72 7.57
CA SER H 37 -3.75 93.17 6.28
C SER H 37 -3.98 91.65 6.28
N ILE H 38 -3.09 90.91 5.62
CA ILE H 38 -3.23 89.47 5.46
C ILE H 38 -2.15 88.71 6.22
N ALA H 39 -0.93 89.26 6.27
CA ALA H 39 0.18 88.55 6.90
C ALA H 39 -0.11 88.27 8.37
N SER H 40 -0.69 89.24 9.09
CA SER H 40 -1.05 89.02 10.48
C SER H 40 -2.09 87.92 10.61
N SER H 41 -3.10 87.92 9.72
CA SER H 41 -4.14 86.90 9.79
C SER H 41 -3.58 85.52 9.50
N PHE H 42 -2.73 85.40 8.48
CA PHE H 42 -2.08 84.12 8.21
C PHE H 42 -1.14 83.73 9.34
N ARG H 43 -0.44 84.71 9.93
CA ARG H 43 0.40 84.43 11.09
C ARG H 43 -0.44 83.92 12.26
N LYS H 44 -1.66 84.42 12.43
CA LYS H 44 -2.49 84.00 13.55
C LYS H 44 -2.78 82.51 13.49
N ASN H 45 -3.06 81.97 12.30
CA ASN H 45 -3.25 80.54 12.17
C ASN H 45 -1.95 79.77 12.36
N ALA H 46 -0.81 80.38 12.01
CA ALA H 46 0.47 79.69 12.09
C ALA H 46 0.87 79.39 13.53
N ALA H 47 0.42 80.20 14.49
CA ALA H 47 0.78 79.97 15.88
C ALA H 47 0.23 78.65 16.38
N GLY H 48 -1.00 78.30 15.98
CA GLY H 48 -1.62 77.05 16.34
C GLY H 48 -1.39 75.92 15.37
N ASN H 49 -0.47 76.08 14.42
CA ASN H 49 -0.20 75.04 13.42
C ASN H 49 0.88 74.07 13.87
N PHE H 50 2.04 74.59 14.28
CA PHE H 50 3.20 73.77 14.60
C PHE H 50 3.75 74.13 15.97
N GLY H 51 2.87 74.21 16.97
CA GLY H 51 3.27 74.50 18.32
C GLY H 51 2.79 73.44 19.29
N PRO H 52 3.32 73.46 20.51
CA PRO H 52 2.84 72.52 21.53
C PRO H 52 1.36 72.73 21.82
N GLU H 53 0.66 71.62 22.06
CA GLU H 53 -0.78 71.67 22.24
C GLU H 53 -1.16 72.51 23.45
N LEU H 54 -0.45 72.34 24.57
CA LEU H 54 -0.76 73.09 25.78
C LEU H 54 -0.59 74.60 25.56
N ALA H 55 0.50 74.99 24.89
CA ALA H 55 0.84 76.39 24.72
C ALA H 55 0.33 76.99 23.41
N ARG H 56 -0.53 76.27 22.68
CA ARG H 56 -1.05 76.79 21.42
C ARG H 56 -1.84 78.08 21.63
N LYS H 57 -2.68 78.11 22.67
CA LYS H 57 -3.44 79.31 22.97
C LYS H 57 -2.53 80.45 23.42
N LEU H 58 -1.55 80.16 24.27
CA LEU H 58 -0.60 81.18 24.70
C LEU H 58 0.32 81.62 23.57
N SER H 59 0.73 80.69 22.71
CA SER H 59 1.55 81.07 21.55
C SER H 59 0.81 82.08 20.68
N GLN H 60 -0.51 81.89 20.51
CA GLN H 60 -1.32 82.91 19.87
C GLN H 60 -1.38 84.17 20.71
N LEU H 61 -1.56 84.02 22.03
CA LEU H 61 -1.85 85.15 22.89
C LEU H 61 -0.72 86.18 22.89
N VAL H 62 0.51 85.75 23.15
CA VAL H 62 1.61 86.70 23.23
C VAL H 62 1.85 87.35 21.88
N LYS H 63 1.80 86.56 20.81
CA LYS H 63 2.01 87.10 19.48
C LYS H 63 0.82 87.93 19.00
N THR H 64 -0.39 87.61 19.48
CA THR H 64 -1.55 88.45 19.15
C THR H 64 -1.35 89.87 19.67
N GLU H 65 -0.78 90.00 20.87
CA GLU H 65 -0.44 91.31 21.40
C GLU H 65 0.61 92.03 20.56
N LYS H 66 1.44 91.29 19.82
CA LYS H 66 2.31 91.93 18.84
C LYS H 66 1.49 92.62 17.75
N GLY H 67 0.38 92.00 17.35
CA GLY H 67 -0.54 92.68 16.46
C GLY H 67 -1.12 93.95 17.06
N VAL H 68 -1.37 93.94 18.37
CA VAL H 68 -1.75 95.17 19.07
C VAL H 68 -0.61 96.19 18.96
N LEU H 69 0.62 95.74 19.19
CA LEU H 69 1.76 96.65 19.18
C LEU H 69 2.00 97.22 17.79
N ARG H 70 1.97 96.37 16.77
CA ARG H 70 2.21 96.83 15.40
C ARG H 70 1.13 97.82 14.95
N ALA H 71 -0.13 97.51 15.25
CA ALA H 71 -1.22 98.41 14.89
C ALA H 71 -1.13 99.71 15.68
N MET H 72 -0.82 99.63 16.97
CA MET H 72 -0.69 100.83 17.79
C MET H 72 0.54 101.63 17.39
N GLU H 73 1.59 100.96 16.91
CA GLU H 73 2.74 101.67 16.38
C GLU H 73 2.34 102.55 15.21
N VAL H 74 1.50 102.04 14.32
CA VAL H 74 1.00 102.84 13.21
C VAL H 74 0.15 104.00 13.73
N VAL H 75 -0.71 103.73 14.71
CA VAL H 75 -1.57 104.79 15.25
C VAL H 75 -0.72 105.89 15.87
N ALA H 76 0.27 105.52 16.69
CA ALA H 76 1.11 106.52 17.33
C ALA H 76 1.93 107.30 16.31
N SER H 77 2.49 106.61 15.32
CA SER H 77 3.35 107.27 14.34
C SER H 77 2.55 108.07 13.31
N GLU H 78 1.40 107.55 12.88
CA GLU H 78 0.66 108.22 11.83
C GLU H 78 -0.16 109.39 12.39
N ARG H 79 -0.69 109.25 13.60
CA ARG H 79 -1.28 110.39 14.28
C ARG H 79 -0.23 111.45 14.58
N ARG H 80 1.02 111.04 14.82
CA ARG H 80 2.11 111.98 14.98
C ARG H 80 2.26 112.87 13.75
N GLU H 81 2.04 112.30 12.57
CA GLU H 81 2.08 113.09 11.34
C GLU H 81 0.93 114.09 11.29
N ALA H 82 -0.21 113.73 11.89
CA ALA H 82 -1.35 114.64 11.91
C ALA H 82 -1.04 115.90 12.69
N ALA H 83 -0.33 115.78 13.81
CA ALA H 83 0.13 116.96 14.53
C ALA H 83 1.10 117.77 13.67
N LYS H 84 1.97 117.09 12.93
CA LYS H 84 2.87 117.77 12.01
C LYS H 84 2.09 118.58 10.98
N GLN H 85 1.10 117.96 10.34
CA GLN H 85 0.38 118.64 9.27
C GLN H 85 -0.58 119.70 9.81
N LEU H 86 -1.19 119.44 10.97
CA LEU H 86 -2.11 120.41 11.54
C LEU H 86 -1.42 121.73 11.84
N SER H 87 -0.31 121.69 12.56
CA SER H 87 0.40 122.92 12.90
C SER H 87 0.94 123.60 11.64
N LEU H 88 1.23 122.82 10.60
CA LEU H 88 1.70 123.40 9.34
C LEU H 88 0.62 124.27 8.69
N TRP H 89 -0.64 123.84 8.75
CA TRP H 89 -1.72 124.59 8.13
C TRP H 89 -1.96 125.92 8.82
N GLY H 90 -1.47 126.07 10.06
CA GLY H 90 -1.68 127.32 10.79
C GLY H 90 -1.07 128.53 10.11
N ALA H 91 -0.11 128.30 9.19
CA ALA H 91 0.53 129.42 8.51
C ALA H 91 -0.46 130.21 7.66
N ASP H 92 -1.21 129.53 6.80
CA ASP H 92 -2.14 130.21 5.88
C ASP H 92 -3.46 130.48 6.59
N ASN H 93 -3.36 131.17 7.72
CA ASN H 93 -4.52 131.53 8.52
C ASN H 93 -4.16 132.77 9.34
N ASP H 94 -5.18 133.34 9.98
CA ASP H 94 -4.97 134.51 10.83
C ASP H 94 -4.13 134.13 12.05
N ASP H 95 -3.54 135.15 12.68
CA ASP H 95 -2.60 134.94 13.78
C ASP H 95 -3.24 134.21 14.96
N ASP H 96 -4.49 134.57 15.28
CA ASP H 96 -5.18 133.93 16.40
C ASP H 96 -5.30 132.43 16.14
N VAL H 97 -5.76 132.07 14.95
CA VAL H 97 -5.90 130.65 14.61
C VAL H 97 -4.53 129.98 14.59
N SER H 98 -3.52 130.68 14.07
CA SER H 98 -2.17 130.11 13.98
C SER H 98 -1.64 129.75 15.37
N ASP H 99 -1.77 130.66 16.33
CA ASP H 99 -1.28 130.40 17.67
C ASP H 99 -2.04 129.26 18.32
N VAL H 100 -3.37 129.26 18.19
CA VAL H 100 -4.15 128.17 18.79
C VAL H 100 -3.85 126.84 18.11
N THR H 101 -3.70 126.84 16.79
CA THR H 101 -3.53 125.59 16.06
C THR H 101 -2.19 124.95 16.36
N ASP H 102 -1.10 125.71 16.31
CA ASP H 102 0.20 125.11 16.54
C ASP H 102 0.36 124.68 18.00
N LYS H 103 -0.24 125.43 18.93
CA LYS H 103 -0.27 124.98 20.32
C LYS H 103 -1.05 123.67 20.45
N LEU H 104 -2.17 123.55 19.74
CA LEU H 104 -2.90 122.29 19.71
C LEU H 104 -2.03 121.17 19.12
N GLY H 105 -1.20 121.51 18.13
CA GLY H 105 -0.29 120.53 17.59
C GLY H 105 0.74 120.06 18.60
N VAL H 106 1.20 120.97 19.46
CA VAL H 106 2.09 120.59 20.55
C VAL H 106 1.39 119.61 21.49
N LEU H 107 0.14 119.91 21.84
CA LEU H 107 -0.58 119.05 22.77
C LEU H 107 -0.83 117.67 22.17
N ILE H 108 -1.16 117.62 20.88
CA ILE H 108 -1.35 116.34 20.20
C ILE H 108 -0.02 115.60 20.08
N TYR H 109 1.07 116.35 19.87
CA TYR H 109 2.40 115.74 19.87
C TYR H 109 2.66 115.03 21.19
N GLU H 110 2.32 115.68 22.30
CA GLU H 110 2.45 115.04 23.61
C GLU H 110 1.55 113.81 23.71
N LEU H 111 0.37 113.87 23.08
CA LEU H 111 -0.54 112.73 23.06
C LEU H 111 0.13 111.53 22.40
N GLY H 112 0.81 111.76 21.29
CA GLY H 112 1.53 110.71 20.59
C GLY H 112 2.72 110.17 21.38
N GLU H 113 3.47 111.06 22.01
CA GLU H 113 4.63 110.63 22.79
C GLU H 113 4.20 109.75 23.96
N LEU H 114 3.15 110.14 24.68
CA LEU H 114 2.66 109.31 25.78
C LEU H 114 2.16 107.97 25.27
N GLN H 115 1.55 107.96 24.07
CA GLN H 115 1.17 106.71 23.45
C GLN H 115 2.38 105.81 23.26
N ASP H 116 3.49 106.37 22.78
CA ASP H 116 4.69 105.56 22.54
C ASP H 116 5.20 104.92 23.82
N GLN H 117 5.19 105.66 24.93
CA GLN H 117 5.55 105.06 26.21
C GLN H 117 4.58 103.96 26.60
N PHE H 118 3.29 104.13 26.27
CA PHE H 118 2.32 103.08 26.53
C PHE H 118 2.63 101.81 25.75
N ILE H 119 3.04 101.96 24.49
CA ILE H 119 3.40 100.78 23.68
C ILE H 119 4.63 100.11 24.25
N ASP H 120 5.58 100.89 24.79
CA ASP H 120 6.76 100.29 25.41
C ASP H 120 6.38 99.43 26.61
N LYS H 121 5.55 99.98 27.50
CA LYS H 121 5.08 99.20 28.65
C LYS H 121 4.21 98.03 28.20
N TYR H 122 3.43 98.21 27.13
CA TYR H 122 2.66 97.12 26.56
C TYR H 122 3.57 96.01 26.08
N ASP H 123 4.72 96.36 25.50
CA ASP H 123 5.68 95.34 25.09
C ASP H 123 6.23 94.57 26.29
N GLN H 124 6.47 95.26 27.40
CA GLN H 124 6.93 94.56 28.61
C GLN H 124 5.90 93.56 29.09
N TYR H 125 4.62 93.95 29.08
CA TYR H 125 3.56 93.02 29.46
C TYR H 125 3.50 91.85 28.49
N ARG H 126 3.72 92.12 27.20
CA ARG H 126 3.78 91.04 26.21
C ARG H 126 4.97 90.13 26.46
N VAL H 127 6.10 90.70 26.90
CA VAL H 127 7.30 89.91 27.12
C VAL H 127 7.11 88.93 28.27
N THR H 128 6.55 89.39 29.38
CA THR H 128 6.29 88.48 30.49
C THR H 128 5.21 87.47 30.15
N LEU H 129 4.27 87.84 29.28
CA LEU H 129 3.34 86.84 28.74
C LEU H 129 4.08 85.80 27.91
N LYS H 130 5.11 86.21 27.17
CA LYS H 130 5.94 85.24 26.47
C LYS H 130 6.67 84.33 27.45
N SER H 131 7.07 84.86 28.60
CA SER H 131 7.80 84.05 29.58
C SER H 131 6.90 82.95 30.16
N ILE H 132 5.68 83.31 30.55
CA ILE H 132 4.76 82.28 31.05
C ILE H 132 4.40 81.31 29.93
N ARG H 133 4.35 81.78 28.69
CA ARG H 133 4.20 80.87 27.56
C ARG H 133 5.34 79.88 27.50
N ASN H 134 6.56 80.34 27.73
CA ASN H 134 7.74 79.48 27.59
C ASN H 134 7.72 78.36 28.63
N ILE H 135 7.43 78.70 29.89
CA ILE H 135 7.45 77.67 30.94
C ILE H 135 6.29 76.70 30.76
N GLU H 136 5.12 77.19 30.36
CA GLU H 136 4.00 76.29 30.11
C GLU H 136 4.29 75.36 28.94
N ALA H 137 4.93 75.88 27.89
CA ALA H 137 5.35 75.04 26.78
C ALA H 137 6.41 74.02 27.23
N SER H 138 7.21 74.38 28.22
CA SER H 138 8.18 73.42 28.77
C SER H 138 7.50 72.36 29.63
N VAL H 139 6.36 72.70 30.23
CA VAL H 139 5.61 71.72 31.03
C VAL H 139 5.00 70.65 30.13
N GLN H 140 4.56 71.04 28.93
CA GLN H 140 3.85 70.13 28.03
C GLN H 140 4.57 68.81 27.76
N PRO H 141 5.87 68.78 27.48
CA PRO H 141 6.51 67.48 27.20
C PRO H 141 6.40 66.49 28.35
N SER H 142 6.36 66.95 29.59
CA SER H 142 6.17 66.02 30.71
C SER H 142 4.78 65.39 30.66
N ARG H 143 3.77 66.17 30.29
CA ARG H 143 2.44 65.59 30.08
C ARG H 143 2.47 64.56 28.96
N ASP H 144 3.21 64.85 27.89
CA ASP H 144 3.39 63.88 26.82
C ASP H 144 4.04 62.60 27.35
N ARG H 145 5.10 62.75 28.15
CA ARG H 145 5.77 61.57 28.71
C ARG H 145 4.84 60.78 29.62
N LYS H 146 4.04 61.47 30.43
CA LYS H 146 3.17 60.79 31.38
C LYS H 146 2.09 59.98 30.67
N GLU H 147 1.42 60.57 29.67
CA GLU H 147 0.35 59.83 29.01
C GLU H 147 0.91 58.69 28.18
N LYS H 148 2.10 58.87 27.61
CA LYS H 148 2.78 57.77 26.93
C LYS H 148 3.08 56.64 27.91
N ILE H 149 3.47 56.99 29.13
CA ILE H 149 3.79 55.96 30.13
C ILE H 149 2.57 55.15 30.50
N THR H 150 1.45 55.82 30.82
CA THR H 150 0.26 55.08 31.21
C THR H 150 -0.33 54.31 30.04
N ASP H 151 -0.17 54.84 28.81
CA ASP H 151 -0.61 54.10 27.63
C ASP H 151 0.17 52.81 27.47
N GLU H 152 1.50 52.87 27.63
CA GLU H 152 2.32 51.67 27.46
C GLU H 152 2.02 50.64 28.55
N ILE H 153 1.88 51.07 29.81
CA ILE H 153 1.64 50.10 30.88
C ILE H 153 0.25 49.48 30.73
N ALA H 154 -0.74 50.27 30.29
CA ALA H 154 -2.06 49.71 30.07
C ALA H 154 -2.03 48.69 28.93
N HIS H 155 -1.36 49.02 27.82
CA HIS H 155 -1.29 48.10 26.69
C HIS H 155 -0.53 46.84 27.05
N LEU H 156 0.61 46.97 27.75
CA LEU H 156 1.38 45.81 28.14
C LEU H 156 0.61 44.93 29.12
N LYS H 157 -0.08 45.55 30.07
CA LYS H 157 -0.88 44.78 31.02
C LYS H 157 -2.02 44.05 30.30
N TYR H 158 -2.63 44.70 29.30
CA TYR H 158 -3.66 44.04 28.51
C TYR H 158 -3.10 42.85 27.75
N LYS H 159 -1.90 42.99 27.19
CA LYS H 159 -1.30 41.88 26.45
C LYS H 159 -0.96 40.71 27.36
N ASP H 160 -0.25 40.98 28.47
CA ASP H 160 0.12 39.94 29.43
C ASP H 160 0.64 40.58 30.71
N PRO H 161 0.24 40.06 31.87
CA PRO H 161 0.78 40.59 33.14
C PRO H 161 2.18 40.12 33.48
N GLN H 162 2.72 39.15 32.74
CA GLN H 162 4.03 38.59 33.03
C GLN H 162 5.15 39.32 32.30
N SER H 163 4.84 40.38 31.56
CA SER H 163 5.88 41.12 30.85
C SER H 163 6.86 41.75 31.83
N THR H 164 8.15 41.62 31.52
CA THR H 164 9.19 42.14 32.41
C THR H 164 9.28 43.67 32.39
N LYS H 165 8.69 44.32 31.39
CA LYS H 165 8.74 45.78 31.31
C LYS H 165 7.72 46.46 32.22
N ILE H 166 6.72 45.73 32.70
CA ILE H 166 5.68 46.30 33.55
C ILE H 166 6.21 46.58 34.96
N PRO H 167 7.06 45.72 35.55
CA PRO H 167 7.65 46.09 36.85
C PRO H 167 8.37 47.42 36.84
N VAL H 168 9.07 47.76 35.76
CA VAL H 168 9.75 49.04 35.68
C VAL H 168 8.82 50.14 35.17
N LEU H 169 7.78 49.79 34.42
CA LEU H 169 6.83 50.81 33.96
C LEU H 169 5.95 51.30 35.09
N GLU H 170 5.61 50.45 36.05
CA GLU H 170 4.87 50.89 37.23
C GLU H 170 5.65 51.94 37.99
N GLN H 171 6.93 51.68 38.25
CA GLN H 171 7.78 52.67 38.89
C GLN H 171 7.96 53.89 38.00
N GLU H 172 7.98 53.70 36.68
CA GLU H 172 8.07 54.83 35.77
C GLU H 172 6.85 55.73 35.87
N LEU H 173 5.67 55.15 36.13
CA LEU H 173 4.48 55.96 36.36
C LEU H 173 4.62 56.78 37.62
N VAL H 174 5.11 56.17 38.71
CA VAL H 174 5.36 56.92 39.94
C VAL H 174 6.45 57.96 39.71
N ARG H 175 7.52 57.56 39.01
CA ARG H 175 8.58 58.45 38.54
C ARG H 175 8.00 59.73 37.93
N ALA H 176 7.20 59.58 36.88
CA ALA H 176 6.59 60.72 36.22
C ALA H 176 5.53 61.39 37.08
N GLU H 177 4.92 60.66 38.02
CA GLU H 177 3.90 61.27 38.87
C GLU H 177 4.49 62.36 39.76
N ALA H 178 5.57 62.04 40.49
CA ALA H 178 6.25 63.05 41.28
C ALA H 178 6.89 64.10 40.38
N GLU H 179 7.49 63.64 39.26
CA GLU H 179 8.05 64.54 38.26
C GLU H 179 7.05 65.62 37.87
N SER H 180 5.87 65.22 37.40
CA SER H 180 4.89 66.20 36.92
C SER H 180 4.30 67.01 38.07
N LEU H 181 4.15 66.39 39.25
CA LEU H 181 3.46 67.05 40.35
C LEU H 181 4.18 68.30 40.81
N VAL H 182 5.51 68.24 40.92
CA VAL H 182 6.25 69.34 41.52
C VAL H 182 6.11 70.61 40.68
N ALA H 183 6.23 70.50 39.35
CA ALA H 183 6.14 71.69 38.52
C ALA H 183 4.72 72.01 38.08
N GLU H 184 3.78 71.08 38.20
CA GLU H 184 2.38 71.46 38.05
C GLU H 184 1.98 72.44 39.15
N ALA H 185 2.42 72.18 40.38
CA ALA H 185 2.15 73.10 41.48
C ALA H 185 2.81 74.46 41.24
N GLN H 186 4.08 74.46 40.83
CA GLN H 186 4.74 75.74 40.59
C GLN H 186 4.21 76.41 39.32
N LEU H 187 3.70 75.62 38.37
CA LEU H 187 3.07 76.20 37.19
C LEU H 187 1.87 77.05 37.57
N SER H 188 1.03 76.54 38.47
CA SER H 188 -0.05 77.36 39.00
C SER H 188 0.50 78.57 39.76
N ASN H 189 1.56 78.36 40.55
CA ASN H 189 2.15 79.46 41.31
C ASN H 189 2.67 80.55 40.38
N ILE H 190 3.49 80.17 39.40
CA ILE H 190 4.12 81.17 38.54
C ILE H 190 3.09 81.84 37.64
N THR H 191 2.10 81.07 37.16
CA THR H 191 1.05 81.67 36.35
C THR H 191 0.28 82.73 37.13
N ARG H 192 -0.08 82.41 38.37
CA ARG H 192 -0.84 83.35 39.20
C ARG H 192 -0.02 84.60 39.49
N GLU H 193 1.21 84.43 39.96
CA GLU H 193 2.03 85.57 40.33
C GLU H 193 2.38 86.42 39.12
N LYS H 194 2.75 85.77 38.01
CA LYS H 194 3.16 86.52 36.82
C LYS H 194 1.97 87.22 36.16
N LEU H 195 0.82 86.55 36.08
CA LEU H 195 -0.36 87.20 35.50
C LEU H 195 -0.80 88.38 36.35
N LYS H 196 -0.80 88.23 37.68
CA LYS H 196 -1.17 89.33 38.56
C LYS H 196 -0.21 90.50 38.41
N ALA H 197 1.10 90.23 38.42
CA ALA H 197 2.08 91.30 38.28
C ALA H 197 2.01 91.94 36.89
N ALA H 198 1.87 91.13 35.85
CA ALA H 198 1.85 91.67 34.49
C ALA H 198 0.63 92.55 34.26
N TYR H 199 -0.54 92.11 34.71
CA TYR H 199 -1.74 92.89 34.47
C TYR H 199 -1.89 94.05 35.44
N SER H 200 -1.31 93.95 36.64
CA SER H 200 -1.22 95.11 37.51
C SER H 200 -0.32 96.18 36.88
N TYR H 201 0.81 95.76 36.32
CA TYR H 201 1.68 96.69 35.60
C TYR H 201 1.00 97.22 34.35
N MET H 202 0.28 96.36 33.62
CA MET H 202 -0.42 96.79 32.41
C MET H 202 -1.51 97.79 32.75
N PHE H 203 -2.28 97.53 33.81
CA PHE H 203 -3.31 98.48 34.22
C PHE H 203 -2.71 99.74 34.82
N ASP H 204 -1.52 99.63 35.43
CA ASP H 204 -0.80 100.82 35.86
C ASP H 204 -0.40 101.67 34.66
N SER H 205 0.07 101.04 33.59
CA SER H 205 0.37 101.76 32.36
C SER H 205 -0.89 102.37 31.77
N LEU H 206 -2.01 101.62 31.81
CA LEU H 206 -3.27 102.14 31.31
C LEU H 206 -3.72 103.35 32.11
N ARG H 207 -3.61 103.28 33.45
CA ARG H 207 -3.96 104.42 34.29
C ARG H 207 -3.05 105.62 34.02
N GLU H 208 -1.75 105.36 33.86
CA GLU H 208 -0.81 106.44 33.54
C GLU H 208 -1.19 107.12 32.24
N LEU H 209 -1.38 106.33 31.18
CA LEU H 209 -1.77 106.90 29.90
C LEU H 209 -3.11 107.60 29.97
N SER H 210 -4.06 107.01 30.72
CA SER H 210 -5.41 107.57 30.78
C SER H 210 -5.41 108.93 31.45
N GLU H 211 -4.77 109.06 32.62
CA GLU H 211 -4.81 110.33 33.33
C GLU H 211 -4.00 111.40 32.59
N LYS H 212 -2.88 111.01 31.99
CA LYS H 212 -2.14 111.98 31.18
C LYS H 212 -2.97 112.44 29.98
N PHE H 213 -3.64 111.50 29.31
CA PHE H 213 -4.56 111.87 28.23
C PHE H 213 -5.61 112.88 28.71
N ALA H 214 -6.21 112.61 29.86
CA ALA H 214 -7.26 113.50 30.37
C ALA H 214 -6.71 114.87 30.74
N LEU H 215 -5.51 114.91 31.34
CA LEU H 215 -4.93 116.19 31.73
C LEU H 215 -4.67 117.06 30.51
N ILE H 216 -4.09 116.47 29.46
CA ILE H 216 -3.85 117.25 28.23
C ILE H 216 -5.16 117.62 27.55
N ALA H 217 -6.17 116.74 27.61
CA ALA H 217 -7.46 117.06 26.98
C ALA H 217 -8.13 118.23 27.68
N GLY H 218 -8.15 118.23 29.01
CA GLY H 218 -8.76 119.34 29.74
C GLY H 218 -8.01 120.64 29.54
N TYR H 219 -6.67 120.59 29.57
CA TYR H 219 -5.90 121.81 29.36
C TYR H 219 -5.99 122.30 27.93
N GLY H 220 -6.23 121.39 26.99
CA GLY H 220 -6.57 121.81 25.64
C GLY H 220 -7.91 122.51 25.57
N LYS H 221 -8.87 122.08 26.39
CA LYS H 221 -10.14 122.80 26.48
C LYS H 221 -9.91 124.22 26.99
N ALA H 222 -9.05 124.38 28.01
CA ALA H 222 -8.67 125.71 28.45
C ALA H 222 -7.91 126.46 27.36
N LEU H 223 -7.08 125.76 26.59
CA LEU H 223 -6.39 126.39 25.47
C LEU H 223 -7.38 126.87 24.42
N LEU H 224 -8.42 126.08 24.15
CA LEU H 224 -9.43 126.46 23.17
C LEU H 224 -10.26 127.67 23.59
N GLU H 225 -10.19 128.06 24.87
CA GLU H 225 -10.94 129.23 25.31
C GLU H 225 -10.41 130.51 24.67
N LEU H 226 -9.14 130.54 24.29
CA LEU H 226 -8.57 131.69 23.60
C LEU H 226 -8.81 131.62 22.10
N LEU H 227 -10.08 131.45 21.73
CA LEU H 227 -10.50 131.30 20.33
C LEU H 227 -11.81 132.05 20.17
N ASP H 228 -11.73 133.28 19.64
CA ASP H 228 -12.92 134.09 19.48
C ASP H 228 -13.83 133.50 18.40
N ASP H 229 -15.11 133.40 18.73
CA ASP H 229 -16.13 132.91 17.80
C ASP H 229 -17.06 134.02 17.35
N SER H 230 -16.64 135.28 17.48
CA SER H 230 -17.49 136.40 17.10
C SER H 230 -17.69 136.42 15.60
N PRO H 231 -18.91 136.62 15.12
CA PRO H 231 -19.17 136.69 13.66
C PRO H 231 -18.92 138.10 13.11
N VAL H 232 -17.64 138.39 12.84
CA VAL H 232 -17.27 139.71 12.34
C VAL H 232 -17.82 139.91 10.95
N THR H 233 -18.48 141.05 10.73
CA THR H 233 -19.06 141.37 9.43
C THR H 233 -17.96 141.75 8.44
N PRO H 234 -18.17 141.46 7.16
CA PRO H 234 -17.16 141.84 6.15
C PRO H 234 -17.02 143.34 6.05
N GLY H 235 -15.78 143.79 5.80
CA GLY H 235 -15.47 145.20 5.66
C GLY H 235 -14.87 145.84 6.90
N GLU H 236 -14.88 145.15 8.04
CA GLU H 236 -14.34 145.67 9.28
C GLU H 236 -13.10 144.89 9.68
N ALA H 237 -12.07 145.61 10.13
CA ALA H 237 -10.83 144.99 10.55
C ALA H 237 -11.00 144.30 11.89
N ARG H 238 -10.07 143.37 12.17
CA ARG H 238 -10.02 142.60 13.41
C ARG H 238 -9.06 143.23 14.42
N PRO H 239 -9.44 143.28 15.69
CA PRO H 239 -8.46 143.61 16.72
C PRO H 239 -7.35 142.58 16.78
N ALA H 240 -6.14 143.04 17.07
CA ALA H 240 -4.97 142.15 17.05
C ALA H 240 -5.03 141.14 18.18
N TYR H 241 -4.50 139.95 17.92
CA TYR H 241 -4.43 138.91 18.93
C TYR H 241 -3.48 139.32 20.05
N ASP H 242 -3.86 138.98 21.28
CA ASP H 242 -3.06 139.34 22.45
C ASP H 242 -2.83 138.18 23.41
N GLY H 243 -3.50 137.05 23.24
CA GLY H 243 -3.34 135.93 24.16
C GLY H 243 -2.13 135.07 23.89
N TYR H 244 -1.01 135.70 23.52
CA TYR H 244 0.22 134.94 23.29
C TYR H 244 0.79 134.40 24.60
N GLU H 245 0.87 135.24 25.63
CA GLU H 245 1.39 134.79 26.92
C GLU H 245 0.37 133.97 27.70
N ALA H 246 -0.92 134.21 27.48
CA ALA H 246 -1.94 133.41 28.16
C ALA H 246 -1.89 131.96 27.73
N SER H 247 -1.74 131.71 26.42
CA SER H 247 -1.57 130.35 25.94
C SER H 247 -0.22 129.79 26.35
N ARG H 248 0.80 130.64 26.41
CA ARG H 248 2.11 130.20 26.90
C ARG H 248 2.04 129.76 28.35
N GLN H 249 1.32 130.53 29.18
CA GLN H 249 1.17 130.17 30.59
C GLN H 249 0.34 128.90 30.75
N ILE H 250 -0.63 128.67 29.86
CA ILE H 250 -1.45 127.46 29.94
C ILE H 250 -0.57 126.22 29.76
N ILE H 251 0.37 126.27 28.83
CA ILE H 251 1.29 125.15 28.63
C ILE H 251 2.17 124.96 29.88
N MET H 252 2.64 126.06 30.47
CA MET H 252 3.46 125.96 31.68
C MET H 252 2.71 125.26 32.80
N ASP H 253 1.44 125.61 33.00
CA ASP H 253 0.65 124.90 34.00
C ASP H 253 0.48 123.44 33.60
N ALA H 254 0.29 123.18 32.30
CA ALA H 254 0.20 121.80 31.83
C ALA H 254 1.50 121.04 32.10
N GLU H 255 2.64 121.66 31.78
CA GLU H 255 3.92 121.02 32.08
C GLU H 255 4.14 120.88 33.58
N SER H 256 3.74 121.90 34.35
CA SER H 256 3.88 121.83 35.80
C SER H 256 3.09 120.67 36.37
N ALA H 257 1.84 120.49 35.91
CA ALA H 257 1.08 119.31 36.31
C ALA H 257 1.63 118.05 35.67
N LEU H 258 2.31 118.18 34.53
CA LEU H 258 2.88 117.01 33.87
C LEU H 258 4.05 116.45 34.67
N GLU H 259 4.97 117.32 35.09
CA GLU H 259 6.16 116.89 35.83
C GLU H 259 5.89 116.61 37.29
N SER H 260 4.68 116.88 37.78
CA SER H 260 4.33 116.66 39.18
C SER H 260 3.27 115.57 39.30
N TRP H 261 3.40 114.52 38.50
CA TRP H 261 2.47 113.40 38.51
C TRP H 261 3.12 112.22 39.23
N THR H 262 2.55 111.84 40.37
CA THR H 262 3.00 110.68 41.13
C THR H 262 1.82 109.75 41.35
N LEU H 263 2.11 108.45 41.44
CA LEU H 263 1.06 107.47 41.65
C LEU H 263 0.38 107.61 43.00
N ASP H 264 0.99 108.31 43.96
CA ASP H 264 0.34 108.54 45.25
C ASP H 264 -0.94 109.35 45.08
N MET H 265 -0.90 110.36 44.23
CA MET H 265 -2.10 111.15 43.93
C MET H 265 -2.82 110.57 42.72
N ALA H 266 -4.15 110.70 42.74
CA ALA H 266 -4.99 110.19 41.66
C ALA H 266 -6.32 110.92 41.69
N ALA H 267 -6.58 111.74 40.68
CA ALA H 267 -7.86 112.44 40.62
C ALA H 267 -9.01 111.45 40.47
N VAL H 268 -8.83 110.42 39.64
CA VAL H 268 -9.84 109.38 39.49
C VAL H 268 -9.92 108.58 40.78
N LYS H 269 -11.09 108.59 41.43
CA LYS H 269 -11.31 107.91 42.70
C LYS H 269 -12.48 106.95 42.53
N PRO H 270 -12.22 105.69 42.17
CA PRO H 270 -13.30 104.71 42.05
C PRO H 270 -13.99 104.48 43.39
N THR H 271 -15.30 104.24 43.33
CA THR H 271 -16.09 104.02 44.54
C THR H 271 -16.01 102.56 45.00
N MET I 1 40.05 34.52 50.87
CA MET I 1 40.79 33.27 50.69
C MET I 1 41.79 33.10 51.82
N HIS I 2 42.57 32.02 51.74
CA HIS I 2 43.64 31.76 52.70
C HIS I 2 44.97 31.84 51.97
N ARG I 3 45.82 32.77 52.38
CA ARG I 3 47.14 32.96 51.79
C ARG I 3 48.18 33.05 52.90
N THR I 4 49.41 32.70 52.56
CA THR I 4 50.50 32.74 53.53
C THR I 4 51.17 34.12 53.51
N TYR I 5 51.94 34.38 54.57
CA TYR I 5 52.68 35.64 54.69
C TYR I 5 54.01 35.52 53.93
N SER I 6 53.88 35.47 52.61
CA SER I 6 55.04 35.33 51.75
C SER I 6 54.71 35.93 50.39
N LEU I 7 55.75 36.39 49.70
CA LEU I 7 55.55 36.92 48.35
C LEU I 7 55.24 35.81 47.36
N ARG I 8 55.40 34.55 47.78
CA ARG I 8 55.08 33.41 46.93
C ARG I 8 53.57 33.32 46.73
N ASN I 9 53.17 32.90 45.52
CA ASN I 9 51.74 32.79 45.23
C ASN I 9 51.12 31.61 45.98
N GLN I 10 51.89 30.54 46.20
CA GLN I 10 51.36 29.36 46.86
C GLN I 10 50.96 29.68 48.30
N ARG I 11 49.81 29.13 48.71
CA ARG I 11 49.28 29.37 50.04
C ARG I 11 49.66 28.23 50.99
N ALA I 12 49.35 28.44 52.27
CA ALA I 12 49.62 27.42 53.27
C ALA I 12 48.69 26.22 53.03
N PRO I 13 49.20 24.99 53.15
CA PRO I 13 48.37 23.81 52.91
C PRO I 13 47.27 23.68 53.95
N THR I 14 46.13 23.16 53.51
CA THR I 14 45.00 22.92 54.40
C THR I 14 45.22 21.62 55.19
N ALA I 15 44.48 21.49 56.30
CA ALA I 15 44.57 20.27 57.10
C ALA I 15 44.22 19.03 56.29
N ALA I 16 43.25 19.15 55.38
CA ALA I 16 42.94 18.05 54.48
C ALA I 16 44.14 17.74 53.58
N GLU I 17 44.82 18.77 53.09
CA GLU I 17 46.01 18.58 52.28
C GLU I 17 47.17 17.99 53.08
N LEU I 18 47.17 18.15 54.40
CA LEU I 18 48.22 17.55 55.22
C LEU I 18 48.15 16.03 55.18
N GLN I 19 46.94 15.47 55.27
CA GLN I 19 46.80 14.02 55.22
C GLN I 19 47.09 13.48 53.83
N ALA I 20 46.59 14.14 52.79
CA ALA I 20 46.80 13.73 51.41
C ALA I 20 47.45 14.86 50.63
N PRO I 21 48.67 14.70 50.14
CA PRO I 21 49.32 15.79 49.43
C PRO I 21 48.55 16.13 48.16
N PRO I 22 48.57 17.40 47.74
CA PRO I 22 47.81 17.79 46.56
C PRO I 22 48.37 17.12 45.31
N PRO I 23 47.51 16.78 44.36
CA PRO I 23 47.98 16.15 43.12
C PRO I 23 48.65 17.15 42.22
N PRO I 24 49.43 16.70 41.24
CA PRO I 24 50.04 17.62 40.27
C PRO I 24 48.98 18.30 39.43
N PRO I 25 49.29 19.46 38.84
CA PRO I 25 48.28 20.18 38.06
C PRO I 25 47.79 19.35 36.88
N SER I 26 46.53 19.57 36.51
CA SER I 26 45.90 18.79 35.46
C SER I 26 46.61 18.98 34.13
N SER I 27 46.64 17.91 33.33
CA SER I 27 47.27 17.92 32.02
C SER I 27 46.36 18.46 30.93
N THR I 28 45.28 19.16 31.29
CA THR I 28 44.35 19.73 30.33
C THR I 28 44.56 21.23 30.14
N LYS I 29 45.74 21.74 30.46
CA LYS I 29 46.07 23.15 30.28
C LYS I 29 46.31 23.40 28.79
N SER I 30 45.21 23.61 28.06
CA SER I 30 45.28 23.81 26.63
C SER I 30 45.97 25.14 26.30
N LYS I 31 46.81 25.12 25.28
CA LYS I 31 47.53 26.32 24.83
C LYS I 31 46.65 27.06 23.82
N PHE I 32 45.56 27.62 24.34
CA PHE I 32 44.59 28.33 23.53
C PHE I 32 43.98 29.44 24.38
N PHE I 33 42.86 30.00 23.92
CA PHE I 33 42.19 31.05 24.67
C PHE I 33 41.69 30.52 26.02
N GLY I 34 41.06 29.35 26.01
CA GLY I 34 40.66 28.70 27.25
C GLY I 34 39.47 29.30 27.95
N LYS I 35 38.76 30.25 27.32
CA LYS I 35 37.61 30.92 27.95
C LYS I 35 36.40 30.80 27.02
N ALA I 36 35.71 29.67 27.10
CA ALA I 36 34.45 29.42 26.40
C ALA I 36 34.50 29.89 24.94
N SER I 37 35.44 29.33 24.20
CA SER I 37 35.60 29.59 22.76
C SER I 37 35.88 31.08 22.55
N ILE I 38 35.40 31.62 21.44
CA ILE I 38 35.66 33.01 21.06
C ILE I 38 34.39 33.85 21.13
N ALA I 39 33.24 33.27 20.76
CA ALA I 39 32.00 34.04 20.72
C ALA I 39 31.65 34.63 22.08
N SER I 40 31.83 33.85 23.14
CA SER I 40 31.57 34.37 24.48
C SER I 40 32.51 35.52 24.82
N SER I 41 33.80 35.38 24.46
CA SER I 41 34.76 36.44 24.75
C SER I 41 34.44 37.71 23.98
N PHE I 42 34.11 37.59 22.70
CA PHE I 42 33.69 38.75 21.93
C PHE I 42 32.38 39.32 22.45
N ARG I 43 31.46 38.45 22.87
CA ARG I 43 30.22 38.92 23.49
C ARG I 43 30.50 39.69 24.77
N LYS I 44 31.52 39.29 25.53
CA LYS I 44 31.81 39.96 26.79
C LYS I 44 32.16 41.43 26.56
N ASN I 45 32.95 41.72 25.52
CA ASN I 45 33.25 43.11 25.19
C ASN I 45 32.02 43.84 24.65
N ALA I 46 31.11 43.12 23.99
CA ALA I 46 29.95 43.76 23.38
C ALA I 46 28.99 44.32 24.41
N ALA I 47 28.96 43.74 25.62
CA ALA I 47 28.05 44.23 26.66
C ALA I 47 28.41 45.65 27.06
N GLY I 48 29.70 45.97 27.15
CA GLY I 48 30.17 47.29 27.49
C GLY I 48 30.41 48.19 26.30
N ASN I 49 29.98 47.80 25.10
CA ASN I 49 30.21 48.59 23.90
C ASN I 49 29.08 49.59 23.65
N PHE I 50 27.83 49.12 23.62
CA PHE I 50 26.68 49.93 23.24
C PHE I 50 25.59 49.83 24.30
N GLY I 51 25.96 49.99 25.56
CA GLY I 51 25.01 49.97 26.65
C GLY I 51 25.08 51.22 27.50
N PRO I 52 24.09 51.42 28.36
CA PRO I 52 24.13 52.57 29.28
C PRO I 52 25.34 52.49 30.20
N GLU I 53 25.93 53.66 30.47
CA GLU I 53 27.16 53.72 31.25
C GLU I 53 26.95 53.15 32.65
N LEU I 54 25.83 53.51 33.30
CA LEU I 54 25.57 53.03 34.66
C LEU I 54 25.43 51.51 34.70
N ALA I 55 24.73 50.94 33.72
CA ALA I 55 24.42 49.52 33.71
C ALA I 55 25.42 48.70 32.90
N ARG I 56 26.53 49.28 32.46
CA ARG I 56 27.51 48.55 31.67
C ARG I 56 28.07 47.37 32.46
N LYS I 57 28.39 47.59 33.74
CA LYS I 57 28.90 46.50 34.56
C LYS I 57 27.84 45.43 34.81
N LEU I 58 26.60 45.86 35.08
CA LEU I 58 25.52 44.89 35.27
C LEU I 58 25.14 44.20 33.97
N SER I 59 25.18 44.91 32.84
CA SER I 59 24.91 44.26 31.57
C SER I 59 25.90 43.14 31.30
N GLN I 60 27.17 43.35 31.66
CA GLN I 60 28.13 42.25 31.65
C GLN I 60 27.77 41.20 32.68
N LEU I 61 27.38 41.62 33.88
CA LEU I 61 27.23 40.70 35.01
C LEU I 61 26.17 39.65 34.74
N VAL I 62 24.96 40.06 34.36
CA VAL I 62 23.88 39.10 34.15
C VAL I 62 24.22 38.18 32.99
N LYS I 63 24.75 38.74 31.91
CA LYS I 63 25.10 37.93 30.75
C LYS I 63 26.33 37.08 31.01
N THR I 64 27.24 37.54 31.87
CA THR I 64 28.38 36.71 32.24
C THR I 64 27.92 35.41 32.90
N GLU I 65 26.88 35.50 33.74
CA GLU I 65 26.31 34.31 34.34
C GLU I 65 25.67 33.39 33.30
N LYS I 66 25.28 33.92 32.14
CA LYS I 66 24.87 33.06 31.04
C LYS I 66 26.03 32.21 30.56
N GLY I 67 27.24 32.77 30.55
CA GLY I 67 28.43 31.97 30.29
C GLY I 67 28.64 30.88 31.33
N VAL I 68 28.31 31.17 32.59
CA VAL I 68 28.30 30.12 33.61
C VAL I 68 27.28 29.05 33.24
N LEU I 69 26.08 29.48 32.83
CA LEU I 69 25.01 28.54 32.52
C LEU I 69 25.35 27.68 31.31
N ARG I 70 25.86 28.31 30.24
CA ARG I 70 26.20 27.57 29.03
C ARG I 70 27.31 26.57 29.30
N ALA I 71 28.34 26.99 30.03
CA ALA I 71 29.44 26.08 30.35
C ALA I 71 28.97 24.97 31.28
N MET I 72 28.14 25.30 32.27
CA MET I 72 27.62 24.27 33.18
C MET I 72 26.64 23.36 32.47
N GLU I 73 25.93 23.87 31.46
CA GLU I 73 25.07 23.01 30.65
C GLU I 73 25.89 21.93 29.97
N VAL I 74 27.06 22.29 29.43
CA VAL I 74 27.95 21.30 28.82
C VAL I 74 28.43 20.32 29.88
N VAL I 75 28.82 20.81 31.05
CA VAL I 75 29.31 19.94 32.11
C VAL I 75 28.23 18.94 32.53
N ALA I 76 27.01 19.43 32.75
CA ALA I 76 25.93 18.54 33.16
C ALA I 76 25.59 17.53 32.07
N SER I 77 25.53 17.99 30.81
CA SER I 77 25.13 17.11 29.72
C SER I 77 26.24 16.15 29.33
N GLU I 78 27.50 16.62 29.31
CA GLU I 78 28.59 15.78 28.84
C GLU I 78 29.04 14.78 29.91
N ARG I 79 29.02 15.19 31.18
CA ARG I 79 29.21 14.23 32.26
C ARG I 79 28.08 13.21 32.29
N ARG I 80 26.87 13.62 31.89
CA ARG I 80 25.76 12.67 31.77
C ARG I 80 26.11 11.55 30.80
N GLU I 81 26.84 11.88 29.73
CA GLU I 81 27.28 10.85 28.79
C GLU I 81 28.31 9.91 29.44
N ALA I 82 29.11 10.44 30.37
CA ALA I 82 30.09 9.60 31.06
C ALA I 82 29.41 8.50 31.87
N ALA I 83 28.30 8.83 32.53
CA ALA I 83 27.52 7.80 33.21
C ALA I 83 26.98 6.79 32.21
N LYS I 84 26.52 7.27 31.05
CA LYS I 84 26.08 6.37 29.99
C LYS I 84 27.17 5.41 29.58
N GLN I 85 28.38 5.93 29.31
CA GLN I 85 29.45 5.08 28.80
C GLN I 85 30.03 4.20 29.90
N LEU I 86 30.11 4.71 31.13
CA LEU I 86 30.67 3.92 32.23
C LEU I 86 29.85 2.66 32.46
N SER I 87 28.53 2.80 32.61
CA SER I 87 27.69 1.63 32.85
C SER I 87 27.70 0.68 31.66
N LEU I 88 27.93 1.22 30.46
CA LEU I 88 28.01 0.38 29.27
C LEU I 88 29.22 -0.55 29.32
N TRP I 89 30.34 -0.06 29.83
CA TRP I 89 31.56 -0.87 29.89
C TRP I 89 31.42 -2.02 30.87
N GLY I 90 30.44 -1.95 31.79
CA GLY I 90 30.28 -3.01 32.76
C GLY I 90 29.95 -4.36 32.15
N ALA I 91 29.49 -4.36 30.90
CA ALA I 91 29.14 -5.62 30.24
C ALA I 91 30.36 -6.52 30.08
N ASP I 92 31.44 -6.01 29.49
CA ASP I 92 32.62 -6.81 29.21
C ASP I 92 33.52 -6.87 30.45
N ASN I 93 32.91 -7.31 31.55
CA ASN I 93 33.61 -7.46 32.82
C ASN I 93 32.89 -8.52 33.64
N ASP I 94 33.51 -8.90 34.75
CA ASP I 94 32.90 -9.89 35.65
C ASP I 94 31.65 -9.31 36.29
N ASP I 95 30.80 -10.20 36.81
CA ASP I 95 29.50 -9.81 37.34
C ASP I 95 29.61 -8.84 38.51
N ASP I 96 30.58 -9.06 39.39
CA ASP I 96 30.76 -8.18 40.54
C ASP I 96 31.05 -6.76 40.07
N VAL I 97 31.99 -6.62 39.14
CA VAL I 97 32.31 -5.30 38.60
C VAL I 97 31.12 -4.72 37.87
N SER I 98 30.39 -5.55 37.12
CA SER I 98 29.24 -5.07 36.36
C SER I 98 28.19 -4.46 37.28
N ASP I 99 27.86 -5.15 38.37
CA ASP I 99 26.85 -4.65 39.31
C ASP I 99 27.32 -3.36 39.97
N VAL I 100 28.58 -3.31 40.41
CA VAL I 100 29.09 -2.11 41.06
C VAL I 100 29.16 -0.96 40.07
N THR I 101 29.58 -1.24 38.83
CA THR I 101 29.80 -0.17 37.86
C THR I 101 28.49 0.47 37.43
N ASP I 102 27.49 -0.35 37.07
CA ASP I 102 26.24 0.23 36.60
C ASP I 102 25.50 0.94 37.74
N LYS I 103 25.61 0.42 38.97
CA LYS I 103 25.07 1.14 40.12
C LYS I 103 25.78 2.49 40.29
N LEU I 104 27.10 2.51 40.12
CA LEU I 104 27.83 3.78 40.15
C LEU I 104 27.35 4.70 39.04
N GLY I 105 27.00 4.15 37.88
CA GLY I 105 26.44 4.95 36.81
C GLY I 105 25.11 5.57 37.18
N VAL I 106 24.29 4.83 37.93
CA VAL I 106 23.03 5.38 38.44
C VAL I 106 23.33 6.56 39.36
N LEU I 107 24.30 6.39 40.26
CA LEU I 107 24.59 7.45 41.22
C LEU I 107 25.12 8.70 40.51
N ILE I 108 25.98 8.51 39.51
CA ILE I 108 26.49 9.62 38.73
C ILE I 108 25.37 10.26 37.90
N TYR I 109 24.44 9.43 37.41
CA TYR I 109 23.27 9.97 36.73
C TYR I 109 22.50 10.92 37.63
N GLU I 110 22.31 10.53 38.90
CA GLU I 110 21.68 11.41 39.87
C GLU I 110 22.50 12.68 40.08
N LEU I 111 23.83 12.55 40.05
CA LEU I 111 24.72 13.69 40.18
C LEU I 111 24.44 14.71 39.07
N GLY I 112 24.29 14.22 37.85
CA GLY I 112 23.97 15.08 36.72
C GLY I 112 22.60 15.72 36.80
N GLU I 113 21.61 14.93 37.22
CA GLU I 113 20.25 15.46 37.33
C GLU I 113 20.18 16.58 38.36
N LEU I 114 20.81 16.39 39.53
CA LEU I 114 20.83 17.45 40.53
C LEU I 114 21.56 18.68 40.02
N GLN I 115 22.61 18.47 39.22
CA GLN I 115 23.28 19.59 38.59
C GLN I 115 22.31 20.38 37.72
N ASP I 116 21.48 19.68 36.94
CA ASP I 116 20.54 20.37 36.06
C ASP I 116 19.56 21.23 36.85
N GLN I 117 19.07 20.73 37.98
CA GLN I 117 18.23 21.56 38.83
C GLN I 117 18.99 22.76 39.36
N PHE I 118 20.28 22.58 39.65
CA PHE I 118 21.11 23.71 40.09
C PHE I 118 21.21 24.78 39.00
N ILE I 119 21.37 24.36 37.74
CA ILE I 119 21.43 25.33 36.65
C ILE I 119 20.10 26.05 36.49
N ASP I 120 18.99 25.35 36.72
CA ASP I 120 17.68 26.01 36.65
C ASP I 120 17.55 27.11 37.70
N LYS I 121 17.91 26.80 38.95
CA LYS I 121 17.89 27.82 39.99
C LYS I 121 18.92 28.91 39.73
N TYR I 122 20.06 28.53 39.15
CA TYR I 122 21.06 29.53 38.76
C TYR I 122 20.48 30.49 37.73
N ASP I 123 19.67 29.98 36.80
CA ASP I 123 19.01 30.84 35.82
C ASP I 123 18.06 31.81 36.50
N GLN I 124 17.33 31.35 37.51
CA GLN I 124 16.43 32.25 38.24
C GLN I 124 17.21 33.38 38.90
N TYR I 125 18.36 33.06 39.52
CA TYR I 125 19.19 34.10 40.11
C TYR I 125 19.72 35.05 39.04
N ARG I 126 20.06 34.51 37.86
CA ARG I 126 20.46 35.35 36.75
C ARG I 126 19.32 36.25 36.28
N VAL I 127 18.09 35.73 36.31
CA VAL I 127 16.94 36.49 35.83
C VAL I 127 16.68 37.68 36.73
N THR I 128 16.70 37.48 38.05
CA THR I 128 16.49 38.61 38.94
C THR I 128 17.67 39.58 38.90
N LEU I 129 18.87 39.09 38.60
CA LEU I 129 19.98 39.99 38.32
C LEU I 129 19.72 40.82 37.06
N LYS I 130 19.07 40.22 36.06
CA LYS I 130 18.66 40.98 34.89
C LYS I 130 17.63 42.04 35.25
N SER I 131 16.75 41.75 36.21
CA SER I 131 15.72 42.70 36.61
C SER I 131 16.34 43.93 37.28
N ILE I 132 17.27 43.72 38.21
CA ILE I 132 17.93 44.86 38.83
C ILE I 132 18.78 45.60 37.81
N ARG I 133 19.32 44.89 36.82
CA ARG I 133 19.99 45.56 35.70
C ARG I 133 19.01 46.47 34.97
N ASN I 134 17.79 46.00 34.74
CA ASN I 134 16.82 46.77 33.96
C ASN I 134 16.45 48.07 34.66
N ILE I 135 16.17 48.01 35.95
CA ILE I 135 15.75 49.22 36.67
C ILE I 135 16.92 50.20 36.80
N GLU I 136 18.13 49.68 37.05
CA GLU I 136 19.29 50.57 37.12
C GLU I 136 19.56 51.22 35.77
N ALA I 137 19.41 50.47 34.68
CA ALA I 137 19.52 51.06 33.35
C ALA I 137 18.44 52.09 33.09
N SER I 138 17.26 51.91 33.70
CA SER I 138 16.21 52.91 33.59
C SER I 138 16.50 54.15 34.42
N VAL I 139 17.27 53.99 35.49
CA VAL I 139 17.65 55.15 36.32
C VAL I 139 18.62 56.04 35.57
N GLN I 140 19.51 55.44 34.78
CA GLN I 140 20.58 56.17 34.10
C GLN I 140 20.11 57.38 33.29
N PRO I 141 19.05 57.30 32.47
CA PRO I 141 18.64 58.49 31.70
C PRO I 141 18.31 59.69 32.56
N SER I 142 17.79 59.49 33.77
CA SER I 142 17.54 60.63 34.65
C SER I 142 18.84 61.30 35.07
N ARG I 143 19.89 60.51 35.32
CA ARG I 143 21.20 61.10 35.59
C ARG I 143 21.69 61.88 34.38
N ASP I 144 21.46 61.35 33.18
CA ASP I 144 21.79 62.07 31.96
C ASP I 144 21.04 63.40 31.90
N ARG I 145 19.74 63.37 32.17
CA ARG I 145 18.94 64.60 32.15
C ARG I 145 19.45 65.60 33.18
N LYS I 146 19.79 65.12 34.39
CA LYS I 146 20.20 66.02 35.45
C LYS I 146 21.52 66.72 35.12
N GLU I 147 22.52 65.97 34.63
CA GLU I 147 23.81 66.61 34.35
C GLU I 147 23.71 67.54 33.15
N LYS I 148 22.86 67.19 32.19
CA LYS I 148 22.58 68.10 31.08
C LYS I 148 21.95 69.39 31.59
N ILE I 149 21.06 69.28 32.57
CA ILE I 149 20.39 70.46 33.11
C ILE I 149 21.39 71.40 33.79
N THR I 150 22.22 70.85 34.68
CA THR I 150 23.18 71.71 35.38
C THR I 150 24.24 72.25 34.42
N ASP I 151 24.59 71.49 33.39
CA ASP I 151 25.53 71.98 32.39
C ASP I 151 24.94 73.19 31.66
N GLU I 152 23.67 73.09 31.24
CA GLU I 152 23.06 74.19 30.51
C GLU I 152 22.91 75.44 31.39
N ILE I 153 22.48 75.27 32.65
CA ILE I 153 22.29 76.44 33.50
C ILE I 153 23.64 77.09 33.83
N ALA I 154 24.68 76.28 34.02
CA ALA I 154 26.01 76.84 34.26
C ALA I 154 26.51 77.60 33.05
N HIS I 155 26.34 77.02 31.85
CA HIS I 155 26.80 77.69 30.64
C HIS I 155 26.02 78.96 30.37
N LEU I 156 24.70 78.92 30.54
CA LEU I 156 23.88 80.10 30.32
C LEU I 156 24.20 81.20 31.33
N LYS I 157 24.39 80.81 32.60
CA LYS I 157 24.76 81.79 33.61
C LYS I 157 26.12 82.42 33.31
N TYR I 158 27.06 81.61 32.82
CA TYR I 158 28.37 82.14 32.42
C TYR I 158 28.23 83.13 31.27
N LYS I 159 27.38 82.82 30.29
CA LYS I 159 27.20 83.73 29.16
C LYS I 159 26.56 85.04 29.59
N ASP I 160 25.44 84.97 30.32
CA ASP I 160 24.75 86.15 30.80
C ASP I 160 23.70 85.77 31.85
N PRO I 161 23.59 86.54 32.94
CA PRO I 161 22.56 86.25 33.95
C PRO I 161 21.16 86.71 33.55
N GLN I 162 21.03 87.49 32.48
CA GLN I 162 19.75 88.03 32.06
C GLN I 162 19.00 87.13 31.09
N SER I 163 19.55 85.95 30.78
CA SER I 163 18.88 85.04 29.87
C SER I 163 17.54 84.57 30.45
N THR I 164 16.51 84.58 29.61
CA THR I 164 15.17 84.20 30.04
C THR I 164 15.03 82.70 30.30
N LYS I 165 15.96 81.89 29.80
CA LYS I 165 15.88 80.45 30.01
C LYS I 165 16.40 80.01 31.37
N ILE I 166 17.12 80.87 32.07
CA ILE I 166 17.68 80.52 33.37
C ILE I 166 16.59 80.51 34.45
N PRO I 167 15.61 81.43 34.45
CA PRO I 167 14.52 81.32 35.42
C PRO I 167 13.80 79.97 35.37
N VAL I 168 13.61 79.39 34.19
CA VAL I 168 12.97 78.09 34.09
C VAL I 168 13.98 76.95 34.26
N LEU I 169 15.26 77.19 33.96
CA LEU I 169 16.26 76.15 34.17
C LEU I 169 16.56 75.92 35.64
N GLU I 170 16.49 76.98 36.46
CA GLU I 170 16.65 76.80 37.90
C GLU I 170 15.57 75.91 38.46
N GLN I 171 14.31 76.16 38.08
CA GLN I 171 13.24 75.27 38.50
C GLN I 171 13.39 73.89 37.88
N GLU I 172 13.94 73.82 36.67
CA GLU I 172 14.19 72.52 36.05
C GLU I 172 15.20 71.72 36.85
N LEU I 173 16.19 72.40 37.45
CA LEU I 173 17.14 71.70 38.31
C LEU I 173 16.44 71.14 39.55
N VAL I 174 15.57 71.94 40.17
CA VAL I 174 14.78 71.44 41.30
C VAL I 174 13.85 70.33 40.84
N ARG I 175 13.19 70.53 39.70
CA ARG I 175 12.40 69.51 39.02
C ARG I 175 13.12 68.17 38.98
N ALA I 176 14.29 68.14 38.36
CA ALA I 176 15.07 66.91 38.27
C ALA I 176 15.64 66.48 39.61
N GLU I 177 15.82 67.41 40.55
CA GLU I 177 16.36 67.04 41.86
C GLU I 177 15.39 66.12 42.61
N ALA I 178 14.13 66.54 42.74
CA ALA I 178 13.13 65.67 43.36
C ALA I 178 12.89 64.44 42.49
N GLU I 179 12.84 64.63 41.17
CA GLU I 179 12.72 63.53 40.22
C GLU I 179 13.73 62.43 40.52
N SER I 180 15.01 62.78 40.51
CA SER I 180 16.06 61.78 40.71
C SER I 180 16.08 61.25 42.14
N LEU I 181 15.74 62.09 43.12
CA LEU I 181 15.88 61.71 44.52
C LEU I 181 14.97 60.54 44.87
N VAL I 182 13.71 60.56 44.40
CA VAL I 182 12.74 59.56 44.84
C VAL I 182 13.16 58.16 44.41
N ALA I 183 13.63 57.99 43.18
CA ALA I 183 14.01 56.67 42.72
C ALA I 183 15.45 56.33 42.99
N GLU I 184 16.31 57.31 43.31
CA GLU I 184 17.62 56.97 43.84
C GLU I 184 17.46 56.24 45.17
N ALA I 185 16.56 56.73 46.03
CA ALA I 185 16.30 56.06 47.30
C ALA I 185 15.74 54.66 47.09
N GLN I 186 14.77 54.52 46.18
CA GLN I 186 14.22 53.19 45.96
C GLN I 186 15.20 52.31 45.18
N LEU I 187 16.10 52.91 44.40
CA LEU I 187 17.14 52.13 43.74
C LEU I 187 18.02 51.43 44.76
N SER I 188 18.42 52.14 45.80
CA SER I 188 19.14 51.51 46.89
C SER I 188 18.27 50.45 47.57
N ASN I 189 16.99 50.76 47.78
CA ASN I 189 16.09 49.81 48.43
C ASN I 189 15.95 48.53 47.62
N ILE I 190 15.64 48.66 46.33
CA ILE I 190 15.39 47.49 45.50
C ILE I 190 16.67 46.70 45.27
N THR I 191 17.81 47.40 45.11
CA THR I 191 19.08 46.69 44.96
C THR I 191 19.39 45.86 46.19
N ARG I 192 19.20 46.44 47.38
CA ARG I 192 19.51 45.72 48.61
C ARG I 192 18.58 44.51 48.80
N GLU I 193 17.27 44.73 48.65
CA GLU I 193 16.32 43.64 48.86
C GLU I 193 16.48 42.56 47.80
N LYS I 194 16.65 42.94 46.53
CA LYS I 194 16.75 41.95 45.47
C LYS I 194 18.07 41.19 45.52
N LEU I 195 19.18 41.88 45.81
CA LEU I 195 20.45 41.18 45.93
C LEU I 195 20.44 40.21 47.11
N LYS I 196 19.87 40.64 48.25
CA LYS I 196 19.80 39.75 49.40
C LYS I 196 18.93 38.53 49.10
N ALA I 197 17.76 38.75 48.50
CA ALA I 197 16.88 37.63 48.18
C ALA I 197 17.50 36.72 47.12
N ALA I 198 18.11 37.30 46.08
CA ALA I 198 18.68 36.50 45.00
C ALA I 198 19.84 35.66 45.50
N TYR I 199 20.73 36.23 46.30
CA TYR I 199 21.89 35.47 46.75
C TYR I 199 21.55 34.53 47.91
N SER I 200 20.53 34.86 48.70
CA SER I 200 20.03 33.88 49.66
C SER I 200 19.43 32.68 48.94
N TYR I 201 18.66 32.92 47.88
CA TYR I 201 18.13 31.83 47.07
C TYR I 201 19.27 31.08 46.36
N MET I 202 20.25 31.82 45.85
CA MET I 202 21.38 31.18 45.17
C MET I 202 22.19 30.31 46.13
N PHE I 203 22.44 30.82 47.33
CA PHE I 203 23.15 30.02 48.32
C PHE I 203 22.30 28.88 48.85
N ASP I 204 20.97 29.06 48.87
CA ASP I 204 20.08 27.95 49.18
C ASP I 204 20.19 26.85 48.13
N SER I 205 20.23 27.24 46.85
CA SER I 205 20.46 26.27 45.79
C SER I 205 21.83 25.62 45.92
N LEU I 206 22.85 26.40 46.27
CA LEU I 206 24.18 25.84 46.48
C LEU I 206 24.20 24.84 47.63
N ARG I 207 23.53 25.18 48.74
CA ARG I 207 23.44 24.25 49.86
C ARG I 207 22.68 22.99 49.47
N GLU I 208 21.58 23.15 48.73
CA GLU I 208 20.81 21.99 48.27
C GLU I 208 21.67 21.07 47.42
N LEU I 209 22.34 21.64 46.41
CA LEU I 209 23.21 20.85 45.55
C LEU I 209 24.36 20.24 46.34
N SER I 210 24.93 21.00 47.27
CA SER I 210 26.09 20.53 48.02
C SER I 210 25.75 19.33 48.88
N GLU I 211 24.68 19.41 49.67
CA GLU I 211 24.34 18.32 50.57
C GLU I 211 23.88 17.09 49.80
N LYS I 212 23.13 17.28 48.70
CA LYS I 212 22.77 16.15 47.86
C LYS I 212 23.99 15.49 47.26
N PHE I 213 24.94 16.29 46.76
CA PHE I 213 26.20 15.76 46.27
C PHE I 213 26.90 14.93 47.34
N ALA I 214 26.98 15.45 48.57
CA ALA I 214 27.67 14.73 49.64
C ALA I 214 26.95 13.44 49.99
N LEU I 215 25.62 13.47 50.03
CA LEU I 215 24.87 12.26 50.39
C LEU I 215 25.11 11.15 49.38
N ILE I 216 25.05 11.48 48.08
CA ILE I 216 25.32 10.48 47.06
C ILE I 216 26.78 10.03 47.10
N ALA I 217 27.70 10.94 47.39
CA ALA I 217 29.12 10.57 47.44
C ALA I 217 29.38 9.59 48.57
N GLY I 218 28.84 9.86 49.76
CA GLY I 218 29.03 8.96 50.88
C GLY I 218 28.37 7.60 50.66
N TYR I 219 27.16 7.59 50.11
CA TYR I 219 26.48 6.33 49.86
C TYR I 219 27.16 5.56 48.72
N GLY I 220 27.81 6.28 47.80
CA GLY I 220 28.67 5.61 46.84
C GLY I 220 29.87 4.96 47.49
N LYS I 221 30.42 5.61 48.53
CA LYS I 221 31.49 4.97 49.30
C LYS I 221 31.01 3.68 49.93
N ALA I 222 29.80 3.69 50.50
CA ALA I 222 29.20 2.45 51.00
C ALA I 222 28.94 1.46 49.87
N LEU I 223 28.55 1.96 48.70
CA LEU I 223 28.36 1.10 47.54
C LEU I 223 29.68 0.45 47.12
N LEU I 224 30.77 1.22 47.17
CA LEU I 224 32.08 0.69 46.81
C LEU I 224 32.60 -0.37 47.78
N GLU I 225 31.98 -0.50 48.96
CA GLU I 225 32.42 -1.52 49.90
C GLU I 225 32.16 -2.93 49.37
N LEU I 226 31.16 -3.08 48.50
CA LEU I 226 30.88 -4.37 47.88
C LEU I 226 31.75 -4.60 46.64
N LEU I 227 33.06 -4.45 46.82
CA LEU I 227 34.04 -4.57 45.73
C LEU I 227 35.26 -5.28 46.30
N ASP I 228 35.34 -6.58 46.05
CA ASP I 228 36.47 -7.37 46.57
C ASP I 228 37.77 -6.97 45.88
N ASP I 229 38.80 -6.73 46.70
CA ASP I 229 40.13 -6.41 46.20
C ASP I 229 41.12 -7.55 46.42
N SER I 230 40.62 -8.76 46.63
CA SER I 230 41.49 -9.89 46.87
C SER I 230 42.31 -10.21 45.62
N PRO I 231 43.61 -10.45 45.76
CA PRO I 231 44.46 -10.81 44.60
C PRO I 231 44.40 -12.30 44.29
N VAL I 232 43.35 -12.70 43.57
CA VAL I 232 43.16 -14.11 43.25
C VAL I 232 44.25 -14.57 42.28
N THR I 233 44.87 -15.70 42.60
CA THR I 233 45.93 -16.24 41.76
C THR I 233 45.35 -16.87 40.50
N PRO I 234 46.08 -16.83 39.39
CA PRO I 234 45.59 -17.45 38.16
C PRO I 234 45.42 -18.95 38.31
N GLY I 235 44.41 -19.50 37.66
CA GLY I 235 44.10 -20.91 37.69
C GLY I 235 43.00 -21.31 38.66
N GLU I 236 42.57 -20.40 39.52
CA GLU I 236 41.53 -20.69 40.50
C GLU I 236 40.27 -19.91 40.18
N ALA I 237 39.13 -20.56 40.28
CA ALA I 237 37.85 -19.93 40.00
C ALA I 237 37.46 -18.97 41.12
N ARG I 238 36.55 -18.05 40.79
CA ARG I 238 36.01 -17.04 41.70
C ARG I 238 34.69 -17.51 42.31
N PRO I 239 34.49 -17.28 43.61
CA PRO I 239 33.16 -17.44 44.18
C PRO I 239 32.17 -16.46 43.55
N ALA I 240 30.93 -16.91 43.37
CA ALA I 240 29.93 -16.11 42.69
C ALA I 240 29.55 -14.87 43.52
N TYR I 241 29.24 -13.80 42.81
CA TYR I 241 28.79 -12.57 43.46
C TYR I 241 27.44 -12.79 44.14
N ASP I 242 27.28 -12.19 45.31
CA ASP I 242 26.04 -12.35 46.08
C ASP I 242 25.48 -11.03 46.60
N GLY I 243 26.21 -9.92 46.51
CA GLY I 243 25.73 -8.66 47.03
C GLY I 243 24.78 -7.92 46.10
N TYR I 244 23.89 -8.66 45.42
CA TYR I 244 22.91 -8.02 44.55
C TYR I 244 21.88 -7.25 45.35
N GLU I 245 21.32 -7.87 46.41
CA GLU I 245 20.33 -7.19 47.23
C GLU I 245 20.96 -6.18 48.17
N ALA I 246 22.21 -6.40 48.58
CA ALA I 246 22.89 -5.44 49.45
C ALA I 246 23.08 -4.11 48.76
N SER I 247 23.52 -4.14 47.50
CA SER I 247 23.63 -2.91 46.72
C SER I 247 22.25 -2.34 46.40
N ARG I 248 21.27 -3.21 46.19
CA ARG I 248 19.90 -2.74 45.98
C ARG I 248 19.36 -2.01 47.21
N GLN I 249 19.64 -2.56 48.40
CA GLN I 249 19.19 -1.91 49.63
C GLN I 249 19.92 -0.60 49.87
N ILE I 250 21.19 -0.52 49.44
CA ILE I 250 21.96 0.72 49.61
C ILE I 250 21.29 1.85 48.83
N ILE I 251 20.83 1.58 47.62
CA ILE I 251 20.13 2.59 46.83
C ILE I 251 18.83 2.99 47.53
N MET I 252 18.09 2.01 48.06
CA MET I 252 16.85 2.31 48.76
C MET I 252 17.08 3.26 49.94
N ASP I 253 18.13 3.02 50.72
CA ASP I 253 18.46 3.95 51.79
C ASP I 253 18.84 5.31 51.22
N ALA I 254 19.58 5.31 50.11
CA ALA I 254 19.92 6.56 49.44
C ALA I 254 18.67 7.30 48.98
N GLU I 255 17.74 6.59 48.34
CA GLU I 255 16.49 7.21 47.93
C GLU I 255 15.66 7.64 49.14
N SER I 256 15.65 6.82 50.19
CA SER I 256 14.91 7.17 51.40
C SER I 256 15.45 8.46 52.01
N ALA I 257 16.77 8.60 52.09
CA ALA I 257 17.35 9.86 52.53
C ALA I 257 17.18 10.95 51.48
N LEU I 258 17.03 10.56 50.21
CA LEU I 258 16.86 11.54 49.15
C LEU I 258 15.48 12.20 49.23
N GLU I 259 14.43 11.40 49.41
CA GLU I 259 13.07 11.90 49.46
C GLU I 259 12.70 12.48 50.81
N SER I 260 13.57 12.38 51.81
CA SER I 260 13.32 12.90 53.15
C SER I 260 14.26 14.03 53.49
N TRP I 261 14.55 14.89 52.51
CA TRP I 261 15.43 16.03 52.68
C TRP I 261 14.59 17.29 52.80
N THR I 262 14.64 17.92 53.98
CA THR I 262 13.96 19.20 54.22
C THR I 262 14.99 20.20 54.74
N LEU I 263 14.74 21.47 54.43
CA LEU I 263 15.65 22.54 54.86
C LEU I 263 15.69 22.69 56.37
N ASP I 264 14.69 22.19 57.09
CA ASP I 264 14.73 22.24 58.56
C ASP I 264 15.92 21.48 59.11
N MET I 265 16.21 20.31 58.55
CA MET I 265 17.37 19.53 58.95
C MET I 265 18.57 19.89 58.07
N ALA I 266 19.75 19.84 58.68
CA ALA I 266 20.98 20.14 57.96
C ALA I 266 22.15 19.51 58.71
N ALA I 267 22.77 18.50 58.10
CA ALA I 267 23.93 17.87 58.72
C ALA I 267 25.08 18.85 58.88
N VAL I 268 25.31 19.69 57.87
CA VAL I 268 26.34 20.71 57.95
C VAL I 268 25.90 21.77 58.96
N LYS I 269 26.69 21.93 60.03
CA LYS I 269 26.38 22.87 61.11
C LYS I 269 27.55 23.84 61.25
N PRO I 270 27.52 24.98 60.58
CA PRO I 270 28.60 25.96 60.73
C PRO I 270 28.67 26.49 62.16
N THR I 271 29.88 26.77 62.61
CA THR I 271 30.11 27.27 63.96
C THR I 271 29.90 28.77 64.03
N MET J 1 18.16 6.39 40.07
CA MET J 1 17.43 7.64 40.21
C MET J 1 16.08 7.39 40.86
N HIS J 2 15.29 8.44 41.00
CA HIS J 2 13.94 8.35 41.54
C HIS J 2 12.96 8.70 40.43
N ARG J 3 12.10 7.74 40.07
CA ARG J 3 11.09 7.93 39.05
C ARG J 3 9.74 7.46 39.56
N THR J 4 8.67 8.01 38.99
CA THR J 4 7.34 7.62 39.41
C THR J 4 6.83 6.46 38.57
N TYR J 5 5.77 5.82 39.06
CA TYR J 5 5.14 4.69 38.36
C TYR J 5 4.16 5.23 37.32
N SER J 6 4.73 5.84 36.28
CA SER J 6 3.94 6.42 35.22
C SER J 6 4.77 6.45 33.95
N LEU J 7 4.08 6.42 32.81
CA LEU J 7 4.77 6.51 31.53
C LEU J 7 5.31 7.91 31.29
N ARG J 8 4.90 8.87 32.12
CA ARG J 8 5.40 10.24 32.03
C ARG J 8 6.87 10.30 32.42
N ASN J 9 7.62 11.16 31.75
CA ASN J 9 9.05 11.28 32.05
C ASN J 9 9.27 11.96 33.40
N GLN J 10 8.38 12.89 33.77
CA GLN J 10 8.54 13.62 35.02
C GLN J 10 8.46 12.69 36.22
N ARG J 11 9.33 12.91 37.19
CA ARG J 11 9.39 12.08 38.38
C ARG J 11 8.60 12.72 39.53
N ALA J 12 8.46 11.95 40.61
CA ALA J 12 7.78 12.46 41.79
C ALA J 12 8.62 13.57 42.43
N PRO J 13 7.99 14.66 42.88
CA PRO J 13 8.76 15.75 43.48
C PRO J 13 9.41 15.34 44.79
N THR J 14 10.58 15.91 45.05
CA THR J 14 11.30 15.66 46.28
C THR J 14 10.71 16.50 47.42
N ALA J 15 11.00 16.09 48.66
CA ALA J 15 10.53 16.83 49.82
C ALA J 15 11.04 18.27 49.80
N ALA J 16 12.27 18.48 49.34
CA ALA J 16 12.76 19.85 49.17
C ALA J 16 11.93 20.61 48.13
N GLU J 17 11.56 19.93 47.05
CA GLU J 17 10.72 20.55 46.04
C GLU J 17 9.30 20.83 46.55
N LEU J 18 8.86 20.11 47.58
CA LEU J 18 7.54 20.37 48.15
C LEU J 18 7.49 21.75 48.79
N GLN J 19 8.53 22.12 49.54
CA GLN J 19 8.55 23.44 50.17
C GLN J 19 8.72 24.55 49.14
N ALA J 20 9.61 24.36 48.17
CA ALA J 20 9.86 25.34 47.12
C ALA J 20 9.62 24.71 45.77
N PRO J 21 8.63 25.16 45.00
CA PRO J 21 8.37 24.54 43.70
C PRO J 21 9.55 24.73 42.77
N PRO J 22 9.79 23.77 41.88
CA PRO J 22 10.94 23.87 40.99
C PRO J 22 10.80 25.06 40.05
N PRO J 23 11.91 25.71 39.69
CA PRO J 23 11.84 26.85 38.78
C PRO J 23 11.62 26.38 37.35
N PRO J 24 11.19 27.28 36.47
CA PRO J 24 11.03 26.91 35.05
C PRO J 24 12.37 26.59 34.43
N PRO J 25 12.40 25.83 33.33
CA PRO J 25 13.67 25.45 32.72
C PRO J 25 14.46 26.66 32.26
N SER J 26 15.78 26.53 32.30
CA SER J 26 16.67 27.64 31.99
C SER J 26 16.49 28.09 30.54
N SER J 27 16.64 29.40 30.34
CA SER J 27 16.52 30.01 29.02
C SER J 27 17.79 29.93 28.20
N THR J 28 18.72 29.06 28.58
CA THR J 28 19.98 28.89 27.86
C THR J 28 19.99 27.64 26.98
N LYS J 29 18.81 27.14 26.60
CA LYS J 29 18.70 25.97 25.74
C LYS J 29 19.01 26.41 24.31
N SER J 30 20.31 26.45 24.01
CA SER J 30 20.75 26.89 22.70
C SER J 30 20.34 25.90 21.62
N LYS J 31 19.90 26.43 20.47
CA LYS J 31 19.50 25.60 19.33
C LYS J 31 20.73 25.30 18.48
N PHE J 32 21.63 24.50 19.05
CA PHE J 32 22.87 24.13 18.41
C PHE J 32 23.24 22.72 18.86
N PHE J 33 24.50 22.33 18.61
CA PHE J 33 24.96 21.01 19.03
C PHE J 33 24.91 20.86 20.55
N GLY J 34 25.39 21.87 21.27
CA GLY J 34 25.29 21.89 22.72
C GLY J 34 26.20 20.95 23.46
N LYS J 35 27.17 20.32 22.78
CA LYS J 35 28.08 19.35 23.42
C LYS J 35 29.52 19.77 23.11
N ALA J 36 30.04 20.71 23.91
CA ALA J 36 31.44 21.14 23.88
C ALA J 36 31.94 21.34 22.44
N SER J 37 31.27 22.24 21.73
CA SER J 37 31.64 22.65 20.37
C SER J 37 31.58 21.42 19.46
N ILE J 38 32.47 21.37 18.46
CA ILE J 38 32.48 20.30 17.47
C ILE J 38 33.71 19.42 17.60
N ALA J 39 34.86 20.02 17.94
CA ALA J 39 36.11 19.25 18.01
C ALA J 39 36.01 18.11 19.01
N SER J 40 35.41 18.36 20.17
CA SER J 40 35.22 17.29 21.15
C SER J 40 34.33 16.19 20.61
N SER J 41 33.24 16.56 19.93
CA SER J 41 32.33 15.57 19.37
C SER J 41 33.01 14.73 18.29
N PHE J 42 33.76 15.38 17.40
CA PHE J 42 34.52 14.63 16.40
C PHE J 42 35.62 13.80 17.05
N ARG J 43 36.25 14.32 18.10
CA ARG J 43 37.23 13.53 18.84
C ARG J 43 36.59 12.30 19.47
N LYS J 44 35.35 12.42 19.92
CA LYS J 44 34.69 11.29 20.58
C LYS J 44 34.57 10.09 19.63
N ASN J 45 34.23 10.35 18.37
CA ASN J 45 34.18 9.26 17.39
C ASN J 45 35.58 8.75 17.06
N ALA J 46 36.59 9.62 17.14
CA ALA J 46 37.94 9.22 16.75
C ALA J 46 38.53 8.19 17.71
N ALA J 47 38.09 8.19 18.97
CA ALA J 47 38.62 7.24 19.94
C ALA J 47 38.28 5.80 19.55
N GLY J 48 37.07 5.58 19.04
CA GLY J 48 36.63 4.29 18.58
C GLY J 48 36.89 4.01 17.12
N ASN J 49 37.67 4.84 16.44
CA ASN J 49 37.95 4.67 15.02
C ASN J 49 39.18 3.79 14.77
N PHE J 50 40.30 4.13 15.39
CA PHE J 50 41.58 3.48 15.13
C PHE J 50 42.24 3.04 16.43
N GLY J 51 41.46 2.37 17.28
CA GLY J 51 41.97 1.85 18.53
C GLY J 51 41.71 0.36 18.67
N PRO J 52 42.36 -0.27 19.64
CA PRO J 52 42.10 -1.69 19.90
C PRO J 52 40.65 -1.93 20.28
N GLU J 53 40.11 -3.05 19.80
CA GLU J 53 38.69 -3.35 20.00
C GLU J 53 38.36 -3.47 21.48
N LEU J 54 39.20 -4.15 22.25
CA LEU J 54 38.94 -4.32 23.67
C LEU J 54 38.92 -2.99 24.41
N ALA J 55 39.86 -2.10 24.09
CA ALA J 55 40.03 -0.85 24.81
C ALA J 55 39.31 0.32 24.14
N ARG J 56 38.48 0.05 23.13
CA ARG J 56 37.77 1.14 22.45
C ARG J 56 36.87 1.90 23.41
N LYS J 57 36.14 1.18 24.27
CA LYS J 57 35.29 1.83 25.25
C LYS J 57 36.11 2.60 26.28
N LEU J 58 37.19 2.01 26.77
CA LEU J 58 38.06 2.71 27.71
C LEU J 58 38.80 3.87 27.07
N SER J 59 39.22 3.72 25.81
CA SER J 59 39.85 4.83 25.11
C SER J 59 38.92 6.03 25.04
N GLN J 60 37.64 5.78 24.80
CA GLN J 60 36.64 6.84 24.93
C GLN J 60 36.53 7.32 26.36
N LEU J 61 36.51 6.39 27.32
CA LEU J 61 36.18 6.72 28.71
C LEU J 61 37.18 7.71 29.31
N VAL J 62 38.47 7.39 29.23
CA VAL J 62 39.46 8.28 29.85
C VAL J 62 39.48 9.63 29.16
N LYS J 63 39.41 9.64 27.83
CA LYS J 63 39.41 10.89 27.09
C LYS J 63 38.09 11.64 27.24
N THR J 64 36.98 10.92 27.46
CA THR J 64 35.72 11.59 27.72
C THR J 64 35.81 12.44 28.98
N GLU J 65 36.49 11.91 30.01
CA GLU J 65 36.72 12.68 31.22
C GLU J 65 37.59 13.91 30.97
N LYS J 66 38.41 13.90 29.92
CA LYS J 66 39.10 15.13 29.52
C LYS J 66 38.10 16.19 29.08
N GLY J 67 37.02 15.77 28.40
CA GLY J 67 35.93 16.69 28.12
C GLY J 67 35.28 17.24 29.37
N VAL J 68 35.19 16.41 30.42
CA VAL J 68 34.74 16.91 31.72
C VAL J 68 35.73 17.96 32.24
N LEU J 69 37.02 17.65 32.12
CA LEU J 69 38.05 18.55 32.65
C LEU J 69 38.08 19.86 31.89
N ARG J 70 38.03 19.80 30.56
CA ARG J 70 38.07 21.02 29.75
C ARG J 70 36.85 21.89 30.00
N ALA J 71 35.67 21.27 30.07
CA ALA J 71 34.46 22.03 30.35
C ALA J 71 34.47 22.60 31.77
N MET J 72 34.93 21.81 32.74
CA MET J 72 35.01 22.30 34.11
C MET J 72 36.09 23.35 34.26
N GLU J 73 37.15 23.27 33.46
CA GLU J 73 38.16 24.34 33.45
C GLU J 73 37.53 25.66 33.06
N VAL J 74 36.66 25.65 32.04
CA VAL J 74 35.96 26.87 31.66
C VAL J 74 35.06 27.34 32.80
N VAL J 75 34.33 26.41 33.42
CA VAL J 75 33.43 26.78 34.50
C VAL J 75 34.20 27.41 35.65
N ALA J 76 35.30 26.79 36.06
CA ALA J 76 36.10 27.32 37.17
C ALA J 76 36.71 28.67 36.81
N SER J 77 37.24 28.81 35.59
CA SER J 77 37.91 30.04 35.20
C SER J 77 36.92 31.16 34.89
N GLU J 78 35.80 30.84 34.25
CA GLU J 78 34.87 31.89 33.83
C GLU J 78 33.99 32.34 34.99
N ARG J 79 33.61 31.42 35.88
CA ARG J 79 32.97 31.83 37.13
C ARG J 79 33.93 32.65 37.98
N ARG J 80 35.22 32.36 37.90
CA ARG J 80 36.22 33.18 38.59
C ARG J 80 36.14 34.64 38.14
N GLU J 81 35.85 34.87 36.86
CA GLU J 81 35.67 36.23 36.37
C GLU J 81 34.42 36.87 36.95
N ALA J 82 33.39 36.05 37.23
CA ALA J 82 32.16 36.57 37.81
C ALA J 82 32.41 37.17 39.19
N ALA J 83 33.25 36.50 39.99
CA ALA J 83 33.65 37.07 41.28
C ALA J 83 34.42 38.37 41.07
N LYS J 84 35.29 38.41 40.06
CA LYS J 84 36.00 39.63 39.72
C LYS J 84 35.03 40.77 39.41
N GLN J 85 34.04 40.51 38.54
CA GLN J 85 33.15 41.57 38.11
C GLN J 85 32.14 41.93 39.20
N LEU J 86 31.69 40.94 39.97
CA LEU J 86 30.72 41.22 41.02
C LEU J 86 31.28 42.19 42.05
N SER J 87 32.47 41.90 42.58
CA SER J 87 33.07 42.78 43.58
C SER J 87 33.39 44.14 42.99
N LEU J 88 33.64 44.20 41.68
CA LEU J 88 33.91 45.48 41.02
C LEU J 88 32.68 46.39 41.05
N TRP J 89 31.49 45.81 40.85
CA TRP J 89 30.27 46.61 40.84
C TRP J 89 29.96 47.21 42.20
N GLY J 90 30.56 46.67 43.26
CA GLY J 90 30.28 47.18 44.59
C GLY J 90 30.68 48.63 44.77
N ALA J 91 31.55 49.15 43.90
CA ALA J 91 31.99 50.54 44.02
C ALA J 91 30.83 51.51 43.85
N ASP J 92 30.08 51.38 42.77
CA ASP J 92 28.99 52.31 42.46
C ASP J 92 27.72 51.90 43.20
N ASN J 93 27.87 51.78 44.52
CA ASN J 93 26.77 51.41 45.40
C ASN J 93 27.07 51.95 46.79
N ASP J 94 26.06 51.87 47.66
CA ASP J 94 26.23 52.31 49.04
C ASP J 94 27.22 51.42 49.77
N ASP J 95 27.76 51.93 50.87
CA ASP J 95 28.83 51.26 51.61
C ASP J 95 28.40 49.89 52.11
N ASP J 96 27.17 49.78 52.61
CA ASP J 96 26.68 48.50 53.13
C ASP J 96 26.70 47.45 52.02
N VAL J 97 26.16 47.79 50.86
CA VAL J 97 26.16 46.88 49.72
C VAL J 97 27.58 46.58 49.28
N SER J 98 28.44 47.59 49.27
CA SER J 98 29.82 47.39 48.84
C SER J 98 30.54 46.37 49.71
N ASP J 99 30.40 46.50 51.04
CA ASP J 99 31.07 45.56 51.94
C ASP J 99 30.51 44.15 51.77
N VAL J 100 29.19 44.02 51.68
CA VAL J 100 28.60 42.70 51.53
C VAL J 100 28.98 42.10 50.18
N THR J 101 28.98 42.92 49.12
CA THR J 101 29.21 42.38 47.78
C THR J 101 30.64 41.91 47.60
N ASP J 102 31.63 42.72 48.01
CA ASP J 102 33.02 42.30 47.81
C ASP J 102 33.37 41.12 48.70
N LYS J 103 32.80 41.06 49.92
CA LYS J 103 32.96 39.87 50.75
C LYS J 103 32.36 38.64 50.07
N LEU J 104 31.19 38.80 49.45
CA LEU J 104 30.61 37.70 48.68
C LEU J 104 31.53 37.31 47.52
N GLY J 105 32.20 38.29 46.92
CA GLY J 105 33.15 37.99 45.88
C GLY J 105 34.32 37.17 46.39
N VAL J 106 34.77 37.46 47.61
CA VAL J 106 35.81 36.64 48.23
C VAL J 106 35.32 35.21 48.40
N LEU J 107 34.09 35.04 48.87
CA LEU J 107 33.58 33.69 49.11
C LEU J 107 33.44 32.93 47.80
N ILE J 108 32.97 33.61 46.75
CA ILE J 108 32.86 32.97 45.44
C ILE J 108 34.24 32.68 44.87
N TYR J 109 35.21 33.55 45.14
CA TYR J 109 36.60 33.27 44.75
C TYR J 109 37.08 31.97 45.37
N GLU J 110 36.78 31.76 46.65
CA GLU J 110 37.11 30.50 47.30
C GLU J 110 36.38 29.34 46.65
N LEU J 111 35.14 29.57 46.21
CA LEU J 111 34.37 28.55 45.52
C LEU J 111 35.10 28.10 44.26
N GLY J 112 35.62 29.05 43.49
CA GLY J 112 36.39 28.74 42.30
C GLY J 112 37.70 28.03 42.57
N GLU J 113 38.42 28.48 43.61
CA GLU J 113 39.68 27.85 43.96
C GLU J 113 39.49 26.39 44.35
N LEU J 114 38.48 26.11 45.17
CA LEU J 114 38.21 24.73 45.55
C LEU J 114 37.81 23.90 44.34
N GLN J 115 37.09 24.51 43.40
CA GLN J 115 36.78 23.83 42.15
C GLN J 115 38.05 23.42 41.43
N ASP J 116 39.05 24.33 41.38
CA ASP J 116 40.29 24.02 40.67
C ASP J 116 41.01 22.83 41.29
N GLN J 117 41.03 22.75 42.63
CA GLN J 117 41.59 21.57 43.28
C GLN J 117 40.80 20.32 42.92
N PHE J 118 39.47 20.45 42.80
CA PHE J 118 38.65 19.32 42.38
C PHE J 118 39.02 18.83 40.99
N ILE J 119 39.27 19.76 40.06
CA ILE J 119 39.68 19.37 38.71
C ILE J 119 41.05 18.69 38.73
N ASP J 120 41.94 19.13 39.62
CA ASP J 120 43.24 18.48 39.74
C ASP J 120 43.10 17.03 40.18
N LYS J 121 42.30 16.79 41.23
CA LYS J 121 42.05 15.42 41.67
C LYS J 121 41.27 14.64 40.62
N TYR J 122 40.37 15.30 39.90
CA TYR J 122 39.67 14.66 38.79
C TYR J 122 40.64 14.20 37.72
N ASP J 123 41.68 15.00 37.45
CA ASP J 123 42.71 14.60 36.50
C ASP J 123 43.45 13.36 36.98
N GLN J 124 43.73 13.27 38.27
CA GLN J 124 44.40 12.08 38.80
C GLN J 124 43.54 10.84 38.60
N TYR J 125 42.24 10.96 38.85
CA TYR J 125 41.34 9.83 38.60
C TYR J 125 41.30 9.48 37.11
N ARG J 126 41.35 10.50 36.25
CA ARG J 126 41.43 10.25 34.82
C ARG J 126 42.74 9.57 34.44
N VAL J 127 43.83 9.92 35.12
CA VAL J 127 45.14 9.37 34.80
C VAL J 127 45.17 7.87 35.11
N THR J 128 44.68 7.49 36.30
CA THR J 128 44.66 6.07 36.63
C THR J 128 43.67 5.31 35.76
N LEU J 129 42.60 5.97 35.30
CA LEU J 129 41.74 5.37 34.29
C LEU J 129 42.49 5.16 32.98
N LYS J 130 43.39 6.08 32.63
CA LYS J 130 44.25 5.87 31.47
C LYS J 130 45.18 4.67 31.68
N SER J 131 45.64 4.46 32.91
CA SER J 131 46.55 3.35 33.20
C SER J 131 45.85 2.01 33.01
N ILE J 132 44.63 1.87 33.55
CA ILE J 132 43.90 0.62 33.35
C ILE J 132 43.54 0.46 31.87
N ARG J 133 43.30 1.57 31.17
CA ARG J 133 43.13 1.51 29.72
C ARG J 133 44.37 0.93 29.05
N ASN J 134 45.56 1.35 29.50
CA ASN J 134 46.80 0.93 28.85
C ASN J 134 47.02 -0.57 29.01
N ILE J 135 46.83 -1.11 30.21
CA ILE J 135 47.07 -2.53 30.43
C ILE J 135 46.02 -3.37 29.70
N GLU J 136 44.76 -2.93 29.72
CA GLU J 136 43.73 -3.66 28.98
C GLU J 136 44.01 -3.65 27.48
N ALA J 137 44.46 -2.51 26.96
CA ALA J 137 44.86 -2.46 25.56
C ALA J 137 46.06 -3.35 25.27
N SER J 138 46.92 -3.55 26.27
CA SER J 138 48.04 -4.48 26.12
C SER J 138 47.59 -5.93 26.18
N VAL J 139 46.48 -6.20 26.86
CA VAL J 139 45.94 -7.55 26.92
C VAL J 139 45.37 -7.96 25.57
N GLN J 140 44.76 -7.00 24.86
CA GLN J 140 44.06 -7.30 23.60
C GLN J 140 44.89 -8.06 22.58
N PRO J 141 46.16 -7.71 22.30
CA PRO J 141 46.91 -8.48 21.29
C PRO J 141 47.04 -9.96 21.60
N SER J 142 47.08 -10.34 22.88
CA SER J 142 47.10 -11.77 23.21
C SER J 142 45.81 -12.45 22.81
N ARG J 143 44.66 -11.78 23.00
CA ARG J 143 43.41 -12.31 22.50
C ARG J 143 43.43 -12.45 20.99
N ASP J 144 44.02 -11.47 20.30
CA ASP J 144 44.19 -11.57 18.85
C ASP J 144 45.03 -12.80 18.50
N ARG J 145 46.15 -12.99 19.20
CA ARG J 145 47.01 -14.14 18.93
C ARG J 145 46.26 -15.45 19.18
N LYS J 146 45.49 -15.51 20.26
CA LYS J 146 44.81 -16.75 20.62
C LYS J 146 43.75 -17.13 19.58
N GLU J 147 42.93 -16.18 19.15
CA GLU J 147 41.88 -16.52 18.20
C GLU J 147 42.47 -16.85 16.83
N LYS J 148 43.57 -16.18 16.47
CA LYS J 148 44.29 -16.54 15.26
C LYS J 148 44.82 -17.97 15.34
N ILE J 149 45.30 -18.37 16.52
CA ILE J 149 45.84 -19.72 16.69
C ILE J 149 44.76 -20.77 16.51
N THR J 150 43.61 -20.60 17.19
CA THR J 150 42.56 -21.61 17.07
C THR J 150 41.95 -21.60 15.67
N ASP J 151 41.91 -20.43 15.03
CA ASP J 151 41.42 -20.37 13.64
C ASP J 151 42.33 -21.17 12.72
N GLU J 152 43.65 -21.01 12.86
CA GLU J 152 44.58 -21.74 12.00
C GLU J 152 44.51 -23.24 12.24
N ILE J 153 44.46 -23.67 13.50
CA ILE J 153 44.45 -25.10 13.77
C ILE J 153 43.14 -25.72 13.30
N ALA J 154 42.03 -25.00 13.44
CA ALA J 154 40.75 -25.51 12.95
C ALA J 154 40.77 -25.63 11.42
N HIS J 155 41.29 -24.61 10.74
CA HIS J 155 41.34 -24.64 9.28
C HIS J 155 42.28 -25.73 8.78
N LEU J 156 43.46 -25.87 9.41
CA LEU J 156 44.39 -26.91 9.00
C LEU J 156 43.84 -28.29 9.25
N LYS J 157 43.18 -28.49 10.40
CA LYS J 157 42.57 -29.78 10.70
C LYS J 157 41.46 -30.09 9.71
N TYR J 158 40.68 -29.08 9.32
CA TYR J 158 39.65 -29.29 8.31
C TYR J 158 40.26 -29.70 6.96
N LYS J 159 41.37 -29.06 6.59
CA LYS J 159 42.02 -29.40 5.32
C LYS J 159 42.57 -30.81 5.33
N ASP J 160 43.36 -31.14 6.36
CA ASP J 160 43.95 -32.47 6.49
C ASP J 160 44.53 -32.66 7.89
N PRO J 161 44.32 -33.83 8.51
CA PRO J 161 44.91 -34.09 9.83
C PRO J 161 46.38 -34.44 9.79
N GLN J 162 46.95 -34.69 8.60
CA GLN J 162 48.34 -35.09 8.47
C GLN J 162 49.29 -33.91 8.32
N SER J 163 48.79 -32.69 8.38
CA SER J 163 49.65 -31.51 8.24
C SER J 163 50.66 -31.46 9.39
N THR J 164 51.91 -31.17 9.05
CA THR J 164 52.97 -31.12 10.04
C THR J 164 52.88 -29.90 10.95
N LYS J 165 52.13 -28.88 10.57
CA LYS J 165 52.00 -27.67 11.38
C LYS J 165 51.01 -27.84 12.53
N ILE J 166 50.16 -28.85 12.49
CA ILE J 166 49.16 -29.07 13.54
C ILE J 166 49.80 -29.61 14.81
N PRO J 167 50.80 -30.51 14.75
CA PRO J 167 51.48 -30.91 15.99
C PRO J 167 52.03 -29.73 16.78
N VAL J 168 52.57 -28.72 16.11
CA VAL J 168 53.10 -27.56 16.82
C VAL J 168 52.00 -26.53 17.10
N LEU J 169 50.92 -26.52 16.31
CA LEU J 169 49.82 -25.59 16.56
C LEU J 169 49.01 -26.01 17.78
N GLU J 170 48.89 -27.32 18.03
CA GLU J 170 48.22 -27.77 19.25
C GLU J 170 48.96 -27.28 20.49
N GLN J 171 50.28 -27.44 20.50
CA GLN J 171 51.07 -26.92 21.60
C GLN J 171 51.02 -25.40 21.64
N GLU J 172 50.92 -24.76 20.47
CA GLU J 172 50.79 -23.31 20.42
C GLU J 172 49.49 -22.85 21.07
N LEU J 173 48.43 -23.64 20.94
CA LEU J 173 47.18 -23.32 21.63
C LEU J 173 47.35 -23.42 23.14
N VAL J 174 48.02 -24.46 23.62
CA VAL J 174 48.32 -24.56 25.05
C VAL J 174 49.26 -23.44 25.48
N ARG J 175 50.27 -23.17 24.66
CA ARG J 175 51.16 -22.03 24.81
C ARG J 175 50.39 -20.75 25.11
N ALA J 176 49.51 -20.37 24.20
CA ALA J 176 48.70 -19.16 24.37
C ALA J 176 47.66 -19.32 25.48
N GLU J 177 47.25 -20.54 25.80
CA GLU J 177 46.27 -20.73 26.86
C GLU J 177 46.83 -20.30 28.21
N ALA J 178 48.00 -20.84 28.58
CA ALA J 178 48.64 -20.40 29.82
C ALA J 178 49.06 -18.94 29.71
N GLU J 179 49.58 -18.55 28.55
CA GLU J 179 49.93 -17.15 28.28
C GLU J 179 48.79 -16.21 28.64
N SER J 180 47.61 -16.43 28.05
CA SER J 180 46.48 -15.54 28.27
C SER J 180 45.92 -15.67 29.69
N LEU J 181 45.97 -16.89 30.25
CA LEU J 181 45.33 -17.14 31.53
C LEU J 181 45.95 -16.31 32.66
N VAL J 182 47.29 -16.22 32.68
CA VAL J 182 47.96 -15.59 33.82
C VAL J 182 47.59 -14.11 33.92
N ALA J 183 47.57 -13.39 32.80
CA ALA J 183 47.26 -11.98 32.86
C ALA J 183 45.78 -11.67 32.73
N GLU J 184 44.97 -12.62 32.27
CA GLU J 184 43.52 -12.46 32.40
C GLU J 184 43.14 -12.39 33.87
N ALA J 185 43.74 -13.26 34.69
CA ALA J 185 43.47 -13.24 36.12
C ALA J 185 43.94 -11.93 36.75
N GLN J 186 45.15 -11.48 36.40
CA GLN J 186 45.63 -10.22 36.98
C GLN J 186 44.91 -9.03 36.37
N LEU J 187 44.38 -9.17 35.15
CA LEU J 187 43.58 -8.10 34.57
C LEU J 187 42.34 -7.84 35.41
N SER J 188 41.66 -8.91 35.84
CA SER J 188 40.56 -8.75 36.76
C SER J 188 41.04 -8.17 38.09
N ASN J 189 42.20 -8.63 38.57
CA ASN J 189 42.73 -8.12 39.84
C ASN J 189 43.03 -6.63 39.76
N ILE J 190 43.77 -6.22 38.73
CA ILE J 190 44.20 -4.83 38.65
C ILE J 190 43.00 -3.92 38.35
N THR J 191 42.06 -4.39 37.52
CA THR J 191 40.87 -3.60 37.25
C THR J 191 40.08 -3.36 38.52
N ARG J 192 39.89 -4.40 39.33
CA ARG J 192 39.12 -4.26 40.56
C ARG J 192 39.81 -3.33 41.55
N GLU J 193 41.10 -3.56 41.80
CA GLU J 193 41.83 -2.76 42.77
C GLU J 193 41.95 -1.30 42.30
N LYS J 194 42.27 -1.09 41.02
CA LYS J 194 42.45 0.26 40.53
C LYS J 194 41.13 1.03 40.44
N LEU J 195 40.06 0.37 39.99
CA LEU J 195 38.76 1.05 39.96
C LEU J 195 38.28 1.41 41.35
N LYS J 196 38.45 0.49 42.31
CA LYS J 196 38.05 0.77 43.68
C LYS J 196 38.85 1.93 44.25
N ALA J 197 40.17 1.91 44.08
CA ALA J 197 41.00 3.00 44.60
C ALA J 197 40.71 4.31 43.89
N ALA J 198 40.56 4.28 42.56
CA ALA J 198 40.34 5.51 41.81
C ALA J 198 39.00 6.16 42.18
N TYR J 199 37.95 5.35 42.30
CA TYR J 199 36.64 5.93 42.60
C TYR J 199 36.47 6.24 44.07
N SER J 200 37.18 5.53 44.96
CA SER J 200 37.23 5.95 46.35
C SER J 200 37.93 7.30 46.48
N TYR J 201 39.04 7.48 45.76
CA TYR J 201 39.71 8.78 45.74
C TYR J 201 38.85 9.84 45.07
N MET J 202 38.16 9.48 43.99
CA MET J 202 37.29 10.43 43.30
C MET J 202 36.12 10.85 44.19
N PHE J 203 35.52 9.89 44.90
CA PHE J 203 34.44 10.24 45.81
C PHE J 203 34.96 10.97 47.04
N ASP J 204 36.20 10.70 47.44
CA ASP J 204 36.83 11.49 48.48
C ASP J 204 37.00 12.94 48.05
N SER J 205 37.42 13.15 46.80
CA SER J 205 37.50 14.50 46.26
C SER J 205 36.12 15.13 46.17
N LEU J 206 35.12 14.35 45.77
CA LEU J 206 33.76 14.87 45.71
C LEU J 206 33.25 15.27 47.09
N ARG J 207 33.52 14.44 48.10
CA ARG J 207 33.13 14.78 49.46
C ARG J 207 33.86 16.02 49.95
N GLU J 208 35.16 16.12 49.66
CA GLU J 208 35.93 17.30 50.04
C GLU J 208 35.34 18.56 49.43
N LEU J 209 35.13 18.54 48.11
CA LEU J 209 34.54 19.69 47.43
C LEU J 209 33.14 19.98 47.95
N SER J 210 32.35 18.93 48.20
CA SER J 210 30.97 19.12 48.61
C SER J 210 30.87 19.80 49.97
N GLU J 211 31.62 19.30 50.96
CA GLU J 211 31.52 19.87 52.30
C GLU J 211 32.12 21.27 52.34
N LYS J 212 33.20 21.51 51.61
CA LYS J 212 33.75 22.87 51.54
C LYS J 212 32.74 23.82 50.88
N PHE J 213 32.11 23.38 49.79
CA PHE J 213 31.05 24.17 49.18
C PHE J 213 29.95 24.51 50.17
N ALA J 214 29.50 23.52 50.94
CA ALA J 214 28.42 23.75 51.90
C ALA J 214 28.85 24.70 53.01
N LEU J 215 30.09 24.56 53.50
CA LEU J 215 30.56 25.43 54.58
C LEU J 215 30.59 26.88 54.13
N ILE J 216 31.13 27.14 52.93
CA ILE J 216 31.13 28.51 52.41
C ILE J 216 29.72 29.00 52.13
N ALA J 217 28.84 28.13 51.65
CA ALA J 217 27.47 28.55 51.37
C ALA J 217 26.73 28.96 52.64
N GLY J 218 26.85 28.16 53.70
CA GLY J 218 26.22 28.50 54.95
C GLY J 218 26.78 29.76 55.58
N TYR J 219 28.11 29.91 55.54
CA TYR J 219 28.72 31.11 56.12
C TYR J 219 28.42 32.34 55.27
N GLY J 220 28.18 32.15 53.97
CA GLY J 220 27.66 33.23 53.16
C GLY J 220 26.25 33.62 53.54
N LYS J 221 25.44 32.64 53.95
CA LYS J 221 24.12 32.95 54.49
C LYS J 221 24.23 33.80 55.74
N ALA J 222 25.17 33.45 56.63
CA ALA J 222 25.44 34.31 57.79
C ALA J 222 25.99 35.66 57.37
N LEU J 223 26.81 35.69 56.32
CA LEU J 223 27.31 36.96 55.80
C LEU J 223 26.17 37.81 55.27
N LEU J 224 25.20 37.20 54.59
CA LEU J 224 24.05 37.93 54.06
C LEU J 224 23.14 38.49 55.14
N GLU J 225 23.29 38.05 56.39
CA GLU J 225 22.46 38.59 57.47
C GLU J 225 22.77 40.07 57.72
N LEU J 226 23.98 40.51 57.41
CA LEU J 226 24.35 41.92 57.55
C LEU J 226 23.95 42.72 56.31
N LEU J 227 22.68 42.60 55.94
CA LEU J 227 22.15 43.26 54.75
C LEU J 227 20.74 43.75 55.09
N ASP J 228 20.63 45.04 55.41
CA ASP J 228 19.34 45.60 55.80
C ASP J 228 18.39 45.64 54.60
N ASP J 229 17.17 45.15 54.82
CA ASP J 229 16.13 45.17 53.80
C ASP J 229 15.03 46.18 54.12
N SER J 230 15.32 47.14 54.99
CA SER J 230 14.31 48.12 55.38
C SER J 230 13.95 49.01 54.19
N PRO J 231 12.67 49.27 53.96
CA PRO J 231 12.25 50.15 52.85
C PRO J 231 12.28 51.63 53.25
N VAL J 232 13.48 52.21 53.19
CA VAL J 232 13.65 53.60 53.59
C VAL J 232 12.92 54.52 52.61
N THR J 233 12.14 55.44 53.14
CA THR J 233 11.39 56.37 52.31
C THR J 233 12.32 57.44 51.74
N PRO J 234 12.01 57.94 50.53
CA PRO J 234 12.86 58.99 49.95
C PRO J 234 12.82 60.26 50.78
N GLY J 235 13.95 60.96 50.84
CA GLY J 235 14.09 62.19 51.57
C GLY J 235 14.75 62.05 52.93
N GLU J 236 14.94 60.82 53.42
CA GLU J 236 15.54 60.58 54.72
C GLU J 236 16.90 59.91 54.55
N ALA J 237 17.88 60.38 55.32
CA ALA J 237 19.22 59.83 55.25
C ALA J 237 19.28 58.45 55.91
N ARG J 238 20.33 57.70 55.56
CA ARG J 238 20.59 56.36 56.08
C ARG J 238 21.58 56.41 57.24
N PRO J 239 21.33 55.63 58.29
CA PRO J 239 22.37 55.42 59.30
C PRO J 239 23.59 54.75 58.69
N ALA J 240 24.78 55.13 59.18
CA ALA J 240 26.02 54.62 58.61
C ALA J 240 26.19 53.13 58.91
N TYR J 241 26.82 52.44 57.96
CA TYR J 241 27.12 51.03 58.14
C TYR J 241 28.13 50.83 59.26
N ASP J 242 27.93 49.78 60.05
CA ASP J 242 28.80 49.49 61.18
C ASP J 242 29.27 48.03 61.25
N GLY J 243 28.71 47.14 60.43
CA GLY J 243 29.09 45.74 60.48
C GLY J 243 30.36 45.40 59.72
N TYR J 244 31.35 46.29 59.80
CA TYR J 244 32.63 46.03 59.14
C TYR J 244 33.39 44.90 59.83
N GLU J 245 33.49 44.97 61.16
CA GLU J 245 34.19 43.92 61.91
C GLU J 245 33.36 42.65 62.05
N ALA J 246 32.03 42.77 62.04
CA ALA J 246 31.19 41.58 62.12
C ALA J 246 31.35 40.70 60.89
N SER J 247 31.38 41.31 59.70
CA SER J 247 31.66 40.55 58.49
C SER J 247 33.11 40.07 58.45
N ARG J 248 34.03 40.87 59.00
CA ARG J 248 35.42 40.43 59.10
C ARG J 248 35.55 39.21 60.00
N GLN J 249 34.84 39.20 61.13
CA GLN J 249 34.88 38.05 62.03
C GLN J 249 34.22 36.82 61.41
N ILE J 250 33.20 37.03 60.57
CA ILE J 250 32.54 35.91 59.92
C ILE J 250 33.53 35.16 59.02
N ILE J 251 34.36 35.91 58.28
CA ILE J 251 35.37 35.28 57.44
C ILE J 251 36.38 34.53 58.30
N MET J 252 36.79 35.12 59.42
CA MET J 252 37.74 34.45 60.31
C MET J 252 37.20 33.11 60.80
N ASP J 253 35.93 33.07 61.19
CA ASP J 253 35.33 31.80 61.56
C ASP J 253 35.29 30.85 60.37
N ALA J 254 35.00 31.39 59.18
CA ALA J 254 35.01 30.58 57.97
C ALA J 254 36.40 30.02 57.70
N GLU J 255 37.43 30.86 57.80
CA GLU J 255 38.80 30.38 57.63
C GLU J 255 39.19 29.42 58.74
N SER J 256 38.76 29.70 59.98
CA SER J 256 39.06 28.80 61.09
C SER J 256 38.47 27.42 60.85
N ALA J 257 37.21 27.36 60.40
CA ALA J 257 36.63 26.08 60.02
C ALA J 257 37.24 25.55 58.73
N LEU J 258 37.79 26.43 57.89
CA LEU J 258 38.42 26.00 56.65
C LEU J 258 39.72 25.26 56.92
N GLU J 259 40.57 25.83 57.77
CA GLU J 259 41.87 25.25 58.09
C GLU J 259 41.79 24.11 59.08
N SER J 260 40.63 23.84 59.66
CA SER J 260 40.44 22.78 60.64
C SER J 260 39.54 21.68 60.09
N TRP J 261 39.70 21.36 58.81
CA TRP J 261 38.91 20.32 58.15
C TRP J 261 39.76 19.07 58.01
N THR J 262 39.36 18.01 58.69
CA THR J 262 40.01 16.71 58.59
C THR J 262 38.98 15.65 58.22
N LEU J 263 39.42 14.62 57.50
CA LEU J 263 38.52 13.55 57.09
C LEU J 263 37.97 12.75 58.26
N ASP J 264 38.61 12.83 59.44
CA ASP J 264 38.07 12.14 60.61
C ASP J 264 36.70 12.68 60.99
N MET J 265 36.52 14.00 60.92
CA MET J 265 35.23 14.62 61.19
C MET J 265 34.45 14.77 59.89
N ALA J 266 33.12 14.64 60.00
CA ALA J 266 32.25 14.77 58.84
C ALA J 266 30.85 15.11 59.33
N ALA J 267 30.38 16.32 59.03
CA ALA J 267 29.03 16.72 59.43
C ALA J 267 28.00 15.85 58.73
N VAL J 268 28.20 15.55 57.45
CA VAL J 268 27.30 14.67 56.72
C VAL J 268 27.45 13.26 57.25
N LYS J 269 26.37 12.71 57.80
CA LYS J 269 26.36 11.37 58.39
C LYS J 269 25.30 10.53 57.70
N PRO J 270 25.66 9.79 56.65
CA PRO J 270 24.68 8.93 55.98
C PRO J 270 24.18 7.84 56.92
N THR J 271 22.91 7.49 56.74
CA THR J 271 22.28 6.47 57.57
C THR J 271 22.58 5.08 57.06
N MET K 1 54.77 -65.87 -14.03
CA MET K 1 55.62 -66.37 -15.10
C MET K 1 56.82 -67.10 -14.52
N HIS K 2 57.71 -67.56 -15.38
CA HIS K 2 58.95 -68.21 -14.98
C HIS K 2 60.11 -67.33 -15.40
N ARG K 3 60.88 -66.86 -14.43
CA ARG K 3 62.05 -66.03 -14.67
C ARG K 3 63.24 -66.57 -13.90
N THR K 4 64.44 -66.27 -14.39
CA THR K 4 65.65 -66.74 -13.72
C THR K 4 66.12 -65.71 -12.70
N TYR K 5 67.01 -66.17 -11.81
CA TYR K 5 67.59 -65.31 -10.78
C TYR K 5 68.77 -64.54 -11.37
N SER K 6 68.44 -63.61 -12.25
CA SER K 6 69.44 -62.80 -12.93
C SER K 6 68.82 -61.48 -13.34
N LEU K 7 69.65 -60.46 -13.45
CA LEU K 7 69.17 -59.16 -13.91
C LEU K 7 68.85 -59.19 -15.39
N ARG K 8 69.23 -60.26 -16.08
CA ARG K 8 68.94 -60.41 -17.49
C ARG K 8 67.44 -60.64 -17.69
N ASN K 9 66.91 -60.09 -18.79
CA ASN K 9 65.48 -60.26 -19.06
C ASN K 9 65.15 -61.69 -19.47
N GLN K 10 66.08 -62.36 -20.14
CA GLN K 10 65.83 -63.71 -20.62
C GLN K 10 65.64 -64.68 -19.45
N ARG K 11 64.66 -65.56 -19.60
CA ARG K 11 64.32 -66.53 -18.56
C ARG K 11 65.01 -67.87 -18.81
N ALA K 12 64.90 -68.76 -17.83
CA ALA K 12 65.46 -70.09 -17.97
C ALA K 12 64.68 -70.87 -19.03
N PRO K 13 65.36 -71.62 -19.90
CA PRO K 13 64.66 -72.36 -20.95
C PRO K 13 63.77 -73.46 -20.37
N THR K 14 62.66 -73.70 -21.05
CA THR K 14 61.74 -74.77 -20.65
C THR K 14 62.27 -76.12 -21.13
N ALA K 15 61.75 -77.19 -20.53
CA ALA K 15 62.14 -78.54 -20.94
C ALA K 15 61.82 -78.79 -22.40
N ALA K 16 60.70 -78.24 -22.89
CA ALA K 16 60.40 -78.33 -24.31
C ALA K 16 61.46 -77.60 -25.14
N GLU K 17 61.90 -76.44 -24.66
CA GLU K 17 62.96 -75.70 -25.35
C GLU K 17 64.30 -76.42 -25.29
N LEU K 18 64.50 -77.30 -24.31
CA LEU K 18 65.74 -78.06 -24.25
C LEU K 18 65.87 -79.00 -25.44
N GLN K 19 64.79 -79.69 -25.80
CA GLN K 19 64.83 -80.60 -26.94
C GLN K 19 64.96 -79.83 -28.25
N ALA K 20 64.20 -78.75 -28.41
CA ALA K 20 64.23 -77.94 -29.62
C ALA K 20 64.58 -76.50 -29.25
N PRO K 21 65.72 -75.98 -29.70
CA PRO K 21 66.08 -74.61 -29.33
C PRO K 21 65.09 -73.62 -29.89
N PRO K 22 64.86 -72.51 -29.18
CA PRO K 22 63.87 -71.54 -29.64
C PRO K 22 64.29 -70.92 -30.97
N PRO K 23 63.33 -70.61 -31.83
CA PRO K 23 63.67 -69.98 -33.11
C PRO K 23 64.04 -68.52 -32.94
N PRO K 24 64.70 -67.91 -33.91
CA PRO K 24 65.01 -66.48 -33.84
C PRO K 24 63.74 -65.65 -33.85
N PRO K 25 63.80 -64.42 -33.35
CA PRO K 25 62.58 -63.59 -33.30
C PRO K 25 62.02 -63.34 -34.69
N SER K 26 60.70 -63.19 -34.75
CA SER K 26 60.02 -63.04 -36.03
C SER K 26 60.45 -61.77 -36.74
N SER K 27 60.50 -61.84 -38.07
CA SER K 27 60.89 -60.72 -38.91
C SER K 27 59.74 -59.76 -39.20
N THR K 28 58.66 -59.82 -38.42
CA THR K 28 57.51 -58.95 -38.59
C THR K 28 57.48 -57.81 -37.58
N LYS K 29 58.63 -57.48 -36.99
CA LYS K 29 58.72 -56.38 -36.02
C LYS K 29 58.67 -55.06 -36.79
N SER K 30 57.45 -54.63 -37.10
CA SER K 30 57.26 -53.41 -37.87
C SER K 30 57.69 -52.19 -37.07
N LYS K 31 58.36 -51.25 -37.74
CA LYS K 31 58.81 -50.01 -37.13
C LYS K 31 57.69 -48.98 -37.19
N PHE K 32 56.63 -49.25 -36.44
CA PHE K 32 55.45 -48.40 -36.41
C PHE K 32 54.86 -48.47 -35.01
N PHE K 33 53.61 -48.01 -34.87
CA PHE K 33 52.94 -48.05 -33.58
C PHE K 33 52.75 -49.50 -33.12
N GLY K 34 52.29 -50.36 -34.01
CA GLY K 34 52.18 -51.78 -33.71
C GLY K 34 51.07 -52.18 -32.78
N LYS K 35 50.14 -51.27 -32.46
CA LYS K 35 49.03 -51.57 -31.54
C LYS K 35 47.71 -51.20 -32.23
N ALA K 36 47.20 -52.12 -33.04
CA ALA K 36 45.89 -52.03 -33.68
C ALA K 36 45.63 -50.64 -34.25
N SER K 37 46.50 -50.23 -35.16
CA SER K 37 46.39 -48.96 -35.90
C SER K 37 46.42 -47.81 -34.89
N ILE K 38 45.69 -46.74 -35.19
CA ILE K 38 45.69 -45.52 -34.37
C ILE K 38 44.35 -45.31 -33.67
N ALA K 39 43.25 -45.65 -34.35
CA ALA K 39 41.92 -45.39 -33.79
C ALA K 39 41.73 -46.11 -32.46
N SER K 40 42.19 -47.36 -32.37
CA SER K 40 42.10 -48.09 -31.10
C SER K 40 42.92 -47.41 -30.01
N SER K 41 44.13 -46.96 -30.35
CA SER K 41 44.98 -46.31 -29.37
C SER K 41 44.37 -44.99 -28.89
N PHE K 42 43.84 -44.19 -29.81
CA PHE K 42 43.14 -42.97 -29.42
C PHE K 42 41.88 -43.28 -28.64
N ARG K 43 41.16 -44.35 -29.02
CA ARG K 43 40.00 -44.77 -28.26
C ARG K 43 40.38 -45.17 -26.84
N LYS K 44 41.56 -45.79 -26.67
CA LYS K 44 41.97 -46.23 -25.34
C LYS K 44 42.07 -45.06 -24.37
N ASN K 45 42.63 -43.94 -24.82
CA ASN K 45 42.68 -42.75 -23.97
C ASN K 45 41.29 -42.15 -23.76
N ALA K 46 40.39 -42.31 -24.72
CA ALA K 46 39.07 -41.70 -24.63
C ALA K 46 38.23 -42.32 -23.52
N ALA K 47 38.48 -43.59 -23.19
CA ALA K 47 37.70 -44.25 -22.15
C ALA K 47 37.92 -43.58 -20.79
N GLY K 48 39.15 -43.18 -20.50
CA GLY K 48 39.49 -42.49 -19.28
C GLY K 48 39.41 -40.98 -19.36
N ASN K 49 38.83 -40.43 -20.43
CA ASN K 49 38.76 -38.99 -20.59
C ASN K 49 37.47 -38.40 -19.98
N PHE K 50 36.32 -38.95 -20.37
CA PHE K 50 35.03 -38.40 -19.98
C PHE K 50 34.14 -39.49 -19.37
N GLY K 51 34.70 -40.25 -18.43
CA GLY K 51 33.96 -41.27 -17.75
C GLY K 51 34.00 -41.11 -16.24
N PRO K 52 33.15 -41.84 -15.53
CA PRO K 52 33.19 -41.79 -14.06
C PRO K 52 34.54 -42.26 -13.54
N GLU K 53 35.00 -41.62 -12.46
CA GLU K 53 36.33 -41.90 -11.92
C GLU K 53 36.43 -43.34 -11.45
N LEU K 54 35.40 -43.84 -10.76
CA LEU K 54 35.43 -45.21 -10.25
C LEU K 54 35.51 -46.22 -11.38
N ALA K 55 34.74 -46.01 -12.45
CA ALA K 55 34.63 -46.96 -13.54
C ALA K 55 35.57 -46.66 -14.70
N ARG K 56 36.51 -45.73 -14.52
CA ARG K 56 37.42 -45.40 -15.60
C ARG K 56 38.26 -46.60 -16.00
N LYS K 57 38.76 -47.35 -15.02
CA LYS K 57 39.54 -48.54 -15.32
C LYS K 57 38.68 -49.61 -15.97
N LEU K 58 37.47 -49.83 -15.46
CA LEU K 58 36.57 -50.80 -16.07
C LEU K 58 36.09 -50.35 -17.44
N SER K 59 35.83 -49.06 -17.62
CA SER K 59 35.45 -48.56 -18.93
C SER K 59 36.52 -48.87 -19.97
N GLN K 60 37.79 -48.72 -19.58
CA GLN K 60 38.88 -49.21 -20.43
C GLN K 60 38.83 -50.72 -20.58
N LEU K 61 38.60 -51.43 -19.47
CA LEU K 61 38.76 -52.88 -19.45
C LEU K 61 37.82 -53.58 -20.43
N VAL K 62 36.52 -53.29 -20.35
CA VAL K 62 35.57 -53.97 -21.21
C VAL K 62 35.82 -53.62 -22.67
N LYS K 63 36.08 -52.33 -22.94
CA LYS K 63 36.34 -51.90 -24.31
C LYS K 63 37.70 -52.38 -24.80
N THR K 64 38.67 -52.54 -23.90
CA THR K 64 39.96 -53.10 -24.30
C THR K 64 39.79 -54.50 -24.86
N GLU K 65 38.92 -55.29 -24.25
CA GLU K 65 38.60 -56.62 -24.77
C GLU K 65 37.94 -56.55 -26.14
N LYS K 66 37.28 -55.44 -26.47
CA LYS K 66 36.82 -55.24 -27.85
C LYS K 66 37.99 -55.18 -28.82
N GLY K 67 39.09 -54.56 -28.38
CA GLY K 67 40.31 -54.62 -29.17
C GLY K 67 40.83 -56.03 -29.34
N VAL K 68 40.68 -56.86 -28.31
CA VAL K 68 40.99 -58.28 -28.46
C VAL K 68 40.08 -58.90 -29.50
N LEU K 69 38.79 -58.58 -29.44
CA LEU K 69 37.81 -59.18 -30.34
C LEU K 69 38.05 -58.73 -31.78
N ARG K 70 38.28 -57.43 -31.99
CA ARG K 70 38.51 -56.92 -33.33
C ARG K 70 39.78 -57.52 -33.94
N ALA K 71 40.85 -57.57 -33.15
CA ALA K 71 42.10 -58.15 -33.64
C ALA K 71 41.94 -59.65 -33.89
N MET K 72 41.26 -60.35 -32.99
CA MET K 72 41.05 -61.79 -33.19
C MET K 72 40.09 -62.05 -34.35
N GLU K 73 39.15 -61.13 -34.60
CA GLU K 73 38.30 -61.25 -35.77
C GLU K 73 39.13 -61.24 -37.05
N VAL K 74 40.13 -60.36 -37.12
CA VAL K 74 41.02 -60.35 -38.28
C VAL K 74 41.81 -61.65 -38.36
N VAL K 75 42.31 -62.13 -37.21
CA VAL K 75 43.09 -63.37 -37.21
C VAL K 75 42.23 -64.53 -37.70
N ALA K 76 41.02 -64.66 -37.18
CA ALA K 76 40.15 -65.75 -37.59
C ALA K 76 39.77 -65.65 -39.05
N SER K 77 39.43 -64.44 -39.52
CA SER K 77 38.99 -64.26 -40.90
C SER K 77 40.14 -64.33 -41.89
N GLU K 78 41.30 -63.76 -41.54
CA GLU K 78 42.39 -63.70 -42.50
C GLU K 78 43.15 -65.03 -42.56
N ARG K 79 43.28 -65.73 -41.43
CA ARG K 79 43.78 -67.10 -41.47
C ARG K 79 42.81 -68.01 -42.23
N ARG K 80 41.52 -67.71 -42.17
CA ARG K 80 40.54 -68.45 -42.96
C ARG K 80 40.87 -68.36 -44.45
N GLU K 81 41.36 -67.20 -44.90
CA GLU K 81 41.77 -67.06 -46.29
C GLU K 81 43.01 -67.90 -46.59
N ALA K 82 43.87 -68.10 -45.59
CA ALA K 82 45.06 -68.92 -45.79
C ALA K 82 44.68 -70.37 -46.11
N ALA K 83 43.66 -70.90 -45.43
CA ALA K 83 43.16 -72.22 -45.77
C ALA K 83 42.59 -72.23 -47.18
N LYS K 84 41.89 -71.16 -47.56
CA LYS K 84 41.39 -71.03 -48.93
C LYS K 84 42.52 -71.09 -49.94
N GLN K 85 43.58 -70.31 -49.72
CA GLN K 85 44.66 -70.23 -50.70
C GLN K 85 45.54 -71.48 -50.67
N LEU K 86 45.74 -72.06 -49.49
CA LEU K 86 46.58 -73.26 -49.39
C LEU K 86 46.00 -74.41 -50.19
N SER K 87 44.71 -74.71 -49.99
CA SER K 87 44.08 -75.81 -50.73
C SER K 87 44.03 -75.51 -52.22
N LEU K 88 43.97 -74.23 -52.58
CA LEU K 88 43.96 -73.85 -53.99
C LEU K 88 45.28 -74.23 -54.67
N TRP K 89 46.40 -74.04 -53.97
CA TRP K 89 47.70 -74.34 -54.57
C TRP K 89 47.88 -75.83 -54.81
N GLY K 90 47.07 -76.67 -54.16
CA GLY K 90 47.22 -78.11 -54.34
C GLY K 90 46.98 -78.57 -55.77
N ALA K 91 46.31 -77.74 -56.57
CA ALA K 91 46.03 -78.12 -57.95
C ALA K 91 47.31 -78.31 -58.76
N ASP K 92 48.20 -77.31 -58.74
CA ASP K 92 49.42 -77.36 -59.54
C ASP K 92 50.51 -78.13 -58.80
N ASN K 93 50.16 -79.36 -58.43
CA ASN K 93 51.07 -80.25 -57.72
C ASN K 93 50.64 -81.69 -58.00
N ASP K 94 51.49 -82.62 -57.58
CA ASP K 94 51.19 -84.03 -57.76
C ASP K 94 50.00 -84.42 -56.89
N ASP K 95 49.37 -85.54 -57.23
CA ASP K 95 48.13 -85.98 -56.59
C ASP K 95 48.30 -86.21 -55.10
N ASP K 96 49.43 -86.81 -54.70
CA ASP K 96 49.67 -87.07 -53.28
C ASP K 96 49.70 -85.77 -52.50
N VAL K 97 50.44 -84.78 -53.00
CA VAL K 97 50.49 -83.47 -52.34
C VAL K 97 49.12 -82.81 -52.36
N SER K 98 48.39 -82.94 -53.48
CA SER K 98 47.08 -82.31 -53.58
C SER K 98 46.13 -82.84 -52.52
N ASP K 99 46.09 -84.16 -52.35
CA ASP K 99 45.19 -84.76 -51.37
C ASP K 99 45.58 -84.35 -49.95
N VAL K 100 46.88 -84.38 -49.64
CA VAL K 100 47.32 -83.99 -48.30
C VAL K 100 47.07 -82.50 -48.06
N THR K 101 47.31 -81.67 -49.07
CA THR K 101 47.22 -80.22 -48.88
C THR K 101 45.78 -79.78 -48.66
N ASP K 102 44.85 -80.25 -49.51
CA ASP K 102 43.47 -79.80 -49.37
C ASP K 102 42.85 -80.35 -48.09
N LYS K 103 43.23 -81.58 -47.69
CA LYS K 103 42.81 -82.10 -46.39
C LYS K 103 43.34 -81.23 -45.25
N LEU K 104 44.60 -80.80 -45.36
CA LEU K 104 45.15 -79.86 -44.38
C LEU K 104 44.37 -78.57 -44.38
N GLY K 105 43.91 -78.13 -45.56
CA GLY K 105 43.09 -76.94 -45.63
C GLY K 105 41.76 -77.11 -44.91
N VAL K 106 41.18 -78.30 -44.99
CA VAL K 106 39.97 -78.60 -44.22
C VAL K 106 40.25 -78.49 -42.74
N LEU K 107 41.37 -79.06 -42.29
CA LEU K 107 41.67 -79.05 -40.86
C LEU K 107 41.91 -77.62 -40.37
N ILE K 108 42.61 -76.81 -41.17
CA ILE K 108 42.83 -75.41 -40.82
C ILE K 108 41.51 -74.63 -40.87
N TYR K 109 40.62 -74.99 -41.80
CA TYR K 109 39.30 -74.39 -41.82
C TYR K 109 38.56 -74.63 -40.51
N GLU K 110 38.65 -75.85 -39.99
CA GLU K 110 38.07 -76.16 -38.69
C GLU K 110 38.75 -75.35 -37.59
N LEU K 111 40.05 -75.12 -37.71
CA LEU K 111 40.78 -74.30 -36.76
C LEU K 111 40.20 -72.90 -36.69
N GLY K 112 39.90 -72.33 -37.86
CA GLY K 112 39.30 -71.01 -37.93
C GLY K 112 37.89 -70.96 -37.39
N GLU K 113 37.09 -71.98 -37.71
CA GLU K 113 35.71 -72.02 -37.21
C GLU K 113 35.66 -72.11 -35.70
N LEU K 114 36.50 -72.96 -35.09
CA LEU K 114 36.54 -73.04 -33.64
C LEU K 114 37.01 -71.72 -33.04
N GLN K 115 37.93 -71.04 -33.71
CA GLN K 115 38.33 -69.71 -33.27
C GLN K 115 37.13 -68.77 -33.22
N ASP K 116 36.28 -68.81 -34.25
CA ASP K 116 35.13 -67.92 -34.29
C ASP K 116 34.19 -68.16 -33.12
N GLN K 117 33.96 -69.44 -32.77
CA GLN K 117 33.16 -69.74 -31.57
C GLN K 117 33.84 -69.20 -30.32
N PHE K 118 35.18 -69.26 -30.27
CA PHE K 118 35.90 -68.69 -29.14
C PHE K 118 35.68 -67.19 -29.02
N ILE K 119 35.69 -66.48 -30.15
CA ILE K 119 35.43 -65.04 -30.12
C ILE K 119 34.01 -64.75 -29.66
N ASP K 120 33.05 -65.60 -30.04
CA ASP K 120 31.68 -65.42 -29.59
C ASP K 120 31.58 -65.54 -28.06
N LYS K 121 32.17 -66.59 -27.50
CA LYS K 121 32.19 -66.73 -26.05
C LYS K 121 33.02 -65.63 -25.39
N TYR K 122 34.08 -65.19 -26.05
CA TYR K 122 34.85 -64.05 -25.55
C TYR K 122 33.99 -62.79 -25.48
N ASP K 123 33.11 -62.59 -26.47
CA ASP K 123 32.19 -61.47 -26.43
C ASP K 123 31.25 -61.57 -25.24
N GLN K 124 30.77 -62.77 -24.94
CA GLN K 124 29.89 -62.93 -23.77
C GLN K 124 30.61 -62.55 -22.48
N TYR K 125 31.87 -62.97 -22.34
CA TYR K 125 32.65 -62.57 -21.17
C TYR K 125 32.86 -61.06 -21.14
N ARG K 126 33.06 -60.46 -22.31
CA ARG K 126 33.16 -59.00 -22.39
C ARG K 126 31.84 -58.34 -21.99
N VAL K 127 30.72 -58.95 -22.38
CA VAL K 127 29.41 -58.36 -22.10
C VAL K 127 29.15 -58.32 -20.59
N THR K 128 29.41 -59.43 -19.90
CA THR K 128 29.21 -59.44 -18.45
C THR K 128 30.22 -58.53 -17.75
N LEU K 129 31.41 -58.37 -18.33
CA LEU K 129 32.34 -57.35 -17.83
C LEU K 129 31.76 -55.95 -18.01
N LYS K 130 31.04 -55.72 -19.11
CA LYS K 130 30.34 -54.45 -19.28
C LYS K 130 29.25 -54.28 -18.22
N SER K 131 28.59 -55.37 -17.83
CA SER K 131 27.52 -55.29 -16.83
C SER K 131 28.06 -54.87 -15.47
N ILE K 132 29.16 -55.51 -15.03
CA ILE K 132 29.76 -55.11 -13.76
C ILE K 132 30.31 -53.69 -13.85
N ARG K 133 30.78 -53.29 -15.04
CA ARG K 133 31.15 -51.89 -15.26
C ARG K 133 29.95 -50.98 -15.02
N ASN K 134 28.78 -51.37 -15.52
CA ASN K 134 27.60 -50.51 -15.43
C ASN K 134 27.19 -50.29 -13.99
N ILE K 135 27.14 -51.36 -13.19
CA ILE K 135 26.69 -51.21 -11.81
C ILE K 135 27.71 -50.44 -10.98
N GLU K 136 29.01 -50.69 -11.22
CA GLU K 136 30.04 -49.95 -10.51
C GLU K 136 29.99 -48.46 -10.88
N ALA K 137 29.75 -48.15 -12.16
CA ALA K 137 29.57 -46.77 -12.57
C ALA K 137 28.33 -46.16 -11.94
N SER K 138 27.31 -46.97 -11.67
CA SER K 138 26.12 -46.48 -10.98
C SER K 138 26.38 -46.27 -9.49
N VAL K 139 27.34 -47.00 -8.92
CA VAL K 139 27.69 -46.81 -7.51
C VAL K 139 28.40 -45.47 -7.32
N GLN K 140 29.21 -45.07 -8.29
CA GLN K 140 30.05 -43.88 -8.17
C GLN K 140 29.28 -42.62 -7.77
N PRO K 141 28.13 -42.28 -8.36
CA PRO K 141 27.44 -41.04 -7.94
C PRO K 141 27.09 -41.00 -6.47
N SER K 142 26.81 -42.14 -5.83
CA SER K 142 26.57 -42.13 -4.39
C SER K 142 27.82 -41.73 -3.62
N ARG K 143 28.99 -42.20 -4.07
CA ARG K 143 30.23 -41.75 -3.46
C ARG K 143 30.41 -40.25 -3.64
N ASP K 144 30.05 -39.74 -4.82
CA ASP K 144 30.08 -38.30 -5.05
C ASP K 144 29.16 -37.58 -4.07
N ARG K 145 27.93 -38.09 -3.90
CA ARG K 145 27.00 -37.47 -2.98
C ARG K 145 27.53 -37.49 -1.55
N LYS K 146 28.12 -38.62 -1.15
CA LYS K 146 28.59 -38.76 0.23
C LYS K 146 29.72 -37.79 0.54
N GLU K 147 30.71 -37.68 -0.35
CA GLU K 147 31.84 -36.80 -0.05
C GLU K 147 31.42 -35.34 -0.12
N LYS K 148 30.47 -35.02 -0.99
CA LYS K 148 29.89 -33.68 -1.01
C LYS K 148 29.19 -33.37 0.30
N ILE K 149 28.50 -34.37 0.86
CA ILE K 149 27.78 -34.17 2.12
C ILE K 149 28.74 -33.88 3.26
N THR K 150 29.78 -34.70 3.41
CA THR K 150 30.71 -34.48 4.51
C THR K 150 31.52 -33.20 4.31
N ASP K 151 31.79 -32.84 3.05
CA ASP K 151 32.47 -31.58 2.79
C ASP K 151 31.62 -30.41 3.24
N GLU K 152 30.32 -30.42 2.89
CA GLU K 152 29.45 -29.31 3.28
C GLU K 152 29.28 -29.21 4.79
N ILE K 153 29.11 -30.35 5.48
CA ILE K 153 28.90 -30.28 6.93
C ILE K 153 30.18 -29.83 7.62
N ALA K 154 31.34 -30.26 7.12
CA ALA K 154 32.60 -29.81 7.70
C ALA K 154 32.79 -28.31 7.50
N HIS K 155 32.51 -27.82 6.29
CA HIS K 155 32.67 -26.40 6.00
C HIS K 155 31.68 -25.56 6.82
N LEU K 156 30.41 -26.00 6.90
CA LEU K 156 29.42 -25.26 7.67
C LEU K 156 29.77 -25.26 9.16
N LYS K 157 30.22 -26.40 9.68
CA LYS K 157 30.62 -26.47 11.09
C LYS K 157 31.81 -25.56 11.35
N TYR K 158 32.76 -25.50 10.41
CA TYR K 158 33.89 -24.59 10.56
C TYR K 158 33.43 -23.13 10.57
N LYS K 159 32.48 -22.78 9.72
CA LYS K 159 32.00 -21.41 9.67
C LYS K 159 31.27 -21.04 10.96
N ASP K 160 30.30 -21.87 11.38
CA ASP K 160 29.54 -21.63 12.60
C ASP K 160 28.74 -22.86 12.99
N PRO K 161 28.73 -23.23 14.28
CA PRO K 161 27.92 -24.38 14.71
C PRO K 161 26.43 -24.09 14.81
N GLN K 162 26.02 -22.83 14.73
CA GLN K 162 24.62 -22.44 14.88
C GLN K 162 23.85 -22.45 13.57
N SER K 163 24.49 -22.85 12.46
CA SER K 163 23.81 -22.88 11.17
C SER K 163 22.67 -23.90 11.20
N THR K 164 21.51 -23.49 10.67
CA THR K 164 20.34 -24.34 10.67
C THR K 164 20.44 -25.50 9.70
N LYS K 165 21.36 -25.45 8.73
CA LYS K 165 21.52 -26.53 7.76
C LYS K 165 22.30 -27.71 8.31
N ILE K 166 23.02 -27.54 9.41
CA ILE K 166 23.83 -28.62 9.99
C ILE K 166 22.94 -29.65 10.69
N PRO K 167 21.87 -29.27 11.39
CA PRO K 167 20.97 -30.31 11.92
C PRO K 167 20.45 -31.27 10.87
N VAL K 168 20.14 -30.79 9.67
CA VAL K 168 19.68 -31.69 8.62
C VAL K 168 20.84 -32.32 7.85
N LEU K 169 22.00 -31.66 7.83
CA LEU K 169 23.16 -32.26 7.17
C LEU K 169 23.73 -33.44 7.95
N GLU K 170 23.66 -33.40 9.28
CA GLU K 170 24.08 -34.54 10.08
C GLU K 170 23.24 -35.76 9.75
N GLN K 171 21.91 -35.60 9.71
CA GLN K 171 21.04 -36.69 9.30
C GLN K 171 21.27 -37.06 7.85
N GLU K 172 21.62 -36.09 7.01
CA GLU K 172 21.93 -36.39 5.62
C GLU K 172 23.18 -37.27 5.51
N LEU K 173 24.14 -37.09 6.41
CA LEU K 173 25.31 -37.97 6.43
C LEU K 173 24.90 -39.39 6.80
N VAL K 174 24.05 -39.54 7.82
CA VAL K 174 23.54 -40.87 8.17
C VAL K 174 22.69 -41.43 7.03
N ARG K 175 21.84 -40.58 6.45
CA ARG K 175 21.09 -40.89 5.24
C ARG K 175 21.96 -41.56 4.19
N ALA K 176 23.02 -40.85 3.76
CA ALA K 176 23.92 -41.40 2.75
C ALA K 176 24.76 -42.55 3.29
N GLU K 177 24.97 -42.63 4.60
CA GLU K 177 25.76 -43.73 5.16
C GLU K 177 25.06 -45.06 4.95
N ALA K 178 23.80 -45.17 5.36
CA ALA K 178 23.04 -46.39 5.09
C ALA K 178 22.82 -46.57 3.60
N GLU K 179 22.53 -45.48 2.89
CA GLU K 179 22.40 -45.49 1.44
C GLU K 179 23.59 -46.18 0.78
N SER K 180 24.80 -45.69 1.05
CA SER K 180 25.99 -46.24 0.40
C SER K 180 26.31 -47.64 0.91
N LEU K 181 26.03 -47.91 2.19
CA LEU K 181 26.45 -49.17 2.80
C LEU K 181 25.77 -50.37 2.14
N VAL K 182 24.47 -50.26 1.86
CA VAL K 182 23.73 -51.43 1.38
C VAL K 182 24.26 -51.90 0.03
N ALA K 183 24.52 -50.99 -0.89
CA ALA K 183 24.99 -51.40 -2.21
C ALA K 183 26.50 -51.51 -2.30
N GLU K 184 27.25 -50.94 -1.36
CA GLU K 184 28.67 -51.28 -1.27
C GLU K 184 28.85 -52.76 -0.96
N ALA K 185 28.03 -53.28 -0.04
CA ALA K 185 28.08 -54.71 0.27
C ALA K 185 27.69 -55.55 -0.94
N GLN K 186 26.61 -55.18 -1.62
CA GLN K 186 26.21 -55.97 -2.78
C GLN K 186 27.15 -55.73 -3.95
N LEU K 187 27.83 -54.59 -4.01
CA LEU K 187 28.83 -54.36 -5.03
C LEU K 187 29.96 -55.37 -4.92
N SER K 188 30.43 -55.62 -3.70
CA SER K 188 31.40 -56.68 -3.49
C SER K 188 30.81 -58.03 -3.85
N ASN K 189 29.55 -58.26 -3.48
CA ASN K 189 28.91 -59.54 -3.78
C ASN K 189 28.80 -59.77 -5.28
N ILE K 190 28.27 -58.79 -6.01
CA ILE K 190 28.04 -58.97 -7.44
C ILE K 190 29.36 -59.02 -8.19
N THR K 191 30.35 -58.22 -7.77
CA THR K 191 31.65 -58.27 -8.42
C THR K 191 32.29 -59.66 -8.26
N ARG K 192 32.22 -60.23 -7.05
CA ARG K 192 32.82 -61.52 -6.81
C ARG K 192 32.11 -62.62 -7.61
N GLU K 193 30.77 -62.66 -7.53
CA GLU K 193 30.03 -63.70 -8.23
C GLU K 193 30.15 -63.57 -9.74
N LYS K 194 30.06 -62.34 -10.25
CA LYS K 194 30.11 -62.15 -11.70
C LYS K 194 31.50 -62.38 -12.25
N LEU K 195 32.55 -61.93 -11.55
CA LEU K 195 33.90 -62.18 -12.01
C LEU K 195 34.22 -63.68 -11.99
N LYS K 196 33.80 -64.38 -10.94
CA LYS K 196 34.03 -65.81 -10.87
C LYS K 196 33.31 -66.54 -12.00
N ALA K 197 32.03 -66.21 -12.21
CA ALA K 197 31.26 -66.86 -13.26
C ALA K 197 31.82 -66.52 -14.65
N ALA K 198 32.16 -65.24 -14.87
CA ALA K 198 32.64 -64.82 -16.18
C ALA K 198 33.97 -65.47 -16.52
N TYR K 199 34.90 -65.52 -15.56
CA TYR K 199 36.21 -66.09 -15.86
C TYR K 199 36.20 -67.61 -15.83
N SER K 200 35.28 -68.22 -15.07
CA SER K 200 35.08 -69.66 -15.19
C SER K 200 34.55 -70.01 -16.56
N TYR K 201 33.58 -69.23 -17.06
CA TYR K 201 33.09 -69.42 -18.42
C TYR K 201 34.17 -69.13 -19.46
N MET K 202 34.95 -68.07 -19.23
CA MET K 202 36.02 -67.72 -20.15
C MET K 202 37.09 -68.81 -20.21
N PHE K 203 37.46 -69.35 -19.04
CA PHE K 203 38.44 -70.43 -19.01
C PHE K 203 37.84 -71.73 -19.55
N ASP K 204 36.52 -71.90 -19.39
CA ASP K 204 35.85 -73.03 -20.03
C ASP K 204 35.93 -72.91 -21.55
N SER K 205 35.72 -71.71 -22.07
CA SER K 205 35.89 -71.48 -23.50
C SER K 205 37.33 -71.70 -23.93
N LEU K 206 38.28 -71.24 -23.10
CA LEU K 206 39.69 -71.46 -23.40
C LEU K 206 40.02 -72.95 -23.43
N ARG K 207 39.52 -73.70 -22.46
CA ARG K 207 39.75 -75.15 -22.45
C ARG K 207 39.10 -75.82 -23.66
N GLU K 208 37.89 -75.40 -24.00
CA GLU K 208 37.22 -75.96 -25.18
C GLU K 208 38.04 -75.71 -26.43
N LEU K 209 38.44 -74.46 -26.66
CA LEU K 209 39.25 -74.12 -27.83
C LEU K 209 40.59 -74.85 -27.79
N SER K 210 41.20 -74.95 -26.60
CA SER K 210 42.52 -75.55 -26.49
C SER K 210 42.50 -77.02 -26.85
N GLU K 211 41.57 -77.79 -26.27
CA GLU K 211 41.53 -79.22 -26.53
C GLU K 211 41.12 -79.52 -27.96
N LYS K 212 40.18 -78.74 -28.52
CA LYS K 212 39.83 -78.91 -29.92
C LYS K 212 41.03 -78.61 -30.83
N PHE K 213 41.76 -77.53 -30.53
CA PHE K 213 42.98 -77.23 -31.26
C PHE K 213 43.95 -78.40 -31.22
N ALA K 214 44.16 -78.97 -30.02
CA ALA K 214 45.12 -80.07 -29.88
C ALA K 214 44.65 -81.31 -30.64
N LEU K 215 43.35 -81.62 -30.59
CA LEU K 215 42.83 -82.80 -31.27
C LEU K 215 43.05 -82.69 -32.78
N ILE K 216 42.73 -81.52 -33.36
CA ILE K 216 42.96 -81.34 -34.79
C ILE K 216 44.45 -81.33 -35.12
N ALA K 217 45.28 -80.78 -34.24
CA ALA K 217 46.72 -80.75 -34.50
C ALA K 217 47.30 -82.16 -34.51
N GLY K 218 46.92 -82.99 -33.53
CA GLY K 218 47.43 -84.36 -33.51
C GLY K 218 46.93 -85.18 -34.69
N TYR K 219 45.65 -85.04 -35.03
CA TYR K 219 45.12 -85.78 -36.17
C TYR K 219 45.69 -85.28 -37.48
N GLY K 220 46.07 -84.01 -37.54
CA GLY K 220 46.84 -83.53 -38.67
C GLY K 220 48.22 -84.16 -38.75
N LYS K 221 48.85 -84.41 -37.60
CA LYS K 221 50.10 -85.16 -37.59
C LYS K 221 49.91 -86.56 -38.17
N ALA K 222 48.82 -87.23 -37.79
CA ALA K 222 48.49 -88.50 -38.41
C ALA K 222 48.18 -88.34 -39.89
N LEU K 223 47.52 -87.24 -40.26
CA LEU K 223 47.27 -86.96 -41.67
C LEU K 223 48.57 -86.77 -42.44
N LEU K 224 49.54 -86.09 -41.83
CA LEU K 224 50.83 -85.87 -42.47
C LEU K 224 51.64 -87.15 -42.65
N GLU K 225 51.25 -88.25 -41.99
CA GLU K 225 51.98 -89.50 -42.18
C GLU K 225 51.83 -90.05 -43.59
N LEU K 226 50.73 -89.71 -44.26
CA LEU K 226 50.52 -90.12 -45.65
C LEU K 226 51.19 -89.15 -46.62
N LEU K 227 52.48 -88.92 -46.40
CA LEU K 227 53.26 -87.96 -47.20
C LEU K 227 54.65 -88.57 -47.39
N ASP K 228 54.88 -89.19 -48.54
CA ASP K 228 56.14 -89.83 -48.82
C ASP K 228 57.25 -88.80 -48.96
N ASP K 229 58.37 -89.03 -48.26
CA ASP K 229 59.54 -88.16 -48.33
C ASP K 229 60.70 -88.84 -49.06
N SER K 230 60.40 -89.86 -49.86
CA SER K 230 61.45 -90.58 -50.57
C SER K 230 62.09 -89.67 -51.63
N PRO K 231 63.41 -89.64 -51.73
CA PRO K 231 64.09 -88.82 -52.75
C PRO K 231 64.19 -89.55 -54.10
N VAL K 232 63.09 -89.48 -54.86
CA VAL K 232 63.04 -90.17 -56.14
C VAL K 232 64.00 -89.51 -57.12
N THR K 233 64.81 -90.32 -57.78
CA THR K 233 65.78 -89.82 -58.75
C THR K 233 65.09 -89.40 -60.04
N PRO K 234 65.61 -88.38 -60.73
CA PRO K 234 65.00 -87.97 -61.99
C PRO K 234 65.08 -89.06 -63.04
N GLY K 235 64.04 -89.13 -63.86
CA GLY K 235 63.95 -90.11 -64.93
C GLY K 235 63.09 -91.32 -64.61
N GLU K 236 62.69 -91.49 -63.35
CA GLU K 236 61.87 -92.62 -62.93
C GLU K 236 60.48 -92.15 -62.54
N ALA K 237 59.47 -92.89 -62.96
CA ALA K 237 58.09 -92.56 -62.66
C ALA K 237 57.76 -92.87 -61.20
N ARG K 238 56.70 -92.24 -60.71
CA ARG K 238 56.20 -92.40 -59.35
C ARG K 238 55.08 -93.43 -59.30
N PRO K 239 55.06 -94.29 -58.28
CA PRO K 239 53.86 -95.11 -58.03
C PRO K 239 52.68 -94.23 -57.69
N ALA K 240 51.49 -94.64 -58.14
CA ALA K 240 50.29 -93.85 -57.95
C ALA K 240 49.89 -93.77 -56.48
N TYR K 241 49.32 -92.63 -56.11
CA TYR K 241 48.83 -92.44 -54.75
C TYR K 241 47.66 -93.37 -54.47
N ASP K 242 47.61 -93.91 -53.26
CA ASP K 242 46.56 -94.84 -52.87
C ASP K 242 45.91 -94.52 -51.53
N GLY K 243 46.46 -93.59 -50.75
CA GLY K 243 45.91 -93.29 -49.45
C GLY K 243 44.74 -92.32 -49.48
N TYR K 244 43.86 -92.49 -50.47
CA TYR K 244 42.67 -91.64 -50.54
C TYR K 244 41.69 -91.98 -49.42
N GLU K 245 41.41 -93.27 -49.22
CA GLU K 245 40.47 -93.66 -48.17
C GLU K 245 41.12 -93.61 -46.79
N ALA K 246 42.44 -93.78 -46.69
CA ALA K 246 43.11 -93.68 -45.41
C ALA K 246 43.01 -92.28 -44.84
N SER K 247 43.23 -91.26 -45.68
CA SER K 247 43.05 -89.88 -45.24
C SER K 247 41.58 -89.58 -45.00
N ARG K 248 40.69 -90.19 -45.79
CA ARG K 248 39.25 -90.02 -45.56
C ARG K 248 38.84 -90.60 -44.21
N GLN K 249 39.37 -91.77 -43.86
CA GLN K 249 39.06 -92.38 -42.57
C GLN K 249 39.65 -91.58 -41.42
N ILE K 250 40.80 -90.94 -41.64
CA ILE K 250 41.40 -90.12 -40.59
C ILE K 250 40.47 -88.96 -40.21
N ILE K 251 39.86 -88.32 -41.21
CA ILE K 251 38.90 -87.26 -40.94
C ILE K 251 37.69 -87.80 -40.18
N MET K 252 37.20 -88.98 -40.58
CA MET K 252 36.06 -89.57 -39.88
C MET K 252 36.36 -89.80 -38.41
N ASP K 253 37.55 -90.31 -38.09
CA ASP K 253 37.92 -90.46 -36.69
C ASP K 253 38.03 -89.09 -36.03
N ALA K 254 38.55 -88.10 -36.74
CA ALA K 254 38.61 -86.74 -36.21
C ALA K 254 37.21 -86.20 -35.94
N GLU K 255 36.29 -86.37 -36.90
CA GLU K 255 34.91 -85.94 -36.68
C GLU K 255 34.24 -86.76 -35.57
N SER K 256 34.53 -88.05 -35.52
CA SER K 256 33.96 -88.89 -34.46
C SER K 256 34.41 -88.42 -33.08
N ALA K 257 35.70 -88.11 -32.94
CA ALA K 257 36.17 -87.51 -31.69
C ALA K 257 35.69 -86.08 -31.54
N LEU K 258 35.38 -85.41 -32.66
CA LEU K 258 34.90 -84.04 -32.59
C LEU K 258 33.49 -83.98 -32.02
N GLU K 259 32.59 -84.84 -32.52
CA GLU K 259 31.20 -84.85 -32.09
C GLU K 259 30.99 -85.58 -30.77
N SER K 260 32.03 -86.20 -30.20
CA SER K 260 31.93 -86.94 -28.95
C SER K 260 32.76 -86.26 -27.86
N TRP K 261 32.75 -84.92 -27.85
CA TRP K 261 33.49 -84.14 -26.87
C TRP K 261 32.52 -83.62 -25.81
N THR K 262 32.68 -84.09 -24.57
CA THR K 262 31.90 -83.62 -23.45
C THR K 262 32.85 -83.15 -22.35
N LEU K 263 32.38 -82.17 -21.57
CA LEU K 263 33.20 -81.63 -20.49
C LEU K 263 33.47 -82.65 -19.39
N ASP K 264 32.68 -83.72 -19.31
CA ASP K 264 32.96 -84.76 -18.33
C ASP K 264 34.32 -85.40 -18.56
N MET K 265 34.66 -85.67 -19.82
CA MET K 265 35.97 -86.20 -20.16
C MET K 265 36.94 -85.08 -20.46
N ALA K 266 38.21 -85.31 -20.12
CA ALA K 266 39.25 -84.31 -20.35
C ALA K 266 40.60 -85.02 -20.36
N ALA K 267 41.25 -85.07 -21.53
CA ALA K 267 42.57 -85.68 -21.61
C ALA K 267 43.57 -84.93 -20.76
N VAL K 268 43.52 -83.60 -20.78
CA VAL K 268 44.40 -82.79 -19.95
C VAL K 268 44.00 -82.97 -18.48
N LYS K 269 44.92 -83.51 -17.68
CA LYS K 269 44.68 -83.78 -16.26
C LYS K 269 45.72 -83.04 -15.44
N PRO K 270 45.42 -81.81 -15.00
CA PRO K 270 46.37 -81.08 -14.16
C PRO K 270 46.61 -81.80 -12.83
N THR K 271 47.83 -81.69 -12.33
CA THR K 271 48.21 -82.34 -11.08
C THR K 271 47.82 -81.49 -9.88
N MET L 1 35.35 -80.23 -42.38
CA MET L 1 34.49 -79.70 -41.32
C MET L 1 33.32 -80.64 -41.09
N HIS L 2 32.41 -80.25 -40.20
CA HIS L 2 31.20 -81.00 -39.91
C HIS L 2 30.02 -80.16 -40.36
N ARG L 3 29.25 -80.67 -41.31
CA ARG L 3 28.06 -80.01 -41.82
C ARG L 3 26.89 -80.98 -41.84
N THR L 4 25.68 -80.44 -41.79
CA THR L 4 24.50 -81.28 -41.80
C THR L 4 24.02 -81.50 -43.24
N TYR L 5 23.16 -82.50 -43.40
CA TYR L 5 22.58 -82.82 -44.70
C TYR L 5 21.37 -81.91 -44.96
N SER L 6 21.67 -80.63 -45.17
CA SER L 6 20.63 -79.64 -45.40
C SER L 6 21.23 -78.50 -46.21
N LEU L 7 20.37 -77.81 -46.96
CA LEU L 7 20.82 -76.65 -47.71
C LEU L 7 21.12 -75.48 -46.80
N ARG L 8 20.74 -75.58 -45.53
CA ARG L 8 21.02 -74.54 -44.55
C ARG L 8 22.51 -74.48 -44.27
N ASN L 9 23.03 -73.27 -44.04
CA ASN L 9 24.45 -73.12 -43.76
C ASN L 9 24.79 -73.64 -42.37
N GLN L 10 23.87 -73.53 -41.42
CA GLN L 10 24.14 -73.96 -40.05
C GLN L 10 24.37 -75.47 -40.00
N ARG L 11 25.36 -75.86 -39.20
CA ARG L 11 25.73 -77.26 -39.06
C ARG L 11 25.07 -77.89 -37.83
N ALA L 12 25.21 -79.20 -37.73
CA ALA L 12 24.68 -79.91 -36.57
C ALA L 12 25.46 -79.51 -35.32
N PRO L 13 24.77 -79.30 -34.19
CA PRO L 13 25.47 -78.89 -32.97
C PRO L 13 26.38 -79.99 -32.44
N THR L 14 27.50 -79.57 -31.85
CA THR L 14 28.45 -80.50 -31.25
C THR L 14 27.94 -80.94 -29.87
N ALA L 15 28.48 -82.06 -29.39
CA ALA L 15 28.12 -82.56 -28.06
C ALA L 15 28.42 -81.54 -26.99
N ALA L 16 29.51 -80.79 -27.12
CA ALA L 16 29.79 -79.70 -26.20
C ALA L 16 28.72 -78.62 -26.28
N GLU L 17 28.25 -78.31 -27.49
CA GLU L 17 27.17 -77.35 -27.66
C GLU L 17 25.84 -77.86 -27.11
N LEU L 18 25.67 -79.18 -27.00
CA LEU L 18 24.46 -79.72 -26.43
C LEU L 18 24.32 -79.35 -24.95
N GLN L 19 25.42 -79.44 -24.19
CA GLN L 19 25.37 -79.08 -22.78
C GLN L 19 25.20 -77.58 -22.60
N ALA L 20 25.94 -76.78 -23.37
CA ALA L 20 25.88 -75.33 -23.30
C ALA L 20 25.50 -74.76 -24.66
N PRO L 21 24.34 -74.11 -24.80
CA PRO L 21 23.96 -73.59 -26.10
C PRO L 21 24.93 -72.53 -26.56
N PRO L 22 25.14 -72.42 -27.89
CA PRO L 22 26.10 -71.44 -28.37
C PRO L 22 25.65 -70.02 -28.07
N PRO L 23 26.59 -69.12 -27.81
CA PRO L 23 26.22 -67.73 -27.53
C PRO L 23 25.83 -67.00 -28.81
N PRO L 24 25.13 -65.86 -28.69
CA PRO L 24 24.80 -65.08 -29.88
C PRO L 24 26.04 -64.53 -30.54
N PRO L 25 25.98 -64.19 -31.83
CA PRO L 25 27.18 -63.70 -32.52
C PRO L 25 27.71 -62.42 -31.89
N SER L 26 29.03 -62.25 -31.98
CA SER L 26 29.69 -61.13 -31.33
C SER L 26 29.21 -59.80 -31.92
N SER L 27 29.15 -58.79 -31.05
CA SER L 27 28.72 -57.45 -31.43
C SER L 27 29.85 -56.61 -32.02
N THR L 28 30.94 -57.24 -32.46
CA THR L 28 32.07 -56.55 -33.05
C THR L 28 32.09 -56.68 -34.57
N LYS L 29 30.94 -56.97 -35.19
CA LYS L 29 30.85 -57.08 -36.64
C LYS L 29 30.86 -55.68 -37.23
N SER L 30 32.07 -55.14 -37.40
CA SER L 30 32.22 -53.79 -37.92
C SER L 30 31.77 -53.70 -39.37
N LYS L 31 31.08 -52.60 -39.69
CA LYS L 31 30.62 -52.36 -41.06
C LYS L 31 31.71 -51.65 -41.85
N PHE L 32 32.79 -52.39 -42.09
CA PHE L 32 33.96 -51.88 -42.80
C PHE L 32 34.58 -53.02 -43.59
N PHE L 33 35.82 -52.82 -44.05
CA PHE L 33 36.51 -53.86 -44.80
C PHE L 33 36.73 -55.10 -43.94
N GLY L 34 37.20 -54.90 -42.70
CA GLY L 34 37.33 -55.98 -41.75
C GLY L 34 38.47 -56.94 -42.00
N LYS L 35 39.39 -56.62 -42.92
CA LYS L 35 40.51 -57.50 -43.25
C LYS L 35 41.81 -56.71 -43.14
N ALA L 36 42.32 -56.60 -41.91
CA ALA L 36 43.63 -56.01 -41.61
C ALA L 36 43.85 -54.71 -42.38
N SER L 37 42.96 -53.76 -42.14
CA SER L 37 43.03 -52.40 -42.72
C SER L 37 42.99 -52.50 -44.25
N ILE L 38 43.70 -51.60 -44.93
CA ILE L 38 43.69 -51.53 -46.38
C ILE L 38 45.03 -51.91 -46.98
N ALA L 39 46.14 -51.56 -46.31
CA ALA L 39 47.46 -51.82 -46.86
C ALA L 39 47.69 -53.31 -47.08
N SER L 40 47.26 -54.15 -46.14
CA SER L 40 47.39 -55.59 -46.33
C SER L 40 46.56 -56.07 -47.52
N SER L 41 45.34 -55.55 -47.67
CA SER L 41 44.49 -55.97 -48.78
C SER L 41 45.09 -55.55 -50.12
N PHE L 42 45.58 -54.31 -50.21
CA PHE L 42 46.26 -53.87 -51.42
C PHE L 42 47.55 -54.65 -51.65
N ARG L 43 48.28 -54.96 -50.58
CA ARG L 43 49.46 -55.81 -50.70
C ARG L 43 49.11 -57.19 -51.23
N LYS L 44 47.95 -57.72 -50.85
CA LYS L 44 47.57 -59.06 -51.28
C LYS L 44 47.46 -59.13 -52.81
N ASN L 45 46.87 -58.11 -53.43
CA ASN L 45 46.82 -58.06 -54.88
C ASN L 45 48.19 -57.84 -55.50
N ALA L 46 49.08 -57.14 -54.79
CA ALA L 46 50.39 -56.82 -55.35
C ALA L 46 51.26 -58.05 -55.53
N ALA L 47 51.04 -59.09 -54.71
CA ALA L 47 51.85 -60.30 -54.82
C ALA L 47 51.64 -60.98 -56.16
N GLY L 48 50.40 -61.00 -56.65
CA GLY L 48 50.07 -61.57 -57.94
C GLY L 48 50.12 -60.61 -59.10
N ASN L 49 50.67 -59.40 -58.90
CA ASN L 49 50.71 -58.39 -59.95
C ASN L 49 51.99 -58.49 -60.78
N PHE L 50 53.15 -58.49 -60.13
CA PHE L 50 54.44 -58.44 -60.80
C PHE L 50 55.36 -59.56 -60.32
N GLY L 51 54.83 -60.78 -60.26
CA GLY L 51 55.60 -61.92 -59.86
C GLY L 51 55.57 -63.02 -60.91
N PRO L 52 56.46 -64.01 -60.76
CA PRO L 52 56.44 -65.14 -61.69
C PRO L 52 55.11 -65.89 -61.61
N GLU L 53 54.66 -66.36 -62.78
CA GLU L 53 53.35 -66.99 -62.87
C GLU L 53 53.28 -68.25 -62.00
N LEU L 54 54.33 -69.07 -62.04
CA LEU L 54 54.33 -70.31 -61.26
C LEU L 54 54.26 -70.01 -59.76
N ALA L 55 55.01 -69.02 -59.29
CA ALA L 55 55.12 -68.73 -57.88
C ALA L 55 54.16 -67.65 -57.40
N ARG L 56 53.20 -67.24 -58.25
CA ARG L 56 52.25 -66.20 -57.86
C ARG L 56 51.43 -66.63 -56.65
N LYS L 57 50.97 -67.88 -56.65
CA LYS L 57 50.21 -68.38 -55.51
C LYS L 57 51.08 -68.49 -54.26
N LEU L 58 52.30 -68.99 -54.41
CA LEU L 58 53.21 -69.08 -53.27
C LEU L 58 53.67 -67.70 -52.80
N SER L 59 53.89 -66.77 -53.73
CA SER L 59 54.24 -65.41 -53.33
C SER L 59 53.15 -64.80 -52.46
N GLN L 60 51.89 -65.06 -52.80
CA GLN L 60 50.81 -64.68 -51.90
C GLN L 60 50.88 -65.48 -50.60
N LEU L 61 51.14 -66.79 -50.70
CA LEU L 61 51.00 -67.68 -49.55
C LEU L 61 51.94 -67.30 -48.41
N VAL L 62 53.24 -67.15 -48.71
CA VAL L 62 54.19 -66.86 -47.64
C VAL L 62 53.91 -65.49 -47.05
N LYS L 63 53.62 -64.50 -47.91
CA LYS L 63 53.33 -63.16 -47.43
C LYS L 63 51.97 -63.09 -46.74
N THR L 64 51.02 -63.93 -47.15
CA THR L 64 49.73 -63.97 -46.46
C THR L 64 49.92 -64.38 -45.00
N GLU L 65 50.82 -65.32 -44.73
CA GLU L 65 51.15 -65.69 -43.37
C GLU L 65 51.79 -64.54 -42.59
N LYS L 66 52.42 -63.59 -43.29
CA LYS L 66 52.86 -62.37 -42.62
C LYS L 66 51.67 -61.59 -42.08
N GLY L 67 50.56 -61.58 -42.82
CA GLY L 67 49.33 -61.01 -42.30
C GLY L 67 48.83 -61.74 -41.07
N VAL L 68 49.01 -63.07 -41.03
CA VAL L 68 48.74 -63.82 -39.80
C VAL L 68 49.64 -63.33 -38.69
N LEU L 69 50.94 -63.17 -38.99
CA LEU L 69 51.90 -62.78 -37.98
C LEU L 69 51.63 -61.37 -37.46
N ARG L 70 51.37 -60.42 -38.36
CA ARG L 70 51.11 -59.05 -37.96
C ARG L 70 49.84 -58.95 -37.12
N ALA L 71 48.78 -59.64 -37.53
CA ALA L 71 47.54 -59.63 -36.76
C ALA L 71 47.72 -60.33 -35.42
N MET L 72 48.44 -61.45 -35.41
CA MET L 72 48.68 -62.16 -34.15
C MET L 72 49.62 -61.37 -33.24
N GLU L 73 50.53 -60.59 -33.84
CA GLU L 73 51.38 -59.70 -33.04
C GLU L 73 50.52 -58.70 -32.28
N VAL L 74 49.51 -58.14 -32.92
CA VAL L 74 48.58 -57.23 -32.24
C VAL L 74 47.83 -57.98 -31.14
N VAL L 75 47.34 -59.19 -31.44
CA VAL L 75 46.59 -59.96 -30.45
C VAL L 75 47.47 -60.25 -29.23
N ALA L 76 48.70 -60.71 -29.46
CA ALA L 76 49.58 -61.03 -28.34
C ALA L 76 49.93 -59.79 -27.54
N SER L 77 50.24 -58.67 -28.23
CA SER L 77 50.66 -57.46 -27.54
C SER L 77 49.48 -56.73 -26.88
N GLU L 78 48.32 -56.70 -27.54
CA GLU L 78 47.21 -55.92 -27.00
C GLU L 78 46.49 -56.69 -25.89
N ARG L 79 46.38 -58.02 -26.03
CA ARG L 79 45.91 -58.83 -24.91
C ARG L 79 46.88 -58.74 -23.72
N ARG L 80 48.17 -58.59 -24.01
CA ARG L 80 49.15 -58.37 -22.95
C ARG L 80 48.80 -57.14 -22.12
N GLU L 81 48.28 -56.10 -22.77
CA GLU L 81 47.83 -54.91 -22.04
C GLU L 81 46.62 -55.21 -21.18
N ALA L 82 45.77 -56.15 -21.62
CA ALA L 82 44.60 -56.51 -20.83
C ALA L 82 44.99 -57.13 -19.49
N ALA L 83 46.04 -57.96 -19.49
CA ALA L 83 46.56 -58.47 -18.23
C ALA L 83 47.11 -57.34 -17.37
N LYS L 84 47.78 -56.37 -18.00
CA LYS L 84 48.25 -55.20 -17.28
C LYS L 84 47.10 -54.46 -16.61
N GLN L 85 46.04 -54.18 -17.37
CA GLN L 85 44.95 -53.38 -16.83
C GLN L 85 44.10 -54.18 -15.85
N LEU L 86 43.91 -55.48 -16.10
CA LEU L 86 43.11 -56.30 -15.20
C LEU L 86 43.70 -56.34 -13.80
N SER L 87 44.99 -56.65 -13.69
CA SER L 87 45.63 -56.71 -12.37
C SER L 87 45.66 -55.34 -11.71
N LEU L 88 45.68 -54.28 -12.52
CA LEU L 88 45.66 -52.93 -11.96
C LEU L 88 44.34 -52.64 -11.24
N TRP L 89 43.23 -53.12 -11.80
CA TRP L 89 41.91 -52.85 -11.20
C TRP L 89 41.77 -53.57 -9.86
N GLY L 90 42.60 -54.57 -9.59
CA GLY L 90 42.49 -55.30 -8.34
C GLY L 90 42.71 -54.44 -7.12
N ALA L 91 43.34 -53.27 -7.29
CA ALA L 91 43.61 -52.38 -6.15
C ALA L 91 42.32 -51.89 -5.51
N ASP L 92 41.40 -51.33 -6.31
CA ASP L 92 40.17 -50.75 -5.78
C ASP L 92 39.11 -51.83 -5.61
N ASN L 93 39.49 -52.87 -4.86
CA ASN L 93 38.62 -53.99 -4.57
C ASN L 93 39.07 -54.62 -3.26
N ASP L 94 38.24 -55.54 -2.75
CA ASP L 94 38.57 -56.25 -1.53
C ASP L 94 39.79 -57.14 -1.75
N ASP L 95 40.44 -57.53 -0.65
CA ASP L 95 41.68 -58.27 -0.69
C ASP L 95 41.54 -59.61 -1.42
N ASP L 96 40.43 -60.31 -1.18
CA ASP L 96 40.22 -61.61 -1.81
C ASP L 96 40.19 -61.44 -3.33
N VAL L 97 39.41 -60.47 -3.81
CA VAL L 97 39.35 -60.20 -5.24
C VAL L 97 40.70 -59.76 -5.77
N SER L 98 41.41 -58.92 -5.00
CA SER L 98 42.72 -58.43 -5.44
C SER L 98 43.69 -59.57 -5.67
N ASP L 99 43.76 -60.51 -4.71
CA ASP L 99 44.69 -61.63 -4.84
C ASP L 99 44.31 -62.52 -6.02
N VAL L 100 43.02 -62.82 -6.18
CA VAL L 100 42.59 -63.66 -7.29
C VAL L 100 42.82 -62.95 -8.62
N THR L 101 42.53 -61.64 -8.68
CA THR L 101 42.60 -60.93 -9.95
C THR L 101 44.05 -60.79 -10.43
N ASP L 102 44.96 -60.37 -9.56
CA ASP L 102 46.33 -60.19 -10.02
C ASP L 102 47.00 -61.53 -10.35
N LYS L 103 46.64 -62.59 -9.60
CA LYS L 103 47.09 -63.93 -9.98
C LYS L 103 46.56 -64.33 -11.35
N LEU L 104 45.30 -64.01 -11.63
CA LEU L 104 44.75 -64.25 -12.96
C LEU L 104 45.50 -63.44 -14.00
N GLY L 105 45.92 -62.23 -13.65
CA GLY L 105 46.73 -61.43 -14.55
C GLY L 105 48.07 -62.08 -14.86
N VAL L 106 48.67 -62.71 -13.86
CA VAL L 106 49.90 -63.47 -14.09
C VAL L 106 49.65 -64.60 -15.08
N LEU L 107 48.54 -65.34 -14.89
CA LEU L 107 48.26 -66.46 -15.76
C LEU L 107 48.00 -66.00 -17.20
N ILE L 108 47.28 -64.90 -17.35
CA ILE L 108 47.04 -64.33 -18.68
C ILE L 108 48.34 -63.80 -19.28
N TYR L 109 49.21 -63.24 -18.44
CA TYR L 109 50.53 -62.83 -18.91
C TYR L 109 51.28 -64.01 -19.51
N GLU L 110 51.24 -65.16 -18.84
CA GLU L 110 51.83 -66.37 -19.39
C GLU L 110 51.17 -66.77 -20.70
N LEU L 111 49.86 -66.57 -20.79
CA LEU L 111 49.12 -66.85 -22.01
C LEU L 111 49.68 -66.04 -23.18
N GLY L 112 49.94 -64.77 -22.94
CA GLY L 112 50.52 -63.90 -23.96
C GLY L 112 51.95 -64.27 -24.32
N GLU L 113 52.76 -64.61 -23.32
CA GLU L 113 54.15 -65.00 -23.59
C GLU L 113 54.22 -66.25 -24.45
N LEU L 114 53.41 -67.26 -24.12
CA LEU L 114 53.39 -68.47 -24.94
C LEU L 114 52.91 -68.17 -26.34
N GLN L 115 51.96 -67.25 -26.48
CA GLN L 115 51.55 -66.80 -27.81
C GLN L 115 52.72 -66.25 -28.59
N ASP L 116 53.56 -65.43 -27.94
CA ASP L 116 54.70 -64.83 -28.63
C ASP L 116 55.66 -65.90 -29.15
N GLN L 117 55.92 -66.93 -28.35
CA GLN L 117 56.73 -68.04 -28.84
C GLN L 117 56.07 -68.74 -30.02
N PHE L 118 54.73 -68.84 -29.98
CA PHE L 118 54.01 -69.42 -31.12
C PHE L 118 54.21 -68.61 -32.38
N ILE L 119 54.18 -67.28 -32.27
CA ILE L 119 54.40 -66.43 -33.45
C ILE L 119 55.83 -66.58 -33.96
N ASP L 120 56.79 -66.77 -33.06
CA ASP L 120 58.17 -66.99 -33.49
C ASP L 120 58.29 -68.28 -34.31
N LYS L 121 57.72 -69.37 -33.81
CA LYS L 121 57.75 -70.62 -34.58
C LYS L 121 56.91 -70.49 -35.85
N TYR L 122 55.82 -69.72 -35.80
CA TYR L 122 55.03 -69.45 -37.00
C TYR L 122 55.87 -68.73 -38.05
N ASP L 123 56.73 -67.81 -37.60
CA ASP L 123 57.63 -67.13 -38.54
C ASP L 123 58.60 -68.11 -39.19
N GLN L 124 59.10 -69.08 -38.41
CA GLN L 124 60.00 -70.08 -38.99
C GLN L 124 59.30 -70.90 -40.06
N TYR L 125 58.04 -71.29 -39.81
CA TYR L 125 57.28 -72.01 -40.82
C TYR L 125 57.04 -71.12 -42.05
N ARG L 126 56.81 -69.83 -41.83
CA ARG L 126 56.68 -68.90 -42.94
C ARG L 126 57.99 -68.77 -43.71
N VAL L 127 59.12 -68.81 -43.01
CA VAL L 127 60.41 -68.64 -43.65
C VAL L 127 60.71 -69.82 -44.58
N THR L 128 60.47 -71.05 -44.11
CA THR L 128 60.70 -72.20 -44.98
C THR L 128 59.68 -72.24 -46.13
N LEU L 129 58.47 -71.70 -45.90
CA LEU L 129 57.54 -71.51 -47.01
C LEU L 129 58.09 -70.51 -48.02
N LYS L 130 58.79 -69.48 -47.55
CA LYS L 130 59.46 -68.56 -48.47
C LYS L 130 60.56 -69.27 -49.24
N SER L 131 61.26 -70.23 -48.62
CA SER L 131 62.33 -70.94 -49.29
C SER L 131 61.79 -71.80 -50.43
N ILE L 132 60.73 -72.55 -50.19
CA ILE L 132 60.13 -73.34 -51.27
C ILE L 132 59.56 -72.42 -52.34
N ARG L 133 59.06 -71.25 -51.94
CA ARG L 133 58.66 -70.25 -52.92
C ARG L 133 59.84 -69.85 -53.80
N ASN L 134 61.02 -69.65 -53.19
CA ASN L 134 62.17 -69.18 -53.94
C ASN L 134 62.62 -70.19 -55.00
N ILE L 135 62.69 -71.46 -54.62
CA ILE L 135 63.17 -72.46 -55.58
C ILE L 135 62.14 -72.69 -56.68
N GLU L 136 60.85 -72.68 -56.33
CA GLU L 136 59.81 -72.82 -57.35
C GLU L 136 59.83 -71.64 -58.31
N ALA L 137 60.03 -70.43 -57.78
CA ALA L 137 60.18 -69.26 -58.65
C ALA L 137 61.42 -69.36 -59.52
N SER L 138 62.46 -70.04 -59.03
CA SER L 138 63.65 -70.26 -59.85
C SER L 138 63.41 -71.33 -60.91
N VAL L 139 62.48 -72.25 -60.67
CA VAL L 139 62.15 -73.27 -61.66
C VAL L 139 61.42 -72.63 -62.85
N GLN L 140 60.58 -71.63 -62.58
CA GLN L 140 59.72 -71.02 -63.59
C GLN L 140 60.47 -70.57 -64.85
N PRO L 141 61.61 -69.88 -64.77
CA PRO L 141 62.27 -69.44 -66.01
C PRO L 141 62.65 -70.58 -66.94
N SER L 142 62.95 -71.77 -66.41
CA SER L 142 63.22 -72.90 -67.28
C SER L 142 61.98 -73.31 -68.06
N ARG L 143 60.82 -73.26 -67.42
CA ARG L 143 59.57 -73.51 -68.14
C ARG L 143 59.36 -72.46 -69.22
N ASP L 144 59.69 -71.21 -68.91
CA ASP L 144 59.63 -70.16 -69.93
C ASP L 144 60.55 -70.47 -71.10
N ARG L 145 61.78 -70.89 -70.80
CA ARG L 145 62.73 -71.23 -71.86
C ARG L 145 62.23 -72.40 -72.69
N LYS L 146 61.66 -73.41 -72.04
CA LYS L 146 61.22 -74.60 -72.76
C LYS L 146 60.07 -74.30 -73.71
N GLU L 147 59.06 -73.55 -73.25
CA GLU L 147 57.92 -73.29 -74.13
C GLU L 147 58.31 -72.34 -75.26
N LYS L 148 59.24 -71.41 -74.99
CA LYS L 148 59.79 -70.58 -76.05
C LYS L 148 60.51 -71.43 -77.08
N ILE L 149 61.23 -72.46 -76.63
CA ILE L 149 61.97 -73.32 -77.55
C ILE L 149 61.02 -74.08 -78.47
N THR L 150 60.00 -74.72 -77.90
CA THR L 150 59.08 -75.49 -78.73
C THR L 150 58.25 -74.58 -79.64
N ASP L 151 57.94 -73.37 -79.16
CA ASP L 151 57.23 -72.40 -80.00
C ASP L 151 58.08 -72.03 -81.21
N GLU L 152 59.36 -71.74 -81.00
CA GLU L 152 60.22 -71.36 -82.13
C GLU L 152 60.40 -72.50 -83.12
N ILE L 153 60.62 -73.73 -82.63
CA ILE L 153 60.84 -74.83 -83.55
C ILE L 153 59.57 -75.16 -84.33
N ALA L 154 58.41 -75.05 -83.68
CA ALA L 154 57.15 -75.26 -84.38
C ALA L 154 56.93 -74.20 -85.45
N HIS L 155 57.18 -72.93 -85.10
CA HIS L 155 57.00 -71.85 -86.07
C HIS L 155 57.97 -71.97 -87.24
N LEU L 156 59.25 -72.27 -86.95
CA LEU L 156 60.24 -72.42 -88.01
C LEU L 156 59.92 -73.61 -88.90
N LYS L 157 59.50 -74.73 -88.30
CA LYS L 157 59.12 -75.89 -89.09
C LYS L 157 57.91 -75.59 -89.97
N TYR L 158 56.95 -74.82 -89.45
CA TYR L 158 55.80 -74.43 -90.25
C TYR L 158 56.23 -73.55 -91.42
N LYS L 159 57.17 -72.62 -91.19
CA LYS L 159 57.63 -71.75 -92.27
C LYS L 159 58.36 -72.54 -93.34
N ASP L 160 59.35 -73.35 -92.95
CA ASP L 160 60.12 -74.16 -93.88
C ASP L 160 60.95 -75.19 -93.13
N PRO L 161 61.00 -76.44 -93.61
CA PRO L 161 61.83 -77.46 -92.96
C PRO L 161 63.32 -77.33 -93.26
N GLN L 162 63.71 -76.48 -94.22
CA GLN L 162 65.10 -76.34 -94.62
C GLN L 162 65.84 -75.28 -93.83
N SER L 163 65.19 -74.65 -92.85
CA SER L 163 65.86 -73.64 -92.05
C SER L 163 67.02 -74.24 -91.27
N THR L 164 68.16 -73.54 -91.28
CA THR L 164 69.35 -74.03 -90.60
C THR L 164 69.26 -73.95 -89.09
N LYS L 165 68.31 -73.17 -88.55
CA LYS L 165 68.17 -73.06 -87.10
C LYS L 165 67.41 -74.22 -86.48
N ILE L 166 66.71 -75.02 -87.29
CA ILE L 166 65.93 -76.16 -86.77
C ILE L 166 66.85 -77.31 -86.36
N PRO L 167 67.93 -77.61 -87.10
CA PRO L 167 68.86 -78.65 -86.60
C PRO L 167 69.37 -78.37 -85.19
N VAL L 168 69.65 -77.12 -84.86
CA VAL L 168 70.13 -76.80 -83.51
C VAL L 168 68.96 -76.59 -82.54
N LEU L 169 67.78 -76.23 -83.04
CA LEU L 169 66.63 -76.07 -82.15
C LEU L 169 66.10 -77.42 -81.68
N GLU L 170 66.19 -78.46 -82.51
CA GLU L 170 65.80 -79.80 -82.08
C GLU L 170 66.66 -80.26 -80.92
N GLN L 171 67.98 -80.09 -81.04
CA GLN L 171 68.87 -80.40 -79.93
C GLN L 171 68.61 -79.48 -78.74
N GLU L 172 68.24 -78.23 -79.01
CA GLU L 172 67.91 -77.31 -77.92
C GLU L 172 66.69 -77.78 -77.16
N LEU L 173 65.73 -78.41 -77.85
CA LEU L 173 64.58 -78.99 -77.14
C LEU L 173 65.02 -80.14 -76.24
N VAL L 174 65.90 -81.01 -76.74
CA VAL L 174 66.43 -82.08 -75.89
C VAL L 174 67.27 -81.50 -74.77
N ARG L 175 68.10 -80.49 -75.09
CA ARG L 175 68.84 -79.69 -74.12
C ARG L 175 67.97 -79.28 -72.95
N ALA L 176 66.89 -78.54 -73.25
CA ALA L 176 65.97 -78.09 -72.20
C ALA L 176 65.17 -79.23 -71.60
N GLU L 177 64.98 -80.34 -72.33
CA GLU L 177 64.22 -81.46 -71.78
C GLU L 177 64.94 -82.08 -70.60
N ALA L 178 66.21 -82.44 -70.77
CA ALA L 178 66.99 -82.94 -69.64
C ALA L 178 67.19 -81.86 -68.59
N GLU L 179 67.44 -80.63 -69.04
CA GLU L 179 67.56 -79.48 -68.16
C GLU L 179 66.37 -79.40 -67.20
N SER L 180 65.16 -79.34 -67.74
CA SER L 180 63.97 -79.19 -66.91
C SER L 180 63.68 -80.44 -66.09
N LEU L 181 63.99 -81.62 -66.66
CA LEU L 181 63.60 -82.88 -66.01
C LEU L 181 64.29 -83.05 -64.67
N VAL L 182 65.59 -82.74 -64.59
CA VAL L 182 66.35 -83.05 -63.38
C VAL L 182 65.80 -82.26 -62.18
N ALA L 183 65.50 -80.98 -62.35
CA ALA L 183 65.02 -80.19 -61.23
C ALA L 183 63.51 -80.23 -61.07
N GLU L 184 62.77 -80.66 -62.09
CA GLU L 184 61.36 -80.96 -61.87
C GLU L 184 61.22 -82.10 -60.87
N ALA L 185 62.06 -83.14 -61.01
CA ALA L 185 62.03 -84.24 -60.07
C ALA L 185 62.43 -83.78 -58.67
N GLN L 186 63.50 -82.98 -58.56
CA GLN L 186 63.89 -82.52 -57.23
C GLN L 186 62.92 -81.47 -56.70
N LEU L 187 62.22 -80.75 -57.58
CA LEU L 187 61.20 -79.82 -57.14
C LEU L 187 60.09 -80.55 -56.39
N SER L 188 59.64 -81.68 -56.94
CA SER L 188 58.69 -82.52 -56.20
C SER L 188 59.31 -83.03 -54.91
N ASN L 189 60.58 -83.44 -54.96
CA ASN L 189 61.25 -83.95 -53.77
C ASN L 189 61.33 -82.88 -52.68
N ILE L 190 61.83 -81.70 -53.03
CA ILE L 190 62.04 -80.66 -52.01
C ILE L 190 60.71 -80.13 -51.51
N THR L 191 59.71 -80.01 -52.40
CA THR L 191 58.40 -79.56 -51.96
C THR L 191 57.80 -80.53 -50.95
N ARG L 192 57.89 -81.83 -51.22
CA ARG L 192 57.32 -82.83 -50.33
C ARG L 192 58.04 -82.83 -48.98
N GLU L 193 59.37 -82.89 -49.00
CA GLU L 193 60.13 -82.95 -47.76
C GLU L 193 59.99 -81.65 -46.95
N LYS L 194 60.05 -80.50 -47.61
CA LYS L 194 59.96 -79.23 -46.90
C LYS L 194 58.56 -78.97 -46.37
N LEU L 195 57.53 -79.29 -47.14
CA LEU L 195 56.16 -79.10 -46.66
C LEU L 195 55.88 -80.02 -45.47
N LYS L 196 56.33 -81.28 -45.57
CA LYS L 196 56.13 -82.21 -44.45
C LYS L 196 56.85 -81.73 -43.20
N ALA L 197 58.11 -81.33 -43.34
CA ALA L 197 58.87 -80.86 -42.19
C ALA L 197 58.29 -79.57 -41.63
N ALA L 198 57.92 -78.63 -42.51
CA ALA L 198 57.41 -77.34 -42.05
C ALA L 198 56.09 -77.49 -41.31
N TYR L 199 55.18 -78.31 -41.85
CA TYR L 199 53.88 -78.45 -41.21
C TYR L 199 53.91 -79.39 -40.01
N SER L 200 54.86 -80.35 -40.00
CA SER L 200 55.08 -81.11 -38.77
C SER L 200 55.61 -80.21 -37.66
N TYR L 201 56.54 -79.32 -37.99
CA TYR L 201 57.02 -78.34 -37.02
C TYR L 201 55.92 -77.36 -36.63
N MET L 202 55.12 -76.93 -37.60
CA MET L 202 54.03 -76.00 -37.31
C MET L 202 52.98 -76.65 -36.42
N PHE L 203 52.63 -77.91 -36.68
CA PHE L 203 51.68 -78.60 -35.82
C PHE L 203 52.30 -78.96 -34.48
N ASP L 204 53.61 -79.15 -34.44
CA ASP L 204 54.30 -79.30 -33.16
C ASP L 204 54.20 -78.02 -32.34
N SER L 205 54.38 -76.87 -32.98
CA SER L 205 54.19 -75.60 -32.30
C SER L 205 52.73 -75.43 -31.86
N LEU L 206 51.79 -75.83 -32.72
CA LEU L 206 50.38 -75.76 -32.35
C LEU L 206 50.07 -76.64 -31.15
N ARG L 207 50.61 -77.86 -31.13
CA ARG L 207 50.41 -78.75 -29.99
C ARG L 207 51.04 -78.18 -28.74
N GLU L 208 52.25 -77.61 -28.86
CA GLU L 208 52.91 -77.00 -27.71
C GLU L 208 52.06 -75.86 -27.15
N LEU L 209 51.63 -74.94 -28.00
CA LEU L 209 50.80 -73.84 -27.56
C LEU L 209 49.48 -74.34 -27.00
N SER L 210 48.89 -75.35 -27.63
CA SER L 210 47.58 -75.84 -27.21
C SER L 210 47.63 -76.44 -25.81
N GLU L 211 48.59 -77.34 -25.57
CA GLU L 211 48.63 -78.00 -24.27
C GLU L 211 49.04 -77.02 -23.17
N LYS L 212 49.95 -76.09 -23.46
CA LYS L 212 50.27 -75.07 -22.48
C LYS L 212 49.06 -74.19 -22.16
N PHE L 213 48.32 -73.79 -23.20
CA PHE L 213 47.08 -73.06 -22.99
C PHE L 213 46.13 -73.83 -22.08
N ALA L 214 45.95 -75.13 -22.34
CA ALA L 214 45.02 -75.93 -21.54
C ALA L 214 45.50 -76.05 -20.09
N LEU L 215 46.81 -76.24 -19.90
CA LEU L 215 47.33 -76.40 -18.54
C LEU L 215 47.09 -75.14 -17.72
N ILE L 216 47.38 -73.97 -18.30
CA ILE L 216 47.12 -72.73 -17.58
C ILE L 216 45.62 -72.50 -17.38
N ALA L 217 44.80 -72.89 -18.35
CA ALA L 217 43.36 -72.70 -18.21
C ALA L 217 42.80 -73.55 -17.07
N GLY L 218 43.21 -74.81 -17.00
CA GLY L 218 42.73 -75.68 -15.92
C GLY L 218 43.23 -75.22 -14.56
N TYR L 219 44.50 -74.82 -14.47
CA TYR L 219 45.03 -74.36 -13.19
C TYR L 219 44.44 -73.02 -12.80
N GLY L 220 44.02 -72.22 -13.78
CA GLY L 220 43.22 -71.04 -13.47
C GLY L 220 41.85 -71.39 -12.92
N LYS L 221 41.25 -72.48 -13.40
CA LYS L 221 40.01 -72.98 -12.81
C LYS L 221 40.23 -73.34 -11.35
N ALA L 222 41.33 -74.03 -11.04
CA ALA L 222 41.68 -74.29 -9.65
C ALA L 222 41.97 -73.02 -8.89
N LEU L 223 42.59 -72.04 -9.55
CA LEU L 223 42.82 -70.74 -8.92
C LEU L 223 41.49 -70.04 -8.60
N LEU L 224 40.52 -70.14 -9.50
CA LEU L 224 39.21 -69.53 -9.29
C LEU L 224 38.43 -70.18 -8.15
N GLU L 225 38.85 -71.36 -7.68
CA GLU L 225 38.14 -71.99 -6.57
C GLU L 225 38.29 -71.18 -5.28
N LEU L 226 39.37 -70.42 -5.14
CA LEU L 226 39.56 -69.55 -3.98
C LEU L 226 38.86 -68.21 -4.17
N LEU L 227 37.56 -68.28 -4.48
CA LEU L 227 36.75 -67.09 -4.75
C LEU L 227 35.37 -67.34 -4.15
N ASP L 228 35.14 -66.79 -2.96
CA ASP L 228 33.87 -67.00 -2.27
C ASP L 228 32.74 -66.28 -3.01
N ASP L 229 31.65 -67.01 -3.23
CA ASP L 229 30.46 -66.46 -3.87
C ASP L 229 29.30 -66.31 -2.88
N SER L 230 29.60 -66.28 -1.59
CA SER L 230 28.55 -66.17 -0.58
C SER L 230 27.89 -64.81 -0.66
N PRO L 231 26.56 -64.74 -0.61
CA PRO L 231 25.84 -63.44 -0.65
C PRO L 231 25.75 -62.81 0.73
N VAL L 232 26.83 -62.14 1.14
CA VAL L 232 26.87 -61.53 2.47
C VAL L 232 25.89 -60.37 2.53
N THR L 233 25.07 -60.36 3.58
CA THR L 233 24.08 -59.31 3.76
C THR L 233 24.75 -58.01 4.20
N PRO L 234 24.19 -56.87 3.82
CA PRO L 234 24.77 -55.58 4.24
C PRO L 234 24.70 -55.41 5.75
N GLY L 235 25.73 -54.77 6.30
CA GLY L 235 25.82 -54.51 7.72
C GLY L 235 26.70 -55.48 8.49
N GLU L 236 27.14 -56.57 7.86
CA GLU L 236 27.98 -57.57 8.51
C GLU L 236 29.37 -57.56 7.89
N ALA L 237 30.39 -57.64 8.73
CA ALA L 237 31.76 -57.65 8.26
C ALA L 237 32.12 -58.99 7.63
N ARG L 238 33.17 -58.98 6.83
CA ARG L 238 33.70 -60.15 6.13
C ARG L 238 34.85 -60.78 6.92
N PRO L 239 34.90 -62.10 6.99
CA PRO L 239 36.11 -62.77 7.48
C PRO L 239 37.30 -62.48 6.57
N ALA L 240 38.48 -62.35 7.17
CA ALA L 240 39.66 -61.98 6.41
C ALA L 240 40.08 -63.10 5.45
N TYR L 241 40.63 -62.70 4.31
CA TYR L 241 41.14 -63.65 3.35
C TYR L 241 42.34 -64.41 3.92
N ASP L 242 42.41 -65.70 3.61
CA ASP L 242 43.49 -66.55 4.11
C ASP L 242 44.16 -67.41 3.04
N GLY L 243 43.60 -67.47 1.84
CA GLY L 243 44.17 -68.32 0.80
C GLY L 243 45.32 -67.69 0.05
N TYR L 244 46.19 -66.98 0.77
CA TYR L 244 47.35 -66.38 0.14
C TYR L 244 48.37 -67.45 -0.28
N GLU L 245 48.67 -68.38 0.63
CA GLU L 245 49.63 -69.43 0.30
C GLU L 245 49.00 -70.51 -0.57
N ALA L 246 47.69 -70.72 -0.48
CA ALA L 246 47.04 -71.71 -1.33
C ALA L 246 47.12 -71.31 -2.80
N SER L 247 46.87 -70.04 -3.10
CA SER L 247 47.03 -69.55 -4.47
C SER L 247 48.51 -69.53 -4.86
N ARG L 248 49.39 -69.23 -3.91
CA ARG L 248 50.83 -69.28 -4.18
C ARG L 248 51.26 -70.70 -4.54
N GLN L 249 50.77 -71.70 -3.81
CA GLN L 249 51.11 -73.08 -4.11
C GLN L 249 50.53 -73.53 -5.44
N ILE L 250 49.36 -73.00 -5.81
CA ILE L 250 48.76 -73.35 -7.10
C ILE L 250 49.66 -72.94 -8.25
N ILE L 251 50.25 -71.74 -8.16
CA ILE L 251 51.19 -71.29 -9.18
C ILE L 251 52.43 -72.19 -9.21
N MET L 252 52.94 -72.57 -8.04
CA MET L 252 54.10 -73.46 -7.99
C MET L 252 53.83 -74.78 -8.70
N ASP L 253 52.65 -75.37 -8.47
CA ASP L 253 52.31 -76.59 -9.20
C ASP L 253 52.19 -76.29 -10.69
N ALA L 254 51.63 -75.13 -11.04
CA ALA L 254 51.56 -74.73 -12.45
C ALA L 254 52.95 -74.59 -13.05
N GLU L 255 53.86 -73.91 -12.34
CA GLU L 255 55.23 -73.79 -12.82
C GLU L 255 55.92 -75.15 -12.85
N SER L 256 55.67 -75.98 -11.84
CA SER L 256 56.27 -77.32 -11.82
C SER L 256 55.84 -78.14 -13.02
N ALA L 257 54.54 -78.10 -13.35
CA ALA L 257 54.08 -78.75 -14.57
C ALA L 257 54.54 -78.00 -15.81
N LEU L 258 54.81 -76.69 -15.67
CA LEU L 258 55.27 -75.91 -16.81
C LEU L 258 56.69 -76.30 -17.21
N GLU L 259 57.59 -76.39 -16.23
CA GLU L 259 58.99 -76.71 -16.48
C GLU L 259 59.24 -78.19 -16.71
N SER L 260 58.23 -79.03 -16.54
CA SER L 260 58.35 -80.48 -16.71
C SER L 260 57.53 -80.96 -17.90
N TRP L 261 57.51 -80.17 -18.97
CA TRP L 261 56.77 -80.50 -20.18
C TRP L 261 57.75 -81.00 -21.24
N THR L 262 57.61 -82.26 -21.62
CA THR L 262 58.41 -82.87 -22.68
C THR L 262 57.47 -83.48 -23.71
N LEU L 263 57.92 -83.50 -24.96
CA LEU L 263 57.12 -84.06 -26.04
C LEU L 263 56.89 -85.55 -25.89
N ASP L 264 57.68 -86.25 -25.08
CA ASP L 264 57.45 -87.67 -24.85
C ASP L 264 56.10 -87.90 -24.19
N MET L 265 55.74 -87.06 -23.22
CA MET L 265 54.45 -87.15 -22.57
C MET L 265 53.44 -86.25 -23.29
N ALA L 266 52.19 -86.69 -23.30
CA ALA L 266 51.13 -85.94 -23.95
C ALA L 266 49.79 -86.40 -23.37
N ALA L 267 49.13 -85.50 -22.63
CA ALA L 267 47.82 -85.84 -22.07
C ALA L 267 46.80 -86.08 -23.19
N VAL L 268 46.83 -85.27 -24.23
CA VAL L 268 45.94 -85.47 -25.38
C VAL L 268 46.38 -86.73 -26.11
N LYS L 269 45.48 -87.72 -26.17
CA LYS L 269 45.74 -89.01 -26.80
C LYS L 269 44.71 -89.25 -27.89
N PRO L 270 44.99 -88.85 -29.14
CA PRO L 270 44.04 -89.10 -30.22
C PRO L 270 43.84 -90.59 -30.45
N THR L 271 42.62 -90.96 -30.82
CA THR L 271 42.28 -92.36 -31.05
C THR L 271 42.67 -92.79 -32.47
N MET M 1 23.62 -82.68 -52.08
CA MET M 1 24.47 -82.89 -53.25
C MET M 1 25.70 -83.69 -52.86
N HIS M 2 26.59 -83.90 -53.83
CA HIS M 2 27.85 -84.58 -53.59
C HIS M 2 28.98 -83.57 -53.81
N ARG M 3 29.75 -83.33 -52.77
CA ARG M 3 30.88 -82.41 -52.82
C ARG M 3 32.10 -83.07 -52.20
N THR M 4 33.29 -82.62 -52.62
CA THR M 4 34.53 -83.18 -52.11
C THR M 4 34.98 -82.41 -50.87
N TYR M 5 35.91 -83.02 -50.13
CA TYR M 5 36.48 -82.40 -48.93
C TYR M 5 37.62 -81.47 -49.34
N SER M 6 37.23 -80.37 -49.97
CA SER M 6 38.20 -79.39 -50.44
C SER M 6 37.51 -78.05 -50.54
N LEU M 7 38.31 -76.99 -50.41
CA LEU M 7 37.77 -75.64 -50.55
C LEU M 7 37.43 -75.33 -52.00
N ARG M 8 37.83 -76.19 -52.92
CA ARG M 8 37.51 -76.03 -54.33
C ARG M 8 36.02 -76.26 -54.55
N ASN M 9 35.44 -75.49 -55.48
CA ASN M 9 34.02 -75.65 -55.76
C ASN M 9 33.74 -76.94 -56.50
N GLN M 10 34.68 -77.41 -57.32
CA GLN M 10 34.46 -78.62 -58.10
C GLN M 10 34.32 -79.83 -57.19
N ARG M 11 33.38 -80.71 -57.53
CA ARG M 11 33.10 -81.89 -56.74
C ARG M 11 33.82 -83.11 -57.31
N ALA M 12 33.77 -84.21 -56.56
CA ALA M 12 34.37 -85.45 -57.02
C ALA M 12 33.60 -85.98 -58.22
N PRO M 13 34.29 -86.48 -59.25
CA PRO M 13 33.59 -86.99 -60.43
C PRO M 13 32.76 -88.22 -60.12
N THR M 14 31.64 -88.36 -60.82
CA THR M 14 30.77 -89.51 -60.68
C THR M 14 31.33 -90.69 -61.47
N ALA M 15 30.86 -91.90 -61.12
CA ALA M 15 31.29 -93.09 -61.83
C ALA M 15 30.95 -93.00 -63.32
N ALA M 16 29.81 -92.41 -63.66
CA ALA M 16 29.48 -92.17 -65.06
C ALA M 16 30.49 -91.23 -65.70
N GLU M 17 30.91 -90.19 -64.97
CA GLU M 17 31.93 -89.27 -65.48
C GLU M 17 33.29 -89.94 -65.60
N LEU M 18 33.54 -91.02 -64.86
CA LEU M 18 34.81 -91.72 -64.99
C LEU M 18 34.95 -92.35 -66.37
N GLN M 19 33.88 -92.98 -66.87
CA GLN M 19 33.93 -93.59 -68.19
C GLN M 19 34.01 -92.53 -69.30
N ALA M 20 33.21 -91.47 -69.18
CA ALA M 20 33.19 -90.41 -70.16
C ALA M 20 33.49 -89.08 -69.47
N PRO M 21 34.60 -88.42 -69.80
CA PRO M 21 34.93 -87.17 -69.13
C PRO M 21 33.88 -86.11 -69.42
N PRO M 22 33.63 -85.20 -68.48
CA PRO M 22 32.59 -84.20 -68.69
C PRO M 22 32.96 -83.26 -69.83
N PRO M 23 31.98 -82.79 -70.59
CA PRO M 23 32.27 -81.87 -71.69
C PRO M 23 32.60 -80.48 -71.18
N PRO M 24 33.21 -79.63 -72.00
CA PRO M 24 33.48 -78.26 -71.59
C PRO M 24 32.19 -77.49 -71.40
N PRO M 25 32.19 -76.41 -70.61
CA PRO M 25 30.96 -75.67 -70.37
C PRO M 25 30.36 -75.11 -71.65
N SER M 26 29.04 -75.00 -71.66
CA SER M 26 28.32 -74.59 -72.86
C SER M 26 28.69 -73.17 -73.26
N SER M 27 28.71 -72.94 -74.57
CA SER M 27 29.05 -71.63 -75.13
C SER M 27 27.86 -70.68 -75.17
N THR M 28 26.80 -70.96 -74.42
CA THR M 28 25.62 -70.12 -74.37
C THR M 28 25.57 -69.25 -73.12
N LYS M 29 26.72 -69.02 -72.48
CA LYS M 29 26.79 -68.18 -71.28
C LYS M 29 26.68 -66.72 -71.72
N SER M 30 25.44 -66.28 -71.90
CA SER M 30 25.19 -64.92 -72.36
C SER M 30 25.59 -63.90 -71.30
N LYS M 31 26.21 -62.81 -71.76
CA LYS M 31 26.63 -61.73 -70.86
C LYS M 31 25.46 -60.75 -70.67
N PHE M 32 24.45 -61.23 -69.99
CA PHE M 32 23.23 -60.45 -69.75
C PHE M 32 22.67 -60.87 -68.40
N PHE M 33 21.41 -60.51 -68.15
CA PHE M 33 20.76 -60.89 -66.89
C PHE M 33 20.64 -62.40 -66.77
N GLY M 34 20.19 -63.06 -67.84
CA GLY M 34 20.15 -64.50 -67.88
C GLY M 34 19.06 -65.15 -67.06
N LYS M 35 18.10 -64.38 -66.53
CA LYS M 35 17.03 -64.93 -65.68
C LYS M 35 15.68 -64.46 -66.24
N ALA M 36 15.19 -65.19 -67.25
CA ALA M 36 13.86 -65.00 -67.83
C ALA M 36 13.54 -63.52 -68.06
N SER M 37 14.38 -62.88 -68.86
CA SER M 37 14.20 -61.48 -69.27
C SER M 37 14.22 -60.59 -68.03
N ILE M 38 13.44 -59.50 -68.06
CA ILE M 38 13.42 -58.53 -66.98
C ILE M 38 12.09 -58.53 -66.25
N ALA M 39 10.98 -58.75 -66.96
CA ALA M 39 9.67 -58.68 -66.34
C ALA M 39 9.53 -59.70 -65.22
N SER M 40 10.02 -60.92 -65.43
CA SER M 40 9.97 -61.92 -64.37
C SER M 40 10.80 -61.50 -63.16
N SER M 41 11.99 -60.92 -63.39
CA SER M 41 12.83 -60.48 -62.29
C SER M 41 12.19 -59.35 -61.51
N PHE M 42 11.61 -58.37 -62.22
CA PHE M 42 10.88 -57.30 -61.55
C PHE M 42 9.64 -57.83 -60.85
N ARG M 43 8.97 -58.81 -61.46
CA ARG M 43 7.83 -59.44 -60.80
C ARG M 43 8.25 -60.15 -59.52
N LYS M 44 9.46 -60.74 -59.51
CA LYS M 44 9.91 -61.46 -58.33
C LYS M 44 9.99 -60.56 -57.11
N ASN M 45 10.50 -59.33 -57.29
CA ASN M 45 10.51 -58.37 -56.19
C ASN M 45 9.11 -57.90 -55.83
N ALA M 46 8.20 -57.86 -56.80
CA ALA M 46 6.86 -57.34 -56.54
C ALA M 46 6.06 -58.24 -55.61
N ALA M 47 6.36 -59.54 -55.58
CA ALA M 47 5.64 -60.45 -54.72
C ALA M 47 5.86 -60.11 -53.25
N GLY M 48 7.08 -59.74 -52.89
CA GLY M 48 7.42 -59.35 -51.54
C GLY M 48 7.29 -57.86 -51.26
N ASN M 49 6.67 -57.10 -52.16
CA ASN M 49 6.53 -55.65 -51.98
C ASN M 49 5.25 -55.28 -51.24
N PHE M 50 4.11 -55.78 -51.72
CA PHE M 50 2.81 -55.38 -51.21
C PHE M 50 1.97 -56.61 -50.86
N GLY M 51 2.57 -57.56 -50.13
CA GLY M 51 1.88 -58.74 -49.69
C GLY M 51 1.95 -58.93 -48.20
N PRO M 52 1.14 -59.83 -47.66
CA PRO M 52 1.21 -60.13 -46.23
C PRO M 52 2.58 -60.66 -45.84
N GLU M 53 3.04 -60.26 -44.66
CA GLU M 53 4.38 -60.61 -44.21
C GLU M 53 4.55 -62.11 -44.09
N LEU M 54 3.55 -62.80 -43.52
CA LEU M 54 3.64 -64.24 -43.35
C LEU M 54 3.73 -64.97 -44.69
N ALA M 55 2.93 -64.54 -45.66
CA ALA M 55 2.83 -65.22 -46.94
C ALA M 55 3.74 -64.62 -48.01
N ARG M 56 4.64 -63.72 -47.64
CA ARG M 56 5.54 -63.10 -48.61
C ARG M 56 6.41 -64.15 -49.30
N LYS M 57 6.95 -65.09 -48.52
CA LYS M 57 7.76 -66.15 -49.10
C LYS M 57 6.93 -67.08 -49.98
N LEU M 58 5.73 -67.44 -49.52
CA LEU M 58 4.86 -68.28 -50.33
C LEU M 58 4.34 -67.55 -51.54
N SER M 59 4.03 -66.25 -51.41
CA SER M 59 3.59 -65.48 -52.57
C SER M 59 4.67 -65.50 -53.67
N GLN M 60 5.94 -65.41 -53.27
CA GLN M 60 7.02 -65.63 -54.22
C GLN M 60 7.03 -67.06 -54.71
N LEU M 61 6.84 -68.02 -53.80
CA LEU M 61 7.06 -69.43 -54.13
C LEU M 61 6.12 -69.91 -55.23
N VAL M 62 4.81 -69.70 -55.07
CA VAL M 62 3.86 -70.21 -56.06
C VAL M 62 4.07 -69.51 -57.39
N LYS M 63 4.29 -68.19 -57.36
CA LYS M 63 4.50 -67.44 -58.58
C LYS M 63 5.87 -67.73 -59.19
N THR M 64 6.87 -68.06 -58.36
CA THR M 64 8.16 -68.45 -58.91
C THR M 64 8.04 -69.70 -59.77
N GLU M 65 7.20 -70.64 -59.35
CA GLU M 65 6.92 -71.82 -60.17
C GLU M 65 6.23 -71.46 -61.48
N LYS M 66 5.53 -70.33 -61.54
CA LYS M 66 5.02 -69.84 -62.81
C LYS M 66 6.18 -69.51 -63.75
N GLY M 67 7.26 -68.95 -63.21
CA GLY M 67 8.47 -68.78 -64.00
C GLY M 67 9.04 -70.09 -64.51
N VAL M 68 8.94 -71.15 -63.70
CA VAL M 68 9.29 -72.49 -64.17
C VAL M 68 8.37 -72.88 -65.32
N LEU M 69 7.08 -72.63 -65.16
CA LEU M 69 6.11 -73.04 -66.18
C LEU M 69 6.30 -72.26 -67.47
N ARG M 70 6.49 -70.94 -67.37
CA ARG M 70 6.67 -70.12 -68.57
C ARG M 70 7.94 -70.50 -69.31
N ALA M 71 9.04 -70.71 -68.57
CA ALA M 71 10.29 -71.11 -69.19
C ALA M 71 10.18 -72.51 -69.79
N MET M 72 9.54 -73.43 -69.07
CA MET M 72 9.37 -74.78 -69.60
C MET M 72 8.41 -74.80 -70.78
N GLU M 73 7.43 -73.88 -70.79
CA GLU M 73 6.56 -73.76 -71.95
C GLU M 73 7.36 -73.42 -73.20
N VAL M 74 8.33 -72.51 -73.07
CA VAL M 74 9.20 -72.19 -74.20
C VAL M 74 10.03 -73.41 -74.59
N VAL M 75 10.57 -74.13 -73.60
CA VAL M 75 11.40 -75.29 -73.90
C VAL M 75 10.58 -76.34 -74.63
N ALA M 76 9.37 -76.64 -74.14
CA ALA M 76 8.53 -77.65 -74.79
C ALA M 76 8.12 -77.21 -76.18
N SER M 77 7.74 -75.95 -76.35
CA SER M 77 7.25 -75.46 -77.64
C SER M 77 8.40 -75.26 -78.64
N GLU M 78 9.53 -74.73 -78.18
CA GLU M 78 10.61 -74.42 -79.11
C GLU M 78 11.40 -75.66 -79.49
N ARG M 79 11.58 -76.59 -78.56
CA ARG M 79 12.13 -77.90 -78.92
C ARG M 79 11.18 -78.64 -79.86
N ARG M 80 9.88 -78.42 -79.71
CA ARG M 80 8.91 -78.99 -80.65
C ARG M 80 9.21 -78.55 -82.07
N GLU M 81 9.64 -77.29 -82.25
CA GLU M 81 10.02 -76.81 -83.57
C GLU M 81 11.28 -77.52 -84.07
N ALA M 82 12.16 -77.91 -83.16
CA ALA M 82 13.38 -78.62 -83.57
C ALA M 82 13.05 -79.96 -84.20
N ALA M 83 12.07 -80.67 -83.65
CA ALA M 83 11.60 -81.90 -84.29
C ALA M 83 11.01 -81.60 -85.66
N LYS M 84 10.26 -80.50 -85.77
CA LYS M 84 9.73 -80.07 -87.06
C LYS M 84 10.85 -79.85 -88.07
N GLN M 85 11.88 -79.10 -87.69
CA GLN M 85 12.94 -78.75 -88.64
C GLN M 85 13.86 -79.94 -88.91
N LEU M 86 14.11 -80.77 -87.90
CA LEU M 86 14.99 -81.93 -88.08
C LEU M 86 14.43 -82.88 -89.13
N SER M 87 13.16 -83.27 -88.99
CA SER M 87 12.55 -84.19 -89.96
C SER M 87 12.46 -83.55 -91.34
N LEU M 88 12.35 -82.23 -91.39
CA LEU M 88 12.30 -81.53 -92.67
C LEU M 88 13.62 -81.68 -93.44
N TRP M 89 14.75 -81.62 -92.73
CA TRP M 89 16.04 -81.73 -93.39
C TRP M 89 16.27 -83.11 -93.98
N GLY M 90 15.51 -84.10 -93.54
CA GLY M 90 15.70 -85.45 -94.04
C GLY M 90 15.44 -85.59 -95.53
N ALA M 91 14.73 -84.61 -96.12
CA ALA M 91 14.45 -84.67 -97.55
C ALA M 91 15.71 -84.61 -98.40
N ASP M 92 16.56 -83.62 -98.14
CA ASP M 92 17.77 -83.42 -98.96
C ASP M 92 18.90 -84.31 -98.42
N ASN M 93 18.61 -85.60 -98.34
CA ASN M 93 19.55 -86.60 -97.87
C ASN M 93 19.17 -87.94 -98.48
N ASP M 94 20.05 -88.91 -98.30
CA ASP M 94 19.81 -90.26 -98.80
C ASP M 94 18.64 -90.89 -98.03
N ASP M 95 18.05 -91.93 -98.62
CA ASP M 95 16.84 -92.55 -98.09
C ASP M 95 17.06 -93.11 -96.69
N ASP M 96 18.21 -93.73 -96.46
CA ASP M 96 18.49 -94.32 -95.14
C ASP M 96 18.47 -93.22 -94.08
N VAL M 97 19.18 -92.12 -94.35
CA VAL M 97 19.19 -91.01 -93.40
C VAL M 97 17.80 -90.42 -93.25
N SER M 98 17.06 -90.30 -94.35
CA SER M 98 15.72 -89.72 -94.30
C SER M 98 14.81 -90.53 -93.38
N ASP M 99 14.82 -91.85 -93.52
CA ASP M 99 13.97 -92.69 -92.69
C ASP M 99 14.38 -92.60 -91.21
N VAL M 100 15.68 -92.66 -90.94
CA VAL M 100 16.14 -92.57 -89.56
C VAL M 100 15.83 -91.20 -88.98
N THR M 101 16.04 -90.14 -89.76
CA THR M 101 15.88 -88.79 -89.24
C THR M 101 14.44 -88.46 -88.91
N ASP M 102 13.51 -88.75 -89.82
CA ASP M 102 12.11 -88.41 -89.56
C ASP M 102 11.54 -89.27 -88.45
N LYS M 103 11.98 -90.53 -88.35
CA LYS M 103 11.59 -91.36 -87.20
C LYS M 103 12.12 -90.76 -85.91
N LEU M 104 13.36 -90.27 -85.91
CA LEU M 104 13.89 -89.58 -84.75
C LEU M 104 13.07 -88.33 -84.44
N GLY M 105 12.57 -87.65 -85.47
CA GLY M 105 11.70 -86.51 -85.25
C GLY M 105 10.40 -86.90 -84.58
N VAL M 106 9.85 -88.07 -84.94
CA VAL M 106 8.67 -88.59 -84.25
C VAL M 106 8.98 -88.81 -82.78
N LEU M 107 10.13 -89.42 -82.49
CA LEU M 107 10.46 -89.73 -81.10
C LEU M 107 10.66 -88.44 -80.29
N ILE M 108 11.30 -87.45 -80.89
CA ILE M 108 11.49 -86.16 -80.22
C ILE M 108 10.14 -85.44 -80.06
N TYR M 109 9.25 -85.61 -81.05
CA TYR M 109 7.91 -85.07 -80.91
C TYR M 109 7.21 -85.64 -79.69
N GLU M 110 7.35 -86.95 -79.48
CA GLU M 110 6.81 -87.58 -78.28
C GLU M 110 7.48 -87.02 -77.02
N LEU M 111 8.76 -86.72 -77.11
CA LEU M 111 9.50 -86.12 -75.99
C LEU M 111 8.86 -84.79 -75.59
N GLY M 112 8.52 -83.97 -76.58
CA GLY M 112 7.86 -82.70 -76.33
C GLY M 112 6.46 -82.83 -75.78
N GLU M 113 5.69 -83.79 -76.32
CA GLU M 113 4.32 -84.00 -75.85
C GLU M 113 4.31 -84.43 -74.39
N LEU M 114 5.19 -85.37 -74.01
CA LEU M 114 5.27 -85.78 -72.62
C LEU M 114 5.70 -84.62 -71.72
N GLN M 115 6.59 -83.77 -72.23
CA GLN M 115 6.94 -82.56 -71.49
C GLN M 115 5.71 -81.71 -71.21
N ASP M 116 4.84 -81.54 -72.22
CA ASP M 116 3.65 -80.71 -72.03
C ASP M 116 2.75 -81.27 -70.94
N GLN M 117 2.57 -82.59 -70.90
CA GLN M 117 1.82 -83.19 -69.80
C GLN M 117 2.50 -82.94 -68.46
N PHE M 118 3.84 -82.94 -68.45
CA PHE M 118 4.57 -82.64 -67.22
C PHE M 118 4.29 -81.21 -66.75
N ILE M 119 4.25 -80.25 -67.68
CA ILE M 119 3.95 -78.88 -67.31
C ILE M 119 2.52 -78.76 -66.77
N ASP M 120 1.59 -79.53 -67.33
CA ASP M 120 0.22 -79.52 -66.83
C ASP M 120 0.15 -79.99 -65.38
N LYS M 121 0.79 -81.12 -65.09
CA LYS M 121 0.84 -81.60 -63.71
C LYS M 121 1.64 -80.65 -62.81
N TYR M 122 2.68 -80.02 -63.37
CA TYR M 122 3.42 -79.01 -62.63
C TYR M 122 2.52 -77.84 -62.25
N ASP M 123 1.61 -77.45 -63.16
CA ASP M 123 0.66 -76.40 -62.85
C ASP M 123 -0.26 -76.81 -61.70
N GLN M 124 -0.69 -78.07 -61.68
CA GLN M 124 -1.54 -78.53 -60.58
C GLN M 124 -0.81 -78.44 -59.25
N TYR M 125 0.47 -78.82 -59.23
CA TYR M 125 1.25 -78.68 -58.01
C TYR M 125 1.41 -77.21 -57.63
N ARG M 126 1.57 -76.34 -58.62
CA ARG M 126 1.61 -74.91 -58.35
C ARG M 126 0.29 -74.40 -57.80
N VAL M 127 -0.83 -74.96 -58.30
CA VAL M 127 -2.14 -74.49 -57.87
C VAL M 127 -2.39 -74.82 -56.40
N THR M 128 -2.07 -76.06 -56.00
CA THR M 128 -2.24 -76.41 -54.58
C THR M 128 -1.24 -75.65 -53.71
N LEU M 129 -0.06 -75.31 -54.24
CA LEU M 129 0.82 -74.40 -53.52
C LEU M 129 0.19 -73.02 -53.37
N LYS M 130 -0.56 -72.56 -54.37
CA LYS M 130 -1.31 -71.32 -54.23
C LYS M 130 -2.38 -71.44 -53.15
N SER M 131 -2.99 -72.62 -53.01
CA SER M 131 -4.04 -72.81 -52.02
C SER M 131 -3.47 -72.71 -50.60
N ILE M 132 -2.35 -73.38 -50.33
CA ILE M 132 -1.74 -73.27 -49.02
C ILE M 132 -1.24 -71.85 -48.78
N ARG M 133 -0.81 -71.17 -49.85
CA ARG M 133 -0.51 -69.74 -49.73
C ARG M 133 -1.72 -68.95 -49.28
N ASN M 134 -2.89 -69.27 -49.84
CA ASN M 134 -4.10 -68.49 -49.54
C ASN M 134 -4.49 -68.63 -48.08
N ILE M 135 -4.49 -69.86 -47.56
CA ILE M 135 -4.92 -70.06 -46.18
C ILE M 135 -3.89 -69.46 -45.20
N GLU M 136 -2.60 -69.61 -45.50
CA GLU M 136 -1.58 -69.01 -44.65
C GLU M 136 -1.70 -67.48 -44.66
N ALA M 137 -1.97 -66.90 -45.82
CA ALA M 137 -2.20 -65.45 -45.89
C ALA M 137 -3.45 -65.06 -45.13
N SER M 138 -4.44 -65.96 -45.04
CA SER M 138 -5.63 -65.69 -44.25
C SER M 138 -5.35 -65.81 -42.76
N VAL M 139 -4.36 -66.62 -42.38
CA VAL M 139 -3.98 -66.75 -40.97
C VAL M 139 -3.32 -65.47 -40.48
N GLN M 140 -2.54 -64.82 -41.35
CA GLN M 140 -1.75 -63.66 -40.95
C GLN M 140 -2.54 -62.55 -40.26
N PRO M 141 -3.72 -62.14 -40.73
CA PRO M 141 -4.45 -61.06 -40.03
C PRO M 141 -4.76 -61.37 -38.59
N SER M 142 -4.99 -62.64 -38.23
CA SER M 142 -5.20 -62.98 -36.84
C SER M 142 -3.95 -62.72 -36.00
N ARG M 143 -2.77 -63.03 -36.56
CA ARG M 143 -1.54 -62.68 -35.87
C ARG M 143 -1.41 -61.18 -35.71
N ASP M 144 -1.81 -60.42 -36.73
CA ASP M 144 -1.84 -58.96 -36.61
C ASP M 144 -2.77 -58.53 -35.49
N ARG M 145 -3.98 -59.11 -35.43
CA ARG M 145 -4.91 -58.76 -34.37
C ARG M 145 -4.36 -59.10 -33.00
N LYS M 146 -3.71 -60.27 -32.86
CA LYS M 146 -3.22 -60.70 -31.57
C LYS M 146 -2.11 -59.80 -31.05
N GLU M 147 -1.14 -59.44 -31.91
CA GLU M 147 -0.04 -58.61 -31.42
C GLU M 147 -0.51 -57.19 -31.14
N LYS M 148 -1.49 -56.71 -31.92
CA LYS M 148 -2.11 -55.42 -31.61
C LYS M 148 -2.80 -55.47 -30.25
N ILE M 149 -3.44 -56.59 -29.93
CA ILE M 149 -4.15 -56.72 -28.65
C ILE M 149 -3.18 -56.66 -27.48
N THR M 150 -2.10 -57.46 -27.55
CA THR M 150 -1.16 -57.47 -26.43
C THR M 150 -0.40 -56.15 -26.33
N ASP M 151 -0.17 -55.49 -27.47
CA ASP M 151 0.47 -54.17 -27.46
C ASP M 151 -0.42 -53.17 -26.73
N GLU M 152 -1.72 -53.16 -27.04
CA GLU M 152 -2.63 -52.21 -26.40
C GLU M 152 -2.76 -52.46 -24.91
N ILE M 153 -2.89 -53.73 -24.51
CA ILE M 153 -3.06 -54.02 -23.08
C ILE M 153 -1.79 -53.70 -22.32
N ALA M 154 -0.62 -53.96 -22.91
CA ALA M 154 0.64 -53.60 -22.25
C ALA M 154 0.76 -52.09 -22.11
N HIS M 155 0.43 -51.34 -23.16
CA HIS M 155 0.54 -49.88 -23.11
C HIS M 155 -0.46 -49.30 -22.11
N LEU M 156 -1.71 -49.79 -22.12
CA LEU M 156 -2.70 -49.29 -21.19
C LEU M 156 -2.34 -49.64 -19.75
N LYS M 157 -1.83 -50.84 -19.51
CA LYS M 157 -1.40 -51.22 -18.17
C LYS M 157 -0.23 -50.35 -17.70
N TYR M 158 0.69 -50.03 -18.62
CA TYR M 158 1.80 -49.14 -18.27
C TYR M 158 1.28 -47.75 -17.91
N LYS M 159 0.30 -47.25 -18.66
CA LYS M 159 -0.24 -45.93 -18.37
C LYS M 159 -0.95 -45.89 -17.02
N ASP M 160 -1.88 -46.83 -16.79
CA ASP M 160 -2.62 -46.91 -15.54
C ASP M 160 -3.36 -48.23 -15.44
N PRO M 161 -3.34 -48.89 -14.28
CA PRO M 161 -4.10 -50.14 -14.11
C PRO M 161 -5.59 -49.95 -13.93
N GLN M 162 -6.05 -48.71 -13.72
CA GLN M 162 -7.47 -48.43 -13.47
C GLN M 162 -8.25 -48.16 -14.74
N SER M 163 -7.63 -48.26 -15.90
CA SER M 163 -8.33 -48.03 -17.16
C SER M 163 -9.44 -49.06 -17.35
N THR M 164 -10.61 -48.58 -17.76
CA THR M 164 -11.77 -49.45 -17.96
C THR M 164 -11.64 -50.35 -19.17
N LYS M 165 -10.74 -50.04 -20.11
CA LYS M 165 -10.56 -50.86 -21.29
C LYS M 165 -9.72 -52.10 -21.05
N ILE M 166 -8.99 -52.17 -19.96
CA ILE M 166 -8.13 -53.31 -19.65
C ILE M 166 -8.96 -54.51 -19.21
N PRO M 167 -10.04 -54.36 -18.42
CA PRO M 167 -10.89 -55.53 -18.13
C PRO M 167 -11.40 -56.24 -19.37
N VAL M 168 -11.74 -55.50 -20.43
CA VAL M 168 -12.20 -56.14 -21.66
C VAL M 168 -11.03 -56.52 -22.56
N LEU M 169 -9.89 -55.85 -22.45
CA LEU M 169 -8.73 -56.21 -23.25
C LEU M 169 -8.10 -57.52 -22.77
N GLU M 170 -8.15 -57.80 -21.47
CA GLU M 170 -7.67 -59.08 -20.96
C GLU M 170 -8.48 -60.23 -21.55
N GLN M 171 -9.80 -60.10 -21.54
CA GLN M 171 -10.64 -61.11 -22.18
C GLN M 171 -10.42 -61.12 -23.68
N GLU M 172 -10.14 -59.96 -24.27
CA GLU M 172 -9.83 -59.92 -25.71
C GLU M 172 -8.57 -60.70 -26.03
N LEU M 173 -7.59 -60.70 -25.12
CA LEU M 173 -6.40 -61.51 -25.33
C LEU M 173 -6.74 -63.00 -25.29
N VAL M 174 -7.57 -63.41 -24.32
CA VAL M 174 -8.02 -64.81 -24.30
C VAL M 174 -8.87 -65.11 -25.52
N ARG M 175 -9.77 -64.19 -25.88
CA ARG M 175 -10.53 -64.23 -27.12
C ARG M 175 -9.66 -64.60 -28.30
N ALA M 176 -8.64 -63.78 -28.57
CA ALA M 176 -7.73 -64.03 -29.68
C ALA M 176 -6.84 -65.25 -29.44
N GLU M 177 -6.60 -65.62 -28.19
CA GLU M 177 -5.77 -66.79 -27.91
C GLU M 177 -6.42 -68.06 -28.43
N ALA M 178 -7.67 -68.32 -28.03
CA ALA M 178 -8.39 -69.47 -28.57
C ALA M 178 -8.63 -69.31 -30.06
N GLU M 179 -8.97 -68.09 -30.49
CA GLU M 179 -9.14 -67.77 -31.90
C GLU M 179 -7.94 -68.25 -32.72
N SER M 180 -6.74 -67.78 -32.36
CA SER M 180 -5.55 -68.11 -33.13
C SER M 180 -5.17 -69.58 -32.96
N LEU M 181 -5.41 -70.15 -31.78
CA LEU M 181 -4.93 -71.51 -31.49
C LEU M 181 -5.58 -72.54 -32.40
N VAL M 182 -6.89 -72.43 -32.64
CA VAL M 182 -7.60 -73.47 -33.36
C VAL M 182 -7.08 -73.60 -34.79
N ALA M 183 -6.87 -72.48 -35.48
CA ALA M 183 -6.41 -72.55 -36.86
C ALA M 183 -4.90 -72.59 -36.99
N GLU M 184 -4.15 -72.23 -35.95
CA GLU M 184 -2.72 -72.51 -35.96
C GLU M 184 -2.49 -74.01 -36.01
N ALA M 185 -3.26 -74.77 -35.23
CA ALA M 185 -3.16 -76.22 -35.26
C ALA M 185 -3.54 -76.78 -36.63
N GLN M 186 -4.66 -76.30 -37.19
CA GLN M 186 -5.04 -76.81 -38.50
C GLN M 186 -4.13 -76.28 -39.60
N LEU M 187 -3.50 -75.12 -39.38
CA LEU M 187 -2.52 -74.62 -40.35
C LEU M 187 -1.36 -75.59 -40.48
N SER M 188 -0.86 -76.09 -39.36
CA SER M 188 0.15 -77.13 -39.42
C SER M 188 -0.39 -78.39 -40.08
N ASN M 189 -1.64 -78.76 -39.75
CA ASN M 189 -2.25 -79.95 -40.34
C ASN M 189 -2.37 -79.81 -41.86
N ILE M 190 -2.95 -78.72 -42.33
CA ILE M 190 -3.20 -78.57 -43.76
C ILE M 190 -1.90 -78.39 -44.51
N THR M 191 -0.93 -77.67 -43.93
CA THR M 191 0.37 -77.53 -44.58
C THR M 191 1.04 -78.88 -44.76
N ARG M 192 1.03 -79.72 -43.72
CA ARG M 192 1.68 -81.01 -43.79
C ARG M 192 0.99 -81.91 -44.82
N GLU M 193 -0.34 -82.02 -44.74
CA GLU M 193 -1.06 -82.90 -45.64
C GLU M 193 -0.98 -82.41 -47.09
N LYS M 194 -1.12 -81.10 -47.31
CA LYS M 194 -1.11 -80.57 -48.67
C LYS M 194 0.29 -80.63 -49.27
N LEU M 195 1.32 -80.31 -48.50
CA LEU M 195 2.68 -80.40 -49.02
C LEU M 195 3.04 -81.83 -49.36
N LYS M 196 2.68 -82.77 -48.48
CA LYS M 196 2.96 -84.18 -48.76
C LYS M 196 2.24 -84.65 -50.01
N ALA M 197 0.95 -84.33 -50.13
CA ALA M 197 0.19 -84.75 -51.30
C ALA M 197 0.70 -84.07 -52.56
N ALA M 198 0.99 -82.76 -52.49
CA ALA M 198 1.43 -82.03 -53.66
C ALA M 198 2.77 -82.53 -54.17
N TYR M 199 3.72 -82.77 -53.27
CA TYR M 199 5.04 -83.20 -53.70
C TYR M 199 5.09 -84.69 -54.03
N SER M 200 4.21 -85.49 -53.41
CA SER M 200 4.06 -86.87 -53.87
C SER M 200 3.51 -86.91 -55.29
N TYR M 201 2.51 -86.07 -55.57
CA TYR M 201 1.99 -85.96 -56.93
C TYR M 201 3.04 -85.39 -57.87
N MET M 202 3.79 -84.39 -57.42
CA MET M 202 4.83 -83.79 -58.26
C MET M 202 5.93 -84.79 -58.57
N PHE M 203 6.35 -85.57 -57.57
CA PHE M 203 7.36 -86.59 -57.82
C PHE M 203 6.80 -87.74 -58.62
N ASP M 204 5.49 -88.01 -58.50
CA ASP M 204 4.85 -88.99 -59.38
C ASP M 204 4.89 -88.51 -60.83
N SER M 205 4.63 -87.23 -61.05
CA SER M 205 4.75 -86.66 -62.39
C SER M 205 6.20 -86.71 -62.87
N LEU M 206 7.15 -86.44 -61.97
CA LEU M 206 8.56 -86.51 -62.33
C LEU M 206 8.95 -87.94 -62.71
N ARG M 207 8.48 -88.93 -61.93
CA ARG M 207 8.77 -90.32 -62.26
C ARG M 207 8.12 -90.72 -63.58
N GLU M 208 6.89 -90.28 -63.82
CA GLU M 208 6.22 -90.57 -65.08
C GLU M 208 7.00 -90.01 -66.26
N LEU M 209 7.35 -88.72 -66.18
CA LEU M 209 8.13 -88.10 -67.25
C LEU M 209 9.49 -88.76 -67.40
N SER M 210 10.12 -89.10 -66.28
CA SER M 210 11.48 -89.66 -66.32
C SER M 210 11.50 -91.01 -67.02
N GLU M 211 10.60 -91.92 -66.62
CA GLU M 211 10.62 -93.26 -67.21
C GLU M 211 10.18 -93.23 -68.67
N LYS M 212 9.21 -92.37 -69.01
CA LYS M 212 8.84 -92.24 -70.41
C LYS M 212 10.00 -91.68 -71.23
N PHE M 213 10.70 -90.67 -70.70
CA PHE M 213 11.89 -90.16 -71.35
C PHE M 213 12.91 -91.27 -71.60
N ALA M 214 13.16 -92.09 -70.58
CA ALA M 214 14.16 -93.16 -70.71
C ALA M 214 13.72 -94.21 -71.73
N LEU M 215 12.44 -94.56 -71.74
CA LEU M 215 11.94 -95.57 -72.67
C LEU M 215 12.13 -95.10 -74.11
N ILE M 216 11.75 -93.85 -74.40
CA ILE M 216 11.95 -93.33 -75.74
C ILE M 216 13.43 -93.19 -76.08
N ALA M 217 14.26 -92.82 -75.11
CA ALA M 217 15.69 -92.68 -75.37
C ALA M 217 16.33 -94.02 -75.72
N GLY M 218 16.00 -95.07 -74.96
CA GLY M 218 16.54 -96.39 -75.26
C GLY M 218 16.05 -96.93 -76.59
N TYR M 219 14.77 -96.76 -76.88
CA TYR M 219 14.24 -97.25 -78.16
C TYR M 219 14.76 -96.42 -79.32
N GLY M 220 15.10 -95.15 -79.07
CA GLY M 220 15.83 -94.40 -80.08
C GLY M 220 17.22 -94.93 -80.31
N LYS M 221 17.88 -95.43 -79.27
CA LYS M 221 19.16 -96.11 -79.45
C LYS M 221 19.01 -97.33 -80.33
N ALA M 222 17.95 -98.12 -80.11
CA ALA M 222 17.65 -99.23 -81.01
C ALA M 222 17.30 -98.73 -82.40
N LEU M 223 16.60 -97.60 -82.51
CA LEU M 223 16.31 -97.03 -83.80
C LEU M 223 17.59 -96.61 -84.52
N LEU M 224 18.55 -96.05 -83.78
CA LEU M 224 19.83 -95.63 -84.36
C LEU M 224 20.67 -96.80 -84.85
N GLU M 225 20.34 -98.03 -84.47
CA GLU M 225 21.10 -99.19 -84.94
C GLU M 225 20.94 -99.39 -86.43
N LEU M 226 19.82 -98.95 -87.00
CA LEU M 226 19.59 -99.03 -88.45
C LEU M 226 20.22 -97.84 -89.17
N LEU M 227 21.50 -97.60 -88.92
CA LEU M 227 22.23 -96.47 -89.48
C LEU M 227 23.63 -96.96 -89.82
N ASP M 228 23.86 -97.27 -91.09
CA ASP M 228 25.15 -97.79 -91.52
C ASP M 228 26.21 -96.70 -91.42
N ASP M 229 27.34 -97.05 -90.82
CA ASP M 229 28.49 -96.15 -90.69
C ASP M 229 29.65 -96.58 -91.58
N SER M 230 29.38 -97.41 -92.59
CA SER M 230 30.44 -97.90 -93.46
C SER M 230 31.02 -96.75 -94.28
N PRO M 231 32.34 -96.63 -94.39
CA PRO M 231 32.97 -95.58 -95.20
C PRO M 231 33.06 -95.96 -96.67
N VAL M 232 31.95 -95.76 -97.40
CA VAL M 232 31.90 -96.13 -98.81
C VAL M 232 32.81 -95.23 -99.61
N THR M 233 33.64 -95.83 -100.45
CA THR M 233 34.57 -95.08 -101.28
C THR M 233 33.83 -94.39 -102.42
N PRO M 234 34.31 -93.23 -102.87
CA PRO M 234 33.67 -92.55 -103.99
C PRO M 234 33.76 -93.36 -105.27
N GLY M 235 32.70 -93.28 -106.08
CA GLY M 235 32.62 -94.00 -107.34
C GLY M 235 31.81 -95.27 -107.30
N GLU M 236 31.44 -95.75 -106.11
CA GLU M 236 30.68 -96.98 -105.97
C GLU M 236 29.28 -96.66 -105.45
N ALA M 237 28.29 -97.33 -106.03
CA ALA M 237 26.91 -97.12 -105.64
C ALA M 237 26.62 -97.78 -104.29
N ARG M 238 25.55 -97.33 -103.65
CA ARG M 238 25.08 -97.82 -102.36
C ARG M 238 23.99 -98.88 -102.54
N PRO M 239 24.02 -99.95 -101.75
CA PRO M 239 22.86 -100.85 -101.69
C PRO M 239 21.65 -100.12 -101.14
N ALA M 240 20.47 -100.47 -101.66
CA ALA M 240 19.25 -99.78 -101.28
C ALA M 240 18.89 -100.06 -99.83
N TYR M 241 18.28 -99.06 -99.19
CA TYR M 241 17.81 -99.23 -97.82
C TYR M 241 16.67 -100.24 -97.75
N ASP M 242 16.66 -101.04 -96.70
CA ASP M 242 15.66 -102.08 -96.53
C ASP M 242 15.03 -102.11 -95.14
N GLY M 243 15.56 -101.37 -94.17
CA GLY M 243 15.03 -101.39 -92.83
C GLY M 243 13.81 -100.50 -92.62
N TYR M 244 12.92 -100.46 -93.61
CA TYR M 244 11.71 -99.67 -93.47
C TYR M 244 10.75 -100.30 -92.45
N GLU M 245 10.53 -101.61 -92.56
CA GLU M 245 9.63 -102.28 -91.61
C GLU M 245 10.30 -102.52 -90.27
N ALA M 246 11.63 -102.65 -90.23
CA ALA M 246 12.32 -102.84 -88.96
C ALA M 246 12.19 -101.60 -88.08
N SER M 247 12.35 -100.41 -88.66
CA SER M 247 12.13 -99.19 -87.91
C SER M 247 10.65 -99.00 -87.59
N ARG M 248 9.77 -99.44 -88.49
CA ARG M 248 8.34 -99.40 -88.22
C ARG M 248 7.97 -100.28 -87.04
N GLN M 249 8.55 -101.49 -86.97
CA GLN M 249 8.29 -102.39 -85.86
C GLN M 249 8.86 -101.86 -84.55
N ILE M 250 9.99 -101.14 -84.62
CA ILE M 250 10.59 -100.56 -83.42
C ILE M 250 9.63 -99.56 -82.78
N ILE M 251 8.97 -98.74 -83.59
CA ILE M 251 7.98 -97.80 -83.06
C ILE M 251 6.81 -98.55 -82.45
N MET M 252 6.35 -99.62 -83.10
CA MET M 252 5.24 -100.41 -82.56
C MET M 252 5.58 -100.95 -81.17
N ASP M 253 6.79 -101.49 -81.00
CA ASP M 253 7.20 -101.94 -79.68
C ASP M 253 7.26 -100.76 -78.71
N ALA M 254 7.74 -99.60 -79.19
CA ALA M 254 7.76 -98.41 -78.35
C ALA M 254 6.35 -98.00 -77.94
N GLU M 255 5.42 -97.98 -78.91
CA GLU M 255 4.03 -97.66 -78.57
C GLU M 255 3.42 -98.74 -77.68
N SER M 256 3.75 -100.01 -77.94
CA SER M 256 3.23 -101.10 -77.10
C SER M 256 3.69 -100.94 -75.65
N ALA M 257 4.98 -100.62 -75.45
CA ALA M 257 5.45 -100.32 -74.11
C ALA M 257 4.91 -98.98 -73.61
N LEU M 258 4.56 -98.08 -74.53
CA LEU M 258 4.02 -96.78 -74.15
C LEU M 258 2.63 -96.92 -73.57
N GLU M 259 1.76 -97.67 -74.25
CA GLU M 259 0.38 -97.84 -73.82
C GLU M 259 0.22 -98.85 -72.69
N SER M 260 1.29 -99.55 -72.31
CA SER M 260 1.25 -100.56 -71.26
C SER M 260 2.07 -100.12 -70.05
N TRP M 261 2.02 -98.84 -69.73
CA TRP M 261 2.74 -98.28 -68.60
C TRP M 261 1.78 -98.06 -67.44
N THR M 262 1.99 -98.79 -66.35
CA THR M 262 1.21 -98.62 -65.14
C THR M 262 2.15 -98.38 -63.97
N LEU M 263 1.68 -97.63 -62.97
CA LEU M 263 2.49 -97.33 -61.80
C LEU M 263 2.83 -98.57 -60.98
N ASP M 264 2.08 -99.66 -61.15
CA ASP M 264 2.40 -100.89 -60.43
C ASP M 264 3.78 -101.41 -60.82
N MET M 265 4.11 -101.35 -62.11
CA MET M 265 5.42 -101.75 -62.59
C MET M 265 6.36 -100.54 -62.62
N ALA M 266 7.64 -100.79 -62.36
CA ALA M 266 8.65 -99.74 -62.36
C ALA M 266 10.01 -100.37 -62.55
N ALA M 267 10.63 -100.11 -63.71
CA ALA M 267 11.97 -100.64 -63.95
C ALA M 267 12.98 -100.07 -62.96
N VAL M 268 12.87 -98.78 -62.67
CA VAL M 268 13.74 -98.16 -61.67
C VAL M 268 13.38 -98.69 -60.29
N LYS M 269 14.34 -99.35 -59.65
CA LYS M 269 14.13 -99.96 -58.33
C LYS M 269 15.16 -99.39 -57.36
N PRO M 270 14.82 -98.31 -56.65
CA PRO M 270 15.77 -97.77 -55.67
C PRO M 270 16.05 -98.76 -54.55
N THR M 271 17.28 -98.72 -54.06
CA THR M 271 17.70 -99.64 -53.00
C THR M 271 17.31 -99.11 -51.62
N MET N 1 4.15 -90.78 -82.78
CA MET N 1 3.30 -90.55 -81.63
C MET N 1 2.16 -91.56 -81.61
N HIS N 2 1.27 -91.42 -80.64
CA HIS N 2 0.08 -92.26 -80.51
C HIS N 2 -1.14 -91.39 -80.73
N ARG N 3 -1.91 -91.70 -81.78
CA ARG N 3 -3.13 -90.97 -82.11
C ARG N 3 -4.26 -91.96 -82.34
N THR N 4 -5.49 -91.50 -82.14
CA THR N 4 -6.64 -92.36 -82.35
C THR N 4 -7.14 -92.25 -83.79
N TYR N 5 -7.98 -93.21 -84.16
CA TYR N 5 -8.57 -93.24 -85.50
C TYR N 5 -9.81 -92.36 -85.53
N SER N 6 -9.56 -91.05 -85.44
CA SER N 6 -10.63 -90.07 -85.42
C SER N 6 -10.09 -88.75 -85.94
N LEU N 7 -10.99 -87.94 -86.50
CA LEU N 7 -10.60 -86.62 -86.97
C LEU N 7 -10.33 -85.67 -85.81
N ARG N 8 -10.68 -86.09 -84.60
CA ARG N 8 -10.41 -85.30 -83.40
C ARG N 8 -8.91 -85.25 -83.12
N ASN N 9 -8.44 -84.10 -82.63
CA ASN N 9 -7.02 -83.97 -82.34
C ASN N 9 -6.62 -84.79 -81.11
N GLN N 10 -7.54 -84.94 -80.15
CA GLN N 10 -7.22 -85.67 -78.93
C GLN N 10 -6.93 -87.13 -79.23
N ARG N 11 -5.91 -87.67 -78.56
CA ARG N 11 -5.49 -89.05 -78.76
C ARG N 11 -6.10 -89.96 -77.70
N ALA N 12 -5.92 -91.27 -77.90
CA ALA N 12 -6.40 -92.24 -76.95
C ALA N 12 -5.62 -92.11 -75.64
N PRO N 13 -6.28 -92.20 -74.49
CA PRO N 13 -5.57 -92.05 -73.21
C PRO N 13 -4.61 -93.21 -72.97
N THR N 14 -3.50 -92.91 -72.30
CA THR N 14 -2.52 -93.91 -71.94
C THR N 14 -2.97 -94.68 -70.71
N ALA N 15 -2.38 -95.86 -70.51
CA ALA N 15 -2.70 -96.66 -69.33
C ALA N 15 -2.42 -95.91 -68.04
N ALA N 16 -1.35 -95.11 -68.02
CA ALA N 16 -1.10 -94.25 -66.86
C ALA N 16 -2.21 -93.24 -66.69
N GLU N 17 -2.71 -92.67 -67.79
CA GLU N 17 -3.83 -91.73 -67.71
C GLU N 17 -5.12 -92.42 -67.28
N LEU N 18 -5.23 -93.73 -67.48
CA LEU N 18 -6.43 -94.44 -67.03
C LEU N 18 -6.55 -94.42 -65.51
N GLN N 19 -5.44 -94.65 -64.81
CA GLN N 19 -5.47 -94.63 -63.35
C GLN N 19 -5.68 -93.22 -62.81
N ALA N 20 -4.99 -92.23 -63.39
CA ALA N 20 -5.10 -90.84 -62.98
C ALA N 20 -5.52 -89.99 -64.16
N PRO N 21 -6.70 -89.37 -64.14
CA PRO N 21 -7.13 -88.58 -65.28
C PRO N 21 -6.22 -87.40 -65.49
N PRO N 22 -6.03 -86.97 -66.74
CA PRO N 22 -5.11 -85.87 -67.01
C PRO N 22 -5.61 -84.58 -66.38
N PRO N 23 -4.71 -83.72 -65.92
CA PRO N 23 -5.11 -82.46 -65.31
C PRO N 23 -5.56 -81.47 -66.39
N PRO N 24 -6.29 -80.42 -65.99
CA PRO N 24 -6.68 -79.38 -66.96
C PRO N 24 -5.46 -78.65 -67.48
N PRO N 25 -5.56 -78.02 -68.66
CA PRO N 25 -4.39 -77.34 -69.23
C PRO N 25 -3.90 -76.22 -68.32
N SER N 26 -2.59 -75.99 -68.39
CA SER N 26 -1.95 -75.02 -67.50
C SER N 26 -2.48 -73.61 -67.75
N SER N 27 -2.57 -72.83 -66.67
CA SER N 27 -3.05 -71.46 -66.73
C SER N 27 -1.97 -70.47 -67.12
N THR N 28 -0.86 -70.94 -67.70
CA THR N 28 0.23 -70.07 -68.13
C THR N 28 0.22 -69.84 -69.64
N LYS N 29 -0.93 -70.03 -70.30
CA LYS N 29 -1.05 -69.80 -71.74
C LYS N 29 -1.10 -68.29 -71.98
N SER N 30 0.09 -67.69 -72.03
CA SER N 30 0.18 -66.25 -72.21
C SER N 30 -0.30 -65.84 -73.60
N LYS N 31 -1.03 -64.73 -73.66
CA LYS N 31 -1.53 -64.19 -74.92
C LYS N 31 -0.47 -63.28 -75.54
N PHE N 32 0.61 -63.90 -75.96
CA PHE N 32 1.74 -63.18 -76.54
C PHE N 32 2.39 -64.09 -77.58
N PHE N 33 3.61 -63.74 -77.99
CA PHE N 33 4.33 -64.55 -78.97
C PHE N 33 4.61 -65.95 -78.43
N GLY N 34 5.09 -66.02 -77.18
CA GLY N 34 5.29 -67.29 -76.52
C GLY N 34 6.46 -68.12 -76.99
N LYS N 35 7.35 -67.56 -77.83
CA LYS N 35 8.49 -68.29 -78.36
C LYS N 35 9.77 -67.49 -78.08
N ALA N 36 10.30 -67.66 -76.88
CA ALA N 36 11.59 -67.10 -76.45
C ALA N 36 11.75 -65.64 -76.90
N SER N 37 10.83 -64.81 -76.44
CA SER N 37 10.85 -63.36 -76.68
C SER N 37 10.78 -63.11 -78.19
N ILE N 38 11.44 -62.04 -78.65
CA ILE N 38 11.39 -61.63 -80.05
C ILE N 38 12.73 -61.82 -80.73
N ALA N 39 13.83 -61.59 -80.01
CA ALA N 39 15.16 -61.66 -80.62
C ALA N 39 15.43 -63.04 -81.19
N SER N 40 15.06 -64.09 -80.47
CA SER N 40 15.23 -65.45 -80.98
C SER N 40 14.41 -65.67 -82.25
N SER N 41 13.15 -65.18 -82.25
CA SER N 41 12.30 -65.35 -83.43
C SER N 41 12.86 -64.61 -84.63
N PHE N 42 13.31 -63.36 -84.44
CA PHE N 42 13.95 -62.62 -85.52
C PHE N 42 15.26 -63.28 -85.93
N ARG N 43 16.01 -63.82 -84.98
CA ARG N 43 17.23 -64.55 -85.31
C ARG N 43 16.91 -65.78 -86.15
N LYS N 44 15.78 -66.44 -85.88
CA LYS N 44 15.44 -67.65 -86.62
C LYS N 44 15.29 -67.37 -88.11
N ASN N 45 14.67 -66.26 -88.47
CA ASN N 45 14.58 -65.88 -89.88
C ASN N 45 15.93 -65.46 -90.44
N ALA N 46 16.81 -64.90 -89.60
CA ALA N 46 18.10 -64.41 -90.08
C ALA N 46 19.01 -65.54 -90.54
N ALA N 47 18.84 -66.74 -89.99
CA ALA N 47 19.69 -67.86 -90.39
C ALA N 47 19.48 -68.22 -91.86
N GLY N 48 18.23 -68.17 -92.32
CA GLY N 48 17.89 -68.44 -93.70
C GLY N 48 17.88 -67.22 -94.60
N ASN N 49 18.39 -66.08 -94.14
CA ASN N 49 18.38 -64.85 -94.93
C ASN N 49 19.65 -64.70 -95.77
N PHE N 50 20.82 -64.81 -95.15
CA PHE N 50 22.09 -64.55 -95.81
C PHE N 50 23.05 -65.72 -95.60
N GLY N 51 22.56 -66.93 -95.83
CA GLY N 51 23.39 -68.12 -95.72
C GLY N 51 23.38 -68.94 -96.99
N PRO N 52 24.30 -69.90 -97.09
CA PRO N 52 24.30 -70.79 -98.26
C PRO N 52 23.01 -71.58 -98.34
N GLU N 53 22.55 -71.78 -99.59
CA GLU N 53 21.26 -72.43 -99.81
C GLU N 53 21.25 -73.85 -99.26
N LEU N 54 22.33 -74.60 -99.49
CA LEU N 54 22.39 -75.98 -99.02
C LEU N 54 22.34 -76.05 -97.50
N ALA N 55 23.06 -75.17 -96.82
CA ALA N 55 23.19 -75.21 -95.37
C ALA N 55 22.20 -74.30 -94.66
N ARG N 56 21.21 -73.75 -95.37
CA ARG N 56 20.24 -72.87 -94.74
C ARG N 56 19.46 -73.60 -93.65
N LYS N 57 19.03 -74.84 -93.93
CA LYS N 57 18.32 -75.61 -92.94
C LYS N 57 19.21 -75.98 -91.76
N LEU N 58 20.45 -76.39 -92.03
CA LEU N 58 21.39 -76.69 -90.95
C LEU N 58 21.80 -75.45 -90.18
N SER N 59 21.97 -74.31 -90.87
CA SER N 59 22.29 -73.08 -90.17
C SER N 59 21.20 -72.73 -89.16
N GLN N 60 19.93 -72.95 -89.54
CA GLN N 60 18.86 -72.85 -88.57
C GLN N 60 18.98 -73.92 -87.50
N LEU N 61 19.29 -75.15 -87.90
CA LEU N 61 19.20 -76.30 -86.99
C LEU N 61 20.16 -76.15 -85.80
N VAL N 62 21.44 -75.90 -86.07
CA VAL N 62 22.41 -75.82 -84.97
C VAL N 62 22.08 -74.63 -84.08
N LYS N 63 21.74 -73.50 -84.67
CA LYS N 63 21.42 -72.31 -83.89
C LYS N 63 20.07 -72.45 -83.19
N THR N 64 19.13 -73.21 -83.78
CA THR N 64 17.86 -73.46 -83.10
C THR N 64 18.09 -74.20 -81.78
N GLU N 65 19.04 -75.13 -81.76
CA GLU N 65 19.41 -75.80 -80.52
C GLU N 65 20.02 -74.84 -79.50
N LYS N 66 20.60 -73.72 -79.96
CA LYS N 66 21.01 -72.68 -79.04
C LYS N 66 19.81 -72.09 -78.31
N GLY N 67 18.68 -71.95 -79.02
CA GLY N 67 17.44 -71.59 -78.36
C GLY N 67 16.99 -72.60 -77.33
N VAL N 68 17.23 -73.89 -77.60
CA VAL N 68 17.00 -74.91 -76.58
C VAL N 68 17.92 -74.67 -75.40
N LEU N 69 19.19 -74.38 -75.67
CA LEU N 69 20.16 -74.19 -74.59
C LEU N 69 19.85 -72.95 -73.76
N ARG N 70 19.54 -71.84 -74.42
CA ARG N 70 19.24 -70.61 -73.70
C ARG N 70 17.99 -70.77 -72.85
N ALA N 71 16.94 -71.38 -73.40
CA ALA N 71 15.72 -71.60 -72.64
C ALA N 71 15.95 -72.58 -71.50
N MET N 72 16.70 -73.65 -71.76
CA MET N 72 17.00 -74.62 -70.70
C MET N 72 17.92 -74.03 -69.64
N GLU N 73 18.80 -73.10 -70.05
CA GLU N 73 19.62 -72.39 -69.07
C GLU N 73 18.75 -71.62 -68.08
N VAL N 74 17.70 -70.97 -68.57
CA VAL N 74 16.77 -70.29 -67.68
C VAL N 74 16.06 -71.29 -66.79
N VAL N 75 15.61 -72.42 -67.35
CA VAL N 75 14.91 -73.43 -66.57
C VAL N 75 15.81 -73.96 -65.46
N ALA N 76 17.05 -74.30 -65.80
CA ALA N 76 17.97 -74.84 -64.80
C ALA N 76 18.30 -73.81 -63.73
N SER N 77 18.54 -72.56 -64.14
CA SER N 77 18.94 -71.52 -63.20
C SER N 77 17.76 -71.02 -62.37
N GLU N 78 16.58 -70.87 -62.99
CA GLU N 78 15.45 -70.29 -62.27
C GLU N 78 14.77 -71.32 -61.37
N ARG N 79 14.72 -72.59 -61.81
CA ARG N 79 14.30 -73.65 -60.90
C ARG N 79 15.28 -73.81 -59.75
N ARG N 80 16.57 -73.54 -59.99
CA ARG N 80 17.55 -73.54 -58.92
C ARG N 80 17.17 -72.55 -57.83
N GLU N 81 16.61 -71.40 -58.21
CA GLU N 81 16.15 -70.44 -57.22
C GLU N 81 14.95 -70.98 -56.44
N ALA N 82 14.14 -71.82 -57.07
CA ALA N 82 12.99 -72.41 -56.38
C ALA N 82 13.44 -73.30 -55.23
N ALA N 83 14.51 -74.08 -55.44
CA ALA N 83 15.08 -74.85 -54.34
C ALA N 83 15.60 -73.92 -53.25
N LYS N 84 16.22 -72.81 -53.63
CA LYS N 84 16.67 -71.81 -52.67
C LYS N 84 15.51 -71.29 -51.83
N GLN N 85 14.41 -70.90 -52.49
CA GLN N 85 13.30 -70.28 -51.76
C GLN N 85 12.50 -71.32 -50.99
N LEU N 86 12.37 -72.53 -51.53
CA LEU N 86 11.60 -73.57 -50.85
C LEU N 86 12.22 -73.91 -49.50
N SER N 87 13.53 -74.19 -49.47
CA SER N 87 14.19 -74.54 -48.22
C SER N 87 14.18 -73.36 -47.26
N LEU N 88 14.16 -72.14 -47.79
CA LEU N 88 14.09 -70.95 -46.94
C LEU N 88 12.79 -70.89 -46.16
N TRP N 89 11.67 -71.27 -46.79
CA TRP N 89 10.37 -71.21 -46.14
C TRP N 89 10.27 -72.22 -45.00
N GLY N 90 11.15 -73.22 -44.98
CA GLY N 90 11.08 -74.23 -43.94
C GLY N 90 11.30 -73.67 -42.54
N ALA N 91 11.88 -72.47 -42.45
CA ALA N 91 12.14 -71.87 -41.14
C ALA N 91 10.85 -71.59 -40.39
N ASP N 92 9.90 -70.89 -41.02
CA ASP N 92 8.66 -70.49 -40.35
C ASP N 92 7.64 -71.63 -40.43
N ASN N 93 8.08 -72.79 -39.94
CA ASN N 93 7.25 -73.98 -39.92
C ASN N 93 7.74 -74.89 -38.80
N ASP N 94 6.97 -75.93 -38.52
CA ASP N 94 7.35 -76.89 -37.49
C ASP N 94 8.58 -77.66 -37.92
N ASP N 95 9.27 -78.28 -36.95
CA ASP N 95 10.55 -78.93 -37.19
C ASP N 95 10.43 -80.06 -38.20
N ASP N 96 9.36 -80.84 -38.12
CA ASP N 96 9.17 -81.96 -39.04
C ASP N 96 9.10 -81.45 -40.47
N VAL N 97 8.29 -80.42 -40.71
CA VAL N 97 8.18 -79.83 -42.04
C VAL N 97 9.51 -79.23 -42.46
N SER N 98 10.20 -78.57 -41.52
CA SER N 98 11.49 -77.94 -41.85
C SER N 98 12.50 -78.95 -42.34
N ASP N 99 12.62 -80.09 -41.64
CA ASP N 99 13.58 -81.11 -42.04
C ASP N 99 13.21 -81.71 -43.39
N VAL N 100 11.93 -82.02 -43.59
CA VAL N 100 11.50 -82.59 -44.87
C VAL N 100 11.69 -81.58 -46.00
N THR N 101 11.35 -80.31 -45.75
CA THR N 101 11.37 -79.32 -46.81
C THR N 101 12.79 -79.02 -47.28
N ASP N 102 13.71 -78.78 -46.33
CA ASP N 102 15.07 -78.44 -46.75
C ASP N 102 15.77 -79.63 -47.39
N LYS N 103 15.47 -80.85 -46.92
CA LYS N 103 15.96 -82.04 -47.60
C LYS N 103 15.42 -82.13 -49.02
N LEU N 104 14.13 -81.81 -49.20
CA LEU N 104 13.57 -81.75 -50.55
C LEU N 104 14.27 -80.69 -51.37
N GLY N 105 14.66 -79.58 -50.75
CA GLY N 105 15.42 -78.56 -51.46
C GLY N 105 16.77 -79.07 -51.92
N VAL N 106 17.42 -79.91 -51.10
CA VAL N 106 18.67 -80.54 -51.53
C VAL N 106 18.44 -81.42 -52.73
N LEU N 107 17.36 -82.21 -52.72
CA LEU N 107 17.11 -83.12 -53.83
C LEU N 107 16.80 -82.34 -55.11
N ILE N 108 16.03 -81.26 -54.99
CA ILE N 108 15.74 -80.41 -56.15
C ILE N 108 17.01 -79.71 -56.62
N TYR N 109 17.88 -79.33 -55.68
CA TYR N 109 19.18 -78.76 -56.06
C TYR N 109 19.96 -79.73 -56.93
N GLU N 110 19.97 -81.01 -56.55
CA GLU N 110 20.59 -82.03 -57.37
C GLU N 110 19.91 -82.15 -58.74
N LEU N 111 18.59 -81.98 -58.76
CA LEU N 111 17.85 -82.00 -60.01
C LEU N 111 18.36 -80.92 -60.96
N GLY N 112 18.58 -79.72 -60.43
CA GLY N 112 19.11 -78.62 -61.21
C GLY N 112 20.54 -78.84 -61.68
N GLU N 113 21.38 -79.37 -60.79
CA GLU N 113 22.77 -79.62 -61.16
C GLU N 113 22.87 -80.65 -62.29
N LEU N 114 22.10 -81.74 -62.20
CA LEU N 114 22.11 -82.72 -63.28
C LEU N 114 21.59 -82.12 -64.57
N GLN N 115 20.60 -81.23 -64.47
CA GLN N 115 20.15 -80.50 -65.66
C GLN N 115 21.30 -79.73 -66.30
N ASP N 116 22.12 -79.06 -65.48
CA ASP N 116 23.22 -78.27 -66.03
C ASP N 116 24.20 -79.14 -66.79
N GLN N 117 24.52 -80.33 -66.26
CA GLN N 117 25.35 -81.26 -67.00
C GLN N 117 24.70 -81.69 -68.30
N PHE N 118 23.37 -81.84 -68.28
CA PHE N 118 22.64 -82.18 -69.52
C PHE N 118 22.78 -81.08 -70.56
N ILE N 119 22.71 -79.81 -70.14
CA ILE N 119 22.88 -78.71 -71.08
C ILE N 119 24.29 -78.68 -71.63
N ASP N 120 25.28 -79.03 -70.81
CA ASP N 120 26.66 -79.09 -71.30
C ASP N 120 26.82 -80.14 -72.39
N LYS N 121 26.30 -81.35 -72.16
CA LYS N 121 26.34 -82.38 -73.20
C LYS N 121 25.48 -82.00 -74.39
N TYR N 122 24.37 -81.31 -74.15
CA TYR N 122 23.55 -80.80 -75.25
C TYR N 122 24.34 -79.82 -76.10
N ASP N 123 25.17 -78.98 -75.47
CA ASP N 123 26.03 -78.08 -76.23
C ASP N 123 27.01 -78.85 -77.10
N GLN N 124 27.57 -79.94 -76.58
CA GLN N 124 28.49 -80.74 -77.39
C GLN N 124 27.79 -81.32 -78.61
N TYR N 125 26.56 -81.80 -78.44
CA TYR N 125 25.80 -82.30 -79.59
C TYR N 125 25.51 -81.16 -80.57
N ARG N 126 25.24 -79.96 -80.05
CA ARG N 126 25.05 -78.80 -80.91
C ARG N 126 26.34 -78.45 -81.65
N VAL N 127 27.49 -78.60 -80.98
CA VAL N 127 28.76 -78.25 -81.59
C VAL N 127 29.08 -79.15 -82.77
N THR N 128 28.90 -80.46 -82.60
CA THR N 128 29.14 -81.37 -83.72
C THR N 128 28.10 -81.18 -84.82
N LEU N 129 26.89 -80.76 -84.47
CA LEU N 129 25.93 -80.36 -85.49
C LEU N 129 26.42 -79.13 -86.25
N LYS N 130 27.08 -78.20 -85.55
CA LYS N 130 27.72 -77.08 -86.24
C LYS N 130 28.83 -77.54 -87.17
N SER N 131 29.56 -78.59 -86.79
CA SER N 131 30.64 -79.08 -87.63
C SER N 131 30.12 -79.66 -88.94
N ILE N 132 29.08 -80.50 -88.86
CA ILE N 132 28.50 -81.04 -90.09
C ILE N 132 27.87 -79.91 -90.91
N ARG N 133 27.34 -78.88 -90.24
CA ARG N 133 26.88 -77.69 -90.95
C ARG N 133 28.03 -77.06 -91.73
N ASN N 134 29.21 -76.97 -91.11
CA ASN N 134 30.33 -76.29 -91.73
C ASN N 134 30.79 -77.01 -93.00
N ILE N 135 30.92 -78.33 -92.93
CA ILE N 135 31.41 -79.06 -94.10
C ILE N 135 30.37 -79.05 -95.22
N GLU N 136 29.08 -79.19 -94.86
CA GLU N 136 28.03 -79.12 -95.88
C GLU N 136 27.99 -77.75 -96.53
N ALA N 137 28.16 -76.69 -95.74
CA ALA N 137 28.24 -75.35 -96.30
C ALA N 137 29.48 -75.19 -97.19
N SER N 138 30.55 -75.93 -96.89
CA SER N 138 31.73 -75.91 -97.75
C SER N 138 31.50 -76.70 -99.03
N VAL N 139 30.61 -77.69 -99.00
CA VAL N 139 30.30 -78.46 -100.20
C VAL N 139 29.52 -77.59 -101.19
N GLN N 140 28.65 -76.71 -100.68
CA GLN N 140 27.75 -75.93 -101.53
C GLN N 140 28.46 -75.15 -102.65
N PRO N 141 29.58 -74.45 -102.41
CA PRO N 141 30.20 -73.72 -103.53
C PRO N 141 30.59 -74.59 -104.71
N SER N 142 30.96 -75.86 -104.47
CA SER N 142 31.25 -76.75 -105.59
C SER N 142 30.00 -77.01 -106.43
N ARG N 143 28.84 -77.17 -105.77
CA ARG N 143 27.60 -77.28 -106.52
C ARG N 143 27.33 -76.02 -107.32
N ASP N 144 27.62 -74.85 -106.74
CA ASP N 144 27.50 -73.60 -107.48
C ASP N 144 28.41 -73.60 -108.69
N ARG N 145 29.67 -74.02 -108.52
CA ARG N 145 30.60 -74.07 -109.64
C ARG N 145 30.12 -75.03 -110.72
N LYS N 146 29.60 -76.20 -110.31
CA LYS N 146 29.19 -77.20 -111.28
C LYS N 146 28.01 -76.72 -112.13
N GLU N 147 26.98 -76.14 -111.50
CA GLU N 147 25.82 -75.73 -112.28
C GLU N 147 26.16 -74.52 -113.16
N LYS N 148 27.06 -73.66 -112.68
CA LYS N 148 27.56 -72.58 -113.52
C LYS N 148 28.28 -73.13 -114.75
N ILE N 149 29.05 -74.22 -114.55
CA ILE N 149 29.80 -74.80 -115.66
C ILE N 149 28.86 -75.36 -116.71
N THR N 150 27.87 -76.16 -116.30
CA THR N 150 26.96 -76.75 -117.29
C THR N 150 26.08 -75.69 -117.93
N ASP N 151 25.75 -74.63 -117.18
CA ASP N 151 24.98 -73.53 -117.76
C ASP N 151 25.79 -72.85 -118.86
N GLU N 152 27.06 -72.57 -118.61
CA GLU N 152 27.90 -71.90 -119.62
C GLU N 152 28.10 -72.77 -120.85
N ILE N 153 28.36 -74.07 -120.67
CA ILE N 153 28.61 -74.92 -121.83
C ILE N 153 27.33 -75.10 -122.64
N ALA N 154 26.18 -75.20 -121.97
CA ALA N 154 24.91 -75.28 -122.69
C ALA N 154 24.64 -74.01 -123.48
N HIS N 155 24.85 -72.85 -122.86
CA HIS N 155 24.61 -71.58 -123.54
C HIS N 155 25.56 -71.40 -124.71
N LEU N 156 26.85 -71.70 -124.51
CA LEU N 156 27.82 -71.55 -125.58
C LEU N 156 27.53 -72.51 -126.73
N LYS N 157 27.16 -73.76 -126.40
CA LYS N 157 26.81 -74.72 -127.44
C LYS N 157 25.58 -74.27 -128.22
N TYR N 158 24.60 -73.69 -127.51
CA TYR N 158 23.43 -73.15 -128.19
C TYR N 158 23.80 -72.00 -129.13
N LYS N 159 24.71 -71.13 -128.70
CA LYS N 159 25.11 -70.01 -129.55
C LYS N 159 25.86 -70.49 -130.79
N ASP N 160 26.88 -71.34 -130.59
CA ASP N 160 27.66 -71.88 -131.70
C ASP N 160 28.54 -73.03 -131.23
N PRO N 161 28.62 -74.12 -131.99
CA PRO N 161 29.51 -75.23 -131.61
C PRO N 161 30.98 -74.98 -131.89
N GLN N 162 31.31 -73.92 -132.62
CA GLN N 162 32.69 -73.64 -132.99
C GLN N 162 33.41 -72.76 -131.99
N SER N 163 32.77 -72.40 -130.87
CA SER N 163 33.41 -71.58 -129.86
C SER N 163 34.61 -72.30 -129.26
N THR N 164 35.72 -71.57 -129.12
CA THR N 164 36.94 -72.15 -128.58
C THR N 164 36.87 -72.43 -127.10
N LYS N 165 35.92 -71.85 -126.38
CA LYS N 165 35.79 -72.08 -124.95
C LYS N 165 35.09 -73.39 -124.61
N ILE N 166 34.40 -74.00 -125.57
CA ILE N 166 33.68 -75.24 -125.32
C ILE N 166 34.63 -76.43 -125.20
N PRO N 167 35.72 -76.51 -126.00
CA PRO N 167 36.69 -77.60 -125.77
C PRO N 167 37.23 -77.64 -124.35
N VAL N 168 37.47 -76.49 -123.73
CA VAL N 168 37.95 -76.48 -122.36
C VAL N 168 36.80 -76.55 -121.35
N LEU N 169 35.60 -76.12 -121.73
CA LEU N 169 34.46 -76.22 -120.83
C LEU N 169 33.98 -77.66 -120.68
N GLU N 170 34.10 -78.47 -121.74
CA GLU N 170 33.76 -79.88 -121.62
C GLU N 170 34.67 -80.57 -120.60
N GLN N 171 35.98 -80.33 -120.70
CA GLN N 171 36.89 -80.86 -119.70
C GLN N 171 36.64 -80.25 -118.33
N GLU N 172 36.21 -78.99 -118.30
CA GLU N 172 35.86 -78.36 -117.03
C GLU N 172 34.67 -79.05 -116.37
N LEU N 173 33.73 -79.53 -117.17
CA LEU N 173 32.62 -80.31 -116.61
C LEU N 173 33.11 -81.62 -116.01
N VAL N 174 34.01 -82.31 -116.71
CA VAL N 174 34.61 -83.53 -116.15
C VAL N 174 35.45 -83.19 -114.92
N ARG N 175 36.22 -82.11 -115.01
CA ARG N 175 36.96 -81.53 -113.89
C ARG N 175 36.09 -81.44 -112.64
N ALA N 176 34.99 -80.70 -112.75
CA ALA N 176 34.08 -80.53 -111.62
C ALA N 176 33.33 -81.82 -111.28
N GLU N 177 33.17 -82.72 -112.26
CA GLU N 177 32.46 -83.97 -111.98
C GLU N 177 33.22 -84.82 -110.98
N ALA N 178 34.50 -85.09 -111.24
CA ALA N 178 35.32 -85.81 -110.28
C ALA N 178 35.49 -84.99 -109.00
N GLU N 179 35.70 -83.67 -109.16
CA GLU N 179 35.79 -82.76 -108.03
C GLU N 179 34.63 -82.96 -107.06
N SER N 180 33.39 -82.82 -107.57
CA SER N 180 32.22 -82.92 -106.70
C SER N 180 32.00 -84.34 -106.21
N LEU N 181 32.33 -85.34 -107.04
CA LEU N 181 32.01 -86.71 -106.70
C LEU N 181 32.72 -87.18 -105.43
N VAL N 182 34.01 -86.84 -105.30
CA VAL N 182 34.80 -87.40 -104.20
C VAL N 182 34.26 -86.94 -102.85
N ALA N 183 33.91 -85.66 -102.71
CA ALA N 183 33.42 -85.17 -101.43
C ALA N 183 31.92 -85.30 -101.27
N GLU N 184 31.17 -85.51 -102.36
CA GLU N 184 29.78 -85.91 -102.19
C GLU N 184 29.70 -87.26 -101.49
N ALA N 185 30.57 -88.20 -101.88
CA ALA N 185 30.60 -89.50 -101.21
C ALA N 185 31.01 -89.36 -99.75
N GLN N 186 32.05 -88.56 -99.47
CA GLN N 186 32.45 -88.42 -98.08
C GLN N 186 31.46 -87.55 -97.30
N LEU N 187 30.71 -86.68 -97.99
CA LEU N 187 29.66 -85.91 -97.32
C LEU N 187 28.60 -86.85 -96.76
N SER N 188 28.18 -87.84 -97.55
CA SER N 188 27.28 -88.85 -97.02
C SER N 188 27.95 -89.63 -95.88
N ASN N 189 29.23 -89.97 -96.04
CA ASN N 189 29.93 -90.72 -95.01
C ASN N 189 29.99 -89.93 -93.71
N ILE N 190 30.45 -88.69 -93.77
CA ILE N 190 30.64 -87.91 -92.55
C ILE N 190 29.31 -87.55 -91.92
N THR N 191 28.28 -87.27 -92.74
CA THR N 191 26.96 -86.99 -92.20
C THR N 191 26.43 -88.19 -91.44
N ARG N 192 26.56 -89.38 -92.01
CA ARG N 192 26.04 -90.58 -91.36
C ARG N 192 26.78 -90.87 -90.06
N GLU N 193 28.12 -90.86 -90.11
CA GLU N 193 28.91 -91.18 -88.92
C GLU N 193 28.72 -90.13 -87.84
N LYS N 194 28.74 -88.85 -88.22
CA LYS N 194 28.63 -87.79 -87.21
C LYS N 194 27.22 -87.71 -86.62
N LEU N 195 26.19 -87.87 -87.44
CA LEU N 195 24.83 -87.87 -86.91
C LEU N 195 24.60 -89.05 -85.97
N LYS N 196 25.09 -90.23 -86.36
CA LYS N 196 24.94 -91.41 -85.50
C LYS N 196 25.67 -91.20 -84.17
N ALA N 197 26.92 -90.74 -84.23
CA ALA N 197 27.69 -90.51 -83.00
C ALA N 197 27.07 -89.41 -82.16
N ALA N 198 26.65 -88.31 -82.79
CA ALA N 198 26.10 -87.18 -82.03
C ALA N 198 24.80 -87.56 -81.34
N TYR N 199 23.92 -88.26 -82.04
CA TYR N 199 22.63 -88.60 -81.43
C TYR N 199 22.73 -89.79 -80.50
N SER N 200 23.69 -90.69 -80.71
CA SER N 200 23.97 -91.71 -79.70
C SER N 200 24.48 -91.07 -78.42
N TYR N 201 25.38 -90.09 -78.55
CA TYR N 201 25.85 -89.35 -77.38
C TYR N 201 24.72 -88.53 -76.76
N MET N 202 23.89 -87.91 -77.59
CA MET N 202 22.76 -87.12 -77.08
C MET N 202 21.77 -88.00 -76.34
N PHE N 203 21.46 -89.17 -76.89
CA PHE N 203 20.54 -90.09 -76.22
C PHE N 203 21.20 -90.71 -74.99
N ASP N 204 22.53 -90.87 -75.02
CA ASP N 204 23.24 -91.28 -73.81
C ASP N 204 23.11 -90.24 -72.71
N SER N 205 23.24 -88.96 -73.07
CA SER N 205 23.01 -87.89 -72.12
C SER N 205 21.57 -87.89 -71.63
N LEU N 206 20.62 -88.12 -72.54
CA LEU N 206 19.22 -88.19 -72.15
C LEU N 206 18.96 -89.34 -71.19
N ARG N 207 19.54 -90.51 -71.47
CA ARG N 207 19.40 -91.64 -70.56
C ARG N 207 20.04 -91.36 -69.21
N GLU N 208 21.22 -90.73 -69.21
CA GLU N 208 21.88 -90.38 -67.97
C GLU N 208 21.00 -89.45 -67.13
N LEU N 209 20.53 -88.36 -67.75
CA LEU N 209 19.66 -87.42 -67.05
C LEU N 209 18.37 -88.09 -66.60
N SER N 210 17.80 -88.95 -67.45
CA SER N 210 16.52 -89.58 -67.14
C SER N 210 16.62 -90.48 -65.93
N GLU N 211 17.61 -91.37 -65.91
CA GLU N 211 17.71 -92.32 -64.80
C GLU N 211 18.10 -91.61 -63.51
N LYS N 212 18.97 -90.60 -63.59
CA LYS N 212 19.29 -89.82 -62.39
C LYS N 212 18.05 -89.09 -61.87
N PHE N 213 17.27 -88.49 -62.78
CA PHE N 213 16.00 -87.89 -62.39
C PHE N 213 15.11 -88.87 -61.67
N ALA N 214 14.96 -90.08 -62.23
CA ALA N 214 14.08 -91.09 -61.62
C ALA N 214 14.59 -91.53 -60.26
N LEU N 215 15.91 -91.71 -60.12
CA LEU N 215 16.47 -92.15 -58.85
C LEU N 215 16.20 -91.14 -57.75
N ILE N 216 16.43 -89.85 -58.05
CA ILE N 216 16.14 -88.81 -57.05
C ILE N 216 14.66 -88.70 -56.79
N ALA N 217 13.82 -88.89 -57.81
CA ALA N 217 12.38 -88.79 -57.61
C ALA N 217 11.87 -89.90 -56.70
N GLY N 218 12.32 -91.14 -56.93
CA GLY N 218 11.91 -92.25 -56.08
C GLY N 218 12.40 -92.10 -54.66
N TYR N 219 13.67 -91.68 -54.49
CA TYR N 219 14.19 -91.52 -53.14
C TYR N 219 13.57 -90.32 -52.44
N GLY N 220 13.10 -89.34 -53.20
CA GLY N 220 12.27 -88.30 -52.62
C GLY N 220 10.93 -88.82 -52.15
N LYS N 221 10.36 -89.79 -52.86
CA LYS N 221 9.15 -90.45 -52.38
C LYS N 221 9.40 -91.14 -51.06
N ALA N 222 10.54 -91.83 -50.94
CA ALA N 222 10.92 -92.41 -49.65
C ALA N 222 11.18 -91.32 -48.62
N LEU N 223 11.76 -90.20 -49.04
CA LEU N 223 11.95 -89.07 -48.12
C LEU N 223 10.61 -88.53 -47.63
N LEU N 224 9.62 -88.46 -48.52
CA LEU N 224 8.29 -87.96 -48.15
C LEU N 224 7.56 -88.88 -47.19
N GLU N 225 8.03 -90.12 -47.01
CA GLU N 225 7.38 -91.02 -46.07
C GLU N 225 7.52 -90.54 -44.64
N LEU N 226 8.57 -89.79 -44.34
CA LEU N 226 8.76 -89.20 -43.00
C LEU N 226 7.99 -87.89 -42.85
N LEU N 227 6.70 -87.93 -43.17
CA LEU N 227 5.84 -86.74 -43.14
C LEU N 227 4.49 -87.18 -42.59
N ASP N 228 4.26 -86.94 -41.31
CA ASP N 228 3.02 -87.35 -40.68
C ASP N 228 1.84 -86.52 -41.21
N ASP N 229 0.78 -87.22 -41.59
CA ASP N 229 -0.45 -86.59 -42.06
C ASP N 229 -1.59 -86.71 -41.06
N SER N 230 -1.26 -86.98 -39.80
CA SER N 230 -2.29 -87.15 -38.78
C SER N 230 -3.01 -85.83 -38.54
N PRO N 231 -4.34 -85.83 -38.46
CA PRO N 231 -5.09 -84.58 -38.18
C PRO N 231 -5.19 -84.30 -36.68
N VAL N 232 -4.13 -83.70 -36.14
CA VAL N 232 -4.07 -83.41 -34.72
C VAL N 232 -5.10 -82.34 -34.36
N THR N 233 -5.89 -82.61 -33.33
CA THR N 233 -6.91 -81.68 -32.90
C THR N 233 -6.29 -80.49 -32.18
N PRO N 234 -6.90 -79.30 -32.27
CA PRO N 234 -6.36 -78.14 -31.57
C PRO N 234 -6.40 -78.32 -30.06
N GLY N 235 -5.38 -77.79 -29.39
CA GLY N 235 -5.27 -77.87 -27.95
C GLY N 235 -4.34 -78.95 -27.44
N GLU N 236 -3.88 -79.85 -28.31
CA GLU N 236 -2.99 -80.94 -27.92
C GLU N 236 -1.62 -80.73 -28.55
N ALA N 237 -0.58 -80.96 -27.75
CA ALA N 237 0.79 -80.81 -28.23
C ALA N 237 1.18 -81.96 -29.16
N ARG N 238 2.22 -81.72 -29.95
CA ARG N 238 2.77 -82.67 -30.90
C ARG N 238 3.96 -83.41 -30.30
N PRO N 239 4.06 -84.72 -30.54
CA PRO N 239 5.30 -85.43 -30.23
C PRO N 239 6.45 -84.89 -31.06
N ALA N 240 7.64 -84.86 -30.46
CA ALA N 240 8.79 -84.28 -31.12
C ALA N 240 9.23 -85.12 -32.32
N TYR N 241 9.76 -84.45 -33.34
CA TYR N 241 10.28 -85.13 -34.51
C TYR N 241 11.50 -85.94 -34.15
N ASP N 242 11.63 -87.12 -34.74
CA ASP N 242 12.74 -88.02 -34.48
C ASP N 242 13.41 -88.58 -35.72
N GLY N 243 12.84 -88.39 -36.90
CA GLY N 243 13.41 -88.95 -38.12
C GLY N 243 14.52 -88.11 -38.71
N TYR N 244 15.38 -87.55 -37.85
CA TYR N 244 16.51 -86.78 -38.34
C TYR N 244 17.55 -87.68 -39.00
N GLU N 245 17.91 -88.79 -38.35
CA GLU N 245 18.89 -89.70 -38.92
C GLU N 245 18.30 -90.57 -40.02
N ALA N 246 16.99 -90.85 -39.97
CA ALA N 246 16.35 -91.63 -41.01
C ALA N 246 16.40 -90.90 -42.35
N SER N 247 16.09 -89.59 -42.34
CA SER N 247 16.21 -88.80 -43.55
C SER N 247 17.67 -88.62 -43.95
N ARG N 248 18.56 -88.53 -42.96
CA ARG N 248 19.99 -88.45 -43.25
C ARG N 248 20.47 -89.73 -43.94
N GLN N 249 20.03 -90.89 -43.46
CA GLN N 249 20.42 -92.15 -44.08
C GLN N 249 19.82 -92.30 -45.48
N ILE N 250 18.63 -91.75 -45.71
CA ILE N 250 18.01 -91.81 -47.02
C ILE N 250 18.88 -91.10 -48.06
N ILE N 251 19.43 -89.94 -47.69
CA ILE N 251 20.33 -89.23 -48.60
C ILE N 251 21.60 -90.04 -48.85
N MET N 252 22.14 -90.67 -47.81
CA MET N 252 23.34 -91.49 -47.97
C MET N 252 23.10 -92.62 -48.97
N ASP N 253 21.96 -93.30 -48.87
CA ASP N 253 21.63 -94.32 -49.86
C ASP N 253 21.48 -93.70 -51.24
N ALA N 254 20.87 -92.51 -51.31
CA ALA N 254 20.76 -91.79 -52.58
C ALA N 254 22.13 -91.46 -53.15
N GLU N 255 23.03 -90.93 -52.31
CA GLU N 255 24.39 -90.65 -52.76
C GLU N 255 25.12 -91.93 -53.12
N SER N 256 24.92 -93.00 -52.33
CA SER N 256 25.57 -94.27 -52.62
C SER N 256 25.13 -94.80 -53.99
N ALA N 257 23.84 -94.74 -54.28
CA ALA N 257 23.37 -95.09 -55.61
C ALA N 257 23.78 -94.06 -56.64
N LEU N 258 24.01 -92.82 -56.21
CA LEU N 258 24.42 -91.77 -57.14
C LEU N 258 25.85 -91.99 -57.63
N GLU N 259 26.77 -92.28 -56.71
CA GLU N 259 28.17 -92.47 -57.04
C GLU N 259 28.46 -93.85 -57.61
N SER N 260 27.48 -94.76 -57.64
CA SER N 260 27.66 -96.11 -58.15
C SER N 260 26.82 -96.33 -59.40
N TRP N 261 26.76 -95.32 -60.26
CA TRP N 261 26.01 -95.39 -61.51
C TRP N 261 26.98 -95.59 -62.66
N THR N 262 26.89 -96.74 -63.32
CA THR N 262 27.68 -97.04 -64.51
C THR N 262 26.75 -97.43 -65.65
N LEU N 263 27.17 -97.14 -66.87
CA LEU N 263 26.37 -97.46 -68.04
C LEU N 263 26.18 -98.96 -68.25
N ASP N 264 27.03 -99.78 -67.63
CA ASP N 264 26.85 -101.23 -67.73
C ASP N 264 25.53 -101.66 -67.12
N MET N 265 25.17 -101.09 -65.99
CA MET N 265 23.88 -101.37 -65.36
C MET N 265 22.83 -100.38 -65.84
N ALA N 266 21.59 -100.86 -65.94
CA ALA N 266 20.48 -100.01 -66.38
C ALA N 266 19.18 -100.64 -65.90
N ALA N 267 18.50 -99.97 -64.97
CA ALA N 267 17.22 -100.48 -64.50
C ALA N 267 16.19 -100.51 -65.62
N VAL N 268 16.17 -99.46 -66.45
CA VAL N 268 15.27 -99.43 -67.60
C VAL N 268 15.72 -100.46 -68.61
N LYS N 269 14.86 -101.44 -68.90
CA LYS N 269 15.16 -102.53 -69.82
C LYS N 269 14.11 -102.55 -70.91
N PRO N 270 14.36 -101.87 -72.03
CA PRO N 270 13.39 -101.90 -73.14
C PRO N 270 13.25 -103.30 -73.70
N THR N 271 12.03 -103.62 -74.15
CA THR N 271 11.73 -104.94 -74.70
C THR N 271 12.11 -105.02 -76.17
#